data_8CVZ
#
_entry.id   8CVZ
#
_cell.length_a   1.00
_cell.length_b   1.00
_cell.length_c   1.00
_cell.angle_alpha   90.00
_cell.angle_beta   90.00
_cell.angle_gamma   90.00
#
_symmetry.space_group_name_H-M   'P 1'
#
loop_
_entity.id
_entity.type
_entity.pdbx_description
1 polymer Glycogenin-1
2 polymer 'Glycogen [starch] synthase, muscle'
#
loop_
_entity_poly.entity_id
_entity_poly.type
_entity_poly.pdbx_seq_one_letter_code
_entity_poly.pdbx_strand_id
1 'polypeptide(L)'
;GPMTDQAFVTLTTNDAYAKGALVLGSSLKQHRTTRRLVVLATPQVSDSMRKVLETVFDEVIMVDVLDSGDSAHLTLMKRP
ELGVTLTKLHCWSLTQYSKCVFMDADTLVLANIDDLFDREELSAAPDPGWPDCFNSGVFVYQPSVETYNQLLHLASEQGS
FDGGDQGILNTFFSSWATTDIRKHLPFIYNLSSISIFSYLPAFKVFGASAKVVHFLGRVKPWNYTYDPKTKSVKSEAHDP
NMTHPEFLILWWNIFTTNVLPLLQQFGLVKDTCSYVNVLSDLVYTLAFSCGFCRKEDVSGAISHLSLGEIPAMAQPFVSS
EERKERWEQGQADYMGADSFDNIKRKLDTYLQ
;
J,E,I,F,G,H
2 'polypeptide(L)'
;MPLNRTLEMSELPGLEDWEDEFDLENAVLFEVAWEVANKVGGIYTVLQTKAKVTGDEWGDNYFLVGPYTEQGVRTQVELL
EAPTPALKRTLDSMNSKGCKVYFGRWLIEGGPLVVLLDVGASAWALERWKGELWDTCNIGVPWYDREANDAVLFGFLTTW
FLGEFLAQSEEKPHVVAHFHEWLAGVGLCLCRARRLPVATIFTTHATLLGRYLCAGAVDFYNNLENFNVDKEAGERQIYH
RYCMERAAAHCAHVFTTVSQITAIEAQHLLKRKPDIVTPNGLNVKKFSAMHEFQNLHAQSKARIQEFVRGHFYGHLDFNL
DKTLYFFIAGRYEFSNKGADVFLEALARLNYLLRVNGSEQTVVAFFIMPARTNNFNVETLKGQAVRKQLWDTANTVKEKF
GRKLYESLLVGSLPDMNKMLDKEDFTMMKRAIFATQRQSFPPVCTHNMLDDSSDPILTTIRRIGLFNSSADRVKVIFHPE
FLSSTSPLLPVDYEEFVRGCHLGVFPSYYEPWGYTPAECTVMGIPSISTNLSGFGCFMEEHIADPSAYGIYILDRRFRSL
DDSCSQLTSFLYSFCQQSRRQRIIQRNRTERLSDLLDWKYLGRYYMSARHMALSKAFPEHFTYEPNEADAAQGY
;
B,C,D,A
#
# COMPACT_ATOMS: atom_id res chain seq x y z
N MET A 3 36.66 -8.44 44.32
CA MET A 3 35.80 -7.23 44.32
C MET A 3 35.74 -6.66 45.75
N THR A 4 36.87 -6.04 46.16
CA THR A 4 37.14 -5.49 47.48
C THR A 4 36.24 -4.30 47.80
N ASP A 5 35.63 -3.74 46.75
CA ASP A 5 34.84 -2.51 46.73
C ASP A 5 33.38 -2.76 47.12
N GLN A 6 32.96 -4.03 47.06
CA GLN A 6 31.55 -4.39 47.23
C GLN A 6 31.41 -5.57 48.19
N ALA A 7 30.32 -5.55 48.97
CA ALA A 7 30.13 -6.49 50.06
C ALA A 7 28.66 -6.86 50.25
N PHE A 8 28.42 -8.10 50.70
CA PHE A 8 27.22 -8.47 51.41
C PHE A 8 27.43 -8.20 52.89
N VAL A 9 26.46 -7.52 53.49
CA VAL A 9 26.52 -7.18 54.90
C VAL A 9 25.40 -8.02 55.53
N THR A 10 25.47 -8.20 56.85
CA THR A 10 24.45 -8.88 57.63
C THR A 10 24.62 -8.49 59.09
N LEU A 11 23.54 -8.61 59.87
CA LEU A 11 23.59 -8.16 61.25
C LEU A 11 23.34 -9.33 62.21
N THR A 12 24.25 -9.54 63.17
CA THR A 12 24.07 -10.50 64.25
C THR A 12 23.97 -9.73 65.56
N THR A 13 22.84 -9.88 66.28
CA THR A 13 22.62 -9.17 67.53
C THR A 13 22.82 -10.08 68.74
N ASN A 14 23.01 -11.38 68.47
CA ASN A 14 23.24 -12.41 69.49
C ASN A 14 23.83 -13.65 68.83
N ASP A 15 24.15 -14.66 69.65
CA ASP A 15 24.64 -15.95 69.21
C ASP A 15 23.61 -16.70 68.36
N ALA A 16 22.32 -16.47 68.66
CA ALA A 16 21.22 -17.13 67.98
C ALA A 16 21.22 -16.72 66.50
N TYR A 17 21.34 -15.42 66.26
CA TYR A 17 21.35 -14.86 64.93
C TYR A 17 22.76 -14.94 64.32
N ALA A 18 23.72 -15.45 65.11
CA ALA A 18 25.02 -15.76 64.55
C ALA A 18 24.94 -17.03 63.73
N LYS A 19 24.12 -17.99 64.17
CA LYS A 19 23.98 -19.27 63.47
C LYS A 19 23.31 -19.03 62.11
N GLY A 20 22.36 -18.08 62.11
CA GLY A 20 21.73 -17.61 60.89
C GLY A 20 22.74 -17.02 59.92
N ALA A 21 23.52 -16.04 60.40
CA ALA A 21 24.56 -15.40 59.63
C ALA A 21 25.58 -16.42 59.10
N LEU A 22 25.96 -17.43 59.92
CA LEU A 22 26.89 -18.47 59.50
C LEU A 22 26.35 -19.25 58.30
N VAL A 23 25.05 -19.53 58.33
CA VAL A 23 24.38 -20.22 57.24
C VAL A 23 24.28 -19.33 56.00
N LEU A 24 23.81 -18.08 56.18
CA LEU A 24 23.77 -17.14 55.06
C LEU A 24 25.15 -17.04 54.41
N GLY A 25 26.17 -16.75 55.21
CA GLY A 25 27.54 -16.57 54.75
C GLY A 25 28.03 -17.77 53.93
N SER A 26 27.83 -18.97 54.49
CA SER A 26 28.13 -20.24 53.85
C SER A 26 27.44 -20.38 52.49
N SER A 27 26.15 -19.98 52.43
CA SER A 27 25.36 -20.11 51.21
C SER A 27 25.89 -19.18 50.12
N LEU A 28 26.37 -18.00 50.51
CA LEU A 28 26.97 -17.05 49.57
C LEU A 28 28.27 -17.63 49.01
N LYS A 29 29.03 -18.30 49.87
CA LYS A 29 30.28 -18.95 49.48
C LYS A 29 29.99 -20.13 48.54
N GLN A 30 28.97 -20.92 48.86
CA GLN A 30 28.61 -22.09 48.06
C GLN A 30 28.27 -21.67 46.64
N HIS A 31 27.59 -20.52 46.49
CA HIS A 31 27.19 -20.02 45.18
C HIS A 31 28.22 -19.05 44.60
N ARG A 32 29.41 -19.02 45.23
CA ARG A 32 30.64 -18.48 44.67
C ARG A 32 30.53 -16.99 44.35
N THR A 33 30.13 -16.20 45.35
CA THR A 33 30.19 -14.74 45.26
C THR A 33 31.63 -14.27 45.07
N THR A 34 31.82 -13.21 44.27
CA THR A 34 33.12 -12.56 44.15
C THR A 34 33.24 -11.41 45.17
N ARG A 35 32.21 -11.20 45.99
CA ARG A 35 32.17 -10.05 46.89
C ARG A 35 32.59 -10.41 48.31
N ARG A 36 32.93 -9.38 49.10
CA ARG A 36 33.27 -9.53 50.50
C ARG A 36 32.04 -9.86 51.33
N LEU A 37 32.26 -10.60 52.43
CA LEU A 37 31.22 -10.94 53.38
C LEU A 37 31.51 -10.22 54.69
N VAL A 38 30.59 -9.35 55.12
CA VAL A 38 30.90 -8.40 56.19
C VAL A 38 29.78 -8.37 57.23
N VAL A 39 29.89 -9.18 58.29
CA VAL A 39 28.85 -9.15 59.32
C VAL A 39 29.03 -7.87 60.14
N LEU A 40 27.97 -7.44 60.83
CA LEU A 40 28.04 -6.42 61.88
C LEU A 40 27.57 -7.13 63.14
N ALA A 41 28.37 -7.08 64.21
CA ALA A 41 28.04 -7.79 65.44
C ALA A 41 27.89 -6.80 66.60
N THR A 42 26.82 -6.92 67.38
CA THR A 42 26.66 -6.15 68.61
C THR A 42 27.57 -6.71 69.67
N PRO A 43 27.85 -5.99 70.79
CA PRO A 43 28.72 -6.48 71.84
C PRO A 43 28.24 -7.80 72.45
N GLN A 44 26.98 -8.14 72.17
CA GLN A 44 26.23 -9.20 72.82
C GLN A 44 26.68 -10.58 72.32
N VAL A 45 27.19 -10.62 71.08
CA VAL A 45 27.74 -11.83 70.50
C VAL A 45 28.98 -12.24 71.30
N SER A 46 29.01 -13.48 71.81
CA SER A 46 30.11 -13.97 72.62
C SER A 46 31.42 -13.95 71.83
N ASP A 47 32.55 -13.92 72.55
CA ASP A 47 33.88 -13.91 71.97
C ASP A 47 34.11 -15.18 71.15
N SER A 48 33.59 -16.30 71.66
CA SER A 48 33.77 -17.60 71.04
C SER A 48 32.98 -17.70 69.74
N MET A 49 31.79 -17.10 69.72
CA MET A 49 30.98 -17.06 68.51
C MET A 49 31.60 -16.12 67.50
N ARG A 50 32.18 -15.00 67.94
CA ARG A 50 32.83 -14.09 66.99
C ARG A 50 33.93 -14.81 66.24
N LYS A 51 34.59 -15.76 66.91
CA LYS A 51 35.67 -16.51 66.31
C LYS A 51 35.15 -17.50 65.27
N VAL A 52 33.94 -18.02 65.49
CA VAL A 52 33.29 -18.83 64.47
C VAL A 52 32.96 -17.93 63.28
N LEU A 53 32.39 -16.74 63.54
CA LEU A 53 32.01 -15.81 62.50
C LEU A 53 33.20 -15.46 61.61
N GLU A 54 34.40 -15.44 62.20
CA GLU A 54 35.63 -15.08 61.49
C GLU A 54 36.01 -16.13 60.43
N THR A 55 35.58 -17.38 60.62
CA THR A 55 35.84 -18.45 59.66
C THR A 55 35.01 -18.29 58.38
N VAL A 56 33.90 -17.54 58.45
CA VAL A 56 32.99 -17.38 57.32
C VAL A 56 33.10 -15.97 56.71
N PHE A 57 33.11 -14.95 57.56
CA PHE A 57 33.05 -13.56 57.14
C PHE A 57 34.44 -12.96 57.04
N ASP A 58 34.63 -12.17 55.99
CA ASP A 58 35.87 -11.44 55.76
C ASP A 58 36.10 -10.43 56.88
N GLU A 59 35.03 -9.72 57.29
CA GLU A 59 35.13 -8.74 58.35
C GLU A 59 34.02 -8.98 59.37
N VAL A 60 34.41 -9.06 60.65
CA VAL A 60 33.48 -9.03 61.77
C VAL A 60 33.65 -7.66 62.42
N ILE A 61 32.66 -6.78 62.21
CA ILE A 61 32.75 -5.38 62.62
C ILE A 61 31.85 -5.17 63.83
N MET A 62 32.46 -4.73 64.93
CA MET A 62 31.76 -4.52 66.19
C MET A 62 31.01 -3.19 66.19
N VAL A 63 29.75 -3.23 66.62
CA VAL A 63 28.90 -2.06 66.72
C VAL A 63 28.20 -2.14 68.07
N ASP A 64 28.43 -1.11 68.91
CA ASP A 64 27.84 -1.04 70.24
C ASP A 64 27.13 0.30 70.44
N VAL A 65 25.81 0.30 70.28
CA VAL A 65 25.04 1.54 70.41
C VAL A 65 24.94 1.99 71.86
N LEU A 66 25.29 1.13 72.83
CA LEU A 66 25.31 1.50 74.23
C LEU A 66 26.58 2.29 74.59
N ASP A 67 27.64 2.12 73.80
CA ASP A 67 28.85 2.91 73.91
C ASP A 67 28.55 4.38 73.56
N SER A 68 29.00 5.30 74.42
CA SER A 68 28.79 6.74 74.26
C SER A 68 29.60 7.34 73.10
N GLY A 69 30.61 6.58 72.62
CA GLY A 69 31.38 6.95 71.43
C GLY A 69 30.65 6.63 70.13
N ASP A 70 29.65 5.74 70.20
CA ASP A 70 28.92 5.34 69.01
C ASP A 70 28.08 6.50 68.48
N SER A 71 28.09 6.65 67.16
CA SER A 71 27.38 7.66 66.39
C SER A 71 25.87 7.65 66.63
N ALA A 72 25.29 6.52 67.05
CA ALA A 72 23.85 6.38 67.20
C ALA A 72 23.41 6.52 68.66
N HIS A 73 24.38 6.72 69.56
CA HIS A 73 24.11 6.64 70.98
C HIS A 73 23.10 7.68 71.45
N LEU A 74 23.25 8.92 70.96
CA LEU A 74 22.34 10.01 71.30
C LEU A 74 20.92 9.66 70.84
N THR A 75 20.83 9.07 69.64
CA THR A 75 19.55 8.68 69.06
C THR A 75 18.91 7.61 69.93
N LEU A 76 19.71 6.63 70.39
CA LEU A 76 19.22 5.55 71.24
C LEU A 76 18.60 6.09 72.51
N MET A 77 19.19 7.14 73.08
CA MET A 77 18.67 7.75 74.30
C MET A 77 17.30 8.39 74.05
N LYS A 78 17.06 8.85 72.81
CA LYS A 78 15.76 9.36 72.42
C LYS A 78 14.79 8.20 72.15
N ARG A 79 15.30 7.14 71.50
CA ARG A 79 14.47 6.02 71.08
C ARG A 79 15.04 4.71 71.62
N PRO A 80 14.90 4.42 72.94
CA PRO A 80 15.54 3.25 73.53
C PRO A 80 15.00 1.90 73.05
N GLU A 81 13.86 1.93 72.35
CA GLU A 81 13.22 0.74 71.81
C GLU A 81 13.81 0.35 70.45
N LEU A 82 14.73 1.16 69.90
CA LEU A 82 15.17 0.94 68.53
C LEU A 82 16.64 0.54 68.46
N GLY A 83 17.17 -0.10 69.52
CA GLY A 83 18.56 -0.55 69.58
C GLY A 83 18.98 -1.39 68.38
N VAL A 84 18.17 -2.42 68.09
CA VAL A 84 18.43 -3.33 66.98
C VAL A 84 18.45 -2.54 65.68
N THR A 85 17.44 -1.67 65.48
CA THR A 85 17.28 -0.90 64.25
C THR A 85 18.47 0.02 64.02
N LEU A 86 18.86 0.77 65.07
CA LEU A 86 19.98 1.69 64.98
C LEU A 86 21.29 0.94 64.72
N THR A 87 21.42 -0.29 65.23
CA THR A 87 22.58 -1.13 64.96
C THR A 87 22.63 -1.49 63.47
N LYS A 88 21.52 -2.01 62.93
CA LYS A 88 21.38 -2.34 61.51
C LYS A 88 21.73 -1.14 60.62
N LEU A 89 21.25 0.06 60.98
CA LEU A 89 21.46 1.25 60.15
C LEU A 89 22.93 1.63 60.01
N HIS A 90 23.80 1.11 60.90
CA HIS A 90 25.24 1.27 60.79
C HIS A 90 25.79 0.67 59.50
N CYS A 91 24.99 -0.16 58.80
CA CYS A 91 25.38 -0.67 57.49
C CYS A 91 25.77 0.47 56.55
N TRP A 92 25.13 1.64 56.70
CA TRP A 92 25.43 2.82 55.91
C TRP A 92 26.77 3.50 56.26
N SER A 93 27.37 3.15 57.41
CA SER A 93 28.65 3.72 57.84
C SER A 93 29.84 3.06 57.15
N LEU A 94 29.60 1.95 56.44
CA LEU A 94 30.67 1.13 55.89
C LEU A 94 31.19 1.74 54.59
N THR A 95 31.77 2.95 54.70
CA THR A 95 32.17 3.80 53.59
C THR A 95 33.42 3.29 52.87
N GLN A 96 34.05 2.23 53.40
CA GLN A 96 35.10 1.50 52.70
C GLN A 96 34.56 0.78 51.46
N TYR A 97 33.23 0.61 51.37
CA TYR A 97 32.56 -0.07 50.25
C TYR A 97 31.71 0.93 49.45
N SER A 98 31.77 0.83 48.10
CA SER A 98 31.01 1.76 47.27
C SER A 98 29.55 1.33 47.11
N LYS A 99 29.28 0.02 47.29
CA LYS A 99 27.94 -0.53 47.18
C LYS A 99 27.86 -1.84 47.95
N CYS A 100 26.74 -2.05 48.64
CA CYS A 100 26.53 -3.26 49.41
C CYS A 100 25.10 -3.80 49.23
N VAL A 101 24.96 -5.10 49.49
CA VAL A 101 23.68 -5.77 49.67
C VAL A 101 23.56 -6.17 51.15
N PHE A 102 22.59 -5.56 51.84
CA PHE A 102 22.25 -6.00 53.19
C PHE A 102 21.30 -7.17 53.11
N MET A 103 21.57 -8.18 53.94
CA MET A 103 20.74 -9.36 54.05
C MET A 103 20.61 -9.74 55.52
N ASP A 104 19.36 -9.77 56.01
CA ASP A 104 19.06 -10.24 57.36
C ASP A 104 19.59 -11.66 57.55
N ALA A 105 19.91 -11.99 58.80
CA ALA A 105 20.56 -13.25 59.13
C ALA A 105 19.60 -14.44 59.06
N ASP A 106 18.31 -14.18 58.76
CA ASP A 106 17.31 -15.21 58.59
C ASP A 106 16.97 -15.39 57.11
N THR A 107 17.94 -15.03 56.24
CA THR A 107 17.87 -15.32 54.81
C THR A 107 18.86 -16.42 54.46
N LEU A 108 18.61 -17.05 53.31
CA LEU A 108 19.41 -18.14 52.80
C LEU A 108 19.46 -18.02 51.28
N VAL A 109 20.67 -18.15 50.73
CA VAL A 109 20.89 -17.95 49.31
C VAL A 109 20.84 -19.30 48.59
N LEU A 110 20.12 -19.33 47.45
CA LEU A 110 19.88 -20.55 46.70
C LEU A 110 20.61 -20.55 45.35
N ALA A 111 21.08 -19.38 44.92
CA ALA A 111 21.81 -19.24 43.67
C ALA A 111 22.64 -17.96 43.76
N ASN A 112 23.63 -17.82 42.86
CA ASN A 112 24.45 -16.63 42.79
C ASN A 112 23.58 -15.39 42.54
N ILE A 113 23.75 -14.35 43.39
CA ILE A 113 22.97 -13.12 43.31
C ILE A 113 23.88 -11.92 43.23
N ASP A 114 25.08 -12.06 42.62
CA ASP A 114 25.92 -10.91 42.34
C ASP A 114 25.20 -9.94 41.40
N ASP A 115 24.07 -10.39 40.86
CA ASP A 115 23.19 -9.61 40.02
C ASP A 115 22.60 -8.43 40.81
N LEU A 116 22.48 -8.59 42.13
CA LEU A 116 21.92 -7.56 42.98
C LEU A 116 22.78 -6.31 42.91
N PHE A 117 24.09 -6.51 42.69
CA PHE A 117 24.98 -5.37 42.69
C PHE A 117 24.74 -4.49 41.46
N ASP A 118 24.04 -5.01 40.45
CA ASP A 118 23.64 -4.21 39.31
C ASP A 118 22.69 -3.09 39.75
N ARG A 119 21.77 -3.40 40.67
CA ARG A 119 20.75 -2.44 41.09
C ARG A 119 21.37 -1.34 41.95
N GLU A 120 20.73 -0.16 42.02
CA GLU A 120 21.27 1.02 42.69
C GLU A 120 20.73 1.13 44.12
N GLU A 121 20.81 2.32 44.73
CA GLU A 121 20.44 2.51 46.14
C GLU A 121 18.97 2.19 46.38
N LEU A 122 18.73 1.51 47.52
CA LEU A 122 17.45 0.99 47.99
C LEU A 122 16.64 0.28 46.91
N SER A 123 17.25 -0.72 46.31
CA SER A 123 16.50 -1.61 45.45
C SER A 123 16.14 -2.82 46.31
N ALA A 124 14.88 -2.96 46.70
CA ALA A 124 14.48 -4.04 47.59
C ALA A 124 13.21 -4.72 47.09
N ALA A 125 13.03 -6.01 47.42
CA ALA A 125 11.90 -6.81 46.96
C ALA A 125 10.60 -6.27 47.57
N PRO A 126 9.46 -6.26 46.82
CA PRO A 126 8.19 -5.80 47.39
C PRO A 126 7.85 -6.71 48.57
N ASP A 127 7.31 -6.13 49.66
CA ASP A 127 7.02 -6.87 50.87
C ASP A 127 5.71 -7.63 50.70
N PRO A 128 5.57 -8.89 51.19
CA PRO A 128 4.27 -9.54 51.23
C PRO A 128 3.50 -8.73 52.25
N GLY A 129 2.18 -8.70 52.17
CA GLY A 129 1.43 -7.68 52.89
C GLY A 129 1.57 -6.37 52.12
N TRP A 130 1.70 -5.23 52.82
CA TRP A 130 1.81 -3.97 52.09
C TRP A 130 2.85 -4.08 50.98
N PRO A 131 2.48 -4.17 49.67
CA PRO A 131 3.45 -4.39 48.62
C PRO A 131 3.94 -3.03 48.13
N ASP A 132 3.70 -1.99 48.95
CA ASP A 132 4.24 -0.67 48.70
C ASP A 132 5.37 -0.36 49.67
N CYS A 133 5.71 -1.33 50.51
CA CYS A 133 6.83 -1.17 51.41
C CYS A 133 7.91 -2.17 51.02
N PHE A 134 9.19 -1.81 51.19
CA PHE A 134 10.25 -2.70 50.74
C PHE A 134 10.76 -3.56 51.89
N ASN A 135 10.55 -4.88 51.78
CA ASN A 135 11.10 -5.83 52.73
C ASN A 135 12.57 -5.51 52.87
N SER A 136 12.99 -5.15 54.09
CA SER A 136 14.36 -4.72 54.29
C SER A 136 15.27 -5.90 54.59
N GLY A 137 14.76 -7.12 54.35
CA GLY A 137 15.53 -8.35 54.41
C GLY A 137 16.70 -8.34 53.41
N VAL A 138 16.41 -7.94 52.17
CA VAL A 138 17.43 -7.82 51.14
C VAL A 138 17.31 -6.45 50.50
N PHE A 139 18.35 -5.60 50.61
CA PHE A 139 18.31 -4.31 49.95
C PHE A 139 19.69 -3.88 49.45
N VAL A 140 19.74 -3.32 48.23
CA VAL A 140 20.99 -2.78 47.71
C VAL A 140 21.06 -1.31 48.12
N TYR A 141 22.21 -0.91 48.67
CA TYR A 141 22.38 0.46 49.15
C TYR A 141 23.82 0.91 48.91
N GLN A 142 24.05 2.21 48.99
CA GLN A 142 25.39 2.77 48.84
C GLN A 142 25.83 3.47 50.13
N PRO A 143 26.82 2.93 50.88
CA PRO A 143 27.24 3.50 52.17
C PRO A 143 27.57 4.98 52.07
N SER A 144 27.14 5.74 53.09
CA SER A 144 27.26 7.18 53.13
C SER A 144 27.01 7.66 54.55
N VAL A 145 27.92 8.52 55.04
CA VAL A 145 27.82 9.13 56.37
C VAL A 145 26.58 10.03 56.41
N GLU A 146 26.36 10.78 55.31
CA GLU A 146 25.23 11.70 55.17
C GLU A 146 23.91 10.93 55.26
N THR A 147 23.80 9.85 54.47
CA THR A 147 22.59 9.04 54.44
C THR A 147 22.30 8.51 55.83
N TYR A 148 23.35 7.96 56.46
CA TYR A 148 23.31 7.43 57.81
C TYR A 148 22.81 8.49 58.80
N ASN A 149 23.38 9.69 58.78
CA ASN A 149 22.98 10.77 59.68
C ASN A 149 21.52 11.18 59.44
N GLN A 150 21.08 11.19 58.18
CA GLN A 150 19.70 11.53 57.84
C GLN A 150 18.75 10.48 58.41
N LEU A 151 19.17 9.20 58.33
CA LEU A 151 18.39 8.10 58.86
C LEU A 151 18.27 8.20 60.38
N LEU A 152 19.34 8.61 61.07
CA LEU A 152 19.31 8.76 62.52
C LEU A 152 18.38 9.90 62.89
N HIS A 153 18.46 11.01 62.14
CA HIS A 153 17.57 12.15 62.31
C HIS A 153 16.11 11.72 62.24
N LEU A 154 15.78 10.93 61.21
CA LEU A 154 14.42 10.44 61.01
C LEU A 154 14.04 9.53 62.18
N ALA A 155 15.01 8.75 62.66
CA ALA A 155 14.84 7.86 63.79
C ALA A 155 14.44 8.64 65.02
N SER A 156 15.16 9.75 65.28
CA SER A 156 14.86 10.63 66.39
C SER A 156 13.50 11.30 66.22
N GLU A 157 13.27 11.93 65.05
CA GLU A 157 12.14 12.81 64.83
C GLU A 157 10.82 12.04 64.75
N GLN A 158 10.76 10.98 63.94
CA GLN A 158 9.49 10.31 63.65
C GLN A 158 9.60 8.82 63.96
N GLY A 159 10.83 8.34 64.12
CA GLY A 159 11.10 6.92 64.33
C GLY A 159 10.60 6.08 63.16
N SER A 160 9.94 4.97 63.47
CA SER A 160 9.46 4.02 62.48
C SER A 160 7.99 3.73 62.74
N PHE A 161 7.17 3.77 61.68
CA PHE A 161 5.76 3.43 61.78
C PHE A 161 5.59 1.96 62.19
N ASP A 162 6.44 1.09 61.61
CA ASP A 162 6.43 -0.33 61.90
C ASP A 162 6.97 -0.57 63.32
N GLY A 163 7.86 0.32 63.77
CA GLY A 163 8.60 0.12 65.00
C GLY A 163 9.88 -0.68 64.79
N GLY A 164 10.24 -0.91 63.52
CA GLY A 164 11.44 -1.63 63.15
C GLY A 164 12.18 -0.93 62.01
N ASP A 165 13.24 -1.57 61.51
CA ASP A 165 14.06 -0.99 60.45
C ASP A 165 13.23 -0.77 59.19
N GLN A 166 12.33 -1.70 58.88
CA GLN A 166 11.48 -1.60 57.70
C GLN A 166 10.72 -0.27 57.68
N GLY A 167 10.17 0.13 58.83
CA GLY A 167 9.40 1.36 58.98
C GLY A 167 10.21 2.62 58.64
N ILE A 168 11.41 2.72 59.22
CA ILE A 168 12.23 3.90 59.09
C ILE A 168 12.85 3.95 57.69
N LEU A 169 13.13 2.78 57.10
CA LEU A 169 13.74 2.79 55.78
C LEU A 169 12.69 3.15 54.75
N ASN A 170 11.46 2.64 54.99
CA ASN A 170 10.34 2.93 54.10
C ASN A 170 10.01 4.42 54.09
N THR A 171 10.01 5.05 55.27
CA THR A 171 9.68 6.47 55.36
C THR A 171 10.68 7.30 54.57
N PHE A 172 11.98 6.97 54.73
CA PHE A 172 13.04 7.72 54.09
C PHE A 172 13.08 7.44 52.59
N PHE A 173 12.93 6.17 52.20
CA PHE A 173 13.05 5.82 50.79
C PHE A 173 11.68 5.56 50.19
N SER A 174 10.74 6.51 50.39
CA SER A 174 9.35 6.40 49.95
C SER A 174 9.23 6.39 48.41
N SER A 175 10.27 6.91 47.75
CA SER A 175 10.38 6.98 46.30
C SER A 175 10.29 5.59 45.65
N TRP A 176 10.72 4.56 46.39
CA TRP A 176 10.76 3.20 45.88
C TRP A 176 9.44 2.78 45.24
N ALA A 177 8.31 3.07 45.92
CA ALA A 177 7.00 2.57 45.51
C ALA A 177 6.62 3.01 44.09
N THR A 178 7.05 4.21 43.68
CA THR A 178 6.52 4.82 42.47
C THR A 178 7.60 5.23 41.45
N THR A 179 8.82 5.55 41.92
CA THR A 179 9.82 6.18 41.07
C THR A 179 10.32 5.27 39.95
N ASP A 180 10.81 4.08 40.28
CA ASP A 180 11.54 3.29 39.32
C ASP A 180 11.21 1.81 39.51
N ILE A 181 11.08 1.10 38.39
CA ILE A 181 10.80 -0.32 38.41
C ILE A 181 12.11 -1.12 38.47
N ARG A 182 13.24 -0.45 38.20
CA ARG A 182 14.54 -1.10 38.31
C ARG A 182 14.90 -1.25 39.79
N LYS A 183 14.31 -0.40 40.62
CA LYS A 183 14.53 -0.45 42.05
C LYS A 183 13.64 -1.49 42.73
N HIS A 184 12.69 -2.08 41.97
CA HIS A 184 11.94 -3.23 42.47
C HIS A 184 12.69 -4.52 42.14
N LEU A 185 13.32 -5.11 43.16
CA LEU A 185 13.94 -6.41 42.99
C LEU A 185 12.84 -7.45 42.78
N PRO A 186 13.00 -8.43 41.88
CA PRO A 186 12.07 -9.55 41.83
C PRO A 186 11.92 -10.20 43.20
N PHE A 187 10.69 -10.58 43.55
CA PHE A 187 10.43 -11.19 44.85
C PHE A 187 11.26 -12.46 45.01
N ILE A 188 11.70 -13.06 43.89
CA ILE A 188 12.57 -14.24 43.98
C ILE A 188 13.82 -13.93 44.82
N TYR A 189 14.29 -12.67 44.77
CA TYR A 189 15.49 -12.26 45.49
C TYR A 189 15.22 -12.07 46.98
N ASN A 190 13.93 -12.05 47.38
CA ASN A 190 13.57 -12.02 48.78
C ASN A 190 12.24 -12.72 49.03
N LEU A 191 12.20 -14.07 48.86
CA LEU A 191 10.95 -14.82 48.89
C LEU A 191 10.44 -15.09 50.30
N SER A 192 9.83 -14.12 50.96
CA SER A 192 9.29 -14.37 52.29
C SER A 192 8.40 -15.60 52.22
N SER A 193 8.70 -16.60 53.05
CA SER A 193 7.99 -17.87 53.00
C SER A 193 6.50 -17.64 53.14
N ILE A 194 6.14 -16.56 53.85
CA ILE A 194 4.74 -16.34 54.14
C ILE A 194 4.00 -16.18 52.81
N SER A 195 4.66 -15.58 51.81
CA SER A 195 4.06 -15.41 50.49
C SER A 195 3.85 -16.74 49.80
N ILE A 196 4.82 -17.66 49.92
CA ILE A 196 4.61 -19.00 49.40
C ILE A 196 3.40 -19.61 50.10
N PHE A 197 3.35 -19.54 51.43
CA PHE A 197 2.26 -20.17 52.19
C PHE A 197 0.92 -19.53 51.85
N SER A 198 0.85 -18.19 51.86
CA SER A 198 -0.42 -17.49 51.63
C SER A 198 -0.98 -17.73 50.22
N TYR A 199 -0.10 -17.68 49.21
CA TYR A 199 -0.49 -17.85 47.82
C TYR A 199 0.36 -18.95 47.21
N LEU A 200 0.14 -20.19 47.66
CA LEU A 200 0.93 -21.34 47.25
C LEU A 200 0.88 -21.58 45.76
N PRO A 201 -0.27 -21.44 45.07
CA PRO A 201 -0.31 -21.68 43.63
C PRO A 201 0.85 -20.94 42.96
N ALA A 202 1.21 -19.75 43.43
CA ALA A 202 2.26 -19.07 42.71
C ALA A 202 3.65 -19.64 43.02
N PHE A 203 3.91 -19.98 44.29
CA PHE A 203 5.21 -20.58 44.58
C PHE A 203 5.36 -21.81 43.71
N LYS A 204 4.27 -22.50 43.41
CA LYS A 204 4.45 -23.71 42.62
C LYS A 204 5.07 -23.39 41.27
N VAL A 205 4.56 -22.37 40.57
CA VAL A 205 5.05 -22.04 39.25
C VAL A 205 6.33 -21.20 39.31
N PHE A 206 6.43 -20.24 40.26
CA PHE A 206 7.62 -19.40 40.27
C PHE A 206 8.50 -19.64 41.49
N GLY A 207 8.27 -20.76 42.20
CA GLY A 207 9.10 -21.14 43.34
C GLY A 207 10.46 -21.71 42.90
N ALA A 208 10.45 -22.51 41.83
CA ALA A 208 11.63 -23.19 41.31
C ALA A 208 12.79 -22.20 41.11
N SER A 209 12.44 -20.97 40.69
CA SER A 209 13.42 -19.94 40.37
C SER A 209 13.88 -19.14 41.59
N ALA A 210 13.42 -19.51 42.80
CA ALA A 210 13.79 -18.81 44.02
C ALA A 210 15.32 -18.68 44.11
N LYS A 211 15.78 -17.48 44.45
CA LYS A 211 17.20 -17.18 44.59
C LYS A 211 17.60 -16.93 46.04
N VAL A 212 16.67 -16.37 46.83
CA VAL A 212 16.87 -16.13 48.25
C VAL A 212 15.56 -16.46 48.96
N VAL A 213 15.64 -17.26 50.03
CA VAL A 213 14.49 -17.48 50.90
C VAL A 213 14.67 -16.71 52.21
N HIS A 214 13.61 -16.03 52.65
CA HIS A 214 13.62 -15.26 53.88
C HIS A 214 12.65 -15.91 54.85
N PHE A 215 13.19 -16.45 55.97
CA PHE A 215 12.35 -17.14 56.93
C PHE A 215 11.74 -16.14 57.92
N LEU A 216 10.68 -15.44 57.50
CA LEU A 216 9.92 -14.58 58.38
C LEU A 216 8.85 -15.42 59.06
N GLY A 217 9.06 -15.78 60.33
CA GLY A 217 8.10 -16.57 61.07
C GLY A 217 8.33 -16.49 62.57
N ARG A 218 7.37 -17.01 63.34
CA ARG A 218 7.47 -17.10 64.79
C ARG A 218 8.62 -18.01 65.19
N VAL A 219 8.81 -19.10 64.43
CA VAL A 219 9.89 -20.05 64.67
C VAL A 219 11.00 -19.74 63.67
N LYS A 220 12.18 -19.33 64.17
CA LYS A 220 13.31 -19.01 63.31
C LYS A 220 13.99 -20.29 62.81
N PRO A 221 14.76 -20.26 61.69
CA PRO A 221 15.39 -21.47 61.15
C PRO A 221 16.31 -22.20 62.11
N TRP A 222 17.10 -21.46 62.90
CA TRP A 222 17.95 -22.07 63.93
C TRP A 222 17.09 -22.77 65.00
N ASN A 223 15.94 -22.16 65.34
CA ASN A 223 15.04 -22.70 66.36
C ASN A 223 14.44 -24.05 65.97
N TYR A 224 14.14 -24.24 64.66
CA TYR A 224 13.50 -25.47 64.19
C TYR A 224 14.29 -26.71 64.62
N THR A 225 13.59 -27.81 64.93
CA THR A 225 14.24 -29.06 65.34
C THR A 225 14.62 -29.86 64.09
N TYR A 226 15.84 -30.40 64.06
CA TYR A 226 16.40 -31.06 62.87
C TYR A 226 16.87 -32.47 63.21
N ASP A 227 16.55 -33.42 62.32
CA ASP A 227 17.00 -34.80 62.46
C ASP A 227 17.95 -35.09 61.31
N PRO A 228 19.26 -35.32 61.56
CA PRO A 228 20.21 -35.55 60.48
C PRO A 228 19.96 -36.88 59.80
N LYS A 229 19.18 -37.76 60.44
CA LYS A 229 19.04 -39.12 59.96
C LYS A 229 18.46 -39.14 58.55
N THR A 230 17.44 -38.33 58.30
CA THR A 230 16.91 -38.19 56.95
C THR A 230 16.87 -36.72 56.55
N LYS A 231 17.71 -35.88 57.18
CA LYS A 231 17.66 -34.44 56.96
C LYS A 231 16.22 -33.99 57.15
N SER A 232 15.64 -34.28 58.33
CA SER A 232 14.24 -34.02 58.60
C SER A 232 14.04 -32.92 59.65
N VAL A 233 12.89 -32.21 59.57
CA VAL A 233 12.55 -31.16 60.50
C VAL A 233 11.16 -31.40 61.07
N LYS A 234 10.99 -31.13 62.37
CA LYS A 234 9.67 -31.20 62.97
C LYS A 234 8.83 -30.04 62.42
N PRO A 240 3.60 -23.70 59.18
CA PRO A 240 4.66 -22.82 59.69
C PRO A 240 5.04 -21.68 58.74
N ASN A 241 4.34 -21.58 57.61
CA ASN A 241 4.65 -20.64 56.54
C ASN A 241 5.80 -21.24 55.71
N MET A 242 6.46 -22.26 56.26
CA MET A 242 7.50 -23.00 55.55
C MET A 242 6.84 -24.16 54.81
N THR A 243 5.98 -23.81 53.85
CA THR A 243 5.18 -24.78 53.11
C THR A 243 6.13 -25.71 52.36
N HIS A 244 7.08 -25.11 51.64
CA HIS A 244 8.17 -25.91 51.09
C HIS A 244 9.09 -26.11 52.26
N PRO A 245 9.26 -27.35 52.80
CA PRO A 245 10.18 -27.52 53.91
C PRO A 245 11.57 -27.66 53.29
N GLU A 246 11.62 -27.68 51.95
CA GLU A 246 12.84 -27.89 51.21
C GLU A 246 13.83 -26.77 51.56
N PHE A 247 13.32 -25.52 51.59
CA PHE A 247 14.21 -24.40 51.83
C PHE A 247 14.87 -24.54 53.20
N LEU A 248 14.09 -24.97 54.22
CA LEU A 248 14.58 -25.11 55.58
C LEU A 248 15.54 -26.30 55.68
N ILE A 249 15.25 -27.36 54.93
CA ILE A 249 16.15 -28.51 54.87
C ILE A 249 17.51 -28.05 54.36
N LEU A 250 17.49 -27.16 53.35
CA LEU A 250 18.72 -26.60 52.80
C LEU A 250 19.37 -25.64 53.79
N TRP A 251 18.65 -25.19 54.82
CA TRP A 251 19.29 -24.38 55.84
C TRP A 251 20.07 -25.31 56.77
N TRP A 252 19.34 -26.30 57.30
CA TRP A 252 19.87 -27.25 58.26
C TRP A 252 21.04 -28.05 57.70
N ASN A 253 20.96 -28.47 56.44
CA ASN A 253 22.07 -29.22 55.84
C ASN A 253 23.32 -28.35 55.79
N ILE A 254 23.17 -27.13 55.26
CA ILE A 254 24.31 -26.23 55.13
C ILE A 254 24.93 -26.04 56.52
N PHE A 255 24.11 -25.81 57.54
CA PHE A 255 24.60 -25.66 58.90
C PHE A 255 25.46 -26.86 59.30
N THR A 256 24.88 -28.07 59.20
CA THR A 256 25.52 -29.30 59.67
C THR A 256 26.82 -29.56 58.92
N THR A 257 26.80 -29.41 57.59
CA THR A 257 27.94 -29.69 56.73
C THR A 257 29.08 -28.69 56.97
N ASN A 258 28.78 -27.39 56.94
CA ASN A 258 29.81 -26.36 56.84
C ASN A 258 29.86 -25.41 58.04
N VAL A 259 29.22 -25.73 59.17
CA VAL A 259 29.32 -24.86 60.33
C VAL A 259 29.72 -25.61 61.61
N LEU A 260 28.97 -26.67 61.94
CA LEU A 260 29.25 -27.44 63.14
C LEU A 260 30.75 -27.71 63.25
N PRO A 261 31.43 -28.20 62.19
CA PRO A 261 32.90 -28.15 62.14
C PRO A 261 33.56 -26.83 62.55
N LEU A 262 33.15 -25.72 61.94
CA LEU A 262 33.71 -24.41 62.29
C LEU A 262 33.20 -23.99 63.66
N LEU A 263 32.25 -24.74 64.23
CA LEU A 263 31.62 -24.39 65.50
C LEU A 263 32.43 -25.05 66.62
N GLN A 264 32.53 -26.39 66.54
CA GLN A 264 33.29 -27.19 67.49
C GLN A 264 34.74 -26.70 67.57
N GLN A 265 35.25 -26.17 66.45
CA GLN A 265 36.63 -25.76 66.32
C GLN A 265 36.95 -24.55 67.20
N PHE A 266 35.91 -23.79 67.59
CA PHE A 266 36.10 -22.52 68.29
C PHE A 266 35.25 -22.44 69.55
N GLY A 267 34.69 -23.57 69.99
CA GLY A 267 33.86 -23.68 71.18
C GLY A 267 32.62 -24.53 70.89
N LEU A 268 31.69 -24.54 71.85
CA LEU A 268 30.29 -24.91 71.69
C LEU A 268 30.16 -26.24 70.93
N PHE B 22 45.37 -37.30 -7.94
CA PHE B 22 45.25 -36.28 -9.02
C PHE B 22 44.33 -36.78 -10.13
N ASP B 23 44.69 -37.94 -10.71
CA ASP B 23 43.95 -38.47 -11.86
C ASP B 23 43.30 -39.80 -11.48
N LEU B 24 41.99 -39.94 -11.71
CA LEU B 24 41.24 -41.12 -11.31
C LEU B 24 40.98 -41.98 -12.55
N GLU B 25 41.77 -43.04 -12.73
CA GLU B 25 41.59 -43.97 -13.85
C GLU B 25 40.22 -44.67 -13.71
N ASN B 26 39.98 -45.25 -12.53
CA ASN B 26 38.80 -46.05 -12.26
C ASN B 26 38.02 -45.51 -11.05
N ALA B 27 38.49 -44.43 -10.41
CA ALA B 27 37.94 -44.02 -9.12
C ALA B 27 36.48 -43.59 -9.26
N VAL B 28 35.63 -44.02 -8.30
CA VAL B 28 34.20 -43.71 -8.29
C VAL B 28 33.90 -43.06 -6.94
N LEU B 29 33.31 -41.86 -6.91
CA LEU B 29 33.06 -41.18 -5.64
C LEU B 29 31.67 -41.49 -5.10
N PHE B 30 31.60 -42.02 -3.87
CA PHE B 30 30.33 -42.35 -3.24
C PHE B 30 30.19 -41.55 -1.95
N GLU B 31 29.47 -40.42 -1.99
CA GLU B 31 29.30 -39.58 -0.80
C GLU B 31 28.13 -40.10 0.02
N VAL B 32 28.39 -40.99 1.00
CA VAL B 32 27.32 -41.67 1.72
C VAL B 32 26.93 -40.84 2.95
N ALA B 33 25.66 -40.47 3.05
CA ALA B 33 25.19 -39.57 4.10
C ALA B 33 23.70 -39.78 4.31
N TRP B 34 23.21 -39.52 5.53
CA TRP B 34 21.79 -39.66 5.79
C TRP B 34 21.01 -38.49 5.19
N GLU B 35 21.68 -37.38 4.86
CA GLU B 35 20.94 -36.21 4.42
C GLU B 35 21.16 -35.99 2.93
N VAL B 36 21.03 -37.04 2.11
CA VAL B 36 21.19 -36.85 0.66
C VAL B 36 19.89 -36.38 0.05
N ALA B 37 18.75 -36.91 0.53
CA ALA B 37 17.46 -36.71 -0.10
C ALA B 37 16.43 -36.13 0.87
N ASN B 38 16.69 -36.22 2.17
CA ASN B 38 15.73 -35.76 3.16
C ASN B 38 16.39 -34.68 4.02
N LYS B 39 15.88 -33.44 3.93
CA LYS B 39 16.40 -32.34 4.71
C LYS B 39 16.06 -32.57 6.19
N VAL B 40 17.07 -32.94 6.99
CA VAL B 40 16.86 -33.16 8.42
C VAL B 40 17.67 -32.14 9.20
N GLY B 41 18.90 -31.88 8.74
CA GLY B 41 19.81 -30.93 9.37
C GLY B 41 20.75 -30.25 8.38
N GLY B 42 21.69 -29.47 8.91
CA GLY B 42 22.60 -28.63 8.13
C GLY B 42 23.50 -29.42 7.17
N ILE B 43 23.73 -30.70 7.49
CA ILE B 43 24.51 -31.60 6.66
C ILE B 43 23.91 -31.60 5.25
N TYR B 44 22.57 -31.53 5.18
CA TYR B 44 21.85 -31.58 3.92
C TYR B 44 22.27 -30.42 3.03
N THR B 45 22.37 -29.23 3.62
CA THR B 45 22.82 -28.06 2.88
C THR B 45 24.25 -28.29 2.38
N VAL B 46 25.11 -28.90 3.21
CA VAL B 46 26.49 -29.15 2.82
C VAL B 46 26.52 -29.99 1.55
N LEU B 47 25.86 -31.17 1.60
CA LEU B 47 25.87 -32.07 0.46
C LEU B 47 25.29 -31.40 -0.79
N GLN B 48 24.12 -30.78 -0.64
CA GLN B 48 23.46 -30.05 -1.73
C GLN B 48 24.42 -29.01 -2.30
N THR B 49 25.32 -28.52 -1.45
CA THR B 49 26.23 -27.51 -1.97
C THR B 49 27.56 -28.09 -2.39
N LYS B 50 27.94 -29.22 -1.80
CA LYS B 50 29.20 -29.86 -2.15
C LYS B 50 29.08 -30.51 -3.53
N ALA B 51 27.83 -30.84 -3.90
CA ALA B 51 27.57 -31.70 -5.04
C ALA B 51 28.10 -31.08 -6.33
N LYS B 52 27.98 -29.75 -6.49
CA LYS B 52 28.37 -29.10 -7.73
C LYS B 52 29.87 -29.27 -7.99
N VAL B 53 30.71 -28.92 -7.01
CA VAL B 53 32.16 -28.93 -7.16
C VAL B 53 32.69 -30.36 -7.27
N THR B 54 32.23 -31.26 -6.38
CA THR B 54 32.62 -32.66 -6.45
C THR B 54 32.17 -33.25 -7.78
N GLY B 55 31.11 -32.68 -8.36
CA GLY B 55 30.58 -33.09 -9.66
C GLY B 55 31.64 -33.00 -10.75
N ASP B 56 32.36 -31.87 -10.79
CA ASP B 56 33.37 -31.60 -11.79
C ASP B 56 34.56 -32.56 -11.64
N GLU B 57 35.01 -32.75 -10.40
CA GLU B 57 36.21 -33.54 -10.15
C GLU B 57 35.99 -35.02 -10.44
N TRP B 58 34.81 -35.57 -10.11
CA TRP B 58 34.58 -36.99 -10.29
C TRP B 58 33.70 -37.31 -11.50
N GLY B 59 33.26 -36.28 -12.23
CA GLY B 59 32.48 -36.48 -13.45
C GLY B 59 31.17 -37.23 -13.19
N ASP B 60 30.91 -38.30 -13.95
CA ASP B 60 29.72 -39.12 -13.77
C ASP B 60 29.95 -40.27 -12.77
N ASN B 61 31.16 -40.34 -12.20
CA ASN B 61 31.49 -41.33 -11.18
C ASN B 61 31.04 -40.84 -9.80
N TYR B 62 30.34 -39.69 -9.75
CA TYR B 62 29.82 -39.14 -8.52
C TYR B 62 28.44 -39.71 -8.22
N PHE B 63 28.38 -40.56 -7.18
CA PHE B 63 27.14 -41.20 -6.75
C PHE B 63 26.87 -40.86 -5.29
N LEU B 64 25.62 -40.47 -5.00
CA LEU B 64 25.25 -40.13 -3.63
C LEU B 64 24.41 -41.27 -3.05
N VAL B 65 24.84 -41.78 -1.89
CA VAL B 65 24.09 -42.86 -1.26
C VAL B 65 23.33 -42.24 -0.09
N GLY B 66 22.00 -42.32 -0.15
CA GLY B 66 21.15 -41.63 0.81
C GLY B 66 19.82 -42.31 1.03
N PRO B 67 19.12 -42.06 2.16
CA PRO B 67 17.82 -42.65 2.44
C PRO B 67 16.75 -42.13 1.48
N TYR B 68 15.80 -43.02 1.16
CA TYR B 68 14.63 -42.67 0.36
C TYR B 68 13.56 -42.04 1.24
N THR B 69 13.09 -40.86 0.84
CA THR B 69 11.93 -40.20 1.42
C THR B 69 10.98 -39.85 0.30
N GLU B 70 9.71 -40.28 0.40
CA GLU B 70 8.74 -40.16 -0.68
C GLU B 70 8.60 -38.69 -1.09
N GLN B 71 8.40 -37.83 -0.07
CA GLN B 71 8.23 -36.40 -0.27
C GLN B 71 9.49 -35.83 -0.90
N GLY B 72 10.65 -36.23 -0.35
CA GLY B 72 11.94 -35.77 -0.84
C GLY B 72 12.14 -36.12 -2.31
N VAL B 73 11.93 -37.39 -2.64
CA VAL B 73 12.17 -37.93 -3.97
C VAL B 73 11.34 -37.19 -5.01
N ARG B 74 10.05 -36.93 -4.73
CA ARG B 74 9.20 -36.32 -5.76
C ARG B 74 9.62 -34.87 -6.03
N THR B 75 9.87 -34.12 -4.96
CA THR B 75 10.14 -32.69 -5.10
C THR B 75 11.56 -32.44 -5.63
N GLN B 76 12.52 -33.31 -5.24
CA GLN B 76 13.92 -33.00 -5.51
C GLN B 76 14.55 -33.91 -6.55
N VAL B 77 14.03 -35.14 -6.70
CA VAL B 77 14.70 -36.15 -7.50
C VAL B 77 13.84 -36.54 -8.70
N GLU B 78 14.46 -36.59 -9.90
CA GLU B 78 13.85 -37.15 -11.09
C GLU B 78 14.41 -38.56 -11.34
N LEU B 79 13.57 -39.60 -11.31
CA LEU B 79 14.01 -40.99 -11.43
C LEU B 79 14.64 -41.22 -12.81
N LEU B 80 15.68 -42.06 -12.84
CA LEU B 80 16.53 -42.27 -14.01
C LEU B 80 16.82 -43.76 -14.19
N GLU B 81 17.43 -44.12 -15.34
CA GLU B 81 17.92 -45.47 -15.58
C GLU B 81 19.44 -45.49 -15.44
N ALA B 82 20.00 -46.68 -15.19
CA ALA B 82 21.43 -46.86 -14.94
C ALA B 82 22.23 -46.36 -16.14
N PRO B 83 23.28 -45.52 -15.95
CA PRO B 83 24.22 -45.18 -17.02
C PRO B 83 25.12 -46.34 -17.46
N THR B 84 25.46 -47.22 -16.51
CA THR B 84 26.43 -48.28 -16.67
C THR B 84 25.72 -49.63 -16.65
N PRO B 85 25.98 -50.56 -17.62
CA PRO B 85 25.44 -51.92 -17.58
C PRO B 85 25.79 -52.65 -16.28
N ALA B 86 27.03 -52.45 -15.80
CA ALA B 86 27.47 -52.90 -14.50
C ALA B 86 26.55 -52.38 -13.40
N LEU B 87 26.21 -51.07 -13.45
CA LEU B 87 25.33 -50.48 -12.45
C LEU B 87 23.93 -51.10 -12.52
N LYS B 88 23.45 -51.32 -13.76
CA LYS B 88 22.14 -51.91 -13.99
C LYS B 88 22.05 -53.26 -13.27
N ARG B 89 23.07 -54.09 -13.41
CA ARG B 89 23.15 -55.39 -12.74
C ARG B 89 23.03 -55.22 -11.22
N THR B 90 23.78 -54.26 -10.67
CA THR B 90 23.79 -53.94 -9.26
C THR B 90 22.40 -53.53 -8.79
N LEU B 91 21.75 -52.60 -9.52
CA LEU B 91 20.41 -52.13 -9.20
C LEU B 91 19.42 -53.30 -9.20
N ASP B 92 19.49 -54.15 -10.24
CA ASP B 92 18.60 -55.29 -10.37
C ASP B 92 18.79 -56.27 -9.21
N SER B 93 20.06 -56.58 -8.89
CA SER B 93 20.37 -57.52 -7.82
C SER B 93 19.79 -57.01 -6.50
N MET B 94 19.98 -55.72 -6.22
CA MET B 94 19.48 -55.07 -5.02
C MET B 94 17.96 -55.11 -4.96
N ASN B 95 17.30 -54.85 -6.10
CA ASN B 95 15.86 -54.87 -6.19
C ASN B 95 15.31 -56.27 -5.92
N SER B 96 16.06 -57.30 -6.36
CA SER B 96 15.63 -58.69 -6.30
C SER B 96 15.42 -59.21 -4.87
N LYS B 97 16.38 -58.93 -3.98
CA LYS B 97 16.47 -59.58 -2.68
C LYS B 97 15.80 -58.70 -1.62
N GLY B 98 14.56 -58.33 -1.92
CA GLY B 98 13.61 -57.72 -1.00
C GLY B 98 14.01 -56.32 -0.53
N CYS B 99 14.69 -55.58 -1.42
CA CYS B 99 15.10 -54.21 -1.16
C CYS B 99 14.61 -53.33 -2.30
N LYS B 100 14.23 -52.08 -1.98
CA LYS B 100 13.54 -51.24 -2.94
C LYS B 100 14.38 -49.99 -3.27
N VAL B 101 15.63 -50.21 -3.66
CA VAL B 101 16.57 -49.17 -4.02
C VAL B 101 16.05 -48.41 -5.25
N TYR B 102 16.23 -47.10 -5.28
CA TYR B 102 15.90 -46.32 -6.46
C TYR B 102 17.14 -45.60 -6.99
N PHE B 103 17.15 -45.30 -8.29
CA PHE B 103 18.24 -44.52 -8.86
C PHE B 103 17.65 -43.33 -9.61
N GLY B 104 18.29 -42.16 -9.50
CA GLY B 104 17.75 -40.94 -10.09
C GLY B 104 18.76 -39.80 -10.12
N ARG B 105 18.38 -38.70 -10.79
CA ARG B 105 19.21 -37.52 -10.84
C ARG B 105 18.64 -36.45 -9.92
N TRP B 106 19.40 -36.10 -8.89
CA TRP B 106 19.04 -35.00 -8.01
C TRP B 106 19.03 -33.74 -8.87
N LEU B 107 17.99 -32.90 -8.71
CA LEU B 107 17.83 -31.74 -9.58
C LEU B 107 18.61 -30.52 -9.07
N ILE B 108 19.44 -30.73 -8.05
CA ILE B 108 20.32 -29.68 -7.54
C ILE B 108 21.42 -29.41 -8.55
N GLU B 109 22.13 -28.29 -8.38
CA GLU B 109 23.18 -27.87 -9.29
C GLU B 109 24.23 -28.97 -9.45
N GLY B 110 24.62 -29.20 -10.71
CA GLY B 110 25.60 -30.23 -11.05
C GLY B 110 24.96 -31.55 -11.45
N GLY B 111 23.64 -31.67 -11.25
CA GLY B 111 22.84 -32.85 -11.64
C GLY B 111 23.47 -34.19 -11.26
N PRO B 112 23.82 -34.43 -9.97
CA PRO B 112 24.51 -35.67 -9.61
C PRO B 112 23.58 -36.88 -9.71
N LEU B 113 24.16 -38.03 -10.07
CA LEU B 113 23.45 -39.30 -10.00
C LEU B 113 23.35 -39.70 -8.53
N VAL B 114 22.12 -40.05 -8.10
CA VAL B 114 21.87 -40.37 -6.69
C VAL B 114 21.27 -41.77 -6.59
N VAL B 115 21.90 -42.64 -5.78
CA VAL B 115 21.29 -43.92 -5.47
C VAL B 115 20.59 -43.82 -4.11
N LEU B 116 19.27 -43.61 -4.11
CA LEU B 116 18.52 -43.42 -2.88
C LEU B 116 17.93 -44.75 -2.41
N LEU B 117 18.61 -45.42 -1.47
CA LEU B 117 18.09 -46.70 -1.01
C LEU B 117 17.04 -46.45 0.07
N ASP B 118 16.02 -47.32 0.14
CA ASP B 118 14.98 -47.21 1.15
C ASP B 118 15.42 -47.90 2.44
N VAL B 119 15.14 -47.25 3.57
CA VAL B 119 15.35 -47.83 4.89
C VAL B 119 14.05 -48.45 5.38
N GLY B 120 13.00 -48.42 4.55
CA GLY B 120 11.74 -49.08 4.83
C GLY B 120 11.78 -50.58 4.51
N ALA B 121 12.68 -50.98 3.61
CA ALA B 121 12.98 -52.38 3.32
C ALA B 121 13.89 -52.96 4.41
N SER B 122 13.30 -53.21 5.59
CA SER B 122 13.98 -53.78 6.75
C SER B 122 13.47 -55.20 7.01
N ALA B 123 13.36 -55.97 5.92
CA ALA B 123 12.75 -57.30 5.92
C ALA B 123 13.40 -58.19 6.97
N TRP B 124 14.75 -58.22 6.99
CA TRP B 124 15.49 -59.14 7.86
C TRP B 124 16.37 -58.38 8.85
N ALA B 125 16.13 -57.08 9.04
CA ALA B 125 17.10 -56.23 9.73
C ALA B 125 17.26 -56.63 11.19
N LEU B 126 16.12 -56.97 11.83
CA LEU B 126 16.13 -57.37 13.22
C LEU B 126 16.63 -58.82 13.31
N GLU B 127 17.75 -58.99 14.04
CA GLU B 127 18.32 -60.29 14.37
C GLU B 127 18.96 -60.96 13.15
N ARG B 128 19.06 -60.25 12.00
CA ARG B 128 19.88 -60.75 10.91
C ARG B 128 20.92 -59.72 10.57
N TRP B 129 20.50 -58.52 10.14
CA TRP B 129 21.47 -57.45 9.90
C TRP B 129 22.09 -57.01 11.22
N LYS B 130 21.23 -56.75 12.21
CA LYS B 130 21.66 -56.34 13.54
C LYS B 130 22.52 -57.44 14.18
N GLY B 131 22.07 -58.69 14.04
CA GLY B 131 22.81 -59.87 14.47
C GLY B 131 24.22 -59.89 13.90
N GLU B 132 24.32 -59.72 12.58
CA GLU B 132 25.60 -59.69 11.88
C GLU B 132 26.49 -58.59 12.45
N LEU B 133 25.93 -57.39 12.67
CA LEU B 133 26.68 -56.24 13.16
C LEU B 133 27.36 -56.59 14.50
N TRP B 134 26.62 -57.27 15.37
CA TRP B 134 27.18 -57.68 16.64
C TRP B 134 28.39 -58.58 16.46
N ASP B 135 28.30 -59.59 15.59
CA ASP B 135 29.42 -60.48 15.35
C ASP B 135 30.61 -59.71 14.76
N THR B 136 30.33 -58.79 13.83
CA THR B 136 31.40 -58.07 13.13
C THR B 136 32.05 -57.02 14.03
N CYS B 137 31.25 -56.15 14.65
CA CYS B 137 31.77 -54.97 15.33
C CYS B 137 31.52 -54.97 16.83
N ASN B 138 30.98 -56.06 17.37
CA ASN B 138 30.71 -56.23 18.79
C ASN B 138 29.85 -55.07 19.33
N ILE B 139 29.01 -54.50 18.45
CA ILE B 139 28.17 -53.35 18.75
C ILE B 139 26.70 -53.75 18.59
N GLY B 140 25.87 -53.19 19.46
CA GLY B 140 24.44 -53.42 19.41
C GLY B 140 23.66 -52.11 19.43
N VAL B 141 22.47 -52.12 18.83
CA VAL B 141 21.62 -50.95 18.82
C VAL B 141 20.33 -51.29 19.56
N PRO B 142 19.91 -50.48 20.56
CA PRO B 142 18.69 -50.77 21.31
C PRO B 142 17.45 -50.58 20.43
N TRP B 143 16.38 -51.29 20.78
CA TRP B 143 15.15 -51.32 20.00
C TRP B 143 14.51 -49.94 19.94
N TYR B 144 14.54 -49.21 21.07
CA TYR B 144 13.81 -47.96 21.23
C TYR B 144 14.38 -46.84 20.35
N ASP B 145 15.71 -46.78 20.20
CA ASP B 145 16.35 -45.69 19.47
C ASP B 145 16.06 -45.82 17.98
N ARG B 146 15.38 -44.81 17.41
CA ARG B 146 14.89 -44.91 16.04
C ARG B 146 16.02 -44.58 15.07
N GLU B 147 16.79 -43.54 15.39
CA GLU B 147 17.78 -43.02 14.46
C GLU B 147 18.89 -44.04 14.24
N ALA B 148 19.37 -44.66 15.33
CA ALA B 148 20.39 -45.68 15.18
C ALA B 148 19.85 -46.89 14.42
N ASN B 149 18.62 -47.28 14.75
CA ASN B 149 17.99 -48.43 14.11
C ASN B 149 17.89 -48.17 12.61
N ASP B 150 17.49 -46.95 12.23
CA ASP B 150 17.43 -46.58 10.82
C ASP B 150 18.82 -46.66 10.17
N ALA B 151 19.82 -46.13 10.90
CA ALA B 151 21.19 -46.05 10.40
C ALA B 151 21.78 -47.44 10.22
N VAL B 152 21.48 -48.41 11.12
CA VAL B 152 22.03 -49.75 10.89
C VAL B 152 21.52 -50.28 9.55
N LEU B 153 20.23 -50.09 9.28
CA LEU B 153 19.65 -50.54 8.02
C LEU B 153 20.38 -49.86 6.87
N PHE B 154 20.55 -48.53 6.96
CA PHE B 154 21.20 -47.74 5.91
C PHE B 154 22.63 -48.22 5.70
N GLY B 155 23.37 -48.37 6.80
CA GLY B 155 24.77 -48.78 6.74
C GLY B 155 24.93 -50.14 6.07
N PHE B 156 24.13 -51.12 6.50
CA PHE B 156 24.22 -52.45 5.94
C PHE B 156 23.91 -52.43 4.44
N LEU B 157 22.88 -51.66 4.05
CA LEU B 157 22.47 -51.56 2.66
C LEU B 157 23.56 -50.91 1.82
N THR B 158 24.19 -49.84 2.32
CA THR B 158 25.26 -49.16 1.59
C THR B 158 26.46 -50.10 1.40
N THR B 159 26.82 -50.83 2.47
CA THR B 159 27.94 -51.77 2.40
C THR B 159 27.65 -52.84 1.36
N TRP B 160 26.40 -53.36 1.38
CA TRP B 160 26.01 -54.37 0.43
C TRP B 160 26.06 -53.82 -0.98
N PHE B 161 25.50 -52.63 -1.18
CA PHE B 161 25.43 -52.02 -2.51
C PHE B 161 26.84 -51.92 -3.09
N LEU B 162 27.76 -51.29 -2.34
CA LEU B 162 29.06 -51.03 -2.93
C LEU B 162 29.82 -52.34 -3.13
N GLY B 163 29.70 -53.28 -2.19
CA GLY B 163 30.33 -54.58 -2.30
C GLY B 163 29.82 -55.34 -3.52
N GLU B 164 28.49 -55.33 -3.72
CA GLU B 164 27.85 -55.97 -4.86
C GLU B 164 28.32 -55.32 -6.15
N PHE B 165 28.37 -53.97 -6.17
CA PHE B 165 28.79 -53.23 -7.35
C PHE B 165 30.19 -53.69 -7.77
N LEU B 166 31.12 -53.71 -6.80
CA LEU B 166 32.49 -54.09 -7.11
C LEU B 166 32.57 -55.52 -7.66
N ALA B 167 31.81 -56.43 -7.05
CA ALA B 167 31.79 -57.82 -7.45
C ALA B 167 31.17 -58.00 -8.83
N GLN B 168 30.06 -57.31 -9.12
CA GLN B 168 29.35 -57.56 -10.36
C GLN B 168 30.04 -56.84 -11.52
N SER B 169 30.66 -55.71 -11.22
CA SER B 169 31.34 -54.94 -12.26
C SER B 169 32.74 -55.51 -12.41
N GLU B 170 33.45 -55.15 -13.49
CA GLU B 170 34.89 -55.33 -13.55
C GLU B 170 35.52 -54.55 -12.39
N GLU B 171 36.45 -55.20 -11.69
CA GLU B 171 36.91 -54.70 -10.40
C GLU B 171 37.60 -53.36 -10.61
N LYS B 172 37.04 -52.30 -9.99
CA LYS B 172 37.69 -51.01 -9.93
C LYS B 172 38.47 -50.93 -8.61
N PRO B 173 39.82 -50.92 -8.64
CA PRO B 173 40.62 -50.91 -7.43
C PRO B 173 40.30 -49.59 -6.73
N HIS B 174 40.01 -48.54 -7.51
CA HIS B 174 39.70 -47.25 -6.92
C HIS B 174 38.20 -46.95 -6.98
N VAL B 175 37.58 -46.93 -5.79
CA VAL B 175 36.30 -46.31 -5.52
C VAL B 175 36.59 -45.43 -4.30
N VAL B 176 35.79 -44.40 -4.03
CA VAL B 176 35.87 -43.63 -2.80
C VAL B 176 34.45 -43.59 -2.28
N ALA B 177 34.23 -44.11 -1.06
CA ALA B 177 32.98 -43.90 -0.36
C ALA B 177 33.21 -42.86 0.74
N HIS B 178 32.48 -41.75 0.67
CA HIS B 178 32.63 -40.64 1.60
C HIS B 178 31.42 -40.63 2.54
N PHE B 179 31.65 -41.07 3.79
CA PHE B 179 30.61 -41.10 4.80
C PHE B 179 30.59 -39.75 5.54
N HIS B 180 29.42 -39.08 5.59
CA HIS B 180 29.40 -37.69 6.03
C HIS B 180 28.71 -37.46 7.37
N GLU B 181 28.46 -38.49 8.18
CA GLU B 181 27.81 -38.29 9.47
C GLU B 181 27.90 -39.56 10.30
N TRP B 182 27.54 -39.47 11.59
CA TRP B 182 27.69 -40.59 12.51
C TRP B 182 26.79 -41.76 12.08
N LEU B 183 25.58 -41.43 11.57
CA LEU B 183 24.63 -42.49 11.35
C LEU B 183 24.94 -43.17 10.02
N ALA B 184 25.70 -42.52 9.11
CA ALA B 184 26.19 -43.21 7.92
C ALA B 184 27.41 -44.07 8.22
N GLY B 185 27.98 -43.89 9.43
CA GLY B 185 29.22 -44.52 9.78
C GLY B 185 29.13 -46.02 10.02
N VAL B 186 27.92 -46.58 10.22
CA VAL B 186 27.76 -48.02 10.36
C VAL B 186 28.27 -48.70 9.10
N GLY B 187 28.00 -48.08 7.94
CA GLY B 187 28.43 -48.59 6.65
C GLY B 187 29.96 -48.70 6.57
N LEU B 188 30.64 -47.64 7.00
CA LEU B 188 32.08 -47.60 7.01
C LEU B 188 32.64 -48.72 7.90
N CYS B 189 32.04 -48.93 9.08
CA CYS B 189 32.51 -49.97 9.99
C CYS B 189 32.49 -51.32 9.26
N LEU B 190 31.35 -51.62 8.61
CA LEU B 190 31.14 -52.87 7.91
C LEU B 190 32.06 -52.98 6.70
N CYS B 191 32.16 -51.91 5.91
CA CYS B 191 32.92 -51.96 4.66
C CYS B 191 34.37 -52.39 4.94
N ARG B 192 35.02 -51.73 5.89
CA ARG B 192 36.40 -52.03 6.25
C ARG B 192 36.49 -53.45 6.83
N ALA B 193 35.49 -53.83 7.63
CA ALA B 193 35.47 -55.14 8.28
C ALA B 193 35.28 -56.28 7.28
N ARG B 194 34.46 -56.07 6.24
CA ARG B 194 34.21 -57.08 5.23
C ARG B 194 35.40 -57.19 4.27
N ARG B 195 36.43 -56.36 4.48
CA ARG B 195 37.68 -56.35 3.72
C ARG B 195 37.40 -56.06 2.24
N LEU B 196 36.39 -55.21 1.98
CA LEU B 196 36.18 -54.66 0.65
C LEU B 196 37.32 -53.71 0.32
N PRO B 197 37.83 -53.71 -0.93
CA PRO B 197 39.16 -53.13 -1.23
C PRO B 197 39.16 -51.63 -1.52
N VAL B 198 38.24 -50.87 -0.91
CA VAL B 198 37.97 -49.48 -1.30
C VAL B 198 38.25 -48.58 -0.10
N ALA B 199 38.96 -47.47 -0.36
CA ALA B 199 39.24 -46.43 0.60
C ALA B 199 37.95 -45.68 0.95
N THR B 200 37.75 -45.47 2.25
CA THR B 200 36.56 -44.83 2.78
C THR B 200 36.96 -43.67 3.70
N ILE B 201 36.28 -42.52 3.49
CA ILE B 201 36.54 -41.30 4.24
C ILE B 201 35.36 -41.07 5.19
N PHE B 202 35.63 -40.93 6.50
CA PHE B 202 34.55 -40.67 7.43
C PHE B 202 34.70 -39.26 7.98
N THR B 203 33.62 -38.48 7.90
CA THR B 203 33.65 -37.07 8.26
C THR B 203 32.61 -36.81 9.34
N THR B 204 33.06 -36.23 10.47
CA THR B 204 32.17 -35.91 11.56
C THR B 204 31.90 -34.40 11.55
N HIS B 205 30.72 -34.01 11.07
CA HIS B 205 30.32 -32.61 10.98
C HIS B 205 30.10 -32.01 12.37
N ALA B 206 29.98 -32.88 13.36
CA ALA B 206 29.83 -32.55 14.77
C ALA B 206 30.21 -33.78 15.59
N THR B 207 30.69 -33.56 16.83
CA THR B 207 30.97 -34.68 17.72
C THR B 207 29.71 -35.00 18.53
N LEU B 208 29.28 -36.27 18.53
CA LEU B 208 28.03 -36.63 19.18
C LEU B 208 28.09 -36.32 20.66
N LEU B 209 29.17 -36.78 21.31
CA LEU B 209 29.31 -36.60 22.75
C LEU B 209 29.48 -35.11 23.06
N GLY B 210 30.09 -34.36 22.14
CA GLY B 210 30.36 -32.95 22.35
C GLY B 210 29.09 -32.14 22.63
N ARG B 211 28.04 -32.37 21.83
CA ARG B 211 26.79 -31.64 21.98
C ARG B 211 26.18 -31.87 23.36
N TYR B 212 26.18 -33.10 23.83
CA TYR B 212 25.60 -33.46 25.12
C TYR B 212 26.45 -32.94 26.28
N LEU B 213 27.77 -33.07 26.16
CA LEU B 213 28.72 -32.61 27.17
C LEU B 213 28.69 -31.10 27.36
N CYS B 214 28.68 -30.33 26.26
CA CYS B 214 28.46 -28.89 26.35
C CYS B 214 27.04 -28.72 26.89
N ALA B 215 26.83 -27.68 27.71
CA ALA B 215 25.55 -27.39 28.34
C ALA B 215 25.27 -28.40 29.45
N GLY B 216 25.32 -29.71 29.14
CA GLY B 216 25.13 -30.77 30.13
C GLY B 216 26.14 -30.68 31.29
N ALA B 217 27.41 -30.44 30.94
CA ALA B 217 28.48 -30.29 31.92
C ALA B 217 28.86 -28.82 32.07
N VAL B 218 29.47 -28.48 33.21
CA VAL B 218 29.72 -27.10 33.61
C VAL B 218 30.80 -26.49 32.72
N ASP B 219 31.88 -27.23 32.49
CA ASP B 219 33.01 -26.68 31.74
C ASP B 219 33.52 -27.72 30.73
N PHE B 220 32.78 -27.87 29.63
CA PHE B 220 33.08 -28.88 28.62
C PHE B 220 34.44 -28.60 27.95
N TYR B 221 34.73 -27.34 27.60
CA TYR B 221 35.84 -27.01 26.74
C TYR B 221 37.23 -27.24 27.36
N ASN B 222 37.42 -26.83 28.62
CA ASN B 222 38.74 -26.85 29.23
C ASN B 222 39.03 -28.25 29.79
N ASN B 223 37.96 -28.93 30.21
CA ASN B 223 38.13 -30.23 30.83
C ASN B 223 38.10 -31.33 29.77
N LEU B 224 38.29 -30.99 28.49
CA LEU B 224 38.17 -31.92 27.38
C LEU B 224 38.97 -33.20 27.62
N GLU B 225 40.25 -33.02 28.01
CA GLU B 225 41.17 -34.12 28.20
C GLU B 225 40.74 -34.97 29.41
N ASN B 226 40.27 -34.29 30.47
CA ASN B 226 39.95 -34.90 31.74
C ASN B 226 38.79 -35.91 31.61
N PHE B 227 37.79 -35.60 30.78
CA PHE B 227 36.55 -36.36 30.71
C PHE B 227 36.81 -37.80 30.28
N ASN B 228 36.27 -38.76 31.06
CA ASN B 228 36.22 -40.14 30.64
C ASN B 228 35.03 -40.29 29.71
N VAL B 229 35.30 -40.33 28.40
CA VAL B 229 34.28 -40.30 27.38
C VAL B 229 33.27 -41.43 27.56
N ASP B 230 33.76 -42.66 27.82
CA ASP B 230 32.93 -43.84 27.97
C ASP B 230 31.88 -43.64 29.06
N LYS B 231 32.34 -43.16 30.23
CA LYS B 231 31.47 -42.92 31.37
C LYS B 231 30.38 -41.90 31.01
N GLU B 232 30.78 -40.74 30.46
CA GLU B 232 29.84 -39.69 30.12
C GLU B 232 28.81 -40.20 29.11
N ALA B 233 29.29 -40.90 28.06
CA ALA B 233 28.41 -41.40 27.01
C ALA B 233 27.37 -42.36 27.59
N GLY B 234 27.83 -43.28 28.45
CA GLY B 234 26.95 -44.24 29.09
C GLY B 234 25.88 -43.56 29.91
N GLU B 235 26.32 -42.55 30.69
CA GLU B 235 25.47 -41.82 31.62
C GLU B 235 24.28 -41.20 30.91
N ARG B 236 24.47 -40.80 29.64
CA ARG B 236 23.45 -40.09 28.88
C ARG B 236 22.61 -41.02 28.02
N GLN B 237 22.75 -42.35 28.20
CA GLN B 237 22.06 -43.38 27.42
C GLN B 237 22.24 -43.16 25.90
N ILE B 238 23.40 -42.61 25.51
CA ILE B 238 23.75 -42.29 24.14
C ILE B 238 24.94 -43.15 23.70
N TYR B 239 25.26 -44.17 24.52
CA TYR B 239 26.51 -44.90 24.41
C TYR B 239 26.61 -45.59 23.05
N HIS B 240 25.50 -46.20 22.58
CA HIS B 240 25.50 -46.89 21.30
C HIS B 240 25.89 -45.94 20.18
N ARG B 241 25.27 -44.75 20.19
CA ARG B 241 25.54 -43.75 19.16
C ARG B 241 27.02 -43.33 19.23
N TYR B 242 27.53 -43.12 20.44
CA TYR B 242 28.92 -42.73 20.60
C TYR B 242 29.84 -43.81 20.05
N CYS B 243 29.57 -45.07 20.45
CA CYS B 243 30.39 -46.19 20.02
C CYS B 243 30.44 -46.25 18.49
N MET B 244 29.30 -46.04 17.83
CA MET B 244 29.22 -46.05 16.37
C MET B 244 30.09 -44.95 15.77
N GLU B 245 30.01 -43.73 16.33
CA GLU B 245 30.78 -42.60 15.85
C GLU B 245 32.29 -42.85 16.01
N ARG B 246 32.68 -43.32 17.20
CA ARG B 246 34.08 -43.60 17.48
C ARG B 246 34.58 -44.75 16.61
N ALA B 247 33.77 -45.81 16.45
CA ALA B 247 34.10 -46.94 15.60
C ALA B 247 34.36 -46.49 14.17
N ALA B 248 33.47 -45.65 13.63
CA ALA B 248 33.62 -45.11 12.28
C ALA B 248 34.93 -44.33 12.14
N ALA B 249 35.23 -43.48 13.14
CA ALA B 249 36.48 -42.71 13.13
C ALA B 249 37.69 -43.64 13.07
N HIS B 250 37.76 -44.61 13.98
CA HIS B 250 38.88 -45.55 14.01
C HIS B 250 38.96 -46.30 12.68
N CYS B 251 37.81 -46.73 12.15
CA CYS B 251 37.71 -47.54 10.94
C CYS B 251 38.23 -46.80 9.71
N ALA B 252 37.87 -45.51 9.56
CA ALA B 252 38.21 -44.76 8.36
C ALA B 252 39.72 -44.69 8.22
N HIS B 253 40.22 -44.93 6.99
CA HIS B 253 41.64 -44.71 6.70
C HIS B 253 41.98 -43.24 6.87
N VAL B 254 41.11 -42.36 6.34
CA VAL B 254 41.29 -40.92 6.50
C VAL B 254 40.08 -40.37 7.24
N PHE B 255 40.35 -39.69 8.36
CA PHE B 255 39.30 -39.13 9.19
C PHE B 255 39.34 -37.61 9.06
N THR B 256 38.18 -37.02 8.80
CA THR B 256 38.08 -35.58 8.60
C THR B 256 37.11 -34.97 9.61
N THR B 257 37.33 -33.69 9.90
CA THR B 257 36.48 -32.93 10.81
C THR B 257 36.20 -31.56 10.18
N VAL B 258 35.05 -30.99 10.53
CA VAL B 258 34.56 -29.76 9.88
C VAL B 258 35.44 -28.58 10.26
N SER B 259 35.92 -28.52 11.51
CA SER B 259 36.68 -27.36 11.96
C SER B 259 37.81 -27.77 12.91
N GLN B 260 38.74 -26.84 13.13
CA GLN B 260 39.88 -27.07 14.02
C GLN B 260 39.42 -27.29 15.46
N ILE B 261 38.37 -26.55 15.88
CA ILE B 261 37.77 -26.73 17.20
C ILE B 261 37.17 -28.12 17.30
N THR B 262 36.48 -28.58 16.24
CA THR B 262 35.90 -29.91 16.20
C THR B 262 37.02 -30.96 16.25
N ALA B 263 38.17 -30.65 15.63
CA ALA B 263 39.34 -31.51 15.64
C ALA B 263 39.84 -31.73 17.07
N ILE B 264 39.91 -30.64 17.86
CA ILE B 264 40.34 -30.71 19.25
C ILE B 264 39.38 -31.60 20.05
N GLU B 265 38.07 -31.45 19.79
CA GLU B 265 37.04 -32.28 20.40
C GLU B 265 37.25 -33.74 19.99
N ALA B 266 37.49 -33.99 18.70
CA ALA B 266 37.67 -35.33 18.16
C ALA B 266 38.89 -36.02 18.78
N GLN B 267 39.99 -35.26 18.93
CA GLN B 267 41.23 -35.78 19.51
C GLN B 267 40.96 -36.36 20.91
N HIS B 268 40.16 -35.67 21.72
CA HIS B 268 39.93 -36.09 23.10
C HIS B 268 38.72 -37.04 23.20
N LEU B 269 37.65 -36.74 22.48
CA LEU B 269 36.40 -37.49 22.68
C LEU B 269 36.42 -38.80 21.91
N LEU B 270 36.85 -38.75 20.64
CA LEU B 270 36.89 -39.96 19.82
C LEU B 270 38.23 -40.67 20.04
N LYS B 271 39.20 -39.99 20.69
CA LYS B 271 40.54 -40.48 20.94
C LYS B 271 41.33 -40.72 19.64
N ARG B 272 40.97 -39.99 18.59
CA ARG B 272 41.62 -40.07 17.29
C ARG B 272 41.82 -38.64 16.79
N LYS B 273 43.05 -38.32 16.39
CA LYS B 273 43.33 -37.05 15.73
C LYS B 273 42.74 -37.09 14.34
N PRO B 274 42.06 -36.02 13.87
CA PRO B 274 41.67 -35.92 12.47
C PRO B 274 42.92 -35.93 11.59
N ASP B 275 42.92 -36.78 10.57
CA ASP B 275 43.99 -36.85 9.59
C ASP B 275 44.06 -35.53 8.81
N ILE B 276 42.89 -35.04 8.40
CA ILE B 276 42.75 -33.81 7.64
C ILE B 276 41.55 -33.06 8.20
N VAL B 277 41.59 -31.72 8.18
CA VAL B 277 40.45 -30.91 8.59
C VAL B 277 39.87 -30.26 7.34
N THR B 278 38.62 -30.61 7.02
CA THR B 278 37.94 -30.18 5.81
C THR B 278 36.82 -29.22 6.21
N PRO B 279 36.97 -27.90 5.97
CA PRO B 279 35.96 -26.91 6.37
C PRO B 279 34.73 -26.99 5.46
N ASN B 280 33.56 -26.70 6.01
CA ASN B 280 32.34 -26.59 5.22
C ASN B 280 32.38 -25.32 4.40
N GLY B 281 31.67 -25.31 3.27
CA GLY B 281 31.60 -24.14 2.40
C GLY B 281 30.15 -23.84 2.02
N LEU B 282 29.88 -22.63 1.52
CA LEU B 282 28.60 -22.30 0.93
C LEU B 282 28.84 -21.71 -0.46
N ASN B 283 27.98 -22.00 -1.44
CA ASN B 283 28.04 -21.36 -2.74
C ASN B 283 27.56 -19.91 -2.62
N VAL B 284 28.09 -19.03 -3.46
CA VAL B 284 27.56 -17.66 -3.57
C VAL B 284 26.34 -17.63 -4.49
N LYS B 285 25.15 -17.74 -3.88
CA LYS B 285 23.89 -17.50 -4.56
C LYS B 285 23.27 -16.19 -4.04
N LYS B 286 24.06 -15.46 -3.24
CA LYS B 286 23.66 -14.24 -2.57
C LYS B 286 23.57 -13.10 -3.57
N PHE B 287 24.35 -13.14 -4.66
CA PHE B 287 24.14 -12.25 -5.79
C PHE B 287 22.89 -12.69 -6.56
N SER B 288 22.04 -11.71 -6.86
CA SER B 288 20.81 -11.93 -7.61
C SER B 288 20.60 -10.74 -8.53
N GLU B 292 23.91 -4.04 -6.01
CA GLU B 292 23.12 -5.10 -5.32
C GLU B 292 23.51 -5.12 -3.84
N PHE B 293 24.76 -5.49 -3.59
CA PHE B 293 25.28 -5.73 -2.25
C PHE B 293 24.98 -4.58 -1.28
N GLN B 294 24.90 -3.35 -1.82
CA GLN B 294 24.54 -2.17 -1.03
C GLN B 294 23.09 -1.74 -1.25
N ASN B 295 22.58 -1.85 -2.48
CA ASN B 295 21.19 -1.56 -2.78
C ASN B 295 20.28 -2.44 -1.93
N LEU B 296 20.59 -3.73 -1.88
CA LEU B 296 19.82 -4.69 -1.11
C LEU B 296 19.92 -4.33 0.38
N HIS B 297 21.12 -3.94 0.83
CA HIS B 297 21.32 -3.50 2.20
C HIS B 297 20.34 -2.38 2.53
N ALA B 298 20.27 -1.36 1.67
CA ALA B 298 19.42 -0.20 1.89
C ALA B 298 17.95 -0.61 1.91
N GLN B 299 17.53 -1.40 0.91
CA GLN B 299 16.13 -1.81 0.80
C GLN B 299 15.74 -2.59 2.04
N SER B 300 16.61 -3.51 2.46
CA SER B 300 16.32 -4.33 3.62
C SER B 300 16.24 -3.50 4.90
N LYS B 301 17.16 -2.53 5.05
CA LYS B 301 17.16 -1.65 6.21
C LYS B 301 15.84 -0.85 6.22
N ALA B 302 15.41 -0.38 5.06
CA ALA B 302 14.15 0.34 4.99
C ALA B 302 13.02 -0.53 5.54
N ARG B 303 12.92 -1.77 5.07
CA ARG B 303 11.87 -2.66 5.54
C ARG B 303 11.98 -2.86 7.05
N ILE B 304 13.21 -3.07 7.55
CA ILE B 304 13.45 -3.23 8.98
C ILE B 304 13.03 -1.97 9.73
N GLN B 305 13.39 -0.80 9.19
CA GLN B 305 13.09 0.49 9.77
C GLN B 305 11.58 0.67 9.91
N GLU B 306 10.81 0.22 8.91
CA GLU B 306 9.35 0.28 8.97
C GLU B 306 8.82 -0.50 10.17
N PHE B 307 9.34 -1.73 10.37
CA PHE B 307 8.88 -2.52 11.49
C PHE B 307 9.17 -1.81 12.80
N VAL B 308 10.38 -1.26 12.95
CA VAL B 308 10.79 -0.58 14.18
C VAL B 308 9.85 0.59 14.48
N ARG B 309 9.55 1.41 13.46
CA ARG B 309 8.66 2.55 13.61
C ARG B 309 7.32 2.07 14.17
N GLY B 310 6.78 1.01 13.56
CA GLY B 310 5.52 0.42 13.97
C GLY B 310 5.52 -0.09 15.41
N HIS B 311 6.58 -0.86 15.74
CA HIS B 311 6.65 -1.54 17.02
C HIS B 311 6.80 -0.53 18.16
N PHE B 312 7.56 0.55 17.94
CA PHE B 312 7.89 1.53 18.97
C PHE B 312 6.99 2.78 18.95
N TYR B 313 5.82 2.70 18.30
CA TYR B 313 5.02 3.88 17.99
C TYR B 313 4.77 4.72 19.24
N GLY B 314 4.99 6.03 19.12
CA GLY B 314 4.80 6.97 20.21
C GLY B 314 6.07 7.20 21.02
N HIS B 315 6.91 6.18 21.12
CA HIS B 315 8.18 6.26 21.85
C HIS B 315 9.31 6.41 20.83
N LEU B 316 9.01 7.20 19.78
CA LEU B 316 9.93 7.42 18.68
C LEU B 316 10.71 8.71 18.86
N ASP B 317 11.40 8.86 20.01
CA ASP B 317 12.34 9.95 20.23
C ASP B 317 13.75 9.58 19.73
N PHE B 318 13.94 8.29 19.41
CA PHE B 318 15.23 7.84 18.92
C PHE B 318 15.41 8.24 17.46
N ASN B 319 16.60 8.72 17.13
CA ASN B 319 16.95 9.04 15.75
C ASN B 319 16.99 7.73 14.95
N LEU B 320 16.16 7.64 13.91
CA LEU B 320 15.96 6.37 13.21
C LEU B 320 16.94 6.21 12.04
N ASP B 321 17.79 7.20 11.78
CA ASP B 321 18.86 7.03 10.80
C ASP B 321 20.13 6.60 11.54
N LYS B 322 20.28 7.09 12.76
CA LYS B 322 21.42 6.78 13.62
C LYS B 322 21.30 5.40 14.23
N THR B 323 20.08 4.83 14.31
CA THR B 323 19.86 3.51 14.89
C THR B 323 20.62 2.44 14.12
N LEU B 324 21.21 1.51 14.89
CA LEU B 324 21.92 0.35 14.37
C LEU B 324 21.17 -0.91 14.77
N TYR B 325 21.07 -1.87 13.84
CA TYR B 325 20.40 -3.13 14.12
C TYR B 325 21.43 -4.25 14.19
N PHE B 326 21.41 -4.99 15.31
CA PHE B 326 22.25 -6.15 15.56
C PHE B 326 21.35 -7.36 15.71
N PHE B 327 21.75 -8.52 15.18
CA PHE B 327 20.89 -9.69 15.25
C PHE B 327 21.68 -10.96 15.54
N ILE B 328 21.00 -11.89 16.21
CA ILE B 328 21.49 -13.23 16.47
C ILE B 328 20.43 -14.22 15.98
N ALA B 329 20.84 -15.15 15.12
CA ALA B 329 19.89 -16.08 14.53
C ALA B 329 20.46 -17.51 14.63
N GLY B 330 19.68 -18.45 14.10
CA GLY B 330 20.00 -19.87 14.13
C GLY B 330 18.84 -20.66 14.71
N ARG B 331 19.13 -21.89 15.16
CA ARG B 331 18.16 -22.72 15.84
C ARG B 331 17.99 -22.17 17.26
N TYR B 332 17.11 -22.83 18.05
CA TYR B 332 16.90 -22.46 19.44
C TYR B 332 17.90 -23.13 20.39
N GLU B 333 18.89 -22.38 20.83
CA GLU B 333 19.82 -22.82 21.86
C GLU B 333 20.21 -21.54 22.61
N PHE B 334 20.13 -21.56 23.94
CA PHE B 334 20.53 -20.42 24.76
C PHE B 334 22.02 -20.48 25.07
N SER B 335 22.49 -21.65 25.51
CA SER B 335 23.89 -21.83 25.86
C SER B 335 24.76 -21.89 24.61
N ASN B 336 24.40 -22.72 23.63
CA ASN B 336 25.21 -22.99 22.46
C ASN B 336 25.46 -21.72 21.64
N LYS B 337 24.41 -20.96 21.34
CA LYS B 337 24.57 -19.76 20.53
C LYS B 337 24.93 -18.59 21.42
N GLY B 338 25.09 -18.86 22.72
CA GLY B 338 25.52 -17.87 23.70
C GLY B 338 24.73 -16.56 23.61
N ALA B 339 23.40 -16.68 23.58
CA ALA B 339 22.49 -15.55 23.62
C ALA B 339 22.65 -14.80 24.94
N ASP B 340 22.98 -15.53 26.02
CA ASP B 340 23.20 -14.93 27.32
C ASP B 340 24.36 -13.94 27.26
N VAL B 341 25.46 -14.32 26.61
CA VAL B 341 26.62 -13.45 26.44
C VAL B 341 26.22 -12.19 25.67
N PHE B 342 25.46 -12.36 24.58
CA PHE B 342 24.98 -11.22 23.82
C PHE B 342 24.10 -10.31 24.68
N LEU B 343 23.15 -10.89 25.44
CA LEU B 343 22.26 -10.09 26.26
C LEU B 343 23.03 -9.35 27.37
N GLU B 344 23.94 -10.03 28.07
CA GLU B 344 24.74 -9.38 29.09
C GLU B 344 25.52 -8.23 28.48
N ALA B 345 26.12 -8.47 27.31
CA ALA B 345 26.91 -7.46 26.62
C ALA B 345 26.07 -6.27 26.17
N LEU B 346 24.81 -6.51 25.79
CA LEU B 346 23.87 -5.47 25.41
C LEU B 346 23.54 -4.57 26.60
N ALA B 347 23.38 -5.15 27.80
CA ALA B 347 23.14 -4.37 29.01
C ALA B 347 24.32 -3.45 29.30
N ARG B 348 25.55 -3.97 29.15
CA ARG B 348 26.75 -3.17 29.34
C ARG B 348 26.86 -2.06 28.27
N LEU B 349 26.50 -2.38 27.03
CA LEU B 349 26.44 -1.41 25.94
C LEU B 349 25.42 -0.30 26.25
N ASN B 350 24.26 -0.68 26.79
CA ASN B 350 23.24 0.26 27.20
C ASN B 350 23.78 1.26 28.22
N TYR B 351 24.49 0.76 29.24
CA TYR B 351 25.14 1.59 30.24
C TYR B 351 26.12 2.58 29.60
N LEU B 352 26.99 2.09 28.70
CA LEU B 352 27.98 2.91 28.02
C LEU B 352 27.31 4.01 27.18
N LEU B 353 26.26 3.65 26.42
CA LEU B 353 25.55 4.60 25.58
C LEU B 353 24.84 5.66 26.43
N ARG B 354 24.27 5.26 27.58
CA ARG B 354 23.59 6.17 28.49
C ARG B 354 24.56 7.17 29.11
N VAL B 355 25.67 6.67 29.68
CA VAL B 355 26.63 7.49 30.40
C VAL B 355 27.28 8.49 29.44
N ASN B 356 27.60 8.06 28.22
CA ASN B 356 28.15 8.95 27.20
C ASN B 356 27.09 9.13 26.14
N GLY B 357 26.48 10.32 26.08
CA GLY B 357 25.30 10.58 25.28
C GLY B 357 25.54 10.33 23.79
N SER B 358 24.71 9.46 23.22
CA SER B 358 24.82 9.09 21.82
C SER B 358 23.47 9.20 21.11
N GLU B 359 23.45 9.85 19.94
CA GLU B 359 22.28 9.91 19.09
C GLU B 359 21.89 8.51 18.60
N GLN B 360 22.90 7.65 18.42
CA GLN B 360 22.75 6.28 17.96
C GLN B 360 22.03 5.48 19.04
N THR B 361 21.11 4.62 18.59
CA THR B 361 20.39 3.66 19.42
C THR B 361 20.58 2.28 18.80
N VAL B 362 20.79 1.27 19.64
CA VAL B 362 20.97 -0.09 19.17
C VAL B 362 19.68 -0.87 19.35
N VAL B 363 19.23 -1.52 18.27
CA VAL B 363 18.08 -2.41 18.28
C VAL B 363 18.61 -3.83 18.02
N ALA B 364 18.47 -4.72 19.01
CA ALA B 364 18.95 -6.09 18.88
C ALA B 364 17.80 -7.06 18.59
N PHE B 365 17.89 -7.76 17.45
CA PHE B 365 16.87 -8.70 17.04
C PHE B 365 17.33 -10.12 17.35
N PHE B 366 16.67 -10.81 18.28
CA PHE B 366 16.98 -12.20 18.55
C PHE B 366 15.98 -13.06 17.78
N ILE B 367 16.41 -13.72 16.72
CA ILE B 367 15.46 -14.48 15.90
C ILE B 367 15.52 -15.99 16.14
N MET B 368 15.92 -16.44 17.33
CA MET B 368 15.86 -17.84 17.68
C MET B 368 14.43 -18.35 17.74
N PRO B 369 14.11 -19.51 17.10
CA PRO B 369 12.72 -19.97 16.94
C PRO B 369 12.06 -20.78 18.07
N ALA B 370 11.44 -20.06 19.01
CA ALA B 370 10.75 -20.66 20.14
C ALA B 370 9.28 -20.88 19.78
N ARG B 371 8.55 -21.56 20.66
CA ARG B 371 7.12 -21.83 20.51
C ARG B 371 6.30 -20.54 20.61
N THR B 372 5.44 -20.29 19.62
CA THR B 372 4.61 -19.10 19.57
C THR B 372 3.17 -19.45 19.23
N ASN B 373 2.21 -18.67 19.76
CA ASN B 373 0.81 -18.83 19.40
C ASN B 373 0.51 -17.87 18.24
N ASN B 374 0.68 -16.57 18.50
CA ASN B 374 0.28 -15.52 17.57
C ASN B 374 1.09 -14.26 17.90
N PHE B 375 1.11 -13.30 16.96
CA PHE B 375 1.67 -11.99 17.24
C PHE B 375 0.97 -11.36 18.45
N ASN B 376 1.76 -10.76 19.35
CA ASN B 376 1.26 -10.11 20.54
C ASN B 376 0.29 -9.00 20.15
N VAL B 377 -0.75 -8.78 20.96
CA VAL B 377 -1.77 -7.77 20.70
C VAL B 377 -1.09 -6.43 20.44
N GLU B 378 -0.18 -6.02 21.34
CA GLU B 378 0.50 -4.73 21.24
C GLU B 378 1.30 -4.64 19.93
N THR B 379 2.04 -5.70 19.60
CA THR B 379 2.88 -5.74 18.42
C THR B 379 2.03 -5.59 17.16
N LEU B 380 0.92 -6.32 17.08
CA LEU B 380 0.01 -6.27 15.95
C LEU B 380 -0.59 -4.87 15.84
N LYS B 381 -1.05 -4.32 16.97
CA LYS B 381 -1.63 -2.99 17.03
C LYS B 381 -0.59 -1.96 16.59
N GLY B 382 0.64 -2.11 17.05
CA GLY B 382 1.73 -1.20 16.69
C GLY B 382 1.93 -1.13 15.17
N GLN B 383 1.99 -2.31 14.54
CA GLN B 383 2.13 -2.39 13.10
C GLN B 383 0.90 -1.78 12.41
N ALA B 384 -0.28 -2.01 12.99
CA ALA B 384 -1.53 -1.50 12.43
C ALA B 384 -1.55 0.03 12.48
N VAL B 385 -1.09 0.61 13.59
CA VAL B 385 -1.04 2.06 13.77
C VAL B 385 -0.06 2.64 12.75
N ARG B 386 1.08 1.99 12.53
CA ARG B 386 2.02 2.43 11.51
C ARG B 386 1.31 2.45 10.16
N LYS B 387 0.54 1.39 9.88
CA LYS B 387 -0.19 1.31 8.63
C LYS B 387 -1.17 2.47 8.53
N GLN B 388 -1.94 2.71 9.60
CA GLN B 388 -2.94 3.77 9.62
C GLN B 388 -2.27 5.12 9.36
N LEU B 389 -1.17 5.40 10.07
CA LEU B 389 -0.48 6.68 9.91
C LEU B 389 0.03 6.81 8.49
N TRP B 390 0.58 5.74 7.91
CA TRP B 390 1.06 5.80 6.53
C TRP B 390 -0.10 6.06 5.57
N ASP B 391 -1.24 5.37 5.79
CA ASP B 391 -2.40 5.54 4.94
C ASP B 391 -2.94 6.97 5.04
N THR B 392 -3.02 7.49 6.26
CA THR B 392 -3.49 8.85 6.51
C THR B 392 -2.56 9.83 5.81
N ALA B 393 -1.24 9.65 6.01
CA ALA B 393 -0.26 10.54 5.39
C ALA B 393 -0.46 10.51 3.88
N ASN B 394 -0.75 9.34 3.33
CA ASN B 394 -1.07 9.26 1.92
C ASN B 394 -2.30 10.07 1.55
N THR B 395 -3.36 9.95 2.37
CA THR B 395 -4.61 10.63 2.02
C THR B 395 -4.39 12.15 2.03
N VAL B 396 -3.72 12.64 3.09
CA VAL B 396 -3.42 14.05 3.24
C VAL B 396 -2.46 14.49 2.13
N LYS B 397 -1.47 13.65 1.83
CA LYS B 397 -0.50 13.91 0.78
C LYS B 397 -1.20 14.10 -0.56
N GLU B 398 -2.14 13.22 -0.90
CA GLU B 398 -2.85 13.29 -2.18
C GLU B 398 -3.63 14.59 -2.25
N LYS B 399 -4.33 14.93 -1.16
CA LYS B 399 -5.12 16.14 -1.09
C LYS B 399 -4.22 17.37 -1.21
N PHE B 400 -3.06 17.36 -0.56
CA PHE B 400 -2.08 18.43 -0.71
C PHE B 400 -1.63 18.48 -2.16
N GLY B 401 -1.40 17.31 -2.75
CA GLY B 401 -1.00 17.20 -4.15
C GLY B 401 -1.96 17.94 -5.07
N ARG B 402 -3.25 17.64 -4.92
CA ARG B 402 -4.27 18.28 -5.74
C ARG B 402 -4.27 19.80 -5.48
N LYS B 403 -4.28 20.19 -4.20
CA LYS B 403 -4.38 21.61 -3.88
C LYS B 403 -3.13 22.36 -4.34
N LEU B 404 -1.95 21.75 -4.20
CA LEU B 404 -0.73 22.35 -4.71
C LEU B 404 -0.83 22.48 -6.23
N TYR B 405 -1.26 21.41 -6.91
CA TYR B 405 -1.33 21.43 -8.36
C TYR B 405 -2.30 22.52 -8.81
N GLU B 406 -3.45 22.62 -8.14
CA GLU B 406 -4.45 23.62 -8.48
C GLU B 406 -3.88 25.02 -8.20
N SER B 407 -3.20 25.20 -7.07
CA SER B 407 -2.63 26.49 -6.72
C SER B 407 -1.55 26.89 -7.73
N LEU B 408 -0.69 25.94 -8.10
CA LEU B 408 0.36 26.22 -9.06
C LEU B 408 -0.24 26.61 -10.41
N LEU B 409 -1.34 25.96 -10.81
CA LEU B 409 -1.95 26.20 -12.10
C LEU B 409 -2.42 27.65 -12.28
N VAL B 410 -2.72 28.34 -11.17
CA VAL B 410 -3.19 29.72 -11.14
C VAL B 410 -1.99 30.69 -11.11
N GLY B 411 -0.84 30.20 -10.63
CA GLY B 411 0.43 30.92 -10.69
C GLY B 411 0.87 31.43 -9.32
N SER B 412 0.32 30.83 -8.25
CA SER B 412 0.63 31.29 -6.90
C SER B 412 1.28 30.18 -6.07
N LEU B 413 2.33 30.55 -5.32
CA LEU B 413 2.96 29.65 -4.35
C LEU B 413 1.90 29.26 -3.32
N PRO B 414 1.80 27.98 -2.92
CA PRO B 414 0.70 27.52 -2.05
C PRO B 414 0.64 28.31 -0.75
N ASP B 415 -0.58 28.70 -0.37
CA ASP B 415 -0.77 29.39 0.90
C ASP B 415 -0.87 28.27 1.93
N MET B 416 0.20 28.05 2.71
CA MET B 416 0.37 26.81 3.44
C MET B 416 -0.78 26.53 4.42
N ASN B 417 -1.28 27.57 5.09
CA ASN B 417 -2.31 27.39 6.12
C ASN B 417 -3.60 26.85 5.50
N LYS B 418 -3.92 27.29 4.30
CA LYS B 418 -5.17 26.99 3.60
C LYS B 418 -5.13 25.64 2.90
N MET B 419 -3.94 25.05 2.72
CA MET B 419 -3.77 23.78 2.03
C MET B 419 -4.54 22.67 2.73
N LEU B 420 -4.49 22.63 4.06
CA LEU B 420 -5.09 21.51 4.78
C LEU B 420 -6.52 21.88 5.17
N ASP B 421 -7.50 21.06 4.75
CA ASP B 421 -8.91 21.31 5.04
C ASP B 421 -9.27 20.81 6.43
N LYS B 422 -10.41 21.29 6.96
CA LYS B 422 -10.91 20.91 8.27
C LYS B 422 -11.14 19.40 8.35
N GLU B 423 -11.57 18.80 7.23
CA GLU B 423 -11.78 17.36 7.14
C GLU B 423 -10.49 16.61 7.46
N ASP B 424 -9.34 17.07 6.93
CA ASP B 424 -8.11 16.35 7.23
C ASP B 424 -7.68 16.65 8.66
N PHE B 425 -7.78 17.90 9.11
CA PHE B 425 -7.39 18.20 10.49
C PHE B 425 -8.03 17.21 11.48
N THR B 426 -9.25 16.75 11.16
CA THR B 426 -9.88 15.77 12.03
C THR B 426 -9.24 14.40 11.85
N MET B 427 -8.95 14.01 10.60
CA MET B 427 -8.36 12.70 10.32
C MET B 427 -6.99 12.60 10.99
N MET B 428 -6.16 13.64 10.84
CA MET B 428 -4.83 13.71 11.41
C MET B 428 -4.88 13.74 12.93
N LYS B 429 -5.84 14.48 13.50
CA LYS B 429 -6.00 14.54 14.95
C LYS B 429 -6.31 13.15 15.51
N ARG B 430 -7.16 12.38 14.82
CA ARG B 430 -7.47 11.02 15.23
C ARG B 430 -6.21 10.16 15.14
N ALA B 431 -5.42 10.37 14.08
CA ALA B 431 -4.18 9.62 13.87
C ALA B 431 -3.18 9.89 15.00
N ILE B 432 -3.00 11.17 15.37
CA ILE B 432 -2.08 11.48 16.45
C ILE B 432 -2.64 11.01 17.78
N PHE B 433 -3.95 10.78 17.90
CA PHE B 433 -4.56 10.24 19.10
C PHE B 433 -4.24 8.76 19.21
N ALA B 434 -4.22 8.04 18.08
CA ALA B 434 -3.88 6.62 18.07
C ALA B 434 -2.43 6.41 18.54
N THR B 435 -1.52 7.28 18.08
CA THR B 435 -0.11 7.15 18.43
C THR B 435 0.11 7.21 19.95
N GLN B 436 -0.68 8.01 20.65
CA GLN B 436 -0.43 8.31 22.06
C GLN B 436 -0.41 7.01 22.86
N ARG B 437 0.68 6.79 23.58
CA ARG B 437 0.86 5.64 24.47
C ARG B 437 1.84 6.09 25.55
N GLN B 438 1.71 5.53 26.75
CA GLN B 438 2.67 5.70 27.83
C GLN B 438 3.36 4.38 28.16
N SER B 439 3.08 3.28 27.42
CA SER B 439 3.59 1.96 27.76
C SER B 439 4.72 1.57 26.81
N PHE B 440 5.81 1.03 27.36
CA PHE B 440 7.00 0.73 26.57
C PHE B 440 6.67 -0.41 25.61
N PRO B 441 7.20 -0.39 24.35
CA PRO B 441 6.92 -1.44 23.37
C PRO B 441 7.40 -2.81 23.87
N PRO B 442 6.67 -3.92 23.58
CA PRO B 442 7.03 -5.24 24.12
C PRO B 442 8.39 -5.74 23.66
N VAL B 443 9.03 -6.54 24.51
CA VAL B 443 10.36 -7.06 24.25
C VAL B 443 10.29 -8.23 23.27
N CYS B 444 9.16 -8.95 23.19
CA CYS B 444 8.95 -9.94 22.15
C CYS B 444 7.90 -9.44 21.15
N THR B 445 7.89 -10.02 19.96
CA THR B 445 6.94 -9.71 18.92
C THR B 445 5.77 -10.71 18.95
N HIS B 446 6.00 -11.92 19.47
CA HIS B 446 5.00 -12.97 19.46
C HIS B 446 4.52 -13.22 20.87
N ASN B 447 3.21 -13.45 21.05
CA ASN B 447 2.71 -13.95 22.32
C ASN B 447 3.20 -15.39 22.51
N MET B 448 3.91 -15.62 23.63
CA MET B 448 4.61 -16.89 23.81
C MET B 448 3.65 -17.82 24.55
N LEU B 449 3.46 -19.04 24.02
CA LEU B 449 2.66 -20.06 24.67
C LEU B 449 3.23 -20.37 26.05
N ASP B 450 4.56 -20.42 26.15
CA ASP B 450 5.24 -20.53 27.43
C ASP B 450 6.14 -19.30 27.59
N ASP B 451 5.72 -18.39 28.48
CA ASP B 451 6.37 -17.08 28.61
C ASP B 451 7.41 -17.10 29.74
N SER B 452 6.99 -17.53 30.92
CA SER B 452 7.79 -17.41 32.14
C SER B 452 9.08 -18.23 32.03
N SER B 453 8.98 -19.40 31.42
CA SER B 453 10.11 -20.29 31.21
C SER B 453 11.15 -19.69 30.27
N ASP B 454 10.72 -18.94 29.25
CA ASP B 454 11.59 -18.47 28.19
C ASP B 454 12.90 -17.89 28.73
N PRO B 455 14.06 -18.51 28.41
CA PRO B 455 15.35 -18.03 28.90
C PRO B 455 15.66 -16.59 28.47
N ILE B 456 15.38 -16.28 27.19
CA ILE B 456 15.65 -14.97 26.65
C ILE B 456 14.88 -13.90 27.44
N LEU B 457 13.58 -14.08 27.62
CA LEU B 457 12.74 -13.10 28.30
C LEU B 457 13.19 -12.93 29.76
N THR B 458 13.48 -14.03 30.45
CA THR B 458 13.91 -13.97 31.84
C THR B 458 15.17 -13.12 31.97
N THR B 459 16.12 -13.35 31.04
CA THR B 459 17.39 -12.62 31.01
C THR B 459 17.16 -11.15 30.67
N ILE B 460 16.30 -10.82 29.69
CA ILE B 460 15.98 -9.45 29.31
C ILE B 460 15.47 -8.69 30.54
N ARG B 461 14.56 -9.32 31.32
CA ARG B 461 14.02 -8.71 32.52
C ARG B 461 15.12 -8.47 33.56
N ARG B 462 15.97 -9.48 33.76
CA ARG B 462 17.07 -9.40 34.73
C ARG B 462 18.08 -8.33 34.34
N ILE B 463 18.44 -8.30 33.05
CA ILE B 463 19.41 -7.39 32.50
C ILE B 463 18.91 -5.95 32.59
N GLY B 464 17.58 -5.74 32.54
CA GLY B 464 16.95 -4.43 32.66
C GLY B 464 16.67 -3.75 31.32
N LEU B 465 16.79 -4.48 30.20
CA LEU B 465 16.41 -3.94 28.91
C LEU B 465 14.91 -4.10 28.61
N PHE B 466 14.09 -3.16 29.10
CA PHE B 466 12.64 -3.30 28.94
C PHE B 466 12.09 -2.33 27.87
N ASN B 467 12.96 -1.91 26.95
CA ASN B 467 12.71 -0.92 25.91
C ASN B 467 12.23 0.42 26.50
N SER B 468 12.75 0.80 27.67
CA SER B 468 12.38 2.02 28.35
C SER B 468 12.81 3.22 27.50
N SER B 469 12.12 4.36 27.64
CA SER B 469 12.41 5.55 26.86
C SER B 469 13.88 5.98 27.02
N ALA B 470 14.39 5.80 28.24
CA ALA B 470 15.73 6.21 28.62
C ALA B 470 16.79 5.31 27.98
N ASP B 471 16.45 4.03 27.77
CA ASP B 471 17.40 3.02 27.32
C ASP B 471 17.82 3.33 25.87
N ARG B 472 19.11 3.17 25.61
CA ARG B 472 19.67 3.33 24.28
C ARG B 472 19.71 1.98 23.55
N VAL B 473 19.40 0.88 24.23
CA VAL B 473 19.45 -0.44 23.62
C VAL B 473 18.07 -1.09 23.75
N LYS B 474 17.47 -1.42 22.59
CA LYS B 474 16.12 -1.94 22.52
C LYS B 474 16.12 -3.36 21.95
N VAL B 475 15.59 -4.32 22.70
CA VAL B 475 15.68 -5.71 22.30
C VAL B 475 14.33 -6.20 21.79
N ILE B 476 14.29 -6.73 20.56
CA ILE B 476 13.08 -7.23 19.93
C ILE B 476 13.29 -8.71 19.60
N PHE B 477 12.60 -9.61 20.31
CA PHE B 477 12.79 -11.06 20.11
C PHE B 477 11.67 -11.61 19.22
N HIS B 478 12.04 -12.12 18.02
CA HIS B 478 11.08 -12.67 17.09
C HIS B 478 11.21 -14.19 17.10
N PRO B 479 10.36 -14.93 17.85
CA PRO B 479 10.57 -16.37 18.02
C PRO B 479 10.18 -17.29 16.85
N GLU B 480 9.77 -16.70 15.71
CA GLU B 480 9.41 -17.47 14.53
C GLU B 480 10.40 -17.17 13.40
N PHE B 481 10.75 -18.20 12.60
CA PHE B 481 11.60 -17.98 11.44
C PHE B 481 10.94 -16.92 10.55
N LEU B 482 11.67 -15.86 10.23
CA LEU B 482 11.08 -14.76 9.46
C LEU B 482 10.59 -15.30 8.12
N SER B 483 9.37 -14.91 7.74
CA SER B 483 8.69 -15.52 6.61
C SER B 483 7.95 -14.47 5.79
N SER B 484 7.76 -14.77 4.50
CA SER B 484 6.98 -13.90 3.62
C SER B 484 5.51 -13.87 4.05
N THR B 485 5.02 -15.00 4.58
CA THR B 485 3.63 -15.12 4.99
C THR B 485 3.32 -14.24 6.21
N SER B 486 4.28 -14.13 7.13
CA SER B 486 4.07 -13.41 8.39
C SER B 486 3.72 -11.94 8.12
N PRO B 487 2.71 -11.38 8.83
CA PRO B 487 2.33 -9.97 8.70
C PRO B 487 3.41 -8.94 9.02
N LEU B 488 4.17 -9.19 10.10
CA LEU B 488 5.24 -8.30 10.51
C LEU B 488 6.56 -8.78 9.90
N LEU B 489 7.37 -7.81 9.49
CA LEU B 489 8.65 -8.05 8.83
C LEU B 489 8.51 -9.15 7.77
N PRO B 490 7.70 -8.95 6.71
CA PRO B 490 7.37 -10.02 5.77
C PRO B 490 8.50 -10.19 4.76
N VAL B 491 9.70 -10.41 5.29
CA VAL B 491 10.96 -10.61 4.60
C VAL B 491 11.51 -11.96 5.05
N ASP B 492 12.12 -12.70 4.10
CA ASP B 492 12.74 -13.98 4.41
C ASP B 492 14.11 -13.74 5.03
N TYR B 493 14.65 -14.77 5.68
CA TYR B 493 15.83 -14.65 6.52
C TYR B 493 16.92 -13.89 5.77
N GLU B 494 17.17 -14.22 4.50
CA GLU B 494 18.30 -13.63 3.80
C GLU B 494 18.14 -12.11 3.70
N GLU B 495 16.93 -11.65 3.39
CA GLU B 495 16.67 -10.23 3.24
C GLU B 495 16.83 -9.48 4.57
N PHE B 496 16.31 -10.08 5.65
CA PHE B 496 16.46 -9.49 6.98
C PHE B 496 17.93 -9.37 7.36
N VAL B 497 18.71 -10.44 7.10
CA VAL B 497 20.13 -10.46 7.42
C VAL B 497 20.81 -9.30 6.70
N ARG B 498 20.48 -9.11 5.40
CA ARG B 498 21.08 -8.05 4.59
C ARG B 498 20.80 -6.66 5.16
N GLY B 499 19.64 -6.50 5.79
CA GLY B 499 19.24 -5.20 6.31
C GLY B 499 19.97 -4.80 7.58
N CYS B 500 20.26 -5.78 8.44
CA CYS B 500 20.89 -5.49 9.73
C CYS B 500 22.31 -5.01 9.53
N HIS B 501 22.78 -4.15 10.45
CA HIS B 501 24.09 -3.55 10.35
C HIS B 501 25.18 -4.55 10.73
N LEU B 502 24.90 -5.38 11.74
CA LEU B 502 25.88 -6.27 12.36
C LEU B 502 25.18 -7.54 12.83
N GLY B 503 25.90 -8.65 12.83
CA GLY B 503 25.35 -9.90 13.32
C GLY B 503 26.24 -10.43 14.43
N VAL B 504 25.67 -10.69 15.61
CA VAL B 504 26.46 -11.11 16.75
C VAL B 504 26.15 -12.58 17.02
N PHE B 505 27.14 -13.46 16.85
CA PHE B 505 26.99 -14.89 17.06
C PHE B 505 28.07 -15.37 18.04
N PRO B 506 27.94 -15.10 19.36
CA PRO B 506 28.92 -15.57 20.33
C PRO B 506 28.66 -17.04 20.64
N SER B 507 28.91 -17.90 19.65
CA SER B 507 28.63 -19.31 19.80
C SER B 507 29.61 -19.93 20.79
N TYR B 508 29.12 -20.86 21.61
CA TYR B 508 29.95 -21.58 22.58
C TYR B 508 30.34 -22.92 21.97
N TYR B 509 29.37 -23.69 21.47
CA TYR B 509 29.72 -25.05 21.10
C TYR B 509 29.45 -25.32 19.63
N GLU B 510 28.36 -24.77 19.10
CA GLU B 510 27.92 -25.15 17.77
C GLU B 510 29.13 -25.18 16.84
N PRO B 511 29.44 -26.33 16.21
CA PRO B 511 30.66 -26.52 15.41
C PRO B 511 30.82 -25.52 14.29
N TRP B 512 30.31 -25.83 13.10
CA TRP B 512 30.48 -24.92 11.99
C TRP B 512 29.39 -23.87 12.03
N GLY B 513 29.78 -22.59 11.95
CA GLY B 513 28.76 -21.56 12.02
C GLY B 513 28.09 -21.34 10.67
N TYR B 514 27.01 -22.08 10.39
CA TYR B 514 26.32 -21.93 9.11
C TYR B 514 25.71 -20.54 9.01
N THR B 515 25.07 -20.09 10.09
CA THR B 515 24.44 -18.78 10.15
C THR B 515 25.47 -17.66 10.00
N PRO B 516 26.56 -17.62 10.80
CA PRO B 516 27.63 -16.62 10.61
C PRO B 516 28.24 -16.65 9.21
N ALA B 517 28.40 -17.86 8.63
CA ALA B 517 28.98 -18.01 7.30
C ALA B 517 28.11 -17.32 6.24
N GLU B 518 26.79 -17.58 6.30
CA GLU B 518 25.80 -16.96 5.42
C GLU B 518 25.91 -15.43 5.52
N CYS B 519 25.97 -14.91 6.75
CA CYS B 519 26.08 -13.48 7.00
C CYS B 519 27.31 -12.89 6.31
N THR B 520 28.46 -13.57 6.44
CA THR B 520 29.69 -13.04 5.87
C THR B 520 29.65 -13.06 4.34
N VAL B 521 29.07 -14.11 3.75
CA VAL B 521 28.94 -14.22 2.30
C VAL B 521 28.05 -13.08 1.79
N MET B 522 27.08 -12.68 2.61
CA MET B 522 26.20 -11.56 2.30
C MET B 522 26.92 -10.22 2.46
N GLY B 523 27.91 -10.17 3.33
CA GLY B 523 28.62 -8.91 3.53
C GLY B 523 28.25 -8.19 4.82
N ILE B 524 27.38 -8.79 5.63
CA ILE B 524 27.13 -8.35 7.00
C ILE B 524 28.36 -8.68 7.84
N PRO B 525 28.95 -7.71 8.59
CA PRO B 525 30.03 -8.01 9.52
C PRO B 525 29.47 -8.86 10.65
N SER B 526 30.23 -9.87 11.08
CA SER B 526 29.70 -10.88 11.99
C SER B 526 30.71 -11.15 13.10
N ILE B 527 30.26 -11.07 14.36
CA ILE B 527 31.05 -11.53 15.50
C ILE B 527 31.03 -13.06 15.47
N SER B 528 32.20 -13.66 15.60
CA SER B 528 32.36 -15.10 15.75
C SER B 528 33.28 -15.35 16.94
N THR B 529 33.46 -16.62 17.33
CA THR B 529 34.23 -16.91 18.53
C THR B 529 35.31 -17.95 18.19
N ASN B 530 36.32 -18.07 19.06
CA ASN B 530 37.34 -19.11 18.92
C ASN B 530 36.70 -20.50 19.03
N LEU B 531 35.57 -20.52 19.75
CA LEU B 531 34.92 -21.78 20.03
C LEU B 531 34.06 -22.20 18.84
N SER B 532 33.60 -21.23 18.03
CA SER B 532 32.90 -21.57 16.80
C SER B 532 33.93 -21.96 15.74
N GLY B 533 33.52 -22.92 14.91
CA GLY B 533 34.39 -23.45 13.88
C GLY B 533 34.68 -22.40 12.81
N PHE B 534 33.65 -21.62 12.46
CA PHE B 534 33.82 -20.53 11.52
C PHE B 534 34.77 -19.48 12.09
N GLY B 535 34.67 -19.22 13.40
CA GLY B 535 35.56 -18.29 14.07
C GLY B 535 37.03 -18.74 14.00
N CYS B 536 37.26 -19.99 14.37
CA CYS B 536 38.60 -20.55 14.35
C CYS B 536 39.16 -20.50 12.93
N PHE B 537 38.31 -20.85 11.95
CA PHE B 537 38.69 -20.84 10.55
C PHE B 537 39.15 -19.45 10.12
N MET B 538 38.38 -18.41 10.51
CA MET B 538 38.68 -17.03 10.16
C MET B 538 39.99 -16.55 10.80
N GLU B 539 40.24 -16.92 12.05
CA GLU B 539 41.47 -16.57 12.74
C GLU B 539 42.67 -17.14 11.99
N GLU B 540 42.58 -18.43 11.59
CA GLU B 540 43.64 -19.12 10.89
C GLU B 540 43.92 -18.45 9.54
N HIS B 541 42.86 -18.01 8.85
CA HIS B 541 42.94 -17.53 7.49
C HIS B 541 43.08 -16.01 7.38
N ILE B 542 42.77 -15.27 8.45
CA ILE B 542 42.86 -13.81 8.41
C ILE B 542 43.69 -13.30 9.60
N ALA B 543 44.75 -12.54 9.27
CA ALA B 543 45.76 -12.08 10.22
C ALA B 543 45.17 -11.10 11.23
N ASP B 544 44.32 -10.17 10.75
CA ASP B 544 43.48 -9.34 11.60
C ASP B 544 42.02 -9.63 11.31
N PRO B 545 41.27 -10.26 12.26
CA PRO B 545 39.83 -10.47 12.11
C PRO B 545 39.04 -9.16 12.02
N SER B 546 39.44 -8.18 12.85
CA SER B 546 38.68 -6.97 13.07
C SER B 546 38.65 -6.11 11.80
N ALA B 547 39.81 -6.02 11.13
CA ALA B 547 40.01 -5.15 9.98
C ALA B 547 39.06 -5.55 8.86
N TYR B 548 38.88 -6.88 8.69
CA TYR B 548 38.03 -7.39 7.61
C TYR B 548 36.56 -7.44 8.02
N GLY B 549 36.27 -7.04 9.25
CA GLY B 549 34.92 -6.90 9.74
C GLY B 549 34.40 -8.13 10.49
N ILE B 550 35.20 -9.21 10.52
CA ILE B 550 34.80 -10.36 11.33
C ILE B 550 35.54 -10.32 12.66
N TYR B 551 34.84 -9.91 13.73
CA TYR B 551 35.39 -9.86 15.07
C TYR B 551 35.49 -11.27 15.64
N ILE B 552 36.62 -11.57 16.28
CA ILE B 552 36.78 -12.82 17.00
C ILE B 552 36.78 -12.57 18.52
N LEU B 553 35.86 -13.26 19.24
CA LEU B 553 35.88 -13.24 20.68
C LEU B 553 36.65 -14.47 21.15
N ASP B 554 37.64 -14.30 22.05
CA ASP B 554 38.45 -15.42 22.50
C ASP B 554 37.83 -16.10 23.72
N ARG B 555 36.76 -16.86 23.46
CA ARG B 555 35.98 -17.40 24.56
C ARG B 555 36.62 -18.66 25.14
N ARG B 556 37.54 -19.27 24.38
CA ARG B 556 38.23 -20.49 24.77
C ARG B 556 39.24 -20.21 25.89
N PHE B 557 39.93 -19.07 25.80
CA PHE B 557 41.01 -18.72 26.70
C PHE B 557 40.63 -17.59 27.65
N ARG B 558 39.36 -17.19 27.67
CA ARG B 558 38.89 -16.19 28.63
C ARG B 558 37.75 -16.77 29.47
N SER B 559 37.57 -16.21 30.66
CA SER B 559 36.43 -16.51 31.53
C SER B 559 35.16 -15.89 30.94
N LEU B 560 33.99 -16.33 31.43
CA LEU B 560 32.71 -15.93 30.87
C LEU B 560 32.50 -14.41 30.97
N ASP B 561 32.81 -13.85 32.14
CA ASP B 561 32.59 -12.43 32.41
C ASP B 561 33.53 -11.56 31.57
N ASP B 562 34.80 -11.98 31.48
CA ASP B 562 35.80 -11.30 30.68
C ASP B 562 35.45 -11.35 29.20
N SER B 563 34.87 -12.47 28.73
CA SER B 563 34.38 -12.62 27.37
C SER B 563 33.23 -11.64 27.10
N CYS B 564 32.28 -11.55 28.05
CA CYS B 564 31.19 -10.59 27.95
C CYS B 564 31.75 -9.17 27.80
N SER B 565 32.70 -8.79 28.68
CA SER B 565 33.38 -7.51 28.61
C SER B 565 34.06 -7.29 27.26
N GLN B 566 34.64 -8.36 26.71
CA GLN B 566 35.26 -8.31 25.39
C GLN B 566 34.20 -8.03 24.33
N LEU B 567 33.05 -8.72 24.41
CA LEU B 567 31.97 -8.46 23.48
C LEU B 567 31.48 -7.01 23.58
N THR B 568 31.26 -6.53 24.81
CA THR B 568 30.85 -5.16 25.02
C THR B 568 31.82 -4.22 24.30
N SER B 569 33.12 -4.48 24.43
CA SER B 569 34.14 -3.67 23.77
C SER B 569 33.97 -3.67 22.25
N PHE B 570 33.73 -4.85 21.67
CA PHE B 570 33.49 -5.02 20.24
C PHE B 570 32.22 -4.25 19.82
N LEU B 571 31.12 -4.47 20.56
CA LEU B 571 29.86 -3.83 20.23
C LEU B 571 30.02 -2.32 20.29
N TYR B 572 30.65 -1.83 21.36
CA TYR B 572 30.86 -0.41 21.55
C TYR B 572 31.72 0.18 20.44
N SER B 573 32.77 -0.54 20.03
CA SER B 573 33.64 -0.10 18.95
C SER B 573 32.85 0.06 17.65
N PHE B 574 32.00 -0.92 17.35
CA PHE B 574 31.13 -0.86 16.18
C PHE B 574 30.21 0.36 16.26
N CYS B 575 29.62 0.58 17.43
CA CYS B 575 28.72 1.72 17.64
C CYS B 575 29.45 3.03 17.37
N GLN B 576 30.68 3.15 17.90
CA GLN B 576 31.47 4.37 17.76
C GLN B 576 32.21 4.44 16.44
N GLN B 577 31.94 3.54 15.49
CA GLN B 577 32.50 3.63 14.15
C GLN B 577 31.87 4.79 13.39
N SER B 578 32.66 5.51 12.57
CA SER B 578 32.13 6.57 11.72
C SER B 578 31.25 5.94 10.63
N ARG B 579 30.29 6.70 10.11
CA ARG B 579 29.39 6.18 9.08
C ARG B 579 30.21 5.65 7.90
N ARG B 580 31.19 6.44 7.47
CA ARG B 580 32.06 6.08 6.35
C ARG B 580 32.85 4.82 6.68
N GLN B 581 33.36 4.72 7.92
CA GLN B 581 34.14 3.57 8.36
C GLN B 581 33.33 2.27 8.27
N ARG B 582 32.06 2.32 8.71
CA ARG B 582 31.15 1.19 8.67
C ARG B 582 30.93 0.72 7.23
N ILE B 583 30.74 1.68 6.30
CA ILE B 583 30.56 1.37 4.88
C ILE B 583 31.79 0.58 4.38
N ILE B 584 32.99 1.08 4.71
CA ILE B 584 34.25 0.41 4.35
C ILE B 584 34.25 -1.01 4.91
N GLN B 585 33.90 -1.16 6.18
CA GLN B 585 33.89 -2.46 6.85
C GLN B 585 33.03 -3.47 6.10
N ARG B 586 31.81 -3.07 5.72
CA ARG B 586 30.88 -3.89 4.94
C ARG B 586 31.52 -4.35 3.63
N ASN B 587 32.13 -3.41 2.90
CA ASN B 587 32.76 -3.70 1.62
C ASN B 587 33.92 -4.67 1.78
N ARG B 588 34.69 -4.53 2.87
CA ARG B 588 35.75 -5.46 3.21
C ARG B 588 35.20 -6.86 3.43
N THR B 589 34.04 -7.01 4.10
CA THR B 589 33.52 -8.35 4.35
C THR B 589 33.20 -9.08 3.04
N GLU B 590 32.68 -8.34 2.05
CA GLU B 590 32.31 -8.90 0.76
C GLU B 590 33.51 -9.58 0.08
N ARG B 591 34.74 -9.28 0.51
CA ARG B 591 35.92 -9.94 -0.02
C ARG B 591 36.12 -11.30 0.65
N LEU B 592 35.57 -11.48 1.84
CA LEU B 592 35.85 -12.69 2.63
C LEU B 592 34.98 -13.86 2.22
N SER B 593 34.07 -13.63 1.27
CA SER B 593 33.20 -14.66 0.74
C SER B 593 34.00 -15.78 0.07
N ASP B 594 35.09 -15.41 -0.63
CA ASP B 594 35.96 -16.33 -1.34
C ASP B 594 36.59 -17.37 -0.42
N LEU B 595 36.86 -17.00 0.84
CA LEU B 595 37.40 -17.93 1.84
C LEU B 595 36.43 -19.08 2.10
N LEU B 596 35.13 -18.81 2.00
CA LEU B 596 34.09 -19.79 2.31
C LEU B 596 33.49 -20.44 1.07
N ASP B 597 33.94 -20.03 -0.12
CA ASP B 597 33.41 -20.53 -1.38
C ASP B 597 33.94 -21.94 -1.61
N TRP B 598 33.11 -22.78 -2.26
CA TRP B 598 33.45 -24.16 -2.49
C TRP B 598 34.65 -24.30 -3.43
N LYS B 599 34.82 -23.34 -4.35
CA LYS B 599 35.95 -23.31 -5.25
C LYS B 599 37.25 -23.49 -4.47
N TYR B 600 37.47 -22.60 -3.49
CA TYR B 600 38.64 -22.61 -2.66
C TYR B 600 38.60 -23.80 -1.69
N LEU B 601 37.45 -24.03 -1.07
CA LEU B 601 37.37 -25.07 -0.04
C LEU B 601 37.34 -26.47 -0.62
N GLY B 602 37.12 -26.57 -1.93
CA GLY B 602 37.17 -27.83 -2.66
C GLY B 602 38.55 -28.49 -2.57
N ARG B 603 39.59 -27.66 -2.39
CA ARG B 603 40.94 -28.17 -2.28
C ARG B 603 41.06 -29.16 -1.12
N TYR B 604 40.47 -28.83 0.02
CA TYR B 604 40.71 -29.56 1.25
C TYR B 604 40.17 -31.00 1.18
N TYR B 605 38.98 -31.17 0.61
CA TYR B 605 38.39 -32.50 0.48
C TYR B 605 39.10 -33.29 -0.60
N MET B 606 39.49 -32.63 -1.71
CA MET B 606 40.19 -33.31 -2.79
C MET B 606 41.48 -33.90 -2.22
N SER B 607 42.13 -33.13 -1.34
CA SER B 607 43.31 -33.62 -0.66
C SER B 607 42.98 -34.84 0.18
N ALA B 608 41.86 -34.78 0.92
CA ALA B 608 41.44 -35.90 1.76
C ALA B 608 41.21 -37.15 0.92
N ARG B 609 40.49 -36.98 -0.21
CA ARG B 609 40.17 -38.06 -1.13
C ARG B 609 41.46 -38.70 -1.66
N HIS B 610 42.40 -37.89 -2.14
CA HIS B 610 43.65 -38.40 -2.68
C HIS B 610 44.43 -39.15 -1.61
N MET B 611 44.47 -38.59 -0.39
CA MET B 611 45.13 -39.22 0.74
C MET B 611 44.48 -40.57 1.05
N ALA B 612 43.16 -40.68 0.91
CA ALA B 612 42.46 -41.92 1.20
C ALA B 612 42.96 -43.08 0.35
N LEU B 613 43.08 -42.84 -0.97
CA LEU B 613 43.55 -43.85 -1.91
C LEU B 613 44.92 -44.38 -1.48
N SER B 614 45.81 -43.47 -1.05
CA SER B 614 47.16 -43.81 -0.64
C SER B 614 47.18 -44.63 0.64
N LYS B 615 46.32 -44.33 1.62
CA LYS B 615 46.38 -44.96 2.93
C LYS B 615 46.26 -46.49 2.86
N ALA B 616 45.34 -46.99 2.04
CA ALA B 616 45.26 -48.43 1.78
C ALA B 616 45.50 -48.70 0.30
N PHE B 617 45.97 -49.91 -0.05
CA PHE B 617 46.32 -50.32 -1.40
C PHE B 617 47.00 -49.19 -2.17
N PRO B 618 48.21 -48.74 -1.75
CA PRO B 618 48.85 -47.57 -2.36
C PRO B 618 49.42 -47.76 -3.75
N GLU B 619 49.60 -49.02 -4.17
CA GLU B 619 50.36 -49.36 -5.37
C GLU B 619 49.74 -48.72 -6.62
N HIS B 620 48.41 -48.84 -6.77
CA HIS B 620 47.74 -48.33 -7.96
C HIS B 620 47.88 -46.81 -8.02
N PHE B 621 47.44 -46.10 -6.98
CA PHE B 621 47.60 -44.66 -6.92
C PHE B 621 48.33 -44.20 -5.65
N THR B 622 49.47 -43.54 -5.85
CA THR B 622 50.24 -42.90 -4.80
C THR B 622 50.53 -41.47 -5.26
N TYR B 623 50.09 -40.48 -4.47
CA TYR B 623 50.30 -39.08 -4.76
C TYR B 623 50.84 -38.42 -3.48
N GLU B 624 51.82 -37.52 -3.62
CA GLU B 624 52.58 -36.99 -2.49
C GLU B 624 52.12 -35.57 -2.12
N PRO B 625 52.05 -35.20 -0.82
CA PRO B 625 51.33 -34.01 -0.38
C PRO B 625 52.01 -32.68 -0.75
N ASN B 626 51.20 -31.70 -1.15
CA ASN B 626 51.63 -30.32 -1.37
C ASN B 626 51.88 -29.66 -0.01
N PHE C 22 -43.93 -12.91 -46.28
CA PHE C 22 -43.36 -12.74 -44.91
C PHE C 22 -42.43 -13.91 -44.60
N ASP C 23 -42.92 -15.14 -44.81
CA ASP C 23 -42.11 -16.34 -44.70
C ASP C 23 -41.13 -16.38 -45.88
N LEU C 24 -39.94 -16.92 -45.66
CA LEU C 24 -38.89 -17.01 -46.67
C LEU C 24 -38.45 -18.46 -46.68
N GLU C 25 -39.28 -19.34 -47.23
CA GLU C 25 -39.03 -20.79 -47.25
C GLU C 25 -37.70 -21.11 -47.94
N ASN C 26 -37.53 -20.54 -49.15
CA ASN C 26 -36.33 -20.77 -49.95
C ASN C 26 -35.66 -19.45 -50.31
N ALA C 27 -36.26 -18.30 -49.92
CA ALA C 27 -35.79 -17.01 -50.41
C ALA C 27 -34.38 -16.73 -49.89
N VAL C 28 -33.51 -16.19 -50.77
CA VAL C 28 -32.12 -15.90 -50.47
C VAL C 28 -31.90 -14.40 -50.65
N LEU C 29 -31.28 -13.71 -49.68
CA LEU C 29 -31.17 -12.26 -49.72
C LEU C 29 -29.75 -11.91 -50.18
N PHE C 30 -29.64 -11.06 -51.20
CA PHE C 30 -28.35 -10.56 -51.66
C PHE C 30 -28.27 -9.06 -51.41
N GLU C 31 -27.55 -8.65 -50.35
CA GLU C 31 -27.41 -7.24 -50.04
C GLU C 31 -26.34 -6.58 -50.90
N VAL C 32 -26.54 -6.52 -52.21
CA VAL C 32 -25.54 -6.01 -53.13
C VAL C 32 -25.19 -4.60 -52.72
N ALA C 33 -23.89 -4.27 -52.62
CA ALA C 33 -23.43 -2.98 -52.13
C ALA C 33 -22.00 -2.76 -52.62
N TRP C 34 -21.55 -1.50 -52.72
CA TRP C 34 -20.15 -1.29 -53.05
C TRP C 34 -19.28 -1.41 -51.80
N GLU C 35 -19.86 -1.22 -50.63
CA GLU C 35 -19.09 -1.21 -49.39
C GLU C 35 -19.29 -2.51 -48.62
N VAL C 36 -19.01 -3.61 -49.32
CA VAL C 36 -19.21 -4.94 -48.73
C VAL C 36 -17.96 -5.36 -47.98
N ALA C 37 -16.78 -5.14 -48.56
CA ALA C 37 -15.53 -5.55 -47.92
C ALA C 37 -14.47 -4.46 -48.06
N ASN C 38 -14.81 -3.29 -48.63
CA ASN C 38 -13.86 -2.19 -48.67
C ASN C 38 -14.50 -0.98 -48.00
N LYS C 39 -13.95 -0.53 -46.86
CA LYS C 39 -14.48 0.65 -46.19
C LYS C 39 -14.22 1.90 -47.05
N VAL C 40 -15.28 2.44 -47.65
CA VAL C 40 -15.14 3.65 -48.46
C VAL C 40 -15.92 4.79 -47.81
N GLY C 41 -17.10 4.45 -47.29
CA GLY C 41 -17.97 5.41 -46.61
C GLY C 41 -18.79 4.79 -45.48
N GLY C 42 -19.69 5.60 -44.92
CA GLY C 42 -20.55 5.21 -43.81
C GLY C 42 -21.44 4.01 -44.09
N ILE C 43 -21.75 3.79 -45.36
CA ILE C 43 -22.60 2.68 -45.78
C ILE C 43 -21.94 1.38 -45.32
N TYR C 44 -20.60 1.33 -45.29
CA TYR C 44 -19.87 0.15 -44.86
C TYR C 44 -20.23 -0.19 -43.41
N THR C 45 -20.31 0.84 -42.55
CA THR C 45 -20.73 0.63 -41.17
C THR C 45 -22.16 0.08 -41.14
N VAL C 46 -23.04 0.61 -42.01
CA VAL C 46 -24.43 0.18 -42.04
C VAL C 46 -24.50 -1.31 -42.33
N LEU C 47 -23.84 -1.75 -43.39
CA LEU C 47 -23.85 -3.16 -43.80
C LEU C 47 -23.29 -4.03 -42.70
N GLN C 48 -22.10 -3.66 -42.19
CA GLN C 48 -21.41 -4.40 -41.14
C GLN C 48 -22.31 -4.55 -39.92
N THR C 49 -22.91 -3.47 -39.44
CA THR C 49 -23.71 -3.53 -38.22
C THR C 49 -25.00 -4.34 -38.42
N LYS C 50 -25.58 -4.20 -39.62
CA LYS C 50 -26.84 -4.86 -39.94
C LYS C 50 -26.58 -6.34 -40.15
N ALA C 51 -25.33 -6.74 -40.42
CA ALA C 51 -25.04 -8.11 -40.78
C ALA C 51 -25.47 -9.10 -39.69
N LYS C 52 -25.28 -8.73 -38.42
CA LYS C 52 -25.60 -9.59 -37.30
C LYS C 52 -27.09 -9.93 -37.26
N VAL C 53 -27.96 -8.89 -37.28
CA VAL C 53 -29.39 -9.07 -37.11
C VAL C 53 -30.00 -9.77 -38.34
N THR C 54 -29.62 -9.32 -39.54
CA THR C 54 -30.09 -9.94 -40.77
C THR C 54 -29.63 -11.40 -40.80
N GLY C 55 -28.48 -11.66 -40.16
CA GLY C 55 -27.90 -13.00 -40.11
C GLY C 55 -28.83 -14.00 -39.46
N ASP C 56 -29.45 -13.58 -38.35
CA ASP C 56 -30.34 -14.42 -37.56
C ASP C 56 -31.60 -14.73 -38.37
N GLU C 57 -32.18 -13.70 -39.00
CA GLU C 57 -33.45 -13.83 -39.67
C GLU C 57 -33.32 -14.70 -40.92
N TRP C 58 -32.25 -14.49 -41.70
CA TRP C 58 -32.15 -15.13 -43.00
C TRP C 58 -31.14 -16.27 -43.02
N GLY C 59 -30.56 -16.59 -41.84
CA GLY C 59 -29.69 -17.75 -41.72
C GLY C 59 -28.47 -17.67 -42.65
N ASP C 60 -28.25 -18.76 -43.40
CA ASP C 60 -27.15 -18.85 -44.36
C ASP C 60 -27.58 -18.39 -45.75
N ASN C 61 -28.83 -17.90 -45.90
CA ASN C 61 -29.30 -17.34 -47.16
C ASN C 61 -28.79 -15.92 -47.38
N TYR C 62 -28.11 -15.37 -46.35
CA TYR C 62 -27.56 -14.03 -46.41
C TYR C 62 -26.29 -14.04 -47.27
N PHE C 63 -26.28 -13.26 -48.37
CA PHE C 63 -25.16 -13.27 -49.30
C PHE C 63 -24.88 -11.87 -49.83
N LEU C 64 -24.00 -11.13 -49.18
CA LEU C 64 -23.62 -9.80 -49.59
C LEU C 64 -22.74 -9.86 -50.83
N VAL C 65 -23.05 -9.08 -51.86
CA VAL C 65 -22.28 -9.05 -53.09
C VAL C 65 -21.56 -7.70 -53.08
N GLY C 66 -20.24 -7.68 -53.32
CA GLY C 66 -19.44 -6.47 -53.18
C GLY C 66 -18.16 -6.53 -54.02
N PRO C 67 -17.51 -5.40 -54.39
CA PRO C 67 -16.28 -5.45 -55.19
C PRO C 67 -15.13 -6.09 -54.44
N TYR C 68 -14.38 -6.99 -55.08
CA TYR C 68 -13.23 -7.65 -54.46
C TYR C 68 -12.11 -6.63 -54.38
N THR C 69 -11.46 -6.52 -53.19
CA THR C 69 -10.35 -5.65 -52.95
C THR C 69 -9.22 -6.50 -52.37
N GLU C 70 -7.99 -6.25 -52.84
CA GLU C 70 -6.78 -6.87 -52.31
C GLU C 70 -6.71 -6.66 -50.79
N GLN C 71 -6.90 -5.40 -50.35
CA GLN C 71 -6.89 -5.05 -48.94
C GLN C 71 -8.00 -5.80 -48.21
N GLY C 72 -9.19 -5.82 -48.82
CA GLY C 72 -10.37 -6.46 -48.27
C GLY C 72 -10.12 -7.93 -48.02
N VAL C 73 -9.63 -8.67 -49.03
CA VAL C 73 -9.41 -10.10 -48.87
C VAL C 73 -8.33 -10.35 -47.82
N ARG C 74 -7.28 -9.52 -47.77
CA ARG C 74 -6.16 -9.71 -46.89
C ARG C 74 -6.58 -9.63 -45.42
N THR C 75 -7.41 -8.65 -45.05
CA THR C 75 -7.62 -8.31 -43.64
C THR C 75 -9.04 -8.54 -43.15
N GLN C 76 -10.02 -8.65 -44.04
CA GLN C 76 -11.42 -8.69 -43.62
C GLN C 76 -12.09 -10.00 -44.04
N VAL C 77 -11.63 -10.61 -45.14
CA VAL C 77 -12.36 -11.74 -45.72
C VAL C 77 -11.51 -13.00 -45.64
N GLU C 78 -12.08 -14.06 -45.05
CA GLU C 78 -11.50 -15.40 -45.10
C GLU C 78 -12.17 -16.21 -46.22
N LEU C 79 -11.42 -16.61 -47.25
CA LEU C 79 -12.00 -17.30 -48.39
C LEU C 79 -12.55 -18.66 -47.97
N LEU C 80 -13.69 -19.07 -48.57
CA LEU C 80 -14.39 -20.28 -48.15
C LEU C 80 -14.82 -21.12 -49.36
N GLU C 81 -15.16 -22.39 -49.11
CA GLU C 81 -15.28 -23.36 -50.20
C GLU C 81 -16.73 -23.49 -50.66
N ALA C 82 -17.39 -22.35 -50.89
CA ALA C 82 -18.66 -22.26 -51.59
C ALA C 82 -19.67 -23.33 -51.12
N PRO C 83 -20.19 -23.24 -49.87
CA PRO C 83 -20.87 -24.34 -49.20
C PRO C 83 -22.22 -24.73 -49.83
N THR C 84 -22.96 -23.77 -50.40
CA THR C 84 -24.13 -24.21 -51.15
C THR C 84 -23.69 -24.82 -52.49
N PRO C 85 -24.07 -26.07 -52.82
CA PRO C 85 -23.53 -26.74 -54.02
C PRO C 85 -23.90 -26.00 -55.31
N ALA C 86 -25.13 -25.49 -55.35
CA ALA C 86 -25.61 -24.70 -56.47
C ALA C 86 -24.74 -23.46 -56.62
N LEU C 87 -24.44 -22.78 -55.51
CA LEU C 87 -23.57 -21.61 -55.50
C LEU C 87 -22.17 -21.96 -56.00
N LYS C 88 -21.66 -23.11 -55.56
CA LYS C 88 -20.33 -23.57 -55.95
C LYS C 88 -20.25 -23.64 -57.47
N ARG C 89 -21.27 -24.24 -58.09
CA ARG C 89 -21.35 -24.38 -59.54
C ARG C 89 -21.29 -23.01 -60.22
N THR C 90 -22.06 -22.03 -59.68
CA THR C 90 -22.10 -20.69 -60.25
C THR C 90 -20.73 -20.03 -60.14
N LEU C 91 -20.08 -20.14 -58.97
CA LEU C 91 -18.76 -19.57 -58.75
C LEU C 91 -17.76 -20.16 -59.75
N ASP C 92 -17.80 -21.49 -59.91
CA ASP C 92 -16.94 -22.18 -60.85
C ASP C 92 -17.24 -21.72 -62.29
N SER C 93 -18.52 -21.63 -62.66
CA SER C 93 -18.90 -21.26 -64.01
C SER C 93 -18.36 -19.87 -64.34
N MET C 94 -18.50 -18.94 -63.38
CA MET C 94 -18.03 -17.57 -63.57
C MET C 94 -16.52 -17.53 -63.72
N ASN C 95 -15.82 -18.34 -62.90
CA ASN C 95 -14.36 -18.39 -62.95
C ASN C 95 -13.90 -18.98 -64.29
N SER C 96 -14.64 -19.96 -64.80
CA SER C 96 -14.32 -20.65 -66.05
C SER C 96 -14.56 -19.71 -67.25
N LYS C 97 -15.65 -18.94 -67.20
CA LYS C 97 -15.89 -17.90 -68.19
C LYS C 97 -14.87 -16.76 -68.10
N GLY C 98 -14.05 -16.72 -67.04
CA GLY C 98 -12.95 -15.80 -66.93
C GLY C 98 -13.22 -14.61 -66.01
N CYS C 99 -14.49 -14.35 -65.69
CA CYS C 99 -14.80 -13.34 -64.69
C CYS C 99 -14.32 -13.87 -63.34
N LYS C 100 -13.81 -12.96 -62.50
CA LYS C 100 -13.23 -13.37 -61.24
C LYS C 100 -14.19 -13.11 -60.08
N VAL C 101 -14.65 -14.19 -59.43
CA VAL C 101 -15.48 -14.09 -58.25
C VAL C 101 -14.85 -14.93 -57.13
N TYR C 102 -14.82 -14.36 -55.92
CA TYR C 102 -14.19 -14.99 -54.78
C TYR C 102 -15.24 -15.11 -53.68
N PHE C 103 -15.69 -16.34 -53.42
CA PHE C 103 -16.60 -16.52 -52.31
C PHE C 103 -15.81 -16.53 -51.01
N GLY C 104 -16.32 -15.91 -49.94
CA GLY C 104 -15.69 -16.01 -48.63
C GLY C 104 -16.60 -15.58 -47.49
N ARG C 105 -16.13 -15.68 -46.25
CA ARG C 105 -16.88 -15.22 -45.09
C ARG C 105 -16.21 -13.95 -44.56
N TRP C 106 -16.97 -12.86 -44.56
CA TRP C 106 -16.56 -11.64 -43.90
C TRP C 106 -16.37 -11.94 -42.43
N LEU C 107 -15.26 -11.46 -41.85
CA LEU C 107 -14.90 -11.84 -40.49
C LEU C 107 -15.56 -10.92 -39.46
N ILE C 108 -16.47 -10.04 -39.91
CA ILE C 108 -17.20 -9.17 -39.02
C ILE C 108 -18.25 -10.01 -38.28
N GLU C 109 -18.81 -9.44 -37.20
CA GLU C 109 -19.78 -10.12 -36.35
C GLU C 109 -20.94 -10.64 -37.20
N GLY C 110 -21.34 -11.89 -36.93
CA GLY C 110 -22.42 -12.54 -37.64
C GLY C 110 -21.95 -13.38 -38.83
N GLY C 111 -20.65 -13.29 -39.16
CA GLY C 111 -20.01 -14.10 -40.19
C GLY C 111 -20.79 -14.17 -41.52
N PRO C 112 -21.15 -13.04 -42.16
CA PRO C 112 -21.96 -13.06 -43.38
C PRO C 112 -21.19 -13.67 -44.55
N LEU C 113 -21.88 -14.45 -45.41
CA LEU C 113 -21.24 -15.00 -46.58
C LEU C 113 -21.14 -13.88 -47.62
N VAL C 114 -19.94 -13.67 -48.17
CA VAL C 114 -19.68 -12.50 -49.00
C VAL C 114 -19.19 -12.95 -50.37
N VAL C 115 -20.02 -12.70 -51.37
CA VAL C 115 -19.64 -13.11 -52.72
C VAL C 115 -18.97 -11.92 -53.40
N LEU C 116 -17.64 -11.82 -53.23
CA LEU C 116 -16.91 -10.63 -53.64
C LEU C 116 -16.51 -10.76 -55.11
N LEU C 117 -17.27 -10.12 -56.02
CA LEU C 117 -16.90 -10.24 -57.42
C LEU C 117 -15.82 -9.21 -57.73
N ASP C 118 -14.86 -9.56 -58.60
CA ASP C 118 -13.76 -8.68 -58.92
C ASP C 118 -14.22 -7.75 -60.04
N VAL C 119 -13.78 -6.50 -59.98
CA VAL C 119 -14.08 -5.49 -60.98
C VAL C 119 -12.92 -5.41 -61.97
N GLY C 120 -12.13 -6.48 -62.04
CA GLY C 120 -11.02 -6.62 -62.96
C GLY C 120 -11.44 -7.25 -64.28
N ALA C 121 -12.72 -7.62 -64.45
CA ALA C 121 -13.24 -8.18 -65.69
C ALA C 121 -13.54 -7.07 -66.71
N SER C 122 -12.53 -6.29 -67.10
CA SER C 122 -12.68 -5.03 -67.81
C SER C 122 -12.93 -5.24 -69.30
N ALA C 123 -12.44 -6.37 -69.86
CA ALA C 123 -12.54 -6.62 -71.29
C ALA C 123 -14.01 -6.58 -71.75
N TRP C 124 -14.88 -7.27 -71.00
CA TRP C 124 -16.28 -7.37 -71.38
C TRP C 124 -16.94 -5.99 -71.30
N ALA C 125 -16.59 -5.23 -70.25
CA ALA C 125 -17.19 -3.93 -70.00
C ALA C 125 -16.90 -2.95 -71.13
N LEU C 126 -15.68 -3.02 -71.69
CA LEU C 126 -15.25 -2.10 -72.73
C LEU C 126 -16.21 -2.06 -73.92
N GLU C 127 -16.74 -3.23 -74.34
CA GLU C 127 -17.77 -3.21 -75.38
C GLU C 127 -19.06 -3.90 -74.94
N ARG C 128 -18.96 -5.16 -74.51
CA ARG C 128 -20.12 -6.02 -74.35
C ARG C 128 -21.06 -5.50 -73.26
N TRP C 129 -20.50 -5.23 -72.06
CA TRP C 129 -21.38 -4.83 -70.97
C TRP C 129 -22.04 -3.50 -71.26
N LYS C 130 -21.23 -2.51 -71.67
CA LYS C 130 -21.73 -1.16 -71.91
C LYS C 130 -22.75 -1.16 -73.05
N GLY C 131 -22.43 -1.92 -74.11
CA GLY C 131 -23.31 -2.08 -75.26
C GLY C 131 -24.70 -2.55 -74.85
N GLU C 132 -24.76 -3.62 -74.02
CA GLU C 132 -26.04 -4.14 -73.59
C GLU C 132 -26.85 -3.07 -72.85
N LEU C 133 -26.19 -2.32 -71.98
CA LEU C 133 -26.86 -1.31 -71.18
C LEU C 133 -27.56 -0.29 -72.07
N TRP C 134 -26.87 0.15 -73.13
CA TRP C 134 -27.48 1.21 -73.95
C TRP C 134 -28.73 0.69 -74.65
N ASP C 135 -28.68 -0.52 -75.21
CA ASP C 135 -29.88 -1.06 -75.85
C ASP C 135 -30.99 -1.31 -74.83
N THR C 136 -30.62 -1.83 -73.66
CA THR C 136 -31.58 -2.21 -72.64
C THR C 136 -32.23 -1.00 -71.96
N CYS C 137 -31.42 -0.06 -71.46
CA CYS C 137 -31.91 1.02 -70.62
C CYS C 137 -31.66 2.41 -71.23
N ASN C 138 -31.19 2.45 -72.48
CA ASN C 138 -30.93 3.70 -73.18
C ASN C 138 -29.92 4.56 -72.43
N ILE C 139 -29.13 3.99 -71.50
CA ILE C 139 -28.17 4.79 -70.75
C ILE C 139 -26.75 4.42 -71.13
N GLY C 140 -25.82 5.19 -70.61
CA GLY C 140 -24.42 4.99 -70.93
C GLY C 140 -23.58 5.48 -69.77
N VAL C 141 -22.35 4.96 -69.67
CA VAL C 141 -21.37 5.53 -68.76
C VAL C 141 -20.27 6.20 -69.59
N PRO C 142 -19.91 7.47 -69.31
CA PRO C 142 -18.91 8.16 -70.10
C PRO C 142 -17.52 7.57 -69.87
N TRP C 143 -16.62 7.78 -70.83
CA TRP C 143 -15.27 7.22 -70.80
C TRP C 143 -14.48 7.72 -69.60
N TYR C 144 -14.61 9.02 -69.30
CA TYR C 144 -13.82 9.70 -68.28
C TYR C 144 -14.09 9.16 -66.86
N ASP C 145 -15.36 8.85 -66.53
CA ASP C 145 -15.71 8.45 -65.17
C ASP C 145 -15.31 6.99 -64.92
N ARG C 146 -14.38 6.81 -63.97
CA ARG C 146 -13.89 5.48 -63.64
C ARG C 146 -14.86 4.78 -62.70
N GLU C 147 -15.42 5.53 -61.73
CA GLU C 147 -16.26 4.95 -60.70
C GLU C 147 -17.53 4.37 -61.31
N ALA C 148 -18.18 5.11 -62.21
CA ALA C 148 -19.37 4.62 -62.88
C ALA C 148 -19.03 3.39 -63.72
N ASN C 149 -17.90 3.44 -64.44
CA ASN C 149 -17.45 2.32 -65.24
C ASN C 149 -17.25 1.10 -64.34
N ASP C 150 -16.69 1.31 -63.15
CA ASP C 150 -16.53 0.24 -62.17
C ASP C 150 -17.88 -0.32 -61.76
N ALA C 151 -18.86 0.58 -61.54
CA ALA C 151 -20.20 0.19 -61.16
C ALA C 151 -20.89 -0.59 -62.28
N VAL C 152 -20.73 -0.17 -63.54
CA VAL C 152 -21.39 -0.93 -64.61
C VAL C 152 -20.83 -2.34 -64.65
N LEU C 153 -19.51 -2.47 -64.51
CA LEU C 153 -18.86 -3.78 -64.46
C LEU C 153 -19.46 -4.58 -63.30
N PHE C 154 -19.53 -3.97 -62.11
CA PHE C 154 -20.02 -4.61 -60.91
C PHE C 154 -21.48 -5.00 -61.10
N GLY C 155 -22.30 -4.08 -61.63
CA GLY C 155 -23.70 -4.31 -61.86
C GLY C 155 -23.95 -5.51 -62.77
N PHE C 156 -23.23 -5.55 -63.89
CA PHE C 156 -23.42 -6.63 -64.83
C PHE C 156 -23.05 -7.97 -64.19
N LEU C 157 -21.95 -7.97 -63.43
CA LEU C 157 -21.49 -9.18 -62.75
C LEU C 157 -22.50 -9.64 -61.69
N THR C 158 -23.05 -8.72 -60.91
CA THR C 158 -24.01 -9.05 -59.86
C THR C 158 -25.29 -9.62 -60.47
N THR C 159 -25.77 -9.02 -61.56
CA THR C 159 -26.95 -9.51 -62.25
C THR C 159 -26.67 -10.93 -62.76
N TRP C 160 -25.48 -11.11 -63.34
CA TRP C 160 -25.06 -12.41 -63.86
C TRP C 160 -25.03 -13.43 -62.72
N PHE C 161 -24.43 -13.07 -61.58
CA PHE C 161 -24.31 -13.99 -60.47
C PHE C 161 -25.71 -14.47 -60.07
N LEU C 162 -26.64 -13.57 -59.81
CA LEU C 162 -27.93 -14.01 -59.30
C LEU C 162 -28.70 -14.80 -60.37
N GLY C 163 -28.60 -14.38 -61.62
CA GLY C 163 -29.24 -15.09 -62.75
C GLY C 163 -28.67 -16.51 -62.88
N GLU C 164 -27.34 -16.61 -62.80
CA GLU C 164 -26.65 -17.90 -62.86
C GLU C 164 -27.02 -18.73 -61.64
N PHE C 165 -27.10 -18.11 -60.46
CA PHE C 165 -27.45 -18.81 -59.22
C PHE C 165 -28.81 -19.47 -59.40
N LEU C 166 -29.80 -18.71 -59.87
CA LEU C 166 -31.13 -19.27 -60.09
C LEU C 166 -31.07 -20.42 -61.09
N ALA C 167 -30.35 -20.23 -62.20
CA ALA C 167 -30.29 -21.21 -63.28
C ALA C 167 -29.57 -22.49 -62.84
N GLN C 168 -28.45 -22.36 -62.14
CA GLN C 168 -27.65 -23.50 -61.74
C GLN C 168 -28.20 -24.05 -60.43
N SER C 169 -29.29 -23.47 -59.87
CA SER C 169 -29.99 -24.08 -58.76
C SER C 169 -31.37 -24.55 -59.21
N GLU C 170 -31.49 -25.87 -59.41
CA GLU C 170 -32.74 -26.56 -59.66
C GLU C 170 -33.73 -26.29 -58.52
N GLU C 171 -35.03 -26.22 -58.85
CA GLU C 171 -36.04 -25.73 -57.93
C GLU C 171 -35.64 -24.33 -57.46
N LYS C 172 -35.57 -23.44 -58.43
CA LYS C 172 -35.09 -22.07 -58.30
C LYS C 172 -35.71 -21.38 -57.09
N PRO C 173 -34.90 -20.95 -56.09
CA PRO C 173 -35.41 -20.16 -54.97
C PRO C 173 -35.48 -18.68 -55.33
N HIS C 174 -36.66 -18.07 -55.26
CA HIS C 174 -36.81 -16.64 -55.48
C HIS C 174 -35.91 -15.88 -54.50
N VAL C 175 -35.16 -14.89 -55.01
CA VAL C 175 -34.15 -14.20 -54.26
C VAL C 175 -34.65 -12.79 -53.94
N VAL C 176 -34.13 -12.15 -52.88
CA VAL C 176 -34.43 -10.74 -52.61
C VAL C 176 -33.16 -9.90 -52.67
N ALA C 177 -32.85 -9.30 -53.82
CA ALA C 177 -31.70 -8.43 -53.98
C ALA C 177 -32.00 -7.06 -53.35
N HIS C 178 -31.02 -6.53 -52.61
CA HIS C 178 -31.16 -5.31 -51.84
C HIS C 178 -30.05 -4.32 -52.18
N PHE C 179 -30.04 -3.76 -53.38
CA PHE C 179 -28.98 -2.89 -53.85
C PHE C 179 -28.93 -1.64 -52.96
N HIS C 180 -27.74 -1.24 -52.47
CA HIS C 180 -27.70 -0.23 -51.41
C HIS C 180 -27.22 1.16 -51.83
N GLU C 181 -26.99 1.40 -53.12
CA GLU C 181 -26.45 2.68 -53.58
C GLU C 181 -26.55 2.77 -55.10
N TRP C 182 -26.21 3.95 -55.65
CA TRP C 182 -26.16 4.15 -57.09
C TRP C 182 -25.10 3.26 -57.74
N LEU C 183 -24.03 2.97 -57.02
CA LEU C 183 -22.95 2.11 -57.51
C LEU C 183 -23.43 0.68 -57.80
N ALA C 184 -24.31 0.16 -56.93
CA ALA C 184 -24.89 -1.16 -57.14
C ALA C 184 -26.17 -1.06 -57.98
N GLY C 185 -26.62 0.16 -58.26
CA GLY C 185 -27.91 0.42 -58.90
C GLY C 185 -28.04 -0.17 -60.31
N VAL C 186 -26.92 -0.24 -61.04
CA VAL C 186 -26.92 -0.72 -62.42
C VAL C 186 -27.49 -2.13 -62.49
N GLY C 187 -27.13 -2.94 -61.46
CA GLY C 187 -27.61 -4.30 -61.35
C GLY C 187 -29.13 -4.39 -61.33
N LEU C 188 -29.76 -3.52 -60.54
CA LEU C 188 -31.20 -3.55 -60.40
C LEU C 188 -31.88 -3.28 -61.74
N CYS C 189 -31.35 -2.33 -62.54
CA CYS C 189 -31.94 -2.06 -63.85
C CYS C 189 -31.97 -3.33 -64.69
N LEU C 190 -30.83 -4.02 -64.72
CA LEU C 190 -30.64 -5.23 -65.51
C LEU C 190 -31.48 -6.38 -64.97
N CYS C 191 -31.58 -6.55 -63.63
CA CYS C 191 -32.35 -7.67 -63.09
C CYS C 191 -33.80 -7.60 -63.57
N ARG C 192 -34.42 -6.42 -63.45
CA ARG C 192 -35.79 -6.23 -63.89
C ARG C 192 -35.89 -6.41 -65.41
N ALA C 193 -34.88 -5.90 -66.12
CA ALA C 193 -34.88 -5.89 -67.58
C ALA C 193 -34.70 -7.29 -68.17
N ARG C 194 -33.83 -8.11 -67.57
CA ARG C 194 -33.66 -9.51 -67.96
C ARG C 194 -34.83 -10.32 -67.43
N ARG C 195 -35.74 -9.64 -66.70
CA ARG C 195 -36.99 -10.14 -66.13
C ARG C 195 -36.72 -11.31 -65.18
N LEU C 196 -35.56 -11.26 -64.50
CA LEU C 196 -35.17 -12.33 -63.61
C LEU C 196 -36.08 -12.31 -62.39
N PRO C 197 -36.47 -13.49 -61.85
CA PRO C 197 -37.51 -13.57 -60.82
C PRO C 197 -36.98 -13.34 -59.40
N VAL C 198 -36.40 -12.15 -59.22
CA VAL C 198 -35.85 -11.71 -57.94
C VAL C 198 -36.60 -10.45 -57.47
N ALA C 199 -36.99 -10.47 -56.18
CA ALA C 199 -37.55 -9.31 -55.50
C ALA C 199 -36.46 -8.27 -55.29
N THR C 200 -36.80 -7.00 -55.56
CA THR C 200 -35.79 -5.94 -55.55
C THR C 200 -36.17 -4.80 -54.60
N ILE C 201 -35.28 -4.50 -53.65
CA ILE C 201 -35.37 -3.32 -52.79
C ILE C 201 -34.31 -2.39 -53.32
N PHE C 202 -34.29 -1.12 -52.93
CA PHE C 202 -33.22 -0.23 -53.39
C PHE C 202 -32.99 0.95 -52.45
N THR C 203 -32.51 0.70 -51.25
CA THR C 203 -32.21 1.78 -50.33
C THR C 203 -31.30 2.82 -50.98
N THR C 204 -31.67 4.09 -50.85
CA THR C 204 -30.75 5.17 -51.16
C THR C 204 -30.24 5.74 -49.84
N HIS C 205 -29.01 5.41 -49.41
CA HIS C 205 -28.49 5.89 -48.15
C HIS C 205 -28.19 7.38 -48.20
N ALA C 206 -28.17 7.94 -49.42
CA ALA C 206 -27.95 9.35 -49.70
C ALA C 206 -28.53 9.66 -51.07
N THR C 207 -28.91 10.92 -51.30
CA THR C 207 -29.33 11.37 -52.62
C THR C 207 -28.12 11.85 -53.40
N LEU C 208 -27.89 11.31 -54.60
CA LEU C 208 -26.70 11.66 -55.37
C LEU C 208 -26.72 13.15 -55.71
N LEU C 209 -27.84 13.61 -56.26
CA LEU C 209 -27.92 15.00 -56.68
C LEU C 209 -27.93 15.92 -55.45
N GLY C 210 -28.44 15.40 -54.34
CA GLY C 210 -28.62 16.15 -53.10
C GLY C 210 -27.32 16.77 -52.61
N ARG C 211 -26.24 15.99 -52.57
CA ARG C 211 -24.97 16.52 -52.06
C ARG C 211 -24.46 17.68 -52.91
N TYR C 212 -24.57 17.56 -54.24
CA TYR C 212 -24.09 18.58 -55.17
C TYR C 212 -24.98 19.82 -55.11
N LEU C 213 -26.31 19.63 -55.05
CA LEU C 213 -27.27 20.72 -55.01
C LEU C 213 -27.15 21.53 -53.73
N CYS C 214 -27.07 20.86 -52.57
CA CYS C 214 -26.80 21.57 -51.32
C CYS C 214 -25.39 22.16 -51.47
N ALA C 215 -25.16 23.34 -50.89
CA ALA C 215 -23.89 24.05 -50.98
C ALA C 215 -23.70 24.63 -52.38
N GLY C 216 -23.80 23.80 -53.43
CA GLY C 216 -23.71 24.25 -54.81
C GLY C 216 -24.75 25.32 -55.16
N ALA C 217 -26.00 25.09 -54.72
CA ALA C 217 -27.10 26.03 -54.92
C ALA C 217 -27.40 26.77 -53.62
N VAL C 218 -28.02 27.95 -53.75
CA VAL C 218 -28.14 28.90 -52.65
C VAL C 218 -29.11 28.40 -51.60
N ASP C 219 -30.26 27.88 -52.05
CA ASP C 219 -31.31 27.43 -51.16
C ASP C 219 -31.85 26.10 -51.66
N PHE C 220 -31.15 25.01 -51.33
CA PHE C 220 -31.52 23.67 -51.76
C PHE C 220 -32.85 23.21 -51.18
N TYR C 221 -33.02 23.20 -49.85
CA TYR C 221 -34.17 22.56 -49.21
C TYR C 221 -35.51 23.26 -49.45
N ASN C 222 -35.54 24.61 -49.52
CA ASN C 222 -36.80 25.30 -49.77
C ASN C 222 -37.19 25.19 -51.24
N ASN C 223 -36.17 25.17 -52.11
CA ASN C 223 -36.44 25.08 -53.53
C ASN C 223 -36.47 23.62 -53.99
N LEU C 224 -36.54 22.68 -53.03
CA LEU C 224 -36.57 21.26 -53.36
C LEU C 224 -37.67 20.95 -54.37
N GLU C 225 -38.87 21.48 -54.10
CA GLU C 225 -40.04 21.31 -54.94
C GLU C 225 -39.82 21.87 -56.33
N ASN C 226 -39.18 23.04 -56.42
CA ASN C 226 -38.95 23.78 -57.66
C ASN C 226 -37.56 23.52 -58.21
N PHE C 227 -37.11 22.25 -58.20
CA PHE C 227 -35.83 21.87 -58.79
C PHE C 227 -36.00 20.99 -60.01
N ASN C 228 -35.41 21.39 -61.15
CA ASN C 228 -35.39 20.51 -62.31
C ASN C 228 -34.19 19.61 -62.17
N VAL C 229 -34.42 18.37 -61.76
CA VAL C 229 -33.37 17.38 -61.50
C VAL C 229 -32.48 17.20 -62.74
N ASP C 230 -33.10 17.02 -63.92
CA ASP C 230 -32.36 16.77 -65.16
C ASP C 230 -31.38 17.91 -65.44
N LYS C 231 -31.86 19.15 -65.31
CA LYS C 231 -31.06 20.33 -65.60
C LYS C 231 -29.84 20.38 -64.68
N GLU C 232 -30.07 20.23 -63.36
CA GLU C 232 -28.99 20.33 -62.39
C GLU C 232 -27.95 19.25 -62.63
N ALA C 233 -28.42 18.01 -62.86
CA ALA C 233 -27.51 16.89 -63.06
C ALA C 233 -26.64 17.12 -64.30
N GLY C 234 -27.26 17.58 -65.38
CA GLY C 234 -26.57 17.83 -66.63
C GLY C 234 -25.50 18.90 -66.43
N GLU C 235 -25.85 19.97 -65.70
CA GLU C 235 -24.96 21.09 -65.47
C GLU C 235 -23.70 20.65 -64.73
N ARG C 236 -23.86 19.73 -63.77
CA ARG C 236 -22.77 19.27 -62.93
C ARG C 236 -22.04 18.06 -63.52
N GLN C 237 -22.42 17.64 -64.75
CA GLN C 237 -21.90 16.46 -65.42
C GLN C 237 -22.00 15.22 -64.53
N ILE C 238 -23.10 15.14 -63.75
CA ILE C 238 -23.43 13.97 -62.93
C ILE C 238 -24.69 13.29 -63.50
N TYR C 239 -25.10 13.71 -64.70
CA TYR C 239 -26.32 13.26 -65.33
C TYR C 239 -26.37 11.75 -65.49
N HIS C 240 -25.27 11.14 -65.95
CA HIS C 240 -25.16 9.70 -66.12
C HIS C 240 -25.40 8.99 -64.80
N ARG C 241 -24.74 9.48 -63.74
CA ARG C 241 -24.88 8.92 -62.40
C ARG C 241 -26.33 9.07 -61.95
N TYR C 242 -26.92 10.24 -62.19
CA TYR C 242 -28.29 10.52 -61.78
C TYR C 242 -29.22 9.56 -62.50
N CYS C 243 -29.05 9.40 -63.81
CA CYS C 243 -29.92 8.53 -64.59
C CYS C 243 -29.87 7.12 -64.01
N MET C 244 -28.67 6.64 -63.68
CA MET C 244 -28.50 5.30 -63.11
C MET C 244 -29.24 5.17 -61.78
N GLU C 245 -29.10 6.16 -60.90
CA GLU C 245 -29.77 6.13 -59.61
C GLU C 245 -31.29 6.21 -59.78
N ARG C 246 -31.78 7.07 -60.65
CA ARG C 246 -33.22 7.24 -60.85
C ARG C 246 -33.81 6.01 -61.52
N ALA C 247 -33.11 5.45 -62.51
CA ALA C 247 -33.53 4.22 -63.18
C ALA C 247 -33.67 3.08 -62.17
N ALA C 248 -32.67 2.94 -61.26
CA ALA C 248 -32.74 1.98 -60.19
C ALA C 248 -33.98 2.20 -59.31
N ALA C 249 -34.27 3.46 -58.96
CA ALA C 249 -35.43 3.85 -58.19
C ALA C 249 -36.73 3.34 -58.85
N HIS C 250 -36.91 3.69 -60.13
CA HIS C 250 -38.10 3.29 -60.86
C HIS C 250 -38.19 1.76 -60.92
N CYS C 251 -37.04 1.09 -61.17
CA CYS C 251 -36.98 -0.36 -61.31
C CYS C 251 -37.36 -1.10 -60.03
N ALA C 252 -36.86 -0.62 -58.88
CA ALA C 252 -37.01 -1.34 -57.62
C ALA C 252 -38.48 -1.58 -57.30
N HIS C 253 -38.80 -2.83 -56.91
CA HIS C 253 -40.15 -3.16 -56.50
C HIS C 253 -40.50 -2.39 -55.23
N VAL C 254 -39.58 -2.35 -54.27
CA VAL C 254 -39.72 -1.51 -53.09
C VAL C 254 -38.59 -0.49 -53.10
N PHE C 255 -38.95 0.79 -53.04
CA PHE C 255 -37.95 1.83 -52.96
C PHE C 255 -37.96 2.41 -51.56
N THR C 256 -36.83 2.35 -50.87
CA THR C 256 -36.72 2.81 -49.50
C THR C 256 -35.63 3.88 -49.40
N THR C 257 -35.65 4.66 -48.31
CA THR C 257 -34.68 5.72 -48.09
C THR C 257 -34.25 5.68 -46.62
N VAL C 258 -33.07 6.23 -46.31
CA VAL C 258 -32.49 6.18 -44.98
C VAL C 258 -33.32 7.00 -43.98
N SER C 259 -33.83 8.17 -44.41
CA SER C 259 -34.55 9.03 -43.46
C SER C 259 -35.65 9.81 -44.17
N GLN C 260 -36.53 10.42 -43.37
CA GLN C 260 -37.65 11.20 -43.87
C GLN C 260 -37.17 12.40 -44.69
N ILE C 261 -36.07 13.04 -44.25
CA ILE C 261 -35.49 14.14 -44.98
C ILE C 261 -34.97 13.67 -46.35
N THR C 262 -34.31 12.50 -46.35
CA THR C 262 -33.81 11.88 -47.59
C THR C 262 -35.00 11.54 -48.50
N ALA C 263 -36.12 11.13 -47.88
CA ALA C 263 -37.35 10.80 -48.59
C ALA C 263 -37.86 12.03 -49.35
N ILE C 264 -37.86 13.20 -48.68
CA ILE C 264 -38.31 14.45 -49.30
C ILE C 264 -37.42 14.78 -50.49
N GLU C 265 -36.11 14.58 -50.36
CA GLU C 265 -35.18 14.76 -51.46
C GLU C 265 -35.52 13.83 -52.62
N ALA C 266 -35.78 12.54 -52.30
CA ALA C 266 -36.12 11.56 -53.34
C ALA C 266 -37.43 11.91 -54.05
N GLN C 267 -38.44 12.34 -53.30
CA GLN C 267 -39.76 12.63 -53.84
C GLN C 267 -39.65 13.73 -54.90
N HIS C 268 -38.84 14.76 -54.61
CA HIS C 268 -38.74 15.90 -55.49
C HIS C 268 -37.58 15.75 -56.47
N LEU C 269 -36.73 14.71 -56.34
CA LEU C 269 -35.66 14.49 -57.29
C LEU C 269 -35.79 13.20 -58.10
N LEU C 270 -35.74 12.06 -57.42
CA LEU C 270 -35.78 10.77 -58.10
C LEU C 270 -37.19 10.43 -58.58
N LYS C 271 -38.17 11.22 -58.13
CA LYS C 271 -39.55 11.13 -58.61
C LYS C 271 -40.23 9.84 -58.16
N ARG C 272 -39.70 9.20 -57.12
CA ARG C 272 -40.36 8.01 -56.57
C ARG C 272 -40.44 8.13 -55.06
N LYS C 273 -41.66 8.05 -54.52
CA LYS C 273 -41.88 8.14 -53.08
C LYS C 273 -41.32 6.89 -52.43
N PRO C 274 -40.54 7.00 -51.32
CA PRO C 274 -40.05 5.79 -50.65
C PRO C 274 -41.23 5.02 -50.08
N ASP C 275 -41.30 3.72 -50.39
CA ASP C 275 -42.39 2.86 -49.96
C ASP C 275 -42.38 2.70 -48.45
N ILE C 276 -41.18 2.51 -47.89
CA ILE C 276 -40.96 2.40 -46.46
C ILE C 276 -39.83 3.37 -46.11
N VAL C 277 -39.87 3.89 -44.87
CA VAL C 277 -38.79 4.75 -44.40
C VAL C 277 -37.88 3.95 -43.48
N THR C 278 -36.67 3.68 -43.96
CA THR C 278 -35.76 2.71 -43.39
C THR C 278 -34.57 3.43 -42.76
N PRO C 279 -34.53 3.58 -41.41
CA PRO C 279 -33.43 4.31 -40.78
C PRO C 279 -32.22 3.38 -40.62
N ASN C 280 -31.02 3.93 -40.74
CA ASN C 280 -29.80 3.21 -40.43
C ASN C 280 -29.66 3.11 -38.92
N GLY C 281 -28.89 2.14 -38.44
CA GLY C 281 -28.77 1.90 -37.01
C GLY C 281 -27.32 1.64 -36.61
N LEU C 282 -27.09 1.57 -35.30
CA LEU C 282 -25.78 1.21 -34.76
C LEU C 282 -25.98 0.01 -33.83
N ASN C 283 -25.05 -0.97 -33.84
CA ASN C 283 -25.10 -2.05 -32.88
C ASN C 283 -24.75 -1.44 -31.52
N VAL C 284 -25.78 -1.18 -30.70
CA VAL C 284 -25.57 -0.43 -29.46
C VAL C 284 -24.53 -1.08 -28.55
N LYS C 285 -24.59 -2.42 -28.42
CA LYS C 285 -23.69 -3.19 -27.59
C LYS C 285 -23.56 -2.57 -26.19
N LYS C 286 -22.33 -2.55 -25.65
CA LYS C 286 -22.03 -1.94 -24.37
C LYS C 286 -22.16 -0.42 -24.49
N PHE C 287 -21.72 0.13 -25.62
CA PHE C 287 -21.71 1.58 -25.80
C PHE C 287 -23.13 2.07 -26.09
N PHE C 293 -19.66 -0.17 -14.31
CA PHE C 293 -18.46 -0.54 -13.52
C PHE C 293 -17.45 0.62 -13.50
N GLN C 294 -17.28 1.26 -14.68
CA GLN C 294 -16.44 2.44 -14.82
C GLN C 294 -17.33 3.58 -15.33
N ASN C 295 -17.20 4.77 -14.73
CA ASN C 295 -17.91 5.92 -15.27
C ASN C 295 -17.02 6.50 -16.35
N LEU C 296 -17.38 6.26 -17.63
CA LEU C 296 -16.69 6.88 -18.74
C LEU C 296 -16.74 8.40 -18.65
N HIS C 297 -17.91 8.94 -18.28
CA HIS C 297 -18.05 10.39 -18.24
C HIS C 297 -17.00 10.98 -17.31
N ALA C 298 -16.84 10.42 -16.10
CA ALA C 298 -15.92 11.06 -15.15
C ALA C 298 -14.47 10.97 -15.66
N GLN C 299 -14.09 9.77 -16.10
CA GLN C 299 -12.70 9.55 -16.48
C GLN C 299 -12.39 10.42 -17.69
N SER C 300 -13.33 10.44 -18.65
CA SER C 300 -13.15 11.17 -19.88
C SER C 300 -13.11 12.67 -19.61
N LYS C 301 -13.99 13.16 -18.72
CA LYS C 301 -13.99 14.58 -18.37
C LYS C 301 -12.65 14.95 -17.75
N ALA C 302 -12.12 14.07 -16.88
CA ALA C 302 -10.81 14.33 -16.29
C ALA C 302 -9.78 14.50 -17.40
N ARG C 303 -9.74 13.57 -18.36
CA ARG C 303 -8.74 13.65 -19.42
C ARG C 303 -8.93 14.94 -20.22
N ILE C 304 -10.19 15.30 -20.51
CA ILE C 304 -10.50 16.54 -21.22
C ILE C 304 -10.05 17.74 -20.38
N GLN C 305 -10.32 17.70 -19.08
CA GLN C 305 -9.99 18.77 -18.15
C GLN C 305 -8.48 19.00 -18.14
N GLU C 306 -7.70 17.90 -18.17
CA GLU C 306 -6.25 17.98 -18.16
C GLU C 306 -5.76 18.64 -19.44
N PHE C 307 -6.37 18.29 -20.59
CA PHE C 307 -6.04 18.99 -21.82
C PHE C 307 -6.29 20.49 -21.66
N VAL C 308 -7.47 20.86 -21.12
CA VAL C 308 -7.84 22.26 -20.93
C VAL C 308 -6.82 22.95 -20.04
N ARG C 309 -6.47 22.32 -18.91
CA ARG C 309 -5.50 22.92 -17.98
C ARG C 309 -4.21 23.24 -18.72
N GLY C 310 -3.73 22.27 -19.49
CA GLY C 310 -2.51 22.41 -20.27
C GLY C 310 -2.59 23.50 -21.33
N HIS C 311 -3.69 23.51 -22.09
CA HIS C 311 -3.87 24.42 -23.23
C HIS C 311 -3.91 25.88 -22.77
N PHE C 312 -4.50 26.14 -21.59
CA PHE C 312 -4.65 27.51 -21.09
C PHE C 312 -3.39 28.07 -20.44
N TYR C 313 -2.43 27.22 -20.02
CA TYR C 313 -1.07 27.67 -19.68
C TYR C 313 -1.09 28.86 -18.72
N GLY C 314 -1.79 28.74 -17.58
CA GLY C 314 -1.83 29.77 -16.57
C GLY C 314 -2.81 30.92 -16.86
N HIS C 315 -3.69 30.70 -17.84
CA HIS C 315 -4.83 31.59 -18.07
C HIS C 315 -6.07 30.98 -17.43
N LEU C 316 -5.88 30.14 -16.41
CA LEU C 316 -6.94 29.40 -15.76
C LEU C 316 -7.60 30.27 -14.69
N ASP C 317 -8.34 31.29 -15.16
CA ASP C 317 -9.07 32.21 -14.30
C ASP C 317 -10.48 31.69 -14.02
N PHE C 318 -10.88 30.61 -14.69
CA PHE C 318 -12.25 30.12 -14.72
C PHE C 318 -12.34 28.76 -14.01
N ASN C 319 -13.40 28.59 -13.22
CA ASN C 319 -13.63 27.34 -12.52
C ASN C 319 -13.94 26.25 -13.53
N LEU C 320 -13.16 25.17 -13.48
CA LEU C 320 -13.40 24.03 -14.34
C LEU C 320 -14.49 23.10 -13.82
N ASP C 321 -14.89 23.27 -12.56
CA ASP C 321 -16.01 22.51 -12.02
C ASP C 321 -17.27 22.95 -12.75
N LYS C 322 -17.40 24.26 -12.98
CA LYS C 322 -18.55 24.85 -13.62
C LYS C 322 -18.43 24.83 -15.16
N THR C 323 -17.28 24.43 -15.68
CA THR C 323 -17.04 24.49 -17.12
C THR C 323 -17.80 23.35 -17.80
N LEU C 324 -18.36 23.66 -18.98
CA LEU C 324 -19.07 22.69 -19.82
C LEU C 324 -18.30 22.53 -21.13
N TYR C 325 -18.24 21.28 -21.61
CA TYR C 325 -17.61 21.02 -22.90
C TYR C 325 -18.69 20.64 -23.90
N PHE C 326 -18.67 21.35 -25.05
CA PHE C 326 -19.53 21.05 -26.19
C PHE C 326 -18.63 20.67 -27.37
N PHE C 327 -19.05 19.71 -28.20
CA PHE C 327 -18.20 19.29 -29.31
C PHE C 327 -19.02 19.04 -30.58
N ILE C 328 -18.38 19.26 -31.73
CA ILE C 328 -18.89 18.91 -33.03
C ILE C 328 -17.82 18.11 -33.75
N ALA C 329 -18.18 16.94 -34.27
CA ALA C 329 -17.23 16.07 -34.93
C ALA C 329 -17.61 15.83 -36.38
N GLY C 330 -17.16 14.73 -36.99
CA GLY C 330 -17.46 14.40 -38.37
C GLY C 330 -16.50 15.08 -39.33
N ARG C 331 -16.75 14.93 -40.63
CA ARG C 331 -15.81 15.37 -41.65
C ARG C 331 -15.85 16.89 -41.73
N TYR C 332 -14.83 17.48 -42.37
CA TYR C 332 -14.65 18.92 -42.40
C TYR C 332 -15.49 19.54 -43.52
N GLU C 333 -16.80 19.47 -43.37
CA GLU C 333 -17.67 20.20 -44.29
C GLU C 333 -18.31 21.31 -43.49
N PHE C 334 -17.97 22.57 -43.81
CA PHE C 334 -18.37 23.68 -42.95
C PHE C 334 -19.88 23.88 -43.03
N SER C 335 -20.40 24.03 -44.25
CA SER C 335 -21.81 24.30 -44.44
C SER C 335 -22.68 23.07 -44.14
N ASN C 336 -22.30 21.91 -44.71
CA ASN C 336 -23.09 20.69 -44.60
C ASN C 336 -23.22 20.24 -43.14
N LYS C 337 -22.10 20.18 -42.40
CA LYS C 337 -22.14 19.72 -41.03
C LYS C 337 -22.42 20.91 -40.11
N GLY C 338 -22.76 22.05 -40.71
CA GLY C 338 -23.29 23.20 -40.00
C GLY C 338 -22.44 23.62 -38.80
N ALA C 339 -21.13 23.78 -39.03
CA ALA C 339 -20.26 24.39 -38.03
C ALA C 339 -20.63 25.85 -37.83
N ASP C 340 -21.13 26.48 -38.90
CA ASP C 340 -21.47 27.89 -38.92
C ASP C 340 -22.51 28.21 -37.85
N VAL C 341 -23.57 27.40 -37.79
CA VAL C 341 -24.64 27.59 -36.82
C VAL C 341 -24.07 27.45 -35.41
N PHE C 342 -23.23 26.43 -35.18
CA PHE C 342 -22.58 26.27 -33.89
C PHE C 342 -21.73 27.49 -33.55
N LEU C 343 -20.92 27.97 -34.50
CA LEU C 343 -20.03 29.09 -34.22
C LEU C 343 -20.77 30.39 -33.99
N GLU C 344 -21.56 30.87 -34.98
CA GLU C 344 -22.35 32.07 -34.78
C GLU C 344 -23.10 32.02 -33.43
N ALA C 345 -23.62 30.80 -33.14
CA ALA C 345 -24.36 30.61 -31.90
C ALA C 345 -23.49 30.73 -30.67
N LEU C 346 -22.21 30.30 -30.77
CA LEU C 346 -21.25 30.40 -29.67
C LEU C 346 -20.94 31.86 -29.37
N ALA C 347 -20.81 32.69 -30.41
CA ALA C 347 -20.58 34.11 -30.23
C ALA C 347 -21.74 34.76 -29.47
N ARG C 348 -22.98 34.41 -29.85
CA ARG C 348 -24.17 34.90 -29.17
C ARG C 348 -24.24 34.40 -27.72
N LEU C 349 -23.87 33.13 -27.50
CA LEU C 349 -23.78 32.54 -26.17
C LEU C 349 -22.75 33.27 -25.32
N ASN C 350 -21.59 33.62 -25.91
CA ASN C 350 -20.55 34.41 -25.24
C ASN C 350 -21.13 35.71 -24.71
N TYR C 351 -21.83 36.44 -25.58
CA TYR C 351 -22.46 37.69 -25.24
C TYR C 351 -23.42 37.52 -24.06
N LEU C 352 -24.31 36.51 -24.13
CA LEU C 352 -25.29 36.24 -23.09
C LEU C 352 -24.63 35.90 -21.75
N LEU C 353 -23.58 35.06 -21.79
CA LEU C 353 -22.87 34.65 -20.58
C LEU C 353 -22.13 35.85 -19.96
N ARG C 354 -21.56 36.73 -20.79
CA ARG C 354 -20.87 37.93 -20.33
C ARG C 354 -21.82 38.90 -19.64
N VAL C 355 -22.93 39.23 -20.33
CA VAL C 355 -23.89 40.23 -19.86
C VAL C 355 -24.56 39.76 -18.56
N ASN C 356 -24.85 38.46 -18.45
CA ASN C 356 -25.40 37.87 -17.24
C ASN C 356 -24.38 37.44 -16.18
N GLY C 357 -23.07 37.52 -16.48
CA GLY C 357 -22.03 37.32 -15.48
C GLY C 357 -22.05 35.91 -14.91
N SER C 358 -22.34 34.93 -15.78
CA SER C 358 -22.43 33.54 -15.38
C SER C 358 -21.05 32.96 -15.08
N GLU C 359 -20.96 32.27 -13.93
CA GLU C 359 -19.77 31.56 -13.52
C GLU C 359 -19.42 30.45 -14.52
N GLN C 360 -20.45 29.88 -15.18
CA GLN C 360 -20.30 28.85 -16.18
C GLN C 360 -19.51 29.32 -17.38
N THR C 361 -18.59 28.46 -17.83
CA THR C 361 -17.71 28.72 -18.95
C THR C 361 -17.81 27.55 -19.91
N VAL C 362 -17.98 27.85 -21.21
CA VAL C 362 -18.19 26.81 -22.19
C VAL C 362 -16.92 26.64 -23.00
N VAL C 363 -16.42 25.40 -23.14
CA VAL C 363 -15.27 25.11 -23.98
C VAL C 363 -15.77 24.26 -25.15
N ALA C 364 -15.78 24.84 -26.36
CA ALA C 364 -16.39 24.14 -27.49
C ALA C 364 -15.30 23.45 -28.30
N PHE C 365 -15.14 22.14 -28.17
CA PHE C 365 -14.06 21.44 -28.83
C PHE C 365 -14.43 20.91 -30.22
N PHE C 366 -14.49 21.78 -31.20
CA PHE C 366 -14.66 21.30 -32.57
C PHE C 366 -13.55 20.32 -32.91
N ILE C 367 -13.86 19.05 -33.22
CA ILE C 367 -12.87 18.13 -33.76
C ILE C 367 -13.30 17.91 -35.21
N MET C 368 -12.43 18.19 -36.18
CA MET C 368 -12.88 18.07 -37.55
C MET C 368 -11.70 17.69 -38.43
N PRO C 369 -11.46 16.38 -38.69
CA PRO C 369 -10.35 15.91 -39.52
C PRO C 369 -9.98 16.91 -40.62
N ALA C 370 -8.88 17.65 -40.40
CA ALA C 370 -8.38 18.62 -41.35
C ALA C 370 -6.87 18.46 -41.51
N ARG C 371 -6.29 19.16 -42.49
CA ARG C 371 -4.88 19.02 -42.83
C ARG C 371 -4.04 19.92 -41.91
N THR C 372 -3.13 19.30 -41.15
CA THR C 372 -2.31 20.01 -40.18
C THR C 372 -0.86 19.57 -40.31
N ASN C 373 0.09 20.50 -40.12
CA ASN C 373 1.50 20.17 -40.21
C ASN C 373 1.95 19.42 -38.96
N ASN C 374 1.62 19.97 -37.78
CA ASN C 374 2.08 19.42 -36.50
C ASN C 374 1.33 20.10 -35.36
N PHE C 375 1.46 19.61 -34.13
CA PHE C 375 0.95 20.30 -32.95
C PHE C 375 1.58 21.70 -32.89
N ASN C 376 0.76 22.73 -32.63
CA ASN C 376 1.23 24.10 -32.53
C ASN C 376 2.21 24.22 -31.37
N VAL C 377 3.18 25.13 -31.49
CA VAL C 377 4.20 25.33 -30.47
C VAL C 377 3.52 25.54 -29.11
N GLU C 378 2.58 26.49 -29.03
CA GLU C 378 1.98 26.89 -27.76
C GLU C 378 1.24 25.71 -27.13
N THR C 379 0.47 24.96 -27.95
CA THR C 379 -0.32 23.84 -27.46
C THR C 379 0.58 22.76 -26.88
N LEU C 380 1.65 22.43 -27.59
CA LEU C 380 2.62 21.43 -27.13
C LEU C 380 3.29 21.91 -25.84
N LYS C 381 3.74 23.16 -25.84
CA LYS C 381 4.40 23.77 -24.69
C LYS C 381 3.43 23.79 -23.51
N GLY C 382 2.16 24.12 -23.78
CA GLY C 382 1.13 24.19 -22.76
C GLY C 382 0.99 22.85 -22.03
N GLN C 383 0.91 21.77 -22.82
CA GLN C 383 0.82 20.43 -22.25
C GLN C 383 2.09 20.10 -21.46
N ALA C 384 3.25 20.55 -21.95
CA ALA C 384 4.52 20.32 -21.25
C ALA C 384 4.54 21.05 -19.90
N VAL C 385 4.04 22.29 -19.84
CA VAL C 385 4.00 23.02 -18.58
C VAL C 385 3.03 22.34 -17.62
N ARG C 386 1.91 21.83 -18.11
CA ARG C 386 1.01 21.07 -17.26
C ARG C 386 1.75 19.86 -16.69
N LYS C 387 2.55 19.19 -17.53
CA LYS C 387 3.38 18.09 -17.07
C LYS C 387 4.35 18.58 -16.00
N GLN C 388 5.01 19.73 -16.23
CA GLN C 388 5.99 20.24 -15.29
C GLN C 388 5.30 20.54 -13.95
N LEU C 389 4.15 21.20 -13.98
CA LEU C 389 3.42 21.54 -12.76
C LEU C 389 3.03 20.26 -12.03
N TRP C 390 2.55 19.26 -12.77
CA TRP C 390 2.19 17.99 -12.15
C TRP C 390 3.40 17.32 -11.51
N ASP C 391 4.53 17.35 -12.21
CA ASP C 391 5.76 16.73 -11.71
C ASP C 391 6.25 17.44 -10.46
N THR C 392 6.21 18.79 -10.46
CA THR C 392 6.56 19.59 -9.29
C THR C 392 5.64 19.22 -8.13
N ALA C 393 4.33 19.14 -8.40
CA ALA C 393 3.38 18.71 -7.39
C ALA C 393 3.77 17.35 -6.81
N ASN C 394 4.10 16.39 -7.67
CA ASN C 394 4.42 15.05 -7.19
C ASN C 394 5.69 15.08 -6.33
N THR C 395 6.72 15.84 -6.77
CA THR C 395 7.97 15.86 -6.00
C THR C 395 7.71 16.49 -4.63
N VAL C 396 6.98 17.60 -4.60
CA VAL C 396 6.73 18.29 -3.33
C VAL C 396 5.80 17.43 -2.48
N LYS C 397 4.78 16.84 -3.11
CA LYS C 397 3.79 16.01 -2.42
C LYS C 397 4.49 14.85 -1.72
N GLU C 398 5.40 14.16 -2.40
CA GLU C 398 6.13 13.03 -1.82
C GLU C 398 6.95 13.49 -0.61
N LYS C 399 7.63 14.63 -0.76
CA LYS C 399 8.44 15.19 0.30
C LYS C 399 7.57 15.57 1.50
N PHE C 400 6.39 16.17 1.24
CA PHE C 400 5.42 16.47 2.28
C PHE C 400 4.98 15.16 2.92
N GLY C 401 4.73 14.13 2.09
CA GLY C 401 4.31 12.82 2.55
C GLY C 401 5.27 12.27 3.60
N ARG C 402 6.56 12.28 3.26
CA ARG C 402 7.60 11.78 4.15
C ARG C 402 7.61 12.61 5.44
N LYS C 403 7.63 13.94 5.29
CA LYS C 403 7.74 14.80 6.47
C LYS C 403 6.50 14.68 7.35
N LEU C 404 5.31 14.59 6.73
CA LEU C 404 4.09 14.40 7.49
C LEU C 404 4.15 13.06 8.20
N TYR C 405 4.55 11.99 7.51
CA TYR C 405 4.57 10.67 8.11
C TYR C 405 5.54 10.65 9.30
N GLU C 406 6.70 11.30 9.14
CA GLU C 406 7.65 11.41 10.24
C GLU C 406 7.04 12.21 11.40
N SER C 407 6.37 13.33 11.08
CA SER C 407 5.80 14.18 12.11
C SER C 407 4.66 13.47 12.83
N LEU C 408 3.82 12.75 12.08
CA LEU C 408 2.70 12.05 12.70
C LEU C 408 3.23 10.94 13.59
N LEU C 409 4.33 10.29 13.19
CA LEU C 409 4.90 9.21 14.01
C LEU C 409 5.40 9.74 15.35
N VAL C 410 6.01 10.94 15.36
CA VAL C 410 6.46 11.56 16.58
C VAL C 410 5.25 11.83 17.49
N GLY C 411 4.10 12.15 16.89
CA GLY C 411 2.88 12.44 17.64
C GLY C 411 2.52 13.92 17.64
N SER C 412 3.13 14.70 16.73
CA SER C 412 2.84 16.11 16.57
C SER C 412 2.15 16.37 15.23
N LEU C 413 1.12 17.23 15.24
CA LEU C 413 0.44 17.70 14.04
C LEU C 413 1.46 18.40 13.15
N PRO C 414 1.36 18.34 11.80
CA PRO C 414 2.34 18.96 10.92
C PRO C 414 2.50 20.45 11.18
N ASP C 415 3.76 20.90 11.21
CA ASP C 415 4.01 22.33 11.36
C ASP C 415 3.95 22.90 9.96
N MET C 416 2.86 23.62 9.65
CA MET C 416 2.72 24.30 8.37
C MET C 416 3.79 25.39 8.31
N ASN C 417 4.34 25.60 7.11
CA ASN C 417 5.41 26.56 6.90
C ASN C 417 6.78 25.97 7.24
N LYS C 418 6.85 24.77 7.82
CA LYS C 418 8.11 24.06 8.01
C LYS C 418 8.19 22.83 7.11
N MET C 419 7.04 22.36 6.60
CA MET C 419 6.96 21.18 5.76
C MET C 419 7.78 21.37 4.48
N LEU C 420 7.72 22.56 3.88
CA LEU C 420 8.35 22.78 2.59
C LEU C 420 9.81 23.23 2.80
N ASP C 421 10.74 22.49 2.17
CA ASP C 421 12.16 22.79 2.23
C ASP C 421 12.51 23.89 1.23
N LYS C 422 13.73 24.45 1.33
CA LYS C 422 14.18 25.53 0.46
C LYS C 422 14.23 25.05 -0.99
N GLU C 423 14.66 23.81 -1.20
CA GLU C 423 14.71 23.21 -2.53
C GLU C 423 13.31 23.18 -3.15
N ASP C 424 12.32 22.78 -2.35
CA ASP C 424 10.94 22.69 -2.78
C ASP C 424 10.43 24.07 -3.23
N PHE C 425 10.85 25.14 -2.56
CA PHE C 425 10.48 26.47 -3.03
C PHE C 425 11.09 26.74 -4.39
N THR C 426 12.36 26.36 -4.61
CA THR C 426 12.98 26.63 -5.91
C THR C 426 12.30 25.83 -7.01
N MET C 427 11.92 24.58 -6.70
CA MET C 427 11.17 23.74 -7.62
C MET C 427 9.84 24.41 -7.99
N MET C 428 9.13 24.89 -6.97
CA MET C 428 7.79 25.45 -7.20
C MET C 428 7.93 26.83 -7.85
N LYS C 429 8.94 27.61 -7.49
CA LYS C 429 9.16 28.93 -8.07
C LYS C 429 9.41 28.80 -9.57
N ARG C 430 10.16 27.76 -9.99
CA ARG C 430 10.41 27.52 -11.41
C ARG C 430 9.07 27.18 -12.09
N ALA C 431 8.26 26.35 -11.40
CA ALA C 431 6.98 25.91 -11.92
C ALA C 431 6.05 27.11 -12.11
N ILE C 432 5.96 28.01 -11.12
CA ILE C 432 5.12 29.20 -11.22
C ILE C 432 5.62 30.10 -12.34
N PHE C 433 6.94 30.11 -12.57
CA PHE C 433 7.54 30.87 -13.65
C PHE C 433 7.16 30.26 -15.00
N ALA C 434 7.05 28.94 -15.04
CA ALA C 434 6.64 28.20 -16.23
C ALA C 434 5.19 28.55 -16.59
N THR C 435 4.31 28.62 -15.59
CA THR C 435 2.88 28.84 -15.82
C THR C 435 2.58 30.34 -15.91
N GLN C 436 3.29 31.04 -16.80
CA GLN C 436 3.08 32.46 -17.07
C GLN C 436 3.02 32.66 -18.57
N ARG C 437 1.92 33.26 -19.06
CA ARG C 437 1.80 33.63 -20.46
C ARG C 437 1.13 35.00 -20.56
N GLN C 438 1.51 35.76 -21.58
CA GLN C 438 0.88 37.03 -21.88
C GLN C 438 -0.06 36.91 -23.08
N SER C 439 0.30 36.03 -24.02
CA SER C 439 -0.52 35.76 -25.20
C SER C 439 -1.76 34.96 -24.81
N PHE C 440 -2.91 35.28 -25.41
CA PHE C 440 -4.14 34.56 -25.16
C PHE C 440 -4.00 33.12 -25.64
N PRO C 441 -4.58 32.13 -24.92
CA PRO C 441 -4.37 30.71 -25.24
C PRO C 441 -4.85 30.37 -26.65
N PRO C 442 -4.14 29.47 -27.39
CA PRO C 442 -4.45 29.16 -28.79
C PRO C 442 -5.86 28.65 -29.02
N VAL C 443 -6.39 28.92 -30.22
CA VAL C 443 -7.71 28.44 -30.58
C VAL C 443 -7.62 27.21 -31.48
N CYS C 444 -6.41 26.76 -31.82
CA CYS C 444 -6.28 25.59 -32.68
C CYS C 444 -5.09 24.70 -32.31
N THR C 445 -5.37 23.46 -31.87
CA THR C 445 -4.33 22.68 -31.20
C THR C 445 -3.23 22.27 -32.18
N HIS C 446 -3.60 21.85 -33.38
CA HIS C 446 -2.64 21.57 -34.44
C HIS C 446 -2.42 22.79 -35.31
N ASN C 447 -1.18 23.07 -35.74
CA ASN C 447 -0.94 24.20 -36.62
C ASN C 447 -1.53 23.90 -38.00
N MET C 448 -2.26 24.86 -38.59
CA MET C 448 -2.92 24.65 -39.85
C MET C 448 -1.95 24.84 -41.01
N LEU C 449 -2.09 24.01 -42.06
CA LEU C 449 -1.33 24.23 -43.29
C LEU C 449 -1.65 25.61 -43.86
N ASP C 450 -2.94 25.93 -43.87
CA ASP C 450 -3.40 27.24 -44.33
C ASP C 450 -4.41 27.80 -43.34
N ASP C 451 -3.98 28.65 -42.40
CA ASP C 451 -4.84 29.19 -41.35
C ASP C 451 -5.92 30.10 -41.90
N SER C 452 -5.55 30.91 -42.91
CA SER C 452 -6.49 31.84 -43.53
C SER C 452 -7.65 31.08 -44.18
N SER C 453 -7.33 29.95 -44.82
CA SER C 453 -8.29 29.19 -45.58
C SER C 453 -9.33 28.54 -44.67
N ASP C 454 -8.91 28.04 -43.49
CA ASP C 454 -9.81 27.26 -42.64
C ASP C 454 -11.08 28.07 -42.38
N PRO C 455 -12.29 27.57 -42.78
CA PRO C 455 -13.53 28.28 -42.47
C PRO C 455 -13.78 28.40 -40.97
N ILE C 456 -13.51 27.32 -40.21
CA ILE C 456 -13.74 27.34 -38.77
C ILE C 456 -12.90 28.46 -38.15
N LEU C 457 -11.59 28.48 -38.45
CA LEU C 457 -10.69 29.44 -37.83
C LEU C 457 -11.04 30.86 -38.24
N THR C 458 -11.38 31.09 -39.51
CA THR C 458 -11.77 32.42 -39.97
C THR C 458 -12.94 32.96 -39.15
N THR C 459 -13.93 32.11 -38.91
CA THR C 459 -15.11 32.49 -38.13
C THR C 459 -14.76 32.75 -36.66
N ILE C 460 -13.91 31.90 -36.06
CA ILE C 460 -13.48 32.06 -34.67
C ILE C 460 -12.89 33.46 -34.44
N ARG C 461 -12.20 33.99 -35.44
CA ARG C 461 -11.65 35.34 -35.41
C ARG C 461 -12.76 36.37 -35.56
N ARG C 462 -13.58 36.23 -36.61
CA ARG C 462 -14.61 37.18 -36.99
C ARG C 462 -15.65 37.36 -35.87
N ILE C 463 -16.11 36.24 -35.31
CA ILE C 463 -17.13 36.24 -34.27
C ILE C 463 -16.65 36.96 -33.01
N GLY C 464 -15.34 36.93 -32.76
CA GLY C 464 -14.70 37.58 -31.62
C GLY C 464 -14.46 36.57 -30.49
N LEU C 465 -14.07 35.37 -30.89
CA LEU C 465 -13.59 34.40 -29.92
C LEU C 465 -12.09 34.17 -30.13
N PHE C 466 -11.27 34.92 -29.39
CA PHE C 466 -9.84 34.71 -29.33
C PHE C 466 -9.43 34.10 -28.00
N ASN C 467 -10.39 33.55 -27.23
CA ASN C 467 -10.16 32.91 -25.94
C ASN C 467 -9.47 33.83 -24.93
N SER C 468 -9.80 35.13 -24.98
CA SER C 468 -9.35 36.10 -23.99
C SER C 468 -9.84 35.71 -22.59
N SER C 469 -9.14 36.17 -21.56
CA SER C 469 -9.54 35.98 -20.17
C SER C 469 -11.00 36.36 -19.91
N ALA C 470 -11.46 37.41 -20.60
CA ALA C 470 -12.81 37.96 -20.43
C ALA C 470 -13.87 37.03 -21.05
N ASP C 471 -13.51 36.31 -22.12
CA ASP C 471 -14.44 35.47 -22.86
C ASP C 471 -14.89 34.30 -21.98
N ARG C 472 -16.22 34.04 -21.98
CA ARG C 472 -16.74 32.86 -21.29
C ARG C 472 -16.87 31.68 -22.23
N VAL C 473 -16.64 31.89 -23.52
CA VAL C 473 -16.68 30.76 -24.47
C VAL C 473 -15.33 30.68 -25.18
N LYS C 474 -14.63 29.55 -24.97
CA LYS C 474 -13.32 29.29 -25.55
C LYS C 474 -13.41 28.12 -26.51
N VAL C 475 -12.97 28.35 -27.74
CA VAL C 475 -13.10 27.38 -28.80
C VAL C 475 -11.74 26.78 -29.10
N ILE C 476 -11.69 25.43 -29.04
CA ILE C 476 -10.49 24.63 -29.27
C ILE C 476 -10.68 23.75 -30.51
N PHE C 477 -10.19 24.20 -31.67
CA PHE C 477 -10.37 23.41 -32.89
C PHE C 477 -9.24 22.41 -33.01
N HIS C 478 -9.55 21.11 -32.87
CA HIS C 478 -8.54 20.05 -32.97
C HIS C 478 -8.64 19.43 -34.37
N PRO C 479 -7.76 19.81 -35.33
CA PRO C 479 -7.88 19.35 -36.71
C PRO C 479 -7.66 17.85 -36.95
N GLU C 480 -6.87 17.23 -36.08
CA GLU C 480 -6.56 15.83 -36.31
C GLU C 480 -7.73 15.00 -35.79
N PHE C 481 -8.10 13.90 -36.48
CA PHE C 481 -9.03 12.95 -35.89
C PHE C 481 -8.46 12.47 -34.56
N LEU C 482 -9.24 12.60 -33.47
CA LEU C 482 -8.72 12.30 -32.15
C LEU C 482 -8.25 10.85 -32.12
N SER C 483 -7.08 10.61 -31.53
CA SER C 483 -6.53 9.27 -31.41
C SER C 483 -5.86 9.08 -30.04
N SER C 484 -5.76 7.82 -29.61
CA SER C 484 -5.15 7.47 -28.32
C SER C 484 -3.67 7.84 -28.30
N THR C 485 -3.00 7.75 -29.46
CA THR C 485 -1.56 7.91 -29.54
C THR C 485 -1.13 9.35 -29.25
N SER C 486 -1.97 10.33 -29.64
CA SER C 486 -1.61 11.74 -29.54
C SER C 486 -1.29 12.14 -28.10
N PRO C 487 -0.20 12.92 -27.88
CA PRO C 487 0.13 13.49 -26.56
C PRO C 487 -0.93 14.40 -25.95
N LEU C 488 -1.51 15.30 -26.75
CA LEU C 488 -2.58 16.17 -26.28
C LEU C 488 -3.89 15.39 -26.37
N LEU C 489 -4.71 15.44 -25.31
CA LEU C 489 -6.01 14.78 -25.27
C LEU C 489 -5.83 13.31 -25.67
N PRO C 490 -5.20 12.47 -24.81
CA PRO C 490 -4.91 11.07 -25.15
C PRO C 490 -6.14 10.20 -25.41
N VAL C 491 -7.35 10.68 -25.13
CA VAL C 491 -8.58 9.92 -25.24
C VAL C 491 -8.85 9.59 -26.72
N ASP C 492 -9.34 8.38 -27.00
CA ASP C 492 -9.88 8.01 -28.31
C ASP C 492 -11.22 8.74 -28.52
N TYR C 493 -11.63 8.92 -29.77
CA TYR C 493 -12.87 9.61 -30.09
C TYR C 493 -14.01 9.13 -29.19
N GLU C 494 -14.12 7.82 -28.95
CA GLU C 494 -15.20 7.33 -28.11
C GLU C 494 -15.15 7.96 -26.71
N GLU C 495 -13.94 7.96 -26.12
CA GLU C 495 -13.79 8.45 -24.76
C GLU C 495 -13.96 9.96 -24.71
N PHE C 496 -13.46 10.72 -25.70
CA PHE C 496 -13.70 12.16 -25.70
C PHE C 496 -15.18 12.49 -25.81
N VAL C 497 -15.90 11.78 -26.69
CA VAL C 497 -17.35 11.98 -26.82
C VAL C 497 -18.01 11.78 -25.46
N ARG C 498 -17.64 10.69 -24.75
CA ARG C 498 -18.24 10.34 -23.47
C ARG C 498 -17.98 11.43 -22.43
N GLY C 499 -16.82 12.09 -22.52
CA GLY C 499 -16.42 13.11 -21.54
C GLY C 499 -17.24 14.40 -21.65
N CYS C 500 -17.53 14.80 -22.90
CA CYS C 500 -18.19 16.06 -23.16
C CYS C 500 -19.61 16.07 -22.62
N HIS C 501 -20.05 17.27 -22.24
CA HIS C 501 -21.35 17.45 -21.62
C HIS C 501 -22.47 17.40 -22.67
N LEU C 502 -22.18 17.95 -23.86
CA LEU C 502 -23.17 18.14 -24.92
C LEU C 502 -22.49 18.04 -26.28
N GLY C 503 -23.24 17.55 -27.27
CA GLY C 503 -22.69 17.42 -28.60
C GLY C 503 -23.54 18.20 -29.59
N VAL C 504 -22.98 19.33 -30.06
CA VAL C 504 -23.78 20.19 -30.91
C VAL C 504 -23.47 19.83 -32.35
N PHE C 505 -24.46 19.22 -33.04
CA PHE C 505 -24.23 18.78 -34.42
C PHE C 505 -25.31 19.34 -35.33
N PRO C 506 -25.32 20.66 -35.64
CA PRO C 506 -26.34 21.25 -36.51
C PRO C 506 -25.91 20.94 -37.93
N SER C 507 -26.81 20.44 -38.79
CA SER C 507 -26.36 19.93 -40.08
C SER C 507 -27.35 20.25 -41.18
N TYR C 508 -26.84 20.81 -42.29
CA TYR C 508 -27.73 21.23 -43.36
C TYR C 508 -28.15 20.02 -44.19
N TYR C 509 -27.18 19.22 -44.64
CA TYR C 509 -27.49 18.18 -45.62
C TYR C 509 -27.52 16.75 -45.07
N GLU C 510 -26.95 16.52 -43.90
CA GLU C 510 -26.74 15.16 -43.43
C GLU C 510 -27.95 14.28 -43.73
N PRO C 511 -27.82 13.25 -44.60
CA PRO C 511 -28.95 12.37 -44.90
C PRO C 511 -29.27 11.49 -43.70
N TRP C 512 -28.22 10.94 -43.07
CA TRP C 512 -28.36 10.31 -41.76
C TRP C 512 -27.15 10.76 -40.96
N GLY C 513 -27.43 11.21 -39.73
CA GLY C 513 -26.35 11.72 -38.89
C GLY C 513 -25.65 10.57 -38.18
N TYR C 514 -24.58 10.02 -38.78
CA TYR C 514 -23.86 8.93 -38.16
C TYR C 514 -23.19 9.41 -36.87
N THR C 515 -22.57 10.60 -36.93
CA THR C 515 -21.90 11.20 -35.79
C THR C 515 -22.90 11.51 -34.66
N PRO C 516 -24.01 12.24 -34.91
CA PRO C 516 -25.04 12.48 -33.90
C PRO C 516 -25.60 11.19 -33.31
N ALA C 517 -25.80 10.17 -34.17
CA ALA C 517 -26.37 8.89 -33.73
C ALA C 517 -25.45 8.22 -32.71
N GLU C 518 -24.14 8.17 -33.01
CA GLU C 518 -23.13 7.63 -32.11
C GLU C 518 -23.19 8.33 -30.76
N CYS C 519 -23.23 9.67 -30.78
CA CYS C 519 -23.30 10.48 -29.58
C CYS C 519 -24.52 10.10 -28.72
N THR C 520 -25.69 9.96 -29.35
CA THR C 520 -26.93 9.65 -28.66
C THR C 520 -26.88 8.25 -28.04
N VAL C 521 -26.31 7.27 -28.75
CA VAL C 521 -26.17 5.90 -28.26
C VAL C 521 -25.25 5.91 -27.03
N MET C 522 -24.26 6.81 -27.03
CA MET C 522 -23.45 7.08 -25.86
C MET C 522 -24.29 8.04 -25.03
N GLY C 523 -24.04 8.24 -23.73
CA GLY C 523 -25.00 8.96 -22.91
C GLY C 523 -25.30 10.40 -23.36
N ILE C 524 -24.52 10.90 -24.32
CA ILE C 524 -24.33 12.32 -24.53
C ILE C 524 -25.59 12.91 -25.12
N PRO C 525 -26.18 13.98 -24.52
CA PRO C 525 -27.28 14.72 -25.16
C PRO C 525 -26.70 15.41 -26.40
N SER C 526 -27.44 15.41 -27.50
CA SER C 526 -26.96 15.91 -28.78
C SER C 526 -28.01 16.81 -29.41
N ILE C 527 -27.58 18.00 -29.87
CA ILE C 527 -28.49 18.97 -30.46
C ILE C 527 -28.48 18.84 -31.98
N SER C 528 -29.22 17.87 -32.54
CA SER C 528 -29.24 17.61 -33.97
C SER C 528 -30.26 18.51 -34.67
N THR C 529 -30.53 18.33 -35.96
CA THR C 529 -31.36 19.29 -36.67
C THR C 529 -32.45 18.58 -37.48
N ASN C 530 -33.48 19.32 -37.87
CA ASN C 530 -34.61 18.78 -38.60
C ASN C 530 -34.18 18.41 -40.00
N LEU C 531 -33.05 18.95 -40.48
CA LEU C 531 -32.56 18.57 -41.79
C LEU C 531 -31.73 17.29 -41.71
N SER C 532 -31.28 16.94 -40.52
CA SER C 532 -30.57 15.69 -40.29
C SER C 532 -31.56 14.54 -40.21
N GLY C 533 -31.13 13.39 -40.72
CA GLY C 533 -31.90 12.15 -40.64
C GLY C 533 -32.17 11.73 -39.21
N PHE C 534 -31.13 11.83 -38.38
CA PHE C 534 -31.24 11.52 -36.97
C PHE C 534 -32.25 12.45 -36.30
N GLY C 535 -32.22 13.72 -36.70
CA GLY C 535 -33.15 14.71 -36.17
C GLY C 535 -34.59 14.38 -36.51
N CYS C 536 -34.85 14.11 -37.79
CA CYS C 536 -36.19 13.75 -38.24
C CYS C 536 -36.67 12.52 -37.49
N PHE C 537 -35.78 11.51 -37.36
CA PHE C 537 -36.08 10.27 -36.68
C PHE C 537 -36.53 10.53 -35.25
N MET C 538 -35.78 11.40 -34.55
CA MET C 538 -36.04 11.71 -33.14
C MET C 538 -37.37 12.45 -32.97
N GLU C 539 -37.68 13.39 -33.89
CA GLU C 539 -38.93 14.12 -33.85
C GLU C 539 -40.10 13.16 -33.96
N GLU C 540 -40.01 12.23 -34.93
CA GLU C 540 -41.06 11.26 -35.20
C GLU C 540 -41.29 10.35 -33.99
N HIS C 541 -40.18 9.96 -33.33
CA HIS C 541 -40.22 8.94 -32.29
C HIS C 541 -40.30 9.52 -30.87
N ILE C 542 -40.04 10.82 -30.71
CA ILE C 542 -40.12 11.44 -29.40
C ILE C 542 -40.98 12.70 -29.44
N ALA C 543 -42.04 12.70 -28.62
CA ALA C 543 -42.97 13.83 -28.50
C ALA C 543 -42.27 15.04 -27.86
N ASP C 544 -41.50 14.77 -26.81
CA ASP C 544 -41.00 15.78 -25.88
C ASP C 544 -39.46 15.76 -25.87
N PRO C 545 -38.81 16.28 -26.93
CA PRO C 545 -37.42 15.91 -27.22
C PRO C 545 -36.43 16.41 -26.16
N SER C 546 -36.66 17.64 -25.69
CA SER C 546 -35.69 18.40 -24.89
C SER C 546 -35.39 17.74 -23.55
N ALA C 547 -36.44 17.20 -22.91
CA ALA C 547 -36.28 16.40 -21.69
C ALA C 547 -35.39 15.17 -21.96
N TYR C 548 -35.56 14.59 -23.15
CA TYR C 548 -34.84 13.41 -23.57
C TYR C 548 -33.49 13.78 -24.18
N GLY C 549 -33.17 15.08 -24.26
CA GLY C 549 -31.82 15.54 -24.58
C GLY C 549 -31.69 15.90 -26.07
N ILE C 550 -32.54 15.34 -26.93
CA ILE C 550 -32.30 15.53 -28.35
C ILE C 550 -33.08 16.75 -28.79
N TYR C 551 -32.43 17.92 -28.63
CA TYR C 551 -32.94 19.19 -29.11
C TYR C 551 -32.83 19.22 -30.64
N ILE C 552 -33.91 19.65 -31.31
CA ILE C 552 -33.95 19.57 -32.76
C ILE C 552 -34.07 21.01 -33.26
N LEU C 553 -32.93 21.55 -33.67
CA LEU C 553 -32.89 22.90 -34.24
C LEU C 553 -33.57 22.82 -35.60
N ASP C 554 -34.52 23.70 -35.91
CA ASP C 554 -35.21 23.57 -37.20
C ASP C 554 -34.58 24.48 -38.23
N ARG C 555 -34.20 23.94 -39.39
CA ARG C 555 -33.71 24.79 -40.46
C ARG C 555 -34.49 24.61 -41.76
N ARG C 556 -35.51 23.76 -41.72
CA ARG C 556 -36.31 23.50 -42.92
C ARG C 556 -37.38 24.57 -43.09
N PHE C 557 -37.93 25.09 -41.99
CA PHE C 557 -38.97 26.12 -42.05
C PHE C 557 -38.46 27.47 -41.54
N ARG C 558 -37.15 27.62 -41.36
CA ARG C 558 -36.59 28.85 -40.81
C ARG C 558 -35.53 29.44 -41.75
N SER C 559 -35.09 30.66 -41.42
CA SER C 559 -33.97 31.33 -42.05
C SER C 559 -32.70 31.07 -41.24
N LEU C 560 -31.53 31.34 -41.83
CA LEU C 560 -30.24 30.99 -41.25
C LEU C 560 -30.02 31.71 -39.92
N ASP C 561 -30.32 33.02 -39.88
CA ASP C 561 -30.09 33.81 -38.69
C ASP C 561 -31.04 33.40 -37.55
N ASP C 562 -32.31 33.17 -37.89
CA ASP C 562 -33.31 32.72 -36.94
C ASP C 562 -32.94 31.34 -36.37
N SER C 563 -32.38 30.47 -37.22
CA SER C 563 -31.87 29.16 -36.79
C SER C 563 -30.71 29.33 -35.81
N CYS C 564 -29.77 30.21 -36.12
CA CYS C 564 -28.67 30.53 -35.21
C CYS C 564 -29.21 30.98 -33.85
N SER C 565 -30.17 31.91 -33.85
CA SER C 565 -30.83 32.40 -32.65
C SER C 565 -31.50 31.25 -31.88
N GLN C 566 -32.10 30.30 -32.63
CA GLN C 566 -32.70 29.12 -32.03
C GLN C 566 -31.63 28.25 -31.36
N LEU C 567 -30.47 28.07 -32.04
CA LEU C 567 -29.40 27.30 -31.44
C LEU C 567 -28.90 28.00 -30.17
N THR C 568 -28.68 29.33 -30.23
CA THR C 568 -28.24 30.08 -29.06
C THR C 568 -29.20 29.80 -27.91
N SER C 569 -30.51 29.80 -28.18
CA SER C 569 -31.50 29.53 -27.15
C SER C 569 -31.32 28.13 -26.53
N PHE C 570 -31.10 27.12 -27.39
CA PHE C 570 -30.84 25.75 -26.95
C PHE C 570 -29.57 25.68 -26.11
N LEU C 571 -28.48 26.27 -26.61
CA LEU C 571 -27.19 26.21 -25.93
C LEU C 571 -27.33 26.87 -24.57
N TYR C 572 -27.96 28.07 -24.54
CA TYR C 572 -28.16 28.81 -23.32
C TYR C 572 -29.02 27.99 -22.34
N SER C 573 -30.07 27.31 -22.82
CA SER C 573 -30.93 26.51 -21.96
C SER C 573 -30.12 25.40 -21.27
N PHE C 574 -29.26 24.73 -22.05
CA PHE C 574 -28.38 23.71 -21.50
C PHE C 574 -27.46 24.29 -20.43
N CYS C 575 -26.86 25.45 -20.73
CA CYS C 575 -25.98 26.12 -19.80
C CYS C 575 -26.70 26.46 -18.51
N GLN C 576 -27.92 27.00 -18.62
CA GLN C 576 -28.71 27.51 -17.49
C GLN C 576 -29.55 26.37 -16.94
N GLN C 577 -28.87 25.29 -16.64
CA GLN C 577 -29.45 24.11 -16.03
C GLN C 577 -28.70 23.78 -14.75
N SER C 578 -29.42 23.30 -13.73
CA SER C 578 -28.81 22.84 -12.50
C SER C 578 -28.00 21.57 -12.79
N ARG C 579 -26.98 21.31 -11.96
CA ARG C 579 -26.22 20.06 -12.04
C ARG C 579 -27.16 18.85 -12.10
N ARG C 580 -28.18 18.88 -11.22
CA ARG C 580 -29.17 17.82 -11.13
C ARG C 580 -29.94 17.67 -12.44
N GLN C 581 -30.33 18.79 -13.05
CA GLN C 581 -31.12 18.79 -14.28
C GLN C 581 -30.33 18.12 -15.41
N ARG C 582 -29.03 18.45 -15.52
CA ARG C 582 -28.15 17.88 -16.53
C ARG C 582 -28.06 16.36 -16.36
N ILE C 583 -27.88 15.90 -15.11
CA ILE C 583 -27.81 14.48 -14.78
C ILE C 583 -29.06 13.78 -15.29
N ILE C 584 -30.26 14.35 -15.01
CA ILE C 584 -31.53 13.83 -15.47
C ILE C 584 -31.51 13.70 -16.99
N GLN C 585 -31.10 14.78 -17.68
CA GLN C 585 -31.08 14.80 -19.14
C GLN C 585 -30.27 13.62 -19.70
N ARG C 586 -29.05 13.42 -19.16
CA ARG C 586 -28.18 12.32 -19.57
C ARG C 586 -28.84 10.96 -19.36
N ASN C 587 -29.44 10.76 -18.19
CA ASN C 587 -30.10 9.50 -17.87
C ASN C 587 -31.26 9.22 -18.81
N ARG C 588 -32.01 10.27 -19.18
CA ARG C 588 -33.07 10.15 -20.16
C ARG C 588 -32.51 9.71 -21.52
N THR C 589 -31.36 10.25 -21.92
CA THR C 589 -30.79 9.93 -23.24
C THR C 589 -30.42 8.44 -23.32
N GLU C 590 -30.08 7.79 -22.20
CA GLU C 590 -29.72 6.38 -22.16
C GLU C 590 -30.93 5.45 -22.38
N ARG C 591 -32.15 5.99 -22.31
CA ARG C 591 -33.35 5.25 -22.66
C ARG C 591 -33.51 5.18 -24.18
N LEU C 592 -32.92 6.15 -24.88
CA LEU C 592 -33.16 6.33 -26.31
C LEU C 592 -32.12 5.55 -27.12
N SER C 593 -31.32 4.70 -26.46
CA SER C 593 -30.42 3.81 -27.19
C SER C 593 -31.23 2.80 -28.00
N ASP C 594 -32.30 2.28 -27.39
CA ASP C 594 -33.16 1.24 -27.97
C ASP C 594 -33.79 1.70 -29.28
N LEU C 595 -34.11 3.01 -29.38
CA LEU C 595 -34.68 3.58 -30.60
C LEU C 595 -33.73 3.44 -31.77
N LEU C 596 -32.41 3.51 -31.51
CA LEU C 596 -31.38 3.40 -32.53
C LEU C 596 -30.60 2.09 -32.36
N ASP C 597 -31.32 0.99 -32.14
CA ASP C 597 -30.70 -0.33 -32.10
C ASP C 597 -31.15 -1.14 -33.32
N TRP C 598 -30.24 -1.97 -33.86
CA TRP C 598 -30.49 -2.66 -35.10
C TRP C 598 -31.66 -3.62 -35.05
N LYS C 599 -31.93 -4.20 -33.88
CA LYS C 599 -33.08 -5.08 -33.70
C LYS C 599 -34.35 -4.42 -34.24
N TYR C 600 -34.61 -3.22 -33.70
CA TYR C 600 -35.77 -2.42 -34.05
C TYR C 600 -35.63 -1.83 -35.45
N LEU C 601 -34.44 -1.34 -35.82
CA LEU C 601 -34.31 -0.72 -37.15
C LEU C 601 -34.24 -1.76 -38.27
N GLY C 602 -33.87 -2.98 -37.91
CA GLY C 602 -33.88 -4.10 -38.84
C GLY C 602 -35.30 -4.55 -39.10
N ARG C 603 -36.16 -4.47 -38.07
CA ARG C 603 -37.60 -4.68 -38.22
C ARG C 603 -38.16 -3.74 -39.28
N TYR C 604 -37.66 -2.49 -39.36
CA TYR C 604 -38.01 -1.59 -40.46
C TYR C 604 -37.57 -2.16 -41.83
N TYR C 605 -36.36 -2.74 -41.88
CA TYR C 605 -35.84 -3.30 -43.12
C TYR C 605 -36.60 -4.59 -43.48
N MET C 606 -36.93 -5.40 -42.48
CA MET C 606 -37.64 -6.66 -42.69
C MET C 606 -38.95 -6.35 -43.41
N SER C 607 -39.59 -5.25 -43.01
CA SER C 607 -40.80 -4.80 -43.69
C SER C 607 -40.53 -4.56 -45.17
N ALA C 608 -39.41 -3.89 -45.49
CA ALA C 608 -39.07 -3.60 -46.88
C ALA C 608 -38.94 -4.90 -47.68
N ARG C 609 -38.21 -5.88 -47.13
CA ARG C 609 -38.01 -7.17 -47.77
C ARG C 609 -39.35 -7.88 -47.98
N HIS C 610 -40.19 -7.92 -46.92
CA HIS C 610 -41.48 -8.59 -47.01
C HIS C 610 -42.35 -7.93 -48.07
N MET C 611 -42.35 -6.59 -48.13
CA MET C 611 -43.09 -5.88 -49.16
C MET C 611 -42.55 -6.23 -50.55
N ALA C 612 -41.21 -6.33 -50.67
CA ALA C 612 -40.58 -6.64 -51.96
C ALA C 612 -40.97 -8.04 -52.41
N LEU C 613 -40.91 -9.00 -51.48
CA LEU C 613 -41.23 -10.39 -51.77
C LEU C 613 -42.67 -10.48 -52.25
N SER C 614 -43.57 -9.74 -51.57
CA SER C 614 -44.99 -9.76 -51.90
C SER C 614 -45.27 -9.13 -53.26
N LYS C 615 -44.59 -8.00 -53.55
CA LYS C 615 -44.81 -7.31 -54.82
C LYS C 615 -44.33 -8.18 -55.97
N ALA C 616 -43.15 -8.80 -55.81
CA ALA C 616 -42.50 -9.51 -56.90
C ALA C 616 -43.24 -10.82 -57.21
N PHE C 617 -43.70 -11.52 -56.19
CA PHE C 617 -44.35 -12.81 -56.35
C PHE C 617 -45.61 -12.84 -55.51
N PRO C 618 -46.72 -12.16 -55.94
CA PRO C 618 -47.94 -12.10 -55.12
C PRO C 618 -48.56 -13.47 -54.82
N GLU C 619 -48.52 -14.37 -55.81
CA GLU C 619 -49.03 -15.73 -55.65
C GLU C 619 -48.22 -16.49 -54.60
N HIS C 620 -46.89 -16.41 -54.72
CA HIS C 620 -46.00 -17.13 -53.82
C HIS C 620 -46.20 -16.64 -52.39
N PHE C 621 -46.03 -15.33 -52.16
CA PHE C 621 -46.22 -14.75 -50.83
C PHE C 621 -47.10 -13.51 -50.91
N THR C 622 -48.22 -13.53 -50.17
CA THR C 622 -49.13 -12.40 -50.00
C THR C 622 -49.38 -12.25 -48.50
N TYR C 623 -48.34 -11.80 -47.78
CA TYR C 623 -48.45 -11.49 -46.36
C TYR C 623 -47.92 -10.09 -46.09
N GLU C 624 -48.66 -9.05 -46.53
CA GLU C 624 -48.28 -7.66 -46.33
C GLU C 624 -49.39 -6.84 -45.67
N PRO C 625 -49.81 -7.15 -44.42
CA PRO C 625 -50.71 -6.26 -43.68
C PRO C 625 -49.95 -5.09 -43.06
N ASN C 626 -50.33 -3.88 -43.48
CA ASN C 626 -49.79 -2.59 -43.08
C ASN C 626 -48.31 -2.47 -43.42
N PHE D 22 42.03 25.16 4.29
CA PHE D 22 40.56 25.11 4.27
C PHE D 22 39.93 26.40 4.80
N ASP D 23 40.67 27.51 4.86
CA ASP D 23 40.18 28.73 5.47
C ASP D 23 39.46 29.59 4.43
N LEU D 24 38.20 29.21 4.14
CA LEU D 24 37.40 29.83 3.10
C LEU D 24 36.40 30.85 3.63
N GLU D 25 36.52 31.25 4.91
CA GLU D 25 35.63 32.17 5.59
C GLU D 25 35.49 33.49 4.85
N ASN D 26 36.61 34.03 4.35
CA ASN D 26 36.61 35.29 3.62
C ASN D 26 36.98 35.11 2.15
N ALA D 27 36.70 33.91 1.64
CA ALA D 27 36.80 33.63 0.20
C ALA D 27 35.42 33.64 -0.46
N VAL D 28 35.33 34.19 -1.69
CA VAL D 28 34.07 34.28 -2.43
C VAL D 28 34.23 33.52 -3.75
N LEU D 29 33.38 32.52 -4.04
CA LEU D 29 33.55 31.72 -5.25
C LEU D 29 32.71 32.29 -6.40
N PHE D 30 33.36 32.62 -7.53
CA PHE D 30 32.66 33.23 -8.64
C PHE D 30 32.81 32.38 -9.90
N GLU D 31 31.88 31.46 -10.18
CA GLU D 31 32.10 30.52 -11.29
C GLU D 31 31.61 31.09 -12.62
N VAL D 32 32.35 32.06 -13.15
CA VAL D 32 32.03 32.73 -14.39
C VAL D 32 31.87 31.68 -15.49
N ALA D 33 30.82 31.78 -16.31
CA ALA D 33 30.52 30.78 -17.32
C ALA D 33 29.59 31.39 -18.38
N TRP D 34 29.59 30.87 -19.61
CA TRP D 34 28.65 31.38 -20.60
C TRP D 34 27.29 30.70 -20.48
N GLU D 35 27.24 29.57 -19.78
CA GLU D 35 26.00 28.79 -19.72
C GLU D 35 25.38 28.89 -18.35
N VAL D 36 25.56 30.02 -17.64
CA VAL D 36 25.06 30.10 -16.27
C VAL D 36 23.53 30.05 -16.23
N ALA D 37 22.88 30.69 -17.18
CA ALA D 37 21.42 30.59 -17.26
C ALA D 37 20.96 30.05 -18.60
N ASN D 38 21.75 30.27 -19.63
CA ASN D 38 21.36 29.94 -20.99
C ASN D 38 21.89 28.55 -21.32
N LYS D 39 21.00 27.61 -21.67
CA LYS D 39 21.43 26.24 -21.90
C LYS D 39 21.96 26.15 -23.34
N VAL D 40 23.19 26.64 -23.56
CA VAL D 40 23.82 26.55 -24.87
C VAL D 40 24.27 25.11 -25.10
N GLY D 41 24.78 24.47 -24.05
CA GLY D 41 25.51 23.21 -24.21
C GLY D 41 25.52 22.36 -22.95
N GLY D 42 26.38 21.33 -22.97
CA GLY D 42 26.51 20.36 -21.87
C GLY D 42 27.08 21.01 -20.61
N ILE D 43 28.00 21.97 -20.78
CA ILE D 43 28.56 22.75 -19.69
C ILE D 43 27.44 23.19 -18.74
N TYR D 44 26.26 23.47 -19.31
CA TYR D 44 25.12 23.93 -18.56
C TYR D 44 24.71 22.89 -17.54
N THR D 45 24.66 21.62 -17.98
CA THR D 45 24.31 20.54 -17.06
C THR D 45 25.36 20.45 -15.95
N VAL D 46 26.65 20.64 -16.31
CA VAL D 46 27.72 20.55 -15.31
C VAL D 46 27.47 21.58 -14.21
N LEU D 47 27.32 22.86 -14.59
CA LEU D 47 27.12 23.92 -13.62
C LEU D 47 25.89 23.66 -12.77
N GLN D 48 24.75 23.37 -13.42
CA GLN D 48 23.49 23.10 -12.76
C GLN D 48 23.70 21.92 -11.78
N THR D 49 24.66 21.06 -12.09
CA THR D 49 24.86 19.95 -11.18
C THR D 49 25.99 20.21 -10.19
N LYS D 50 26.94 21.07 -10.56
CA LYS D 50 28.04 21.39 -9.67
C LYS D 50 27.54 22.27 -8.53
N ALA D 51 26.44 22.98 -8.79
CA ALA D 51 26.00 24.07 -7.93
C ALA D 51 25.70 23.58 -6.52
N LYS D 52 25.11 22.38 -6.39
CA LYS D 52 24.69 21.88 -5.08
C LYS D 52 25.91 21.68 -4.16
N VAL D 53 26.92 20.95 -4.63
CA VAL D 53 28.07 20.59 -3.83
C VAL D 53 28.95 21.81 -3.53
N THR D 54 29.22 22.62 -4.57
CA THR D 54 29.98 23.86 -4.38
C THR D 54 29.23 24.78 -3.42
N GLY D 55 27.90 24.65 -3.38
CA GLY D 55 27.04 25.42 -2.50
C GLY D 55 27.41 25.24 -1.03
N ASP D 56 27.65 23.98 -0.63
CA ASP D 56 28.02 23.65 0.74
C ASP D 56 29.38 24.22 1.09
N GLU D 57 30.36 24.06 0.19
CA GLU D 57 31.73 24.46 0.44
C GLU D 57 31.86 25.98 0.59
N TRP D 58 31.18 26.75 -0.28
CA TRP D 58 31.37 28.20 -0.28
C TRP D 58 30.20 28.94 0.36
N GLY D 59 29.19 28.21 0.85
CA GLY D 59 28.06 28.85 1.53
C GLY D 59 27.31 29.83 0.63
N ASP D 60 27.09 31.06 1.12
CA ASP D 60 26.43 32.11 0.35
C ASP D 60 27.41 32.94 -0.45
N ASN D 61 28.72 32.61 -0.38
CA ASN D 61 29.77 33.27 -1.15
C ASN D 61 29.86 32.66 -2.55
N TYR D 62 28.93 31.76 -2.88
CA TYR D 62 28.88 31.11 -4.19
C TYR D 62 28.06 31.96 -5.16
N PHE D 63 28.74 32.56 -6.13
CA PHE D 63 28.10 33.38 -7.16
C PHE D 63 28.42 32.82 -8.55
N LEU D 64 27.40 32.71 -9.40
CA LEU D 64 27.57 32.14 -10.72
C LEU D 64 27.46 33.23 -11.77
N VAL D 65 28.43 34.13 -11.86
CA VAL D 65 28.38 35.17 -12.88
C VAL D 65 28.10 34.51 -14.22
N GLY D 66 27.15 35.03 -15.01
CA GLY D 66 26.77 34.42 -16.28
C GLY D 66 26.11 35.42 -17.22
N PRO D 67 25.94 35.08 -18.53
CA PRO D 67 25.30 35.98 -19.49
C PRO D 67 23.81 36.08 -19.21
N TYR D 68 23.23 37.23 -19.57
CA TYR D 68 21.82 37.51 -19.36
C TYR D 68 21.00 37.19 -20.62
N THR D 69 19.99 36.33 -20.44
CA THR D 69 19.06 36.00 -21.51
C THR D 69 17.66 36.27 -20.98
N GLU D 70 16.85 37.02 -21.74
CA GLU D 70 15.49 37.38 -21.34
C GLU D 70 14.69 36.14 -20.93
N GLN D 71 14.78 35.10 -21.77
CA GLN D 71 14.15 33.82 -21.52
C GLN D 71 14.65 33.22 -20.22
N GLY D 72 15.98 33.29 -19.99
CA GLY D 72 16.61 32.78 -18.80
C GLY D 72 16.01 33.37 -17.52
N VAL D 73 15.99 34.70 -17.43
CA VAL D 73 15.50 35.36 -16.22
C VAL D 73 14.01 35.09 -16.04
N ARG D 74 13.23 35.05 -17.12
CA ARG D 74 11.81 34.84 -17.10
C ARG D 74 11.44 33.48 -16.50
N THR D 75 12.16 32.41 -16.88
CA THR D 75 11.77 31.05 -16.49
C THR D 75 12.59 30.45 -15.36
N GLN D 76 13.90 30.66 -15.34
CA GLN D 76 14.75 29.93 -14.41
C GLN D 76 15.39 30.82 -13.34
N VAL D 77 15.31 32.16 -13.48
CA VAL D 77 15.99 33.01 -12.50
C VAL D 77 14.98 33.84 -11.70
N GLU D 78 14.94 33.66 -10.38
CA GLU D 78 14.17 34.51 -9.48
C GLU D 78 14.97 35.79 -9.33
N LEU D 79 14.30 36.94 -9.17
CA LEU D 79 15.02 38.20 -8.89
C LEU D 79 14.98 38.50 -7.39
N LEU D 80 16.14 38.71 -6.76
CA LEU D 80 16.22 39.04 -5.34
C LEU D 80 17.20 40.18 -5.10
N GLU D 81 17.14 40.80 -3.91
CA GLU D 81 18.06 41.88 -3.56
C GLU D 81 19.37 41.30 -3.05
N ALA D 82 20.46 42.07 -3.15
CA ALA D 82 21.80 41.65 -2.76
C ALA D 82 21.81 41.21 -1.28
N PRO D 83 22.35 40.02 -0.93
CA PRO D 83 22.37 39.59 0.48
C PRO D 83 23.33 40.39 1.36
N THR D 84 24.47 40.78 0.78
CA THR D 84 25.54 41.54 1.42
C THR D 84 25.60 42.92 0.77
N PRO D 85 25.73 44.02 1.55
CA PRO D 85 25.72 45.39 1.01
C PRO D 85 26.79 45.64 -0.04
N ALA D 86 27.97 45.02 0.12
CA ALA D 86 29.10 45.20 -0.81
C ALA D 86 28.65 45.14 -2.27
N LEU D 87 27.88 44.10 -2.60
CA LEU D 87 27.40 43.91 -3.95
C LEU D 87 26.38 44.96 -4.31
N LYS D 88 25.54 45.41 -3.38
CA LYS D 88 24.48 46.37 -3.71
C LYS D 88 25.11 47.61 -4.35
N ARG D 89 26.20 48.11 -3.74
CA ARG D 89 26.96 49.20 -4.34
C ARG D 89 27.50 48.79 -5.71
N THR D 90 28.07 47.58 -5.80
CA THR D 90 28.74 47.11 -7.03
C THR D 90 27.75 47.04 -8.19
N LEU D 91 26.61 46.38 -7.96
CA LEU D 91 25.56 46.24 -8.97
C LEU D 91 25.04 47.63 -9.32
N ASP D 92 24.85 48.49 -8.29
CA ASP D 92 24.34 49.84 -8.51
C ASP D 92 25.30 50.66 -9.37
N SER D 93 26.62 50.60 -9.07
CA SER D 93 27.58 51.40 -9.81
C SER D 93 27.55 51.01 -11.28
N MET D 94 27.54 49.68 -11.53
CA MET D 94 27.56 49.15 -12.88
C MET D 94 26.25 49.49 -13.59
N ASN D 95 25.13 49.39 -12.86
CA ASN D 95 23.81 49.68 -13.41
C ASN D 95 23.71 51.15 -13.81
N SER D 96 24.38 52.04 -13.05
CA SER D 96 24.35 53.47 -13.28
C SER D 96 25.37 53.93 -14.33
N LYS D 97 26.33 53.07 -14.75
CA LYS D 97 27.41 53.48 -15.62
C LYS D 97 27.17 53.17 -17.10
N GLY D 98 25.93 52.85 -17.49
CA GLY D 98 25.57 52.55 -18.86
C GLY D 98 25.53 51.05 -19.16
N CYS D 99 25.55 50.23 -18.11
CA CYS D 99 25.57 48.79 -18.21
C CYS D 99 24.39 48.19 -17.42
N LYS D 100 23.97 46.97 -17.77
CA LYS D 100 22.87 46.32 -17.07
C LYS D 100 23.37 45.04 -16.41
N VAL D 101 23.27 44.97 -15.06
CA VAL D 101 23.56 43.76 -14.31
C VAL D 101 22.36 43.43 -13.42
N TYR D 102 22.00 42.14 -13.36
CA TYR D 102 20.86 41.71 -12.58
C TYR D 102 21.31 40.64 -11.60
N PHE D 103 20.87 40.72 -10.33
CA PHE D 103 21.21 39.69 -9.37
C PHE D 103 19.93 38.90 -9.05
N GLY D 104 20.08 37.56 -8.95
CA GLY D 104 18.95 36.69 -8.64
C GLY D 104 19.39 35.32 -8.16
N ARG D 105 18.44 34.55 -7.63
CA ARG D 105 18.72 33.15 -7.32
C ARG D 105 18.35 32.30 -8.53
N TRP D 106 19.32 31.60 -9.12
CA TRP D 106 19.01 30.53 -10.07
C TRP D 106 18.15 29.50 -9.34
N LEU D 107 17.05 29.06 -9.97
CA LEU D 107 16.05 28.25 -9.26
C LEU D 107 16.40 26.76 -9.32
N ILE D 108 17.60 26.43 -9.82
CA ILE D 108 18.10 25.06 -9.84
C ILE D 108 18.44 24.65 -8.41
N GLU D 109 18.61 23.34 -8.21
CA GLU D 109 18.87 22.77 -6.89
C GLU D 109 20.10 23.44 -6.26
N GLY D 110 19.98 23.79 -4.98
CA GLY D 110 21.05 24.44 -4.24
C GLY D 110 20.94 25.97 -4.23
N GLY D 111 20.01 26.51 -5.04
CA GLY D 111 19.72 27.94 -5.09
C GLY D 111 20.95 28.84 -5.20
N PRO D 112 21.85 28.64 -6.18
CA PRO D 112 23.09 29.45 -6.23
C PRO D 112 22.78 30.86 -6.68
N LEU D 113 23.22 31.88 -5.95
CA LEU D 113 23.02 33.27 -6.32
C LEU D 113 23.75 33.53 -7.64
N VAL D 114 23.09 34.15 -8.62
CA VAL D 114 23.65 34.36 -9.95
C VAL D 114 23.66 35.86 -10.23
N VAL D 115 24.83 36.41 -10.61
CA VAL D 115 24.88 37.78 -11.09
C VAL D 115 24.96 37.67 -12.62
N LEU D 116 23.89 38.06 -13.32
CA LEU D 116 23.83 37.93 -14.77
C LEU D 116 24.26 39.24 -15.40
N LEU D 117 25.47 39.33 -15.97
CA LEU D 117 25.84 40.49 -16.79
C LEU D 117 25.12 40.43 -18.15
N ASP D 118 24.71 41.59 -18.67
CA ASP D 118 24.02 41.63 -19.96
C ASP D 118 25.02 42.04 -21.03
N VAL D 119 25.15 41.22 -22.10
CA VAL D 119 26.20 41.44 -23.09
C VAL D 119 25.61 42.21 -24.28
N GLY D 120 24.34 42.60 -24.18
CA GLY D 120 23.70 43.43 -25.20
C GLY D 120 23.70 44.89 -24.76
N ALA D 121 23.40 45.11 -23.47
CA ALA D 121 23.34 46.44 -22.89
C ALA D 121 24.68 47.18 -22.91
N SER D 122 25.81 46.45 -22.88
CA SER D 122 27.12 47.07 -22.86
C SER D 122 27.75 47.16 -24.25
N ALA D 123 27.01 46.78 -25.29
CA ALA D 123 27.37 46.94 -26.69
C ALA D 123 28.00 48.29 -26.98
N TRP D 124 27.52 49.36 -26.35
CA TRP D 124 28.01 50.71 -26.55
C TRP D 124 29.53 50.80 -26.40
N ALA D 125 30.07 50.01 -25.45
CA ALA D 125 31.48 50.11 -25.09
C ALA D 125 32.33 48.99 -25.68
N LEU D 126 31.80 48.24 -26.64
CA LEU D 126 32.51 47.11 -27.23
C LEU D 126 33.80 47.59 -27.87
N GLU D 127 33.76 48.71 -28.61
CA GLU D 127 34.93 49.25 -29.29
C GLU D 127 36.02 49.72 -28.30
N ARG D 128 35.56 50.24 -27.17
CA ARG D 128 36.45 50.61 -26.07
C ARG D 128 37.11 49.37 -25.46
N TRP D 129 36.28 48.35 -25.20
CA TRP D 129 36.73 47.11 -24.62
C TRP D 129 37.74 46.43 -25.53
N LYS D 130 37.46 46.32 -26.84
CA LYS D 130 38.34 45.73 -27.82
C LYS D 130 39.69 46.45 -27.86
N GLY D 131 39.67 47.79 -27.83
CA GLY D 131 40.89 48.59 -27.75
C GLY D 131 41.77 48.18 -26.57
N GLU D 132 41.16 48.11 -25.39
CA GLU D 132 41.85 47.73 -24.16
C GLU D 132 42.45 46.33 -24.33
N LEU D 133 41.68 45.40 -24.88
CA LEU D 133 42.12 44.01 -25.07
C LEU D 133 43.41 43.96 -25.88
N TRP D 134 43.48 44.75 -26.95
CA TRP D 134 44.65 44.77 -27.80
C TRP D 134 45.89 45.22 -27.01
N ASP D 135 45.77 46.27 -26.21
CA ASP D 135 46.91 46.74 -25.43
C ASP D 135 47.29 45.69 -24.40
N THR D 136 46.27 45.12 -23.75
CA THR D 136 46.45 44.25 -22.59
C THR D 136 46.97 42.88 -22.99
N CYS D 137 46.27 42.20 -23.89
CA CYS D 137 46.51 40.79 -24.18
C CYS D 137 46.86 40.58 -25.66
N ASN D 138 46.89 41.65 -26.47
CA ASN D 138 47.21 41.57 -27.88
C ASN D 138 46.34 40.54 -28.61
N ILE D 139 45.09 40.35 -28.12
CA ILE D 139 44.19 39.44 -28.80
C ILE D 139 43.03 40.24 -29.39
N GLY D 140 43.15 40.61 -30.68
CA GLY D 140 42.03 41.20 -31.37
C GLY D 140 40.90 40.19 -31.53
N VAL D 141 39.66 40.66 -31.60
CA VAL D 141 38.51 39.83 -31.91
C VAL D 141 37.87 40.44 -33.15
N PRO D 142 37.57 39.66 -34.21
CA PRO D 142 37.08 40.23 -35.46
C PRO D 142 35.66 40.74 -35.29
N TRP D 143 35.27 41.68 -36.16
CA TRP D 143 33.97 42.33 -36.08
C TRP D 143 32.84 41.32 -36.31
N TYR D 144 33.03 40.36 -37.22
CA TYR D 144 32.02 39.42 -37.66
C TYR D 144 31.57 38.46 -36.55
N ASP D 145 32.51 37.94 -35.75
CA ASP D 145 32.22 36.85 -34.82
C ASP D 145 31.29 37.36 -33.74
N ARG D 146 30.14 36.70 -33.55
CA ARG D 146 29.25 37.10 -32.47
C ARG D 146 29.69 36.41 -31.18
N GLU D 147 29.95 35.10 -31.27
CA GLU D 147 30.22 34.31 -30.08
C GLU D 147 31.41 34.89 -29.30
N ALA D 148 32.44 35.36 -30.02
CA ALA D 148 33.55 36.00 -29.33
C ALA D 148 33.21 37.44 -29.02
N ASN D 149 32.72 38.26 -29.94
CA ASN D 149 32.42 39.65 -29.56
C ASN D 149 31.59 39.73 -28.27
N ASP D 150 30.57 38.88 -28.19
CA ASP D 150 29.75 38.77 -26.99
C ASP D 150 30.58 38.26 -25.82
N ALA D 151 31.48 37.30 -26.05
CA ALA D 151 32.35 36.82 -24.97
C ALA D 151 33.29 37.92 -24.45
N VAL D 152 33.83 38.75 -25.34
CA VAL D 152 34.66 39.87 -24.90
C VAL D 152 33.81 40.78 -24.02
N LEU D 153 32.55 41.06 -24.42
CA LEU D 153 31.70 41.88 -23.57
C LEU D 153 31.55 41.23 -22.20
N PHE D 154 31.25 39.92 -22.18
CA PHE D 154 31.05 39.19 -20.93
C PHE D 154 32.31 39.25 -20.06
N GLY D 155 33.47 38.98 -20.66
CA GLY D 155 34.72 38.97 -19.94
C GLY D 155 35.02 40.32 -19.32
N PHE D 156 34.88 41.39 -20.11
CA PHE D 156 35.20 42.70 -19.57
C PHE D 156 34.26 43.05 -18.41
N LEU D 157 32.97 42.71 -18.57
CA LEU D 157 31.97 42.97 -17.56
C LEU D 157 32.24 42.18 -16.28
N THR D 158 32.66 40.90 -16.39
CA THR D 158 32.97 40.08 -15.24
C THR D 158 34.19 40.64 -14.51
N THR D 159 35.22 41.06 -15.26
CA THR D 159 36.39 41.69 -14.64
C THR D 159 35.94 42.93 -13.85
N TRP D 160 35.08 43.73 -14.48
CA TRP D 160 34.50 44.92 -13.87
C TRP D 160 33.77 44.57 -12.58
N PHE D 161 32.90 43.54 -12.63
CA PHE D 161 32.16 43.13 -11.44
C PHE D 161 33.15 42.80 -10.32
N LEU D 162 34.19 41.99 -10.62
CA LEU D 162 35.09 41.55 -9.57
C LEU D 162 35.86 42.74 -8.97
N GLY D 163 36.33 43.63 -9.84
CA GLY D 163 37.04 44.83 -9.46
C GLY D 163 36.18 45.72 -8.57
N GLU D 164 34.91 45.92 -8.99
CA GLU D 164 33.96 46.73 -8.24
C GLU D 164 33.68 46.09 -6.89
N PHE D 165 33.49 44.75 -6.86
CA PHE D 165 33.23 44.04 -5.61
C PHE D 165 34.35 44.30 -4.61
N LEU D 166 35.59 44.11 -5.07
CA LEU D 166 36.75 44.28 -4.20
C LEU D 166 36.84 45.73 -3.70
N ALA D 167 36.57 46.69 -4.58
CA ALA D 167 36.64 48.12 -4.23
C ALA D 167 35.55 48.50 -3.23
N GLN D 168 34.31 48.02 -3.44
CA GLN D 168 33.20 48.50 -2.63
C GLN D 168 33.16 47.75 -1.30
N SER D 169 33.74 46.53 -1.26
CA SER D 169 33.84 45.79 -0.03
C SER D 169 35.09 46.26 0.71
N GLU D 170 34.88 47.01 1.80
CA GLU D 170 36.00 47.68 2.46
C GLU D 170 36.88 46.64 3.16
N GLU D 171 36.31 45.73 3.95
CA GLU D 171 37.09 44.60 4.43
C GLU D 171 37.24 43.72 3.20
N LYS D 172 38.43 43.70 2.59
CA LYS D 172 38.67 43.06 1.32
C LYS D 172 38.73 41.53 1.51
N PRO D 173 37.81 40.76 0.86
CA PRO D 173 37.92 39.30 0.85
C PRO D 173 38.95 38.82 -0.17
N HIS D 174 39.11 37.50 -0.28
CA HIS D 174 39.91 36.88 -1.31
C HIS D 174 38.95 36.11 -2.23
N VAL D 175 38.97 36.44 -3.53
CA VAL D 175 38.00 35.89 -4.47
C VAL D 175 38.67 34.88 -5.40
N VAL D 176 37.97 33.77 -5.63
CA VAL D 176 38.39 32.71 -6.52
C VAL D 176 37.38 32.63 -7.66
N ALA D 177 37.85 32.96 -8.88
CA ALA D 177 36.97 33.01 -10.04
C ALA D 177 37.33 31.85 -10.98
N HIS D 178 36.43 30.88 -11.09
CA HIS D 178 36.61 29.68 -11.88
C HIS D 178 35.90 29.86 -13.22
N PHE D 179 36.61 30.39 -14.21
CA PHE D 179 36.05 30.55 -15.55
C PHE D 179 35.89 29.14 -16.14
N HIS D 180 34.76 28.82 -16.78
CA HIS D 180 34.50 27.46 -17.20
C HIS D 180 34.55 27.23 -18.71
N GLU D 181 35.02 28.18 -19.53
CA GLU D 181 35.14 27.94 -20.97
C GLU D 181 35.93 29.07 -21.63
N TRP D 182 36.27 28.94 -22.92
CA TRP D 182 36.90 30.00 -23.70
C TRP D 182 36.06 31.26 -23.76
N LEU D 183 34.73 31.11 -23.71
CA LEU D 183 33.82 32.24 -23.73
C LEU D 183 33.99 33.16 -22.51
N ALA D 184 34.28 32.57 -21.35
CA ALA D 184 34.59 33.34 -20.16
C ALA D 184 36.08 33.65 -20.08
N GLY D 185 36.87 33.19 -21.05
CA GLY D 185 38.33 33.28 -20.99
C GLY D 185 38.89 34.71 -21.00
N VAL D 186 38.13 35.64 -21.61
CA VAL D 186 38.56 37.04 -21.70
C VAL D 186 38.77 37.59 -20.29
N GLY D 187 37.88 37.21 -19.38
CA GLY D 187 37.90 37.68 -18.01
C GLY D 187 39.19 37.36 -17.28
N LEU D 188 39.65 36.09 -17.40
CA LEU D 188 40.85 35.65 -16.73
C LEU D 188 42.05 36.46 -17.23
N CYS D 189 42.12 36.67 -18.56
CA CYS D 189 43.23 37.39 -19.15
C CYS D 189 43.31 38.79 -18.55
N LEU D 190 42.16 39.46 -18.50
CA LEU D 190 42.03 40.83 -18.01
C LEU D 190 42.29 40.87 -16.51
N CYS D 191 41.70 39.94 -15.76
CA CYS D 191 41.78 39.93 -14.31
C CYS D 191 43.24 39.84 -13.89
N ARG D 192 44.01 38.93 -14.52
CA ARG D 192 45.43 38.78 -14.23
C ARG D 192 46.21 40.06 -14.54
N ALA D 193 45.84 40.72 -15.65
CA ALA D 193 46.53 41.93 -16.07
C ALA D 193 46.17 43.12 -15.18
N ARG D 194 44.90 43.23 -14.76
CA ARG D 194 44.49 44.31 -13.87
C ARG D 194 45.16 44.14 -12.49
N ARG D 195 45.66 42.92 -12.23
CA ARG D 195 46.29 42.53 -10.98
C ARG D 195 45.32 42.67 -9.81
N LEU D 196 44.03 42.41 -10.07
CA LEU D 196 43.03 42.28 -9.02
C LEU D 196 43.39 41.10 -8.13
N PRO D 197 43.20 41.19 -6.80
CA PRO D 197 43.61 40.14 -5.87
C PRO D 197 42.63 38.96 -5.92
N VAL D 198 42.62 38.30 -7.07
CA VAL D 198 41.69 37.22 -7.39
C VAL D 198 42.49 35.96 -7.71
N ALA D 199 42.09 34.82 -7.14
CA ALA D 199 42.68 33.54 -7.49
C ALA D 199 41.88 33.03 -8.67
N THR D 200 42.46 32.95 -9.87
CA THR D 200 41.69 32.62 -11.07
C THR D 200 41.98 31.20 -11.54
N ILE D 201 40.93 30.39 -11.70
CA ILE D 201 41.02 29.04 -12.25
C ILE D 201 40.36 29.09 -13.62
N PHE D 202 40.98 28.51 -14.66
CA PHE D 202 40.32 28.37 -15.94
C PHE D 202 40.00 26.91 -16.18
N THR D 203 38.94 26.59 -16.94
CA THR D 203 38.65 25.21 -17.25
C THR D 203 38.30 25.08 -18.72
N THR D 204 38.98 24.16 -19.42
CA THR D 204 38.62 23.83 -20.80
C THR D 204 37.83 22.52 -20.81
N HIS D 205 36.51 22.63 -20.96
CA HIS D 205 35.62 21.46 -20.99
C HIS D 205 35.83 20.66 -22.26
N ALA D 206 36.45 21.29 -23.27
CA ALA D 206 36.85 20.61 -24.51
C ALA D 206 37.80 21.53 -25.24
N THR D 207 38.94 21.07 -25.76
CA THR D 207 39.82 22.00 -26.46
C THR D 207 39.13 22.49 -27.73
N LEU D 208 39.19 23.80 -27.99
CA LEU D 208 38.52 24.38 -29.15
C LEU D 208 39.07 23.74 -30.43
N LEU D 209 40.39 23.69 -30.55
CA LEU D 209 41.05 23.18 -31.73
C LEU D 209 40.72 21.71 -31.94
N GLY D 210 40.52 20.98 -30.83
CA GLY D 210 40.26 19.55 -30.87
C GLY D 210 39.05 19.21 -31.75
N ARG D 211 37.93 19.90 -31.57
CA ARG D 211 36.72 19.60 -32.34
C ARG D 211 36.95 19.74 -33.85
N TYR D 212 37.63 20.81 -34.27
CA TYR D 212 37.91 21.05 -35.68
C TYR D 212 38.92 20.04 -36.25
N LEU D 213 39.97 19.76 -35.47
CA LEU D 213 41.03 18.86 -35.89
C LEU D 213 40.53 17.41 -36.03
N CYS D 214 39.74 16.92 -35.08
CA CYS D 214 39.27 15.55 -35.14
C CYS D 214 38.50 15.19 -36.40
N ALA D 215 37.49 15.97 -36.79
CA ALA D 215 36.76 15.81 -38.03
C ALA D 215 37.66 16.16 -39.24
N GLY D 216 38.32 17.33 -39.18
CA GLY D 216 39.07 17.88 -40.29
C GLY D 216 40.23 17.00 -40.72
N ALA D 217 41.03 16.56 -39.75
CA ALA D 217 42.26 15.82 -40.03
C ALA D 217 42.03 14.32 -40.01
N VAL D 218 42.90 13.59 -40.71
CA VAL D 218 42.79 12.14 -40.88
C VAL D 218 43.14 11.46 -39.56
N ASP D 219 44.24 11.90 -38.92
CA ASP D 219 44.72 11.26 -37.70
C ASP D 219 45.05 12.28 -36.63
N PHE D 220 44.00 12.83 -36.00
CA PHE D 220 44.13 13.89 -35.01
C PHE D 220 44.91 13.42 -33.79
N TYR D 221 44.63 12.20 -33.29
CA TYR D 221 45.11 11.78 -31.99
C TYR D 221 46.63 11.54 -31.91
N ASN D 222 47.22 10.90 -32.93
CA ASN D 222 48.62 10.51 -32.87
C ASN D 222 49.51 11.67 -33.29
N ASN D 223 48.98 12.51 -34.17
CA ASN D 223 49.76 13.62 -34.69
C ASN D 223 49.62 14.85 -33.80
N LEU D 224 49.11 14.67 -32.56
CA LEU D 224 48.91 15.78 -31.64
C LEU D 224 50.21 16.56 -31.46
N GLU D 225 51.33 15.84 -31.29
CA GLU D 225 52.67 16.42 -31.19
C GLU D 225 53.05 17.12 -32.50
N ASN D 226 52.71 16.51 -33.63
CA ASN D 226 53.09 17.00 -34.96
C ASN D 226 52.37 18.32 -35.27
N PHE D 227 51.09 18.45 -34.86
CA PHE D 227 50.29 19.63 -35.20
C PHE D 227 50.87 20.91 -34.61
N ASN D 228 50.99 21.96 -35.43
CA ASN D 228 51.35 23.29 -34.98
C ASN D 228 50.04 24.08 -34.79
N VAL D 229 49.69 24.37 -33.54
CA VAL D 229 48.39 24.93 -33.20
C VAL D 229 48.19 26.27 -33.89
N ASP D 230 49.18 27.16 -33.85
CA ASP D 230 49.09 28.49 -34.44
C ASP D 230 48.76 28.39 -35.93
N LYS D 231 49.48 27.50 -36.63
CA LYS D 231 49.26 27.29 -38.05
C LYS D 231 47.82 26.79 -38.28
N GLU D 232 47.47 25.70 -37.58
CA GLU D 232 46.21 25.00 -37.81
C GLU D 232 45.04 25.94 -37.56
N ALA D 233 45.08 26.65 -36.43
CA ALA D 233 43.97 27.52 -36.04
C ALA D 233 43.77 28.62 -37.08
N GLY D 234 44.87 29.21 -37.55
CA GLY D 234 44.85 30.23 -38.57
C GLY D 234 44.15 29.75 -39.85
N GLU D 235 44.45 28.52 -40.26
CA GLU D 235 43.85 27.91 -41.43
C GLU D 235 42.33 27.80 -41.28
N ARG D 236 41.86 27.54 -40.05
CA ARG D 236 40.43 27.32 -39.83
C ARG D 236 39.68 28.63 -39.51
N GLN D 237 40.40 29.77 -39.56
CA GLN D 237 39.84 31.10 -39.31
C GLN D 237 39.17 31.14 -37.94
N ILE D 238 39.71 30.40 -36.96
CA ILE D 238 39.22 30.35 -35.59
C ILE D 238 40.31 30.84 -34.65
N TYR D 239 41.32 31.52 -35.20
CA TYR D 239 42.56 31.85 -34.49
C TYR D 239 42.29 32.68 -33.24
N HIS D 240 41.43 33.68 -33.34
CA HIS D 240 41.12 34.58 -32.24
C HIS D 240 40.53 33.78 -31.08
N ARG D 241 39.60 32.88 -31.40
CA ARG D 241 38.98 32.03 -30.40
C ARG D 241 40.06 31.15 -29.76
N TYR D 242 40.99 30.63 -30.57
CA TYR D 242 42.11 29.85 -30.04
C TYR D 242 42.96 30.72 -29.11
N CYS D 243 43.41 31.85 -29.60
CA CYS D 243 44.33 32.73 -28.88
C CYS D 243 43.78 33.05 -27.50
N MET D 244 42.46 33.34 -27.42
CA MET D 244 41.82 33.59 -26.14
C MET D 244 41.88 32.38 -25.22
N GLU D 245 41.61 31.17 -25.73
CA GLU D 245 41.62 29.99 -24.90
C GLU D 245 43.04 29.68 -24.41
N ARG D 246 44.05 29.80 -25.30
CA ARG D 246 45.43 29.57 -24.88
C ARG D 246 45.86 30.65 -23.87
N ALA D 247 45.49 31.91 -24.13
CA ALA D 247 45.83 33.00 -23.23
C ALA D 247 45.27 32.76 -21.84
N ALA D 248 44.00 32.34 -21.75
CA ALA D 248 43.37 32.05 -20.47
C ALA D 248 44.11 30.93 -19.75
N ALA D 249 44.44 29.85 -20.48
CA ALA D 249 45.16 28.73 -19.87
C ALA D 249 46.50 29.19 -19.29
N HIS D 250 47.29 29.92 -20.09
CA HIS D 250 48.58 30.43 -19.64
C HIS D 250 48.39 31.34 -18.42
N CYS D 251 47.40 32.23 -18.47
CA CYS D 251 47.15 33.22 -17.43
C CYS D 251 46.65 32.57 -16.14
N ALA D 252 45.71 31.61 -16.27
CA ALA D 252 45.05 31.03 -15.12
C ALA D 252 46.06 30.47 -14.11
N HIS D 253 45.84 30.77 -12.83
CA HIS D 253 46.69 30.27 -11.76
C HIS D 253 46.64 28.75 -11.72
N VAL D 254 45.43 28.19 -11.80
CA VAL D 254 45.21 26.76 -11.95
C VAL D 254 44.44 26.57 -13.26
N PHE D 255 44.98 25.73 -14.15
CA PHE D 255 44.28 25.37 -15.37
C PHE D 255 43.81 23.93 -15.21
N THR D 256 42.51 23.68 -15.40
CA THR D 256 41.98 22.33 -15.23
C THR D 256 41.35 21.86 -16.53
N THR D 257 41.16 20.56 -16.68
CA THR D 257 40.52 19.98 -17.86
C THR D 257 39.52 18.93 -17.41
N VAL D 258 38.53 18.62 -18.28
CA VAL D 258 37.46 17.71 -17.92
C VAL D 258 37.98 16.28 -17.74
N SER D 259 38.90 15.84 -18.59
CA SER D 259 39.33 14.45 -18.56
C SER D 259 40.80 14.29 -18.92
N GLN D 260 41.38 13.12 -18.65
CA GLN D 260 42.78 12.84 -18.93
C GLN D 260 43.06 12.92 -20.44
N ILE D 261 42.10 12.46 -21.25
CA ILE D 261 42.21 12.57 -22.70
C ILE D 261 42.23 14.04 -23.13
N THR D 262 41.37 14.86 -22.52
CA THR D 262 41.34 16.31 -22.75
C THR D 262 42.66 16.94 -22.33
N ALA D 263 43.25 16.42 -21.25
CA ALA D 263 44.54 16.87 -20.75
C ALA D 263 45.63 16.64 -21.80
N ILE D 264 45.63 15.48 -22.47
CA ILE D 264 46.60 15.16 -23.52
C ILE D 264 46.43 16.16 -24.66
N GLU D 265 45.18 16.47 -25.03
CA GLU D 265 44.89 17.47 -26.06
C GLU D 265 45.40 18.83 -25.59
N ALA D 266 45.14 19.18 -24.32
CA ALA D 266 45.50 20.46 -23.75
C ALA D 266 47.02 20.66 -23.73
N GLN D 267 47.78 19.60 -23.38
CA GLN D 267 49.23 19.71 -23.31
C GLN D 267 49.79 20.11 -24.67
N HIS D 268 49.28 19.48 -25.73
CA HIS D 268 49.82 19.68 -27.06
C HIS D 268 49.14 20.80 -27.84
N LEU D 269 47.93 21.22 -27.42
CA LEU D 269 47.20 22.22 -28.20
C LEU D 269 47.14 23.57 -27.47
N LEU D 270 46.62 23.59 -26.23
CA LEU D 270 46.59 24.81 -25.43
C LEU D 270 47.98 25.11 -24.83
N LYS D 271 48.82 24.07 -24.73
CA LYS D 271 50.24 24.18 -24.41
C LYS D 271 50.46 24.40 -22.91
N ARG D 272 49.42 24.32 -22.05
CA ARG D 272 49.67 24.34 -20.62
C ARG D 272 49.05 23.11 -19.98
N LYS D 273 49.90 22.27 -19.37
CA LYS D 273 49.47 21.01 -18.78
C LYS D 273 48.43 21.26 -17.68
N PRO D 274 47.32 20.50 -17.63
CA PRO D 274 46.32 20.70 -16.59
C PRO D 274 46.97 20.41 -15.23
N ASP D 275 46.80 21.36 -14.29
CA ASP D 275 47.31 21.22 -12.94
C ASP D 275 46.55 20.09 -12.23
N ILE D 276 45.23 20.08 -12.41
CA ILE D 276 44.35 19.07 -11.86
C ILE D 276 43.39 18.66 -12.97
N VAL D 277 42.93 17.40 -12.96
CA VAL D 277 41.90 16.98 -13.89
C VAL D 277 40.57 16.92 -13.13
N THR D 278 39.66 17.83 -13.47
CA THR D 278 38.38 17.97 -12.79
C THR D 278 37.27 17.40 -13.66
N PRO D 279 36.82 16.14 -13.40
CA PRO D 279 35.87 15.45 -14.27
C PRO D 279 34.47 16.02 -14.13
N ASN D 280 33.70 16.07 -15.23
CA ASN D 280 32.36 16.61 -15.17
C ASN D 280 31.42 15.53 -14.66
N GLY D 281 31.23 15.42 -13.34
CA GLY D 281 30.39 14.38 -12.77
C GLY D 281 28.91 14.74 -12.90
N LEU D 282 28.04 13.75 -12.68
CA LEU D 282 26.60 13.98 -12.83
C LEU D 282 25.90 13.68 -11.50
N ASN D 283 24.97 14.55 -11.09
CA ASN D 283 24.22 14.33 -9.87
C ASN D 283 23.35 13.10 -10.05
N VAL D 284 23.36 12.19 -9.06
CA VAL D 284 22.70 10.90 -9.19
C VAL D 284 21.29 11.07 -8.64
N LYS D 285 20.48 11.83 -9.37
CA LYS D 285 19.04 11.91 -9.19
C LYS D 285 18.36 11.22 -10.36
N LYS D 286 19.17 10.59 -11.24
CA LYS D 286 18.70 9.67 -12.27
C LYS D 286 18.08 8.43 -11.64
N PHE D 287 18.67 7.96 -10.52
CA PHE D 287 18.08 6.90 -9.73
C PHE D 287 16.81 7.39 -9.03
N PHE D 293 16.89 0.43 -10.94
CA PHE D 293 16.57 -0.78 -10.13
C PHE D 293 16.04 -1.89 -11.03
N GLN D 294 16.03 -3.13 -10.53
CA GLN D 294 15.66 -4.27 -11.36
C GLN D 294 14.23 -4.21 -11.85
N ASN D 295 13.29 -3.76 -11.01
CA ASN D 295 11.89 -3.67 -11.42
C ASN D 295 11.74 -2.71 -12.60
N LEU D 296 12.43 -1.55 -12.50
CA LEU D 296 12.39 -0.56 -13.56
C LEU D 296 13.02 -1.14 -14.83
N HIS D 297 14.14 -1.88 -14.66
CA HIS D 297 14.79 -2.50 -15.81
C HIS D 297 13.79 -3.41 -16.52
N ALA D 298 13.09 -4.25 -15.77
CA ALA D 298 12.13 -5.19 -16.34
C ALA D 298 11.01 -4.46 -17.06
N GLN D 299 10.42 -3.44 -16.44
CA GLN D 299 9.33 -2.70 -17.05
C GLN D 299 9.80 -2.09 -18.36
N SER D 300 11.00 -1.48 -18.34
CA SER D 300 11.51 -0.84 -19.55
C SER D 300 11.78 -1.86 -20.65
N LYS D 301 12.34 -3.03 -20.28
CA LYS D 301 12.61 -4.08 -21.25
C LYS D 301 11.30 -4.54 -21.87
N ALA D 302 10.25 -4.68 -21.05
CA ALA D 302 8.96 -5.09 -21.59
C ALA D 302 8.49 -4.06 -22.63
N ARG D 303 8.57 -2.76 -22.29
CA ARG D 303 8.14 -1.74 -23.23
C ARG D 303 8.95 -1.83 -24.53
N ILE D 304 10.26 -2.04 -24.40
CA ILE D 304 11.13 -2.16 -25.57
C ILE D 304 10.74 -3.39 -26.39
N GLN D 305 10.43 -4.50 -25.72
CA GLN D 305 10.02 -5.76 -26.35
C GLN D 305 8.74 -5.53 -27.15
N GLU D 306 7.79 -4.78 -26.57
CA GLU D 306 6.53 -4.47 -27.24
C GLU D 306 6.81 -3.62 -28.47
N PHE D 307 7.72 -2.64 -28.39
CA PHE D 307 8.09 -1.90 -29.60
C PHE D 307 8.63 -2.84 -30.67
N VAL D 308 9.54 -3.75 -30.28
CA VAL D 308 10.15 -4.70 -31.22
C VAL D 308 9.06 -5.58 -31.83
N ARG D 309 8.17 -6.14 -30.99
CA ARG D 309 7.08 -6.99 -31.50
C ARG D 309 6.33 -6.26 -32.62
N GLY D 310 5.98 -4.99 -32.33
CA GLY D 310 5.29 -4.14 -33.26
C GLY D 310 6.08 -3.87 -34.53
N HIS D 311 7.37 -3.51 -34.39
CA HIS D 311 8.17 -3.07 -35.52
C HIS D 311 8.37 -4.20 -36.53
N PHE D 312 8.50 -5.43 -36.03
CA PHE D 312 8.80 -6.58 -36.89
C PHE D 312 7.58 -7.11 -37.63
N TYR D 313 6.35 -6.85 -37.14
CA TYR D 313 5.12 -7.03 -37.92
C TYR D 313 5.08 -8.36 -38.67
N GLY D 314 5.10 -9.47 -37.91
CA GLY D 314 4.93 -10.80 -38.49
C GLY D 314 6.21 -11.42 -39.03
N HIS D 315 7.35 -10.73 -38.90
CA HIS D 315 8.64 -11.35 -39.15
C HIS D 315 9.27 -11.72 -37.82
N LEU D 316 8.44 -11.97 -36.79
CA LEU D 316 8.89 -12.23 -35.43
C LEU D 316 9.25 -13.71 -35.28
N ASP D 317 10.31 -14.12 -35.98
CA ASP D 317 10.75 -15.51 -35.98
C ASP D 317 11.78 -15.75 -34.86
N PHE D 318 12.24 -14.68 -34.23
CA PHE D 318 13.26 -14.77 -33.20
C PHE D 318 12.64 -14.95 -31.82
N ASN D 319 13.45 -15.45 -30.89
CA ASN D 319 13.04 -15.57 -29.50
C ASN D 319 13.38 -14.26 -28.82
N LEU D 320 12.35 -13.62 -28.26
CA LEU D 320 12.50 -12.28 -27.68
C LEU D 320 13.12 -12.34 -26.28
N ASP D 321 12.94 -13.49 -25.60
CA ASP D 321 13.50 -13.59 -24.26
C ASP D 321 15.02 -13.63 -24.36
N LYS D 322 15.52 -14.32 -25.39
CA LYS D 322 16.96 -14.41 -25.61
C LYS D 322 17.53 -13.12 -26.20
N THR D 323 16.70 -12.32 -26.89
CA THR D 323 17.11 -11.11 -27.59
C THR D 323 17.75 -10.11 -26.63
N LEU D 324 18.82 -9.48 -27.12
CA LEU D 324 19.55 -8.45 -26.41
C LEU D 324 19.43 -7.13 -27.15
N TYR D 325 19.31 -6.04 -26.38
CA TYR D 325 19.25 -4.71 -26.96
C TYR D 325 20.54 -3.95 -26.66
N PHE D 326 21.17 -3.43 -27.72
CA PHE D 326 22.32 -2.56 -27.65
C PHE D 326 21.95 -1.20 -28.22
N PHE D 327 22.47 -0.12 -27.66
CA PHE D 327 22.09 1.21 -28.14
C PHE D 327 23.26 2.19 -28.10
N ILE D 328 23.23 3.14 -29.02
CA ILE D 328 24.17 4.25 -29.09
C ILE D 328 23.35 5.55 -29.18
N ALA D 329 23.65 6.49 -28.29
CA ALA D 329 22.92 7.75 -28.28
C ALA D 329 23.90 8.92 -28.28
N GLY D 330 23.34 10.12 -28.41
CA GLY D 330 24.11 11.35 -28.52
C GLY D 330 23.71 12.14 -29.77
N ARG D 331 24.49 13.17 -30.09
CA ARG D 331 24.28 13.94 -31.32
C ARG D 331 24.65 13.06 -32.51
N TYR D 332 24.12 13.40 -33.69
CA TYR D 332 24.33 12.60 -34.88
C TYR D 332 25.69 12.95 -35.48
N GLU D 333 26.73 12.46 -34.82
CA GLU D 333 28.07 12.63 -35.36
C GLU D 333 28.62 11.24 -35.66
N PHE D 334 28.88 11.01 -36.94
CA PHE D 334 29.30 9.70 -37.40
C PHE D 334 30.74 9.45 -36.97
N SER D 335 31.62 10.43 -37.18
CA SER D 335 33.01 10.31 -36.79
C SER D 335 33.17 10.40 -35.27
N ASN D 336 32.59 11.45 -34.65
CA ASN D 336 32.80 11.73 -33.24
C ASN D 336 32.30 10.59 -32.35
N LYS D 337 31.07 10.11 -32.59
CA LYS D 337 30.51 9.07 -31.74
C LYS D 337 30.97 7.70 -32.25
N GLY D 338 31.78 7.73 -33.32
CA GLY D 338 32.37 6.52 -33.89
C GLY D 338 31.34 5.43 -34.17
N ALA D 339 30.21 5.83 -34.75
CA ALA D 339 29.09 4.94 -34.98
C ALA D 339 29.47 3.94 -36.06
N ASP D 340 30.39 4.32 -36.96
CA ASP D 340 30.95 3.42 -37.96
C ASP D 340 31.55 2.18 -37.32
N VAL D 341 32.34 2.34 -36.23
CA VAL D 341 32.90 1.20 -35.52
C VAL D 341 31.79 0.27 -35.02
N PHE D 342 30.77 0.83 -34.38
CA PHE D 342 29.63 0.05 -33.91
C PHE D 342 28.96 -0.66 -35.09
N LEU D 343 28.69 0.05 -36.19
CA LEU D 343 27.99 -0.55 -37.32
C LEU D 343 28.81 -1.68 -37.96
N GLU D 344 30.11 -1.44 -38.17
CA GLU D 344 30.95 -2.49 -38.71
C GLU D 344 30.96 -3.66 -37.74
N ALA D 345 31.07 -3.36 -36.44
CA ALA D 345 31.21 -4.40 -35.44
C ALA D 345 29.92 -5.23 -35.30
N LEU D 346 28.75 -4.61 -35.54
CA LEU D 346 27.48 -5.32 -35.59
C LEU D 346 27.45 -6.30 -36.75
N ALA D 347 27.98 -5.92 -37.93
CA ALA D 347 28.03 -6.83 -39.06
C ALA D 347 28.88 -8.07 -38.73
N ARG D 348 30.02 -7.84 -38.07
CA ARG D 348 30.89 -8.93 -37.65
C ARG D 348 30.21 -9.81 -36.59
N LEU D 349 29.48 -9.18 -35.65
CA LEU D 349 28.69 -9.90 -34.65
C LEU D 349 27.62 -10.76 -35.32
N ASN D 350 26.94 -10.21 -36.35
CA ASN D 350 25.95 -10.95 -37.12
C ASN D 350 26.56 -12.21 -37.70
N TYR D 351 27.71 -12.06 -38.37
CA TYR D 351 28.38 -13.19 -39.01
C TYR D 351 28.74 -14.24 -37.97
N LEU D 352 29.33 -13.82 -36.84
CA LEU D 352 29.75 -14.73 -35.79
C LEU D 352 28.54 -15.46 -35.18
N LEU D 353 27.46 -14.72 -34.89
CA LEU D 353 26.27 -15.31 -34.31
C LEU D 353 25.63 -16.33 -35.25
N ARG D 354 25.55 -15.99 -36.54
CA ARG D 354 24.91 -16.85 -37.53
C ARG D 354 25.74 -18.11 -37.79
N VAL D 355 27.06 -17.95 -37.98
CA VAL D 355 27.96 -19.07 -38.26
C VAL D 355 27.99 -20.04 -37.07
N ASN D 356 28.05 -19.50 -35.85
CA ASN D 356 27.97 -20.29 -34.63
C ASN D 356 26.49 -20.54 -34.34
N GLY D 357 26.19 -21.35 -33.32
CA GLY D 357 24.81 -21.63 -32.95
C GLY D 357 24.27 -20.50 -32.09
N SER D 358 23.23 -19.80 -32.59
CA SER D 358 22.70 -18.66 -31.84
C SER D 358 21.18 -18.70 -31.75
N GLU D 359 20.65 -18.67 -30.53
CA GLU D 359 19.23 -18.45 -30.30
C GLU D 359 19.04 -16.95 -30.13
N GLN D 360 19.87 -16.38 -29.26
CA GLN D 360 20.02 -14.95 -28.98
C GLN D 360 20.16 -14.15 -30.28
N THR D 361 19.42 -13.03 -30.30
CA THR D 361 19.39 -12.12 -31.43
C THR D 361 19.67 -10.73 -30.87
N VAL D 362 20.54 -9.96 -31.54
CA VAL D 362 20.86 -8.60 -31.12
C VAL D 362 20.01 -7.60 -31.90
N VAL D 363 19.41 -6.65 -31.17
CA VAL D 363 18.69 -5.54 -31.72
C VAL D 363 19.46 -4.28 -31.33
N ALA D 364 20.02 -3.57 -32.31
CA ALA D 364 20.80 -2.37 -32.04
C ALA D 364 19.98 -1.11 -32.35
N PHE D 365 19.80 -0.26 -31.32
CA PHE D 365 18.99 0.94 -31.45
C PHE D 365 19.90 2.15 -31.55
N PHE D 366 20.01 2.77 -32.73
CA PHE D 366 20.78 3.99 -32.86
C PHE D 366 19.86 5.19 -32.65
N ILE D 367 19.78 5.70 -31.41
CA ILE D 367 18.85 6.79 -31.11
C ILE D 367 19.57 8.12 -31.27
N MET D 368 19.79 8.51 -32.53
CA MET D 368 20.58 9.70 -32.84
C MET D 368 19.76 10.69 -33.68
N PRO D 369 19.72 11.99 -33.33
CA PRO D 369 18.84 12.96 -33.99
C PRO D 369 19.18 13.20 -35.46
N ALA D 370 18.16 13.24 -36.33
CA ALA D 370 18.34 13.48 -37.76
C ALA D 370 17.15 14.27 -38.27
N ARG D 371 17.09 14.54 -39.59
CA ARG D 371 16.00 15.28 -40.21
C ARG D 371 14.86 14.34 -40.55
N THR D 372 14.11 13.91 -39.53
CA THR D 372 12.94 13.05 -39.71
C THR D 372 11.76 13.87 -40.23
N ASN D 373 10.96 13.27 -41.12
CA ASN D 373 9.75 13.91 -41.62
C ASN D 373 8.57 13.48 -40.77
N ASN D 374 8.35 12.16 -40.68
CA ASN D 374 7.26 11.57 -39.90
C ASN D 374 7.56 10.08 -39.74
N PHE D 375 6.82 9.39 -38.85
CA PHE D 375 7.02 7.95 -38.69
C PHE D 375 6.74 7.26 -40.02
N ASN D 376 7.66 6.37 -40.45
CA ASN D 376 7.52 5.64 -41.70
C ASN D 376 6.23 4.81 -41.67
N VAL D 377 5.61 4.60 -42.82
CA VAL D 377 4.33 3.91 -42.94
C VAL D 377 4.39 2.59 -42.17
N GLU D 378 5.40 1.76 -42.49
CA GLU D 378 5.51 0.42 -41.94
C GLU D 378 5.64 0.46 -40.41
N THR D 379 6.47 1.37 -39.90
CA THR D 379 6.74 1.46 -38.46
C THR D 379 5.44 1.79 -37.71
N LEU D 380 4.68 2.77 -38.22
CA LEU D 380 3.43 3.19 -37.62
C LEU D 380 2.42 2.03 -37.67
N LYS D 381 2.30 1.44 -38.86
CA LYS D 381 1.37 0.34 -39.09
C LYS D 381 1.74 -0.84 -38.19
N GLY D 382 3.05 -1.11 -38.08
CA GLY D 382 3.57 -2.21 -37.30
C GLY D 382 3.15 -2.06 -35.84
N GLN D 383 3.32 -0.85 -35.28
CA GLN D 383 2.92 -0.61 -33.90
C GLN D 383 1.41 -0.74 -33.75
N ALA D 384 0.65 -0.33 -34.78
CA ALA D 384 -0.80 -0.47 -34.76
C ALA D 384 -1.22 -1.95 -34.73
N VAL D 385 -0.53 -2.83 -35.48
CA VAL D 385 -0.87 -4.25 -35.42
C VAL D 385 -0.54 -4.83 -34.05
N ARG D 386 0.55 -4.39 -33.40
CA ARG D 386 0.78 -4.81 -32.02
C ARG D 386 -0.40 -4.39 -31.17
N LYS D 387 -0.88 -3.16 -31.38
CA LYS D 387 -2.04 -2.67 -30.65
C LYS D 387 -3.25 -3.58 -30.92
N GLN D 388 -3.49 -3.89 -32.21
CA GLN D 388 -4.65 -4.70 -32.57
C GLN D 388 -4.55 -6.08 -31.92
N LEU D 389 -3.37 -6.72 -32.01
CA LEU D 389 -3.20 -8.07 -31.49
C LEU D 389 -3.34 -8.02 -29.98
N TRP D 390 -2.78 -6.98 -29.33
CA TRP D 390 -2.92 -6.86 -27.89
C TRP D 390 -4.39 -6.69 -27.50
N ASP D 391 -5.10 -5.84 -28.25
CA ASP D 391 -6.51 -5.57 -27.98
C ASP D 391 -7.33 -6.84 -28.19
N THR D 392 -7.08 -7.53 -29.30
CA THR D 392 -7.83 -8.74 -29.65
C THR D 392 -7.55 -9.81 -28.58
N ALA D 393 -6.28 -9.97 -28.22
CA ALA D 393 -5.89 -10.94 -27.22
C ALA D 393 -6.52 -10.57 -25.89
N ASN D 394 -6.47 -9.28 -25.51
CA ASN D 394 -7.05 -8.86 -24.25
C ASN D 394 -8.55 -9.14 -24.22
N THR D 395 -9.27 -8.82 -25.31
CA THR D 395 -10.71 -8.99 -25.32
C THR D 395 -11.05 -10.47 -25.20
N VAL D 396 -10.37 -11.33 -25.98
CA VAL D 396 -10.61 -12.76 -25.91
C VAL D 396 -10.20 -13.28 -24.53
N LYS D 397 -9.07 -12.79 -24.00
CA LYS D 397 -8.60 -13.18 -22.68
C LYS D 397 -9.66 -12.87 -21.62
N GLU D 398 -10.21 -11.65 -21.67
CA GLU D 398 -11.20 -11.21 -20.70
C GLU D 398 -12.44 -12.10 -20.79
N LYS D 399 -12.88 -12.37 -22.03
CA LYS D 399 -14.07 -13.18 -22.26
C LYS D 399 -13.84 -14.60 -21.76
N PHE D 400 -12.64 -15.16 -22.03
CA PHE D 400 -12.33 -16.49 -21.55
C PHE D 400 -12.31 -16.49 -20.03
N GLY D 401 -11.72 -15.43 -19.47
CA GLY D 401 -11.62 -15.34 -18.01
C GLY D 401 -13.01 -15.39 -17.36
N ARG D 402 -13.94 -14.58 -17.88
CA ARG D 402 -15.29 -14.55 -17.34
C ARG D 402 -15.95 -15.91 -17.50
N LYS D 403 -15.85 -16.52 -18.70
CA LYS D 403 -16.46 -17.81 -18.95
C LYS D 403 -15.84 -18.88 -18.05
N LEU D 404 -14.52 -18.83 -17.87
CA LEU D 404 -13.84 -19.78 -17.00
C LEU D 404 -14.37 -19.61 -15.58
N TYR D 405 -14.43 -18.37 -15.10
CA TYR D 405 -14.87 -18.10 -13.73
C TYR D 405 -16.28 -18.62 -13.54
N GLU D 406 -17.16 -18.36 -14.51
CA GLU D 406 -18.52 -18.87 -14.46
C GLU D 406 -18.54 -20.39 -14.44
N SER D 407 -17.72 -21.04 -15.30
CA SER D 407 -17.68 -22.49 -15.35
C SER D 407 -17.17 -23.08 -14.04
N LEU D 408 -16.13 -22.48 -13.47
CA LEU D 408 -15.58 -22.96 -12.21
C LEU D 408 -16.62 -22.80 -11.10
N LEU D 409 -17.40 -21.71 -11.12
CA LEU D 409 -18.40 -21.45 -10.09
C LEU D 409 -19.48 -22.54 -10.10
N VAL D 410 -19.89 -22.97 -11.30
CA VAL D 410 -20.87 -24.04 -11.44
C VAL D 410 -20.27 -25.34 -10.86
N GLY D 411 -18.95 -25.50 -10.97
CA GLY D 411 -18.27 -26.71 -10.54
C GLY D 411 -17.81 -27.57 -11.72
N SER D 412 -18.22 -27.19 -12.95
CA SER D 412 -17.80 -27.93 -14.14
C SER D 412 -16.41 -27.45 -14.58
N LEU D 413 -15.50 -28.41 -14.86
CA LEU D 413 -14.21 -28.07 -15.46
C LEU D 413 -14.47 -27.44 -16.82
N PRO D 414 -13.77 -26.34 -17.21
CA PRO D 414 -14.09 -25.64 -18.46
C PRO D 414 -13.92 -26.59 -19.66
N ASP D 415 -14.87 -26.52 -20.60
CA ASP D 415 -14.68 -27.20 -21.87
C ASP D 415 -13.85 -26.24 -22.71
N MET D 416 -12.57 -26.54 -22.95
CA MET D 416 -11.70 -25.64 -23.70
C MET D 416 -12.26 -25.24 -25.07
N ASN D 417 -12.87 -26.19 -25.78
CA ASN D 417 -13.36 -25.92 -27.13
C ASN D 417 -14.53 -24.92 -27.08
N LYS D 418 -15.37 -25.05 -26.05
CA LYS D 418 -16.57 -24.23 -25.93
C LYS D 418 -16.26 -22.80 -25.47
N MET D 419 -15.12 -22.60 -24.77
CA MET D 419 -14.84 -21.33 -24.13
C MET D 419 -14.71 -20.21 -25.16
N LEU D 420 -14.08 -20.50 -26.31
CA LEU D 420 -13.96 -19.47 -27.34
C LEU D 420 -15.17 -19.53 -28.26
N ASP D 421 -15.92 -18.44 -28.38
CA ASP D 421 -17.14 -18.37 -29.19
C ASP D 421 -16.77 -18.12 -30.64
N LYS D 422 -17.73 -18.30 -31.56
CA LYS D 422 -17.59 -17.92 -32.97
C LYS D 422 -17.27 -16.43 -33.10
N GLU D 423 -17.84 -15.62 -32.20
CA GLU D 423 -17.55 -14.19 -32.12
C GLU D 423 -16.05 -13.95 -31.93
N ASP D 424 -15.39 -14.72 -31.06
CA ASP D 424 -13.97 -14.59 -30.85
C ASP D 424 -13.19 -15.03 -32.09
N PHE D 425 -13.57 -16.18 -32.68
CA PHE D 425 -12.81 -16.69 -33.80
C PHE D 425 -12.85 -15.75 -35.00
N THR D 426 -13.74 -14.75 -34.98
CA THR D 426 -13.73 -13.75 -36.04
C THR D 426 -12.73 -12.65 -35.74
N MET D 427 -12.69 -12.17 -34.49
CA MET D 427 -11.77 -11.14 -34.05
C MET D 427 -10.33 -11.62 -34.22
N MET D 428 -10.06 -12.86 -33.76
CA MET D 428 -8.73 -13.42 -33.83
C MET D 428 -8.30 -13.68 -35.28
N LYS D 429 -9.25 -14.13 -36.12
CA LYS D 429 -8.98 -14.38 -37.52
C LYS D 429 -8.57 -13.08 -38.22
N ARG D 430 -9.25 -11.97 -37.88
CA ARG D 430 -8.89 -10.67 -38.44
C ARG D 430 -7.50 -10.28 -37.99
N ALA D 431 -7.20 -10.54 -36.71
CA ALA D 431 -5.91 -10.23 -36.12
C ALA D 431 -4.77 -10.98 -36.82
N ILE D 432 -4.98 -12.29 -37.06
CA ILE D 432 -3.98 -13.10 -37.74
C ILE D 432 -3.81 -12.62 -39.18
N PHE D 433 -4.91 -12.15 -39.80
CA PHE D 433 -4.88 -11.69 -41.18
C PHE D 433 -4.08 -10.39 -41.30
N ALA D 434 -4.12 -9.56 -40.24
CA ALA D 434 -3.36 -8.32 -40.23
C ALA D 434 -1.85 -8.62 -40.20
N THR D 435 -1.44 -9.61 -39.40
CA THR D 435 -0.03 -9.84 -39.13
C THR D 435 0.80 -10.10 -40.40
N GLN D 436 0.20 -10.75 -41.40
CA GLN D 436 0.94 -11.26 -42.54
C GLN D 436 1.68 -10.13 -43.25
N ARG D 437 2.99 -10.32 -43.44
CA ARG D 437 3.81 -9.35 -44.16
C ARG D 437 4.81 -10.10 -45.03
N GLN D 438 5.23 -9.47 -46.14
CA GLN D 438 6.27 -10.05 -47.00
C GLN D 438 7.59 -9.28 -46.83
N SER D 439 7.50 -7.94 -46.77
CA SER D 439 8.69 -7.09 -46.78
C SER D 439 9.38 -7.13 -45.42
N PHE D 440 10.73 -7.20 -45.41
CA PHE D 440 11.49 -7.18 -44.18
C PHE D 440 11.29 -5.86 -43.43
N PRO D 441 11.20 -5.87 -42.09
CA PRO D 441 10.93 -4.67 -41.30
C PRO D 441 11.97 -3.57 -41.54
N PRO D 442 11.55 -2.28 -41.60
CA PRO D 442 12.47 -1.20 -42.00
C PRO D 442 13.62 -1.00 -41.02
N VAL D 443 14.76 -0.52 -41.53
CA VAL D 443 15.88 -0.25 -40.64
C VAL D 443 15.67 1.05 -39.89
N CYS D 444 14.99 2.04 -40.50
CA CYS D 444 14.84 3.31 -39.80
C CYS D 444 13.37 3.57 -39.51
N THR D 445 13.08 4.01 -38.29
CA THR D 445 11.71 4.20 -37.84
C THR D 445 11.07 5.42 -38.49
N HIS D 446 11.88 6.44 -38.85
CA HIS D 446 11.31 7.65 -39.43
C HIS D 446 11.77 7.76 -40.88
N ASN D 447 10.85 8.16 -41.77
CA ASN D 447 11.24 8.43 -43.15
C ASN D 447 12.11 9.69 -43.17
N MET D 448 13.31 9.57 -43.73
CA MET D 448 14.30 10.64 -43.67
C MET D 448 14.00 11.67 -44.77
N LEU D 449 14.19 12.96 -44.47
CA LEU D 449 14.10 14.00 -45.50
C LEU D 449 15.10 13.71 -46.60
N ASP D 450 16.32 13.34 -46.21
CA ASP D 450 17.39 12.98 -47.10
C ASP D 450 17.87 11.61 -46.65
N ASP D 451 17.64 10.60 -47.52
CA ASP D 451 17.96 9.22 -47.20
C ASP D 451 19.36 8.85 -47.71
N SER D 452 19.68 9.23 -48.95
CA SER D 452 20.93 8.84 -49.58
C SER D 452 22.15 9.34 -48.78
N SER D 453 22.05 10.58 -48.27
CA SER D 453 23.22 11.18 -47.62
C SER D 453 23.49 10.54 -46.25
N ASP D 454 22.42 10.15 -45.55
CA ASP D 454 22.49 9.69 -44.18
C ASP D 454 23.60 8.65 -44.00
N PRO D 455 24.65 8.95 -43.19
CA PRO D 455 25.78 8.03 -43.00
C PRO D 455 25.34 6.69 -42.43
N ILE D 456 24.44 6.71 -41.43
CA ILE D 456 23.97 5.51 -40.77
C ILE D 456 23.34 4.56 -41.79
N LEU D 457 22.39 5.09 -42.60
CA LEU D 457 21.67 4.26 -43.55
C LEU D 457 22.60 3.70 -44.61
N THR D 458 23.51 4.53 -45.13
CA THR D 458 24.45 4.08 -46.15
C THR D 458 25.28 2.90 -45.64
N THR D 459 25.75 3.01 -44.39
CA THR D 459 26.55 1.98 -43.76
C THR D 459 25.72 0.72 -43.51
N ILE D 460 24.47 0.85 -43.03
CA ILE D 460 23.58 -0.29 -42.80
C ILE D 460 23.42 -1.08 -44.09
N ARG D 461 23.19 -0.38 -45.21
CA ARG D 461 23.05 -1.01 -46.52
C ARG D 461 24.32 -1.75 -46.93
N ARG D 462 25.48 -1.09 -46.74
CA ARG D 462 26.78 -1.65 -47.09
C ARG D 462 27.07 -2.90 -46.24
N ILE D 463 26.83 -2.79 -44.93
CA ILE D 463 27.10 -3.83 -43.96
C ILE D 463 26.21 -5.05 -44.23
N GLY D 464 25.01 -4.83 -44.79
CA GLY D 464 24.09 -5.89 -45.19
C GLY D 464 23.01 -6.21 -44.15
N LEU D 465 22.88 -5.36 -43.11
CA LEU D 465 21.85 -5.57 -42.10
C LEU D 465 20.52 -4.95 -42.50
N PHE D 466 19.70 -5.74 -43.22
CA PHE D 466 18.41 -5.30 -43.70
C PHE D 466 17.25 -5.85 -42.87
N ASN D 467 17.56 -6.34 -41.66
CA ASN D 467 16.63 -7.08 -40.78
C ASN D 467 16.01 -8.29 -41.48
N SER D 468 16.77 -8.96 -42.36
CA SER D 468 16.29 -10.17 -43.01
C SER D 468 16.11 -11.27 -41.95
N SER D 469 15.22 -12.23 -42.23
CA SER D 469 14.90 -13.32 -41.32
C SER D 469 16.16 -14.06 -40.88
N ALA D 470 17.12 -14.20 -41.80
CA ALA D 470 18.35 -14.96 -41.56
C ALA D 470 19.30 -14.21 -40.61
N ASP D 471 19.25 -12.87 -40.64
CA ASP D 471 20.17 -12.03 -39.87
C ASP D 471 19.90 -12.18 -38.39
N ARG D 472 20.96 -12.33 -37.59
CA ARG D 472 20.82 -12.41 -36.14
C ARG D 472 20.99 -11.03 -35.49
N VAL D 473 21.37 -10.02 -36.28
CA VAL D 473 21.51 -8.67 -35.76
C VAL D 473 20.60 -7.72 -36.54
N LYS D 474 19.67 -7.09 -35.82
CA LYS D 474 18.63 -6.25 -36.41
C LYS D 474 18.81 -4.81 -35.94
N VAL D 475 18.95 -3.89 -36.89
CA VAL D 475 19.28 -2.51 -36.55
C VAL D 475 18.05 -1.63 -36.73
N ILE D 476 17.66 -0.93 -35.65
CA ILE D 476 16.53 -0.01 -35.65
C ILE D 476 17.07 1.38 -35.35
N PHE D 477 17.16 2.23 -36.38
CA PHE D 477 17.68 3.59 -36.21
C PHE D 477 16.50 4.53 -35.95
N HIS D 478 16.42 5.08 -34.73
CA HIS D 478 15.38 6.03 -34.38
C HIS D 478 15.93 7.46 -34.54
N PRO D 479 15.58 8.16 -35.64
CA PRO D 479 16.16 9.47 -35.94
C PRO D 479 15.79 10.62 -35.02
N GLU D 480 14.83 10.43 -34.11
CA GLU D 480 14.40 11.47 -33.19
C GLU D 480 14.80 11.08 -31.77
N PHE D 481 15.23 12.06 -30.95
CA PHE D 481 15.51 11.78 -29.55
C PHE D 481 14.24 11.20 -28.91
N LEU D 482 14.35 10.03 -28.29
CA LEU D 482 13.17 9.40 -27.73
C LEU D 482 12.54 10.33 -26.70
N SER D 483 11.21 10.49 -26.76
CA SER D 483 10.50 11.42 -25.89
C SER D 483 9.16 10.83 -25.48
N SER D 484 8.57 11.32 -24.38
CA SER D 484 7.21 10.97 -23.97
C SER D 484 6.19 11.42 -25.02
N THR D 485 6.47 12.53 -25.71
CA THR D 485 5.57 13.10 -26.70
C THR D 485 5.40 12.20 -27.93
N SER D 486 6.44 11.46 -28.30
CA SER D 486 6.42 10.66 -29.53
C SER D 486 5.28 9.65 -29.56
N PRO D 487 4.48 9.59 -30.66
CA PRO D 487 3.31 8.72 -30.74
C PRO D 487 3.61 7.23 -30.69
N LEU D 488 4.63 6.78 -31.42
CA LEU D 488 4.99 5.38 -31.48
C LEU D 488 5.43 4.92 -30.09
N LEU D 489 6.40 5.66 -29.53
CA LEU D 489 7.03 5.29 -28.28
C LEU D 489 7.01 6.49 -27.36
N PRO D 490 6.07 6.58 -26.38
CA PRO D 490 6.08 7.65 -25.40
C PRO D 490 7.03 7.20 -24.29
N VAL D 491 8.32 7.02 -24.63
CA VAL D 491 9.33 6.61 -23.65
C VAL D 491 10.42 7.67 -23.58
N ASP D 492 10.79 8.10 -22.36
CA ASP D 492 11.85 9.09 -22.20
C ASP D 492 13.17 8.39 -22.35
N TYR D 493 14.20 9.10 -22.86
CA TYR D 493 15.54 8.53 -23.01
C TYR D 493 15.90 7.69 -21.79
N GLU D 494 15.60 8.20 -20.58
CA GLU D 494 15.99 7.52 -19.37
C GLU D 494 15.37 6.13 -19.31
N GLU D 495 14.06 6.05 -19.59
CA GLU D 495 13.36 4.77 -19.45
C GLU D 495 13.84 3.76 -20.50
N PHE D 496 14.05 4.21 -21.73
CA PHE D 496 14.60 3.35 -22.77
C PHE D 496 15.97 2.81 -22.38
N VAL D 497 16.84 3.69 -21.85
CA VAL D 497 18.17 3.30 -21.42
C VAL D 497 18.07 2.19 -20.39
N ARG D 498 17.16 2.36 -19.41
CA ARG D 498 16.99 1.40 -18.33
C ARG D 498 16.55 0.02 -18.84
N GLY D 499 16.02 -0.08 -20.04
CA GLY D 499 15.60 -1.36 -20.57
C GLY D 499 16.71 -2.11 -21.31
N CYS D 500 17.50 -1.37 -22.09
CA CYS D 500 18.50 -2.00 -22.96
C CYS D 500 19.61 -2.68 -22.14
N HIS D 501 20.14 -3.76 -22.71
CA HIS D 501 21.07 -4.64 -22.02
C HIS D 501 22.47 -4.02 -21.93
N LEU D 502 22.89 -3.31 -23.00
CA LEU D 502 24.22 -2.74 -23.09
C LEU D 502 24.18 -1.47 -23.91
N GLY D 503 25.07 -0.52 -23.61
CA GLY D 503 25.19 0.68 -24.40
C GLY D 503 26.58 0.80 -25.03
N VAL D 504 26.65 0.96 -26.35
CA VAL D 504 27.92 0.96 -27.04
C VAL D 504 28.21 2.39 -27.51
N PHE D 505 29.28 3.01 -26.98
CA PHE D 505 29.67 4.36 -27.31
C PHE D 505 31.14 4.40 -27.75
N PRO D 506 31.48 3.90 -28.96
CA PRO D 506 32.88 3.84 -29.40
C PRO D 506 33.28 5.21 -29.98
N SER D 507 33.29 6.24 -29.14
CA SER D 507 33.50 7.58 -29.67
C SER D 507 34.98 7.78 -30.01
N TYR D 508 35.24 8.71 -30.94
CA TYR D 508 36.59 9.11 -31.28
C TYR D 508 37.00 10.37 -30.53
N TYR D 509 36.15 11.39 -30.60
CA TYR D 509 36.42 12.65 -29.93
C TYR D 509 35.23 12.94 -29.02
N GLU D 510 35.23 12.32 -27.86
CA GLU D 510 34.35 12.77 -26.78
C GLU D 510 35.27 13.32 -25.70
N PRO D 511 35.17 14.62 -25.32
CA PRO D 511 35.99 15.14 -24.23
C PRO D 511 35.57 14.53 -22.89
N TRP D 512 34.25 14.49 -22.67
CA TRP D 512 33.69 13.73 -21.57
C TRP D 512 32.41 13.22 -22.12
N GLY D 513 32.32 11.96 -22.47
CA GLY D 513 31.03 11.41 -22.90
C GLY D 513 29.96 11.56 -21.81
N TYR D 514 29.09 12.54 -21.97
CA TYR D 514 27.96 12.72 -21.07
C TYR D 514 27.03 11.53 -21.15
N THR D 515 26.78 11.06 -22.38
CA THR D 515 25.91 9.95 -22.70
C THR D 515 26.40 8.66 -22.01
N PRO D 516 27.67 8.22 -22.15
CA PRO D 516 28.18 7.05 -21.44
C PRO D 516 28.05 7.18 -19.93
N ALA D 517 28.30 8.36 -19.38
CA ALA D 517 28.22 8.59 -17.94
C ALA D 517 26.80 8.36 -17.43
N GLU D 518 25.80 8.92 -18.13
CA GLU D 518 24.39 8.72 -17.82
C GLU D 518 24.06 7.23 -17.79
N CYS D 519 24.51 6.49 -18.82
CA CYS D 519 24.33 5.05 -18.89
C CYS D 519 24.87 4.33 -17.65
N THR D 520 26.10 4.68 -17.25
CA THR D 520 26.73 4.01 -16.12
C THR D 520 26.01 4.32 -14.81
N VAL D 521 25.54 5.57 -14.63
CA VAL D 521 24.79 5.97 -13.45
C VAL D 521 23.48 5.17 -13.38
N MET D 522 22.92 4.86 -14.55
CA MET D 522 21.79 3.92 -14.67
C MET D 522 22.46 2.55 -14.66
N GLY D 523 21.76 1.44 -14.40
CA GLY D 523 22.48 0.18 -14.19
C GLY D 523 23.32 -0.29 -15.39
N ILE D 524 23.17 0.39 -16.53
CA ILE D 524 23.47 -0.17 -17.84
C ILE D 524 24.98 -0.29 -18.00
N PRO D 525 25.53 -1.47 -18.35
CA PRO D 525 26.96 -1.59 -18.67
C PRO D 525 27.18 -0.87 -20.00
N SER D 526 28.28 -0.12 -20.09
CA SER D 526 28.51 0.74 -21.24
C SER D 526 29.93 0.57 -21.76
N ILE D 527 30.07 0.23 -23.04
CA ILE D 527 31.38 0.17 -23.67
C ILE D 527 31.77 1.62 -23.99
N SER D 528 32.97 2.02 -23.55
CA SER D 528 33.47 3.36 -23.81
C SER D 528 34.88 3.26 -24.36
N THR D 529 35.37 4.34 -24.96
CA THR D 529 36.66 4.29 -25.59
C THR D 529 37.74 4.88 -24.67
N ASN D 530 39.00 4.54 -24.96
CA ASN D 530 40.14 5.13 -24.27
C ASN D 530 40.32 6.59 -24.70
N LEU D 531 39.56 7.02 -25.69
CA LEU D 531 39.57 8.36 -26.21
C LEU D 531 38.42 9.16 -25.60
N SER D 532 37.42 8.49 -25.02
CA SER D 532 36.36 9.18 -24.29
C SER D 532 36.83 9.53 -22.91
N GLY D 533 36.31 10.65 -22.36
CA GLY D 533 36.58 11.04 -20.99
C GLY D 533 36.11 9.96 -20.01
N PHE D 534 34.89 9.48 -20.18
CA PHE D 534 34.31 8.53 -19.22
C PHE D 534 35.15 7.26 -19.21
N GLY D 535 35.56 6.81 -20.43
CA GLY D 535 36.33 5.60 -20.57
C GLY D 535 37.69 5.74 -19.89
N CYS D 536 38.39 6.86 -20.23
CA CYS D 536 39.73 7.04 -19.67
C CYS D 536 39.65 7.16 -18.15
N PHE D 537 38.64 7.89 -17.67
CA PHE D 537 38.41 8.10 -16.25
C PHE D 537 38.21 6.76 -15.55
N MET D 538 37.40 5.88 -16.13
CA MET D 538 37.11 4.57 -15.55
C MET D 538 38.35 3.68 -15.50
N GLU D 539 39.16 3.70 -16.56
CA GLU D 539 40.40 2.95 -16.61
C GLU D 539 41.32 3.39 -15.48
N GLU D 540 41.45 4.71 -15.31
CA GLU D 540 42.30 5.29 -14.27
C GLU D 540 41.82 4.91 -12.88
N HIS D 541 40.51 4.84 -12.68
CA HIS D 541 39.93 4.64 -11.35
C HIS D 541 39.65 3.17 -11.02
N ILE D 542 39.57 2.29 -12.03
CA ILE D 542 39.33 0.87 -11.74
C ILE D 542 40.31 0.01 -12.53
N ALA D 543 41.06 -0.86 -11.82
CA ALA D 543 42.16 -1.64 -12.37
C ALA D 543 41.68 -2.67 -13.39
N ASP D 544 40.57 -3.34 -13.05
CA ASP D 544 39.96 -4.37 -13.89
C ASP D 544 38.58 -3.89 -14.36
N PRO D 545 38.55 -3.15 -15.50
CA PRO D 545 37.35 -2.44 -15.94
C PRO D 545 36.20 -3.38 -16.29
N SER D 546 36.53 -4.51 -16.93
CA SER D 546 35.60 -5.45 -17.52
C SER D 546 34.61 -6.04 -16.52
N ALA D 547 35.09 -6.39 -15.32
CA ALA D 547 34.29 -6.99 -14.28
C ALA D 547 33.12 -6.09 -13.89
N TYR D 548 33.35 -4.77 -13.86
CA TYR D 548 32.36 -3.81 -13.42
C TYR D 548 31.40 -3.41 -14.54
N GLY D 549 31.56 -3.99 -15.74
CA GLY D 549 30.58 -3.78 -16.80
C GLY D 549 30.95 -2.67 -17.77
N ILE D 550 32.02 -1.91 -17.48
CA ILE D 550 32.48 -0.91 -18.43
C ILE D 550 33.65 -1.47 -19.25
N TYR D 551 33.39 -1.76 -20.54
CA TYR D 551 34.44 -2.29 -21.39
C TYR D 551 35.12 -1.11 -22.09
N ILE D 552 36.46 -1.09 -22.07
CA ILE D 552 37.13 0.06 -22.65
C ILE D 552 37.75 -0.33 -23.98
N LEU D 553 37.08 0.00 -25.09
CA LEU D 553 37.62 -0.24 -26.42
C LEU D 553 38.80 0.70 -26.61
N ASP D 554 39.96 0.19 -27.04
CA ASP D 554 41.15 1.03 -27.08
C ASP D 554 41.32 1.55 -28.50
N ARG D 555 40.84 2.77 -28.79
CA ARG D 555 41.06 3.33 -30.10
C ARG D 555 42.39 4.10 -30.14
N ARG D 556 43.01 4.34 -28.98
CA ARG D 556 44.10 5.31 -28.89
C ARG D 556 45.39 4.77 -29.53
N PHE D 557 45.70 3.51 -29.24
CA PHE D 557 46.92 2.88 -29.71
C PHE D 557 46.64 1.84 -30.80
N ARG D 558 45.35 1.55 -31.05
CA ARG D 558 45.00 0.58 -32.07
C ARG D 558 44.59 1.29 -33.35
N SER D 559 44.74 0.62 -34.49
CA SER D 559 44.24 1.09 -35.78
C SER D 559 42.72 0.95 -35.81
N LEU D 560 42.05 1.60 -36.77
CA LEU D 560 40.60 1.64 -36.86
C LEU D 560 40.01 0.24 -37.00
N ASP D 561 40.59 -0.57 -37.89
CA ASP D 561 40.08 -1.90 -38.19
C ASP D 561 40.28 -2.84 -37.01
N ASP D 562 41.45 -2.76 -36.38
CA ASP D 562 41.77 -3.56 -35.19
C ASP D 562 40.84 -3.18 -34.03
N SER D 563 40.49 -1.90 -33.90
CA SER D 563 39.55 -1.42 -32.92
C SER D 563 38.16 -2.01 -33.17
N CYS D 564 37.71 -1.97 -34.43
CA CYS D 564 36.46 -2.60 -34.82
C CYS D 564 36.43 -4.08 -34.41
N SER D 565 37.50 -4.82 -34.75
CA SER D 565 37.67 -6.22 -34.37
C SER D 565 37.61 -6.40 -32.84
N GLN D 566 38.20 -5.44 -32.12
CA GLN D 566 38.17 -5.44 -30.67
C GLN D 566 36.72 -5.24 -30.19
N LEU D 567 35.98 -4.32 -30.79
CA LEU D 567 34.57 -4.13 -30.44
C LEU D 567 33.78 -5.41 -30.71
N THR D 568 33.97 -6.01 -31.88
CA THR D 568 33.28 -7.26 -32.22
C THR D 568 33.53 -8.27 -31.10
N SER D 569 34.78 -8.37 -30.63
CA SER D 569 35.12 -9.29 -29.56
C SER D 569 34.34 -8.99 -28.27
N PHE D 570 34.26 -7.70 -27.91
CA PHE D 570 33.50 -7.23 -26.76
C PHE D 570 32.02 -7.58 -26.91
N LEU D 571 31.43 -7.22 -28.07
CA LEU D 571 30.02 -7.46 -28.31
C LEU D 571 29.73 -8.95 -28.22
N TYR D 572 30.57 -9.76 -28.88
CA TYR D 572 30.42 -11.20 -28.87
C TYR D 572 30.50 -11.78 -27.46
N SER D 573 31.46 -11.28 -26.67
CA SER D 573 31.65 -11.73 -25.29
C SER D 573 30.39 -11.45 -24.47
N PHE D 574 29.82 -10.26 -24.63
CA PHE D 574 28.59 -9.89 -23.96
C PHE D 574 27.45 -10.83 -24.36
N CYS D 575 27.34 -11.10 -25.66
CA CYS D 575 26.33 -12.01 -26.19
C CYS D 575 26.45 -13.40 -25.59
N GLN D 576 27.70 -13.91 -25.50
CA GLN D 576 27.97 -15.26 -25.01
C GLN D 576 28.12 -15.25 -23.49
N GLN D 577 27.11 -14.68 -22.85
CA GLN D 577 27.06 -14.55 -21.39
C GLN D 577 25.71 -15.05 -20.91
N SER D 578 25.78 -15.96 -19.92
CA SER D 578 24.57 -16.58 -19.40
C SER D 578 23.82 -15.55 -18.54
N ARG D 579 22.48 -15.75 -18.45
CA ARG D 579 21.57 -14.79 -17.88
C ARG D 579 22.06 -14.28 -16.53
N ARG D 580 22.46 -15.19 -15.64
CA ARG D 580 22.87 -14.83 -14.29
C ARG D 580 24.13 -13.96 -14.34
N GLN D 581 25.08 -14.30 -15.20
CA GLN D 581 26.34 -13.58 -15.34
C GLN D 581 26.09 -12.14 -15.79
N ARG D 582 25.18 -11.95 -16.76
CA ARG D 582 24.81 -10.63 -17.25
C ARG D 582 24.23 -9.77 -16.13
N ILE D 583 23.34 -10.36 -15.31
CA ILE D 583 22.75 -9.68 -14.17
C ILE D 583 23.85 -9.13 -13.27
N ILE D 584 24.87 -9.96 -12.95
CA ILE D 584 26.02 -9.53 -12.15
C ILE D 584 26.67 -8.30 -12.78
N GLN D 585 26.94 -8.35 -14.10
CA GLN D 585 27.62 -7.27 -14.82
C GLN D 585 26.88 -5.94 -14.59
N ARG D 586 25.55 -5.96 -14.81
CA ARG D 586 24.73 -4.76 -14.68
C ARG D 586 24.78 -4.22 -13.25
N ASN D 587 24.68 -5.10 -12.25
CA ASN D 587 24.68 -4.70 -10.85
C ASN D 587 26.01 -4.09 -10.45
N ARG D 588 27.12 -4.65 -10.95
CA ARG D 588 28.44 -4.08 -10.70
C ARG D 588 28.49 -2.66 -11.27
N THR D 589 27.77 -2.44 -12.36
CA THR D 589 27.72 -1.12 -13.00
C THR D 589 27.07 -0.10 -12.06
N GLU D 590 26.01 -0.52 -11.35
CA GLU D 590 25.29 0.40 -10.46
C GLU D 590 26.23 0.90 -9.37
N ARG D 591 27.16 0.02 -8.92
CA ARG D 591 28.10 0.40 -7.87
C ARG D 591 29.11 1.44 -8.38
N LEU D 592 29.27 1.53 -9.70
CA LEU D 592 30.18 2.50 -10.29
C LEU D 592 29.53 3.88 -10.44
N SER D 593 28.28 4.01 -9.99
CA SER D 593 27.55 5.27 -10.03
C SER D 593 28.24 6.28 -9.12
N ASP D 594 28.68 5.84 -7.93
CA ASP D 594 29.26 6.72 -6.92
C ASP D 594 30.51 7.45 -7.42
N LEU D 595 31.29 6.77 -8.27
CA LEU D 595 32.50 7.36 -8.85
C LEU D 595 32.15 8.55 -9.73
N LEU D 596 30.99 8.50 -10.40
CA LEU D 596 30.56 9.57 -11.28
C LEU D 596 29.89 10.69 -10.53
N ASP D 597 29.26 10.43 -9.37
CA ASP D 597 28.44 11.41 -8.68
C ASP D 597 29.27 12.60 -8.22
N TRP D 598 28.63 13.79 -8.14
CA TRP D 598 29.32 15.01 -7.77
C TRP D 598 29.87 14.94 -6.35
N LYS D 599 29.23 14.18 -5.46
CA LYS D 599 29.68 14.08 -4.07
C LYS D 599 31.17 13.72 -4.04
N TYR D 600 31.51 12.61 -4.69
CA TYR D 600 32.89 12.17 -4.80
C TYR D 600 33.66 13.09 -5.75
N LEU D 601 33.08 13.38 -6.90
CA LEU D 601 33.81 14.02 -7.99
C LEU D 601 34.03 15.51 -7.73
N GLY D 602 33.30 16.08 -6.76
CA GLY D 602 33.48 17.46 -6.35
C GLY D 602 34.88 17.73 -5.80
N ARG D 603 35.50 16.67 -5.27
CA ARG D 603 36.82 16.78 -4.66
C ARG D 603 37.83 17.34 -5.65
N TYR D 604 37.74 16.98 -6.92
CA TYR D 604 38.76 17.37 -7.89
C TYR D 604 38.74 18.87 -8.16
N TYR D 605 37.54 19.47 -8.24
CA TYR D 605 37.44 20.92 -8.38
C TYR D 605 37.82 21.62 -7.07
N MET D 606 37.43 21.05 -5.93
CA MET D 606 37.72 21.68 -4.64
C MET D 606 39.23 21.84 -4.51
N SER D 607 39.96 20.80 -4.97
CA SER D 607 41.41 20.87 -5.02
C SER D 607 41.83 22.03 -5.92
N ALA D 608 41.20 22.19 -7.08
CA ALA D 608 41.56 23.24 -8.02
C ALA D 608 41.42 24.62 -7.36
N ARG D 609 40.28 24.86 -6.66
CA ARG D 609 40.10 26.12 -5.97
C ARG D 609 41.17 26.34 -4.89
N HIS D 610 41.41 25.30 -4.08
CA HIS D 610 42.38 25.41 -3.00
C HIS D 610 43.79 25.68 -3.56
N MET D 611 44.13 25.02 -4.67
CA MET D 611 45.40 25.25 -5.34
C MET D 611 45.45 26.66 -5.89
N ALA D 612 44.34 27.20 -6.42
CA ALA D 612 44.32 28.57 -6.94
C ALA D 612 44.55 29.56 -5.78
N LEU D 613 43.85 29.32 -4.66
CA LEU D 613 43.98 30.14 -3.47
C LEU D 613 45.42 30.07 -2.98
N SER D 614 46.05 28.90 -3.03
CA SER D 614 47.44 28.73 -2.62
C SER D 614 48.41 29.45 -3.56
N LYS D 615 48.16 29.38 -4.87
CA LYS D 615 49.08 29.93 -5.86
C LYS D 615 49.16 31.45 -5.72
N ALA D 616 48.01 32.12 -5.54
CA ALA D 616 48.00 33.57 -5.42
C ALA D 616 47.74 34.00 -3.98
N PHE D 617 48.18 35.21 -3.59
CA PHE D 617 48.13 35.68 -2.21
C PHE D 617 48.48 34.56 -1.21
N PRO D 618 49.70 33.95 -1.29
CA PRO D 618 49.99 32.74 -0.52
C PRO D 618 49.96 32.94 0.98
N GLU D 619 50.40 34.14 1.43
CA GLU D 619 50.55 34.43 2.85
C GLU D 619 49.21 34.37 3.58
N HIS D 620 48.16 35.00 3.00
CA HIS D 620 46.93 35.25 3.73
C HIS D 620 46.26 33.97 4.20
N PHE D 621 45.64 34.04 5.38
CA PHE D 621 44.90 32.96 6.00
C PHE D 621 45.72 31.65 6.08
N THR D 622 45.09 30.54 5.69
CA THR D 622 45.72 29.24 5.65
C THR D 622 45.93 28.78 4.20
N TYR D 623 46.22 29.75 3.33
CA TYR D 623 46.33 29.48 1.91
C TYR D 623 47.65 28.78 1.59
N GLU D 624 47.70 27.47 1.82
CA GLU D 624 48.86 26.63 1.50
C GLU D 624 48.34 25.29 0.99
N PRO D 625 49.01 24.64 -0.02
CA PRO D 625 48.50 23.40 -0.60
C PRO D 625 49.01 22.13 0.11
N ASN D 626 48.09 21.21 0.41
CA ASN D 626 48.42 19.96 1.06
C ASN D 626 49.35 19.13 0.18
N GLU D 627 49.04 19.07 -1.11
CA GLU D 627 49.79 18.30 -2.08
C GLU D 627 50.65 19.24 -2.92
N PHE E 22 -39.23 39.74 9.25
CA PHE E 22 -38.57 38.43 9.53
C PHE E 22 -37.08 38.63 9.82
N ASP E 23 -36.76 39.69 10.58
CA ASP E 23 -35.37 40.07 10.83
C ASP E 23 -35.05 39.92 12.31
N LEU E 24 -34.00 39.13 12.62
CA LEU E 24 -33.54 38.90 13.97
C LEU E 24 -32.39 39.85 14.31
N GLU E 25 -32.71 41.06 14.76
CA GLU E 25 -31.72 42.12 14.91
C GLU E 25 -30.65 41.72 15.92
N ASN E 26 -31.10 41.25 17.10
CA ASN E 26 -30.21 40.95 18.22
C ASN E 26 -30.36 39.51 18.69
N ALA E 27 -31.19 38.69 18.02
CA ALA E 27 -31.48 37.35 18.51
C ALA E 27 -30.21 36.48 18.49
N VAL E 28 -30.03 35.65 19.52
CA VAL E 28 -28.88 34.74 19.62
C VAL E 28 -29.42 33.31 19.69
N LEU E 29 -28.98 32.41 18.81
CA LEU E 29 -29.51 31.06 18.80
C LEU E 29 -28.67 30.11 19.63
N PHE E 30 -29.25 29.44 20.62
CA PHE E 30 -28.52 28.50 21.47
C PHE E 30 -29.19 27.13 21.39
N GLU E 31 -28.72 26.25 20.48
CA GLU E 31 -29.30 24.93 20.33
C GLU E 31 -28.69 23.99 21.37
N VAL E 32 -29.46 23.73 22.44
CA VAL E 32 -28.99 22.92 23.56
C VAL E 32 -29.36 21.46 23.33
N ALA E 33 -28.37 20.57 23.31
CA ALA E 33 -28.63 19.14 23.11
C ALA E 33 -27.54 18.30 23.75
N TRP E 34 -27.88 17.07 24.13
CA TRP E 34 -26.90 16.18 24.74
C TRP E 34 -25.93 15.63 23.69
N GLU E 35 -26.32 15.67 22.41
CA GLU E 35 -25.44 15.12 21.39
C GLU E 35 -24.71 16.22 20.61
N VAL E 36 -24.34 17.34 21.25
CA VAL E 36 -23.75 18.46 20.53
C VAL E 36 -22.35 18.13 20.02
N ALA E 37 -21.57 17.40 20.81
CA ALA E 37 -20.25 16.97 20.37
C ALA E 37 -20.04 15.47 20.53
N ASN E 38 -21.01 14.75 21.11
CA ASN E 38 -20.86 13.35 21.45
C ASN E 38 -21.90 12.53 20.70
N LYS E 39 -21.44 11.54 19.94
CA LYS E 39 -22.32 10.74 19.11
C LYS E 39 -22.94 9.61 19.90
N VAL E 40 -23.96 9.90 20.70
CA VAL E 40 -24.64 8.88 21.48
C VAL E 40 -25.74 8.26 20.61
N GLY E 41 -26.41 9.10 19.83
CA GLY E 41 -27.58 8.72 19.05
C GLY E 41 -27.79 9.58 17.81
N GLY E 42 -28.87 9.29 17.06
CA GLY E 42 -29.18 9.92 15.78
C GLY E 42 -29.35 11.43 15.85
N ILE E 43 -29.71 11.94 17.04
CA ILE E 43 -29.86 13.36 17.29
C ILE E 43 -28.56 14.05 16.89
N TYR E 44 -27.42 13.40 17.15
CA TYR E 44 -26.11 13.95 16.90
C TYR E 44 -25.94 14.24 15.42
N THR E 45 -26.39 13.31 14.57
CA THR E 45 -26.34 13.50 13.13
C THR E 45 -27.21 14.71 12.76
N VAL E 46 -28.39 14.85 13.39
CA VAL E 46 -29.29 15.96 13.08
C VAL E 46 -28.56 17.28 13.34
N LEU E 47 -28.02 17.46 14.55
CA LEU E 47 -27.36 18.70 14.91
C LEU E 47 -26.19 18.98 13.98
N GLN E 48 -25.32 17.98 13.78
CA GLN E 48 -24.17 18.07 12.89
C GLN E 48 -24.63 18.49 11.50
N THR E 49 -25.87 18.12 11.17
CA THR E 49 -26.34 18.48 9.84
C THR E 49 -27.17 19.75 9.85
N LYS E 50 -27.81 20.06 10.98
CA LYS E 50 -28.61 21.26 11.08
C LYS E 50 -27.70 22.48 11.15
N ALA E 51 -26.47 22.26 11.62
CA ALA E 51 -25.59 23.36 12.00
C ALA E 51 -25.28 24.25 10.82
N LYS E 52 -25.11 23.69 9.61
CA LYS E 52 -24.72 24.48 8.45
C LYS E 52 -25.80 25.51 8.11
N VAL E 53 -27.05 25.07 7.97
CA VAL E 53 -28.15 25.92 7.55
C VAL E 53 -28.51 26.96 8.62
N THR E 54 -28.62 26.50 9.87
CA THR E 54 -28.88 27.41 11.00
C THR E 54 -27.73 28.40 11.11
N GLY E 55 -26.54 28.01 10.66
CA GLY E 55 -25.36 28.86 10.64
C GLY E 55 -25.60 30.16 9.86
N ASP E 56 -26.19 30.01 8.67
CA ASP E 56 -26.45 31.14 7.77
C ASP E 56 -27.49 32.07 8.38
N GLU E 57 -28.58 31.52 8.93
CA GLU E 57 -29.69 32.32 9.43
C GLU E 57 -29.28 33.13 10.66
N TRP E 58 -28.50 32.53 11.58
CA TRP E 58 -28.17 33.20 12.82
C TRP E 58 -26.76 33.75 12.85
N GLY E 59 -26.00 33.58 11.76
CA GLY E 59 -24.66 34.14 11.66
C GLY E 59 -23.72 33.61 12.75
N ASP E 60 -23.05 34.53 13.47
CA ASP E 60 -22.16 34.17 14.57
C ASP E 60 -22.90 34.12 15.91
N ASN E 61 -24.22 34.38 15.90
CA ASN E 61 -25.06 34.27 17.07
C ASN E 61 -25.50 32.82 17.30
N TYR E 62 -24.99 31.89 16.49
CA TYR E 62 -25.28 30.48 16.61
C TYR E 62 -24.31 29.83 17.60
N PHE E 63 -24.83 29.45 18.77
CA PHE E 63 -24.06 28.79 19.81
C PHE E 63 -24.69 27.45 20.15
N LEU E 64 -23.84 26.41 20.21
CA LEU E 64 -24.32 25.06 20.55
C LEU E 64 -23.93 24.75 21.98
N VAL E 65 -24.92 24.41 22.82
CA VAL E 65 -24.61 24.05 24.19
C VAL E 65 -24.71 22.54 24.33
N GLY E 66 -23.60 21.90 24.73
CA GLY E 66 -23.54 20.44 24.75
C GLY E 66 -22.56 19.91 25.80
N PRO E 67 -22.65 18.62 26.18
CA PRO E 67 -21.74 18.03 27.16
C PRO E 67 -20.31 17.96 26.63
N TYR E 68 -19.35 18.14 27.55
CA TYR E 68 -17.94 17.96 27.24
C TYR E 68 -17.57 16.48 27.30
N THR E 69 -16.98 16.00 26.21
CA THR E 69 -16.40 14.65 26.15
C THR E 69 -14.96 14.80 25.66
N GLU E 70 -13.98 14.28 26.42
CA GLU E 70 -12.57 14.49 26.13
C GLU E 70 -12.25 14.03 24.71
N GLN E 71 -12.68 12.79 24.41
CA GLN E 71 -12.45 12.17 23.12
C GLN E 71 -13.14 13.00 22.03
N GLY E 72 -14.40 13.40 22.31
CA GLY E 72 -15.17 14.19 21.36
C GLY E 72 -14.49 15.51 21.05
N VAL E 73 -14.10 16.25 22.10
CA VAL E 73 -13.53 17.58 21.98
C VAL E 73 -12.26 17.54 21.12
N ARG E 74 -11.38 16.55 21.35
CA ARG E 74 -10.09 16.56 20.62
C ARG E 74 -10.30 16.29 19.13
N THR E 75 -11.14 15.29 18.82
CA THR E 75 -11.31 14.86 17.44
C THR E 75 -12.16 15.84 16.65
N GLN E 76 -13.16 16.48 17.31
CA GLN E 76 -14.15 17.23 16.56
C GLN E 76 -14.05 18.74 16.78
N VAL E 77 -13.52 19.16 17.94
CA VAL E 77 -13.58 20.56 18.34
C VAL E 77 -12.17 21.15 18.43
N GLU E 78 -11.99 22.34 17.83
CA GLU E 78 -10.79 23.15 18.02
C GLU E 78 -11.08 24.28 19.02
N LEU E 79 -10.39 24.31 20.16
CA LEU E 79 -10.65 25.28 21.22
C LEU E 79 -10.37 26.69 20.72
N LEU E 80 -11.18 27.65 21.18
CA LEU E 80 -11.18 29.03 20.68
C LEU E 80 -11.31 30.01 21.84
N GLU E 81 -11.13 31.31 21.55
CA GLU E 81 -11.37 32.38 22.51
C GLU E 81 -12.69 33.07 22.18
N ALA E 82 -13.27 33.75 23.18
CA ALA E 82 -14.58 34.39 23.06
C ALA E 82 -14.54 35.43 21.93
N PRO E 83 -15.52 35.43 20.99
CA PRO E 83 -15.66 36.52 20.02
C PRO E 83 -16.12 37.85 20.62
N THR E 84 -16.94 37.77 21.69
CA THR E 84 -17.62 38.89 22.29
C THR E 84 -17.02 39.16 23.68
N PRO E 85 -16.66 40.42 24.04
CA PRO E 85 -16.22 40.75 25.40
C PRO E 85 -17.26 40.36 26.46
N ALA E 86 -18.53 40.55 26.15
CA ALA E 86 -19.65 40.08 26.94
C ALA E 86 -19.54 38.57 27.15
N LEU E 87 -19.26 37.81 26.08
CA LEU E 87 -19.14 36.36 26.20
C LEU E 87 -17.94 35.99 27.07
N LYS E 88 -16.82 36.72 26.90
CA LYS E 88 -15.62 36.49 27.68
C LYS E 88 -15.94 36.57 29.17
N ARG E 89 -16.68 37.59 29.59
CA ARG E 89 -17.11 37.77 30.97
C ARG E 89 -17.90 36.55 31.45
N THR E 90 -18.84 36.08 30.62
CA THR E 90 -19.67 34.92 30.89
C THR E 90 -18.81 33.67 31.09
N LEU E 91 -17.87 33.42 30.16
CA LEU E 91 -16.99 32.28 30.22
C LEU E 91 -16.16 32.33 31.50
N ASP E 92 -15.60 33.50 31.82
CA ASP E 92 -14.78 33.68 33.02
C ASP E 92 -15.60 33.41 34.28
N SER E 93 -16.81 33.99 34.34
CA SER E 93 -17.66 33.83 35.52
C SER E 93 -17.97 32.36 35.74
N MET E 94 -18.29 31.64 34.67
CA MET E 94 -18.62 30.22 34.70
C MET E 94 -17.41 29.41 35.15
N ASN E 95 -16.21 29.76 34.65
CA ASN E 95 -14.98 29.07 35.02
C ASN E 95 -14.67 29.28 36.50
N SER E 96 -15.01 30.46 37.03
CA SER E 96 -14.67 30.85 38.40
C SER E 96 -15.33 29.98 39.47
N LYS E 97 -16.63 29.71 39.32
CA LYS E 97 -17.46 29.15 40.39
C LYS E 97 -17.55 27.63 40.21
N GLY E 98 -16.36 27.03 40.10
CA GLY E 98 -16.15 25.58 40.18
C GLY E 98 -16.76 24.80 39.02
N CYS E 99 -16.80 25.43 37.85
CA CYS E 99 -17.31 24.80 36.63
C CYS E 99 -16.25 24.94 35.53
N LYS E 100 -16.16 23.92 34.66
CA LYS E 100 -15.05 23.84 33.73
C LYS E 100 -15.56 23.90 32.29
N VAL E 101 -16.35 24.93 31.99
CA VAL E 101 -16.93 25.17 30.68
C VAL E 101 -15.80 25.43 29.66
N TYR E 102 -15.95 24.91 28.45
CA TYR E 102 -15.01 25.22 27.37
C TYR E 102 -15.71 25.89 26.20
N PHE E 103 -14.97 26.68 25.43
CA PHE E 103 -15.54 27.28 24.23
C PHE E 103 -14.63 26.96 23.05
N GLY E 104 -15.23 26.66 21.90
CA GLY E 104 -14.48 26.23 20.72
C GLY E 104 -15.30 26.25 19.43
N ARG E 105 -14.63 26.00 18.31
CA ARG E 105 -15.30 25.90 17.02
C ARG E 105 -15.37 24.45 16.60
N TRP E 106 -16.61 23.95 16.49
CA TRP E 106 -16.84 22.62 15.96
C TRP E 106 -16.35 22.62 14.52
N LEU E 107 -15.61 21.57 14.11
CA LEU E 107 -15.00 21.56 12.80
C LEU E 107 -15.94 21.03 11.72
N ILE E 108 -17.22 20.83 12.07
CA ILE E 108 -18.24 20.43 11.12
C ILE E 108 -18.56 21.60 10.20
N GLU E 109 -19.24 21.31 9.09
CA GLU E 109 -19.58 22.31 8.08
C GLU E 109 -20.33 23.48 8.71
N GLY E 110 -19.92 24.70 8.32
CA GLY E 110 -20.50 25.93 8.84
C GLY E 110 -19.72 26.51 10.02
N GLY E 111 -18.76 25.74 10.56
CA GLY E 111 -17.87 26.15 11.64
C GLY E 111 -18.58 26.84 12.80
N PRO E 112 -19.60 26.22 13.44
CA PRO E 112 -20.35 26.91 14.49
C PRO E 112 -19.52 27.06 15.77
N LEU E 113 -19.77 28.15 16.49
CA LEU E 113 -19.22 28.33 17.82
C LEU E 113 -19.97 27.42 18.78
N VAL E 114 -19.21 26.63 19.57
CA VAL E 114 -19.80 25.65 20.47
C VAL E 114 -19.35 25.92 21.91
N VAL E 115 -20.31 26.07 22.82
CA VAL E 115 -19.98 26.13 24.24
C VAL E 115 -20.21 24.76 24.86
N LEU E 116 -19.14 23.98 25.03
CA LEU E 116 -19.26 22.62 25.55
C LEU E 116 -19.04 22.62 27.07
N LEU E 117 -20.13 22.61 27.85
CA LEU E 117 -19.94 22.63 29.29
C LEU E 117 -19.70 21.20 29.79
N ASP E 118 -18.91 21.05 30.84
CA ASP E 118 -18.64 19.73 31.42
C ASP E 118 -19.74 19.38 32.43
N VAL E 119 -20.18 18.12 32.38
CA VAL E 119 -21.11 17.58 33.37
C VAL E 119 -20.32 16.85 34.46
N GLY E 120 -18.98 16.89 34.36
CA GLY E 120 -18.10 16.36 35.39
C GLY E 120 -17.92 17.32 36.57
N ALA E 121 -18.13 18.61 36.32
CA ALA E 121 -18.19 19.65 37.36
C ALA E 121 -19.56 19.61 38.04
N SER E 122 -19.77 18.58 38.88
CA SER E 122 -20.99 18.39 39.67
C SER E 122 -20.68 18.62 41.15
N ALA E 123 -19.96 19.69 41.42
CA ALA E 123 -19.43 20.02 42.74
C ALA E 123 -20.55 20.02 43.79
N TRP E 124 -21.65 20.71 43.48
CA TRP E 124 -22.74 20.90 44.44
C TRP E 124 -24.05 20.33 43.91
N ALA E 125 -24.00 19.44 42.91
CA ALA E 125 -25.20 19.05 42.17
C ALA E 125 -26.18 18.29 43.07
N LEU E 126 -25.63 17.42 43.93
CA LEU E 126 -26.44 16.64 44.86
C LEU E 126 -26.87 17.53 46.02
N GLU E 127 -28.19 17.68 46.17
CA GLU E 127 -28.82 18.37 47.28
C GLU E 127 -28.63 19.89 47.20
N ARG E 128 -28.03 20.41 46.11
CA ARG E 128 -28.06 21.84 45.88
C ARG E 128 -28.74 22.13 44.55
N TRP E 129 -28.17 21.63 43.45
CA TRP E 129 -28.83 21.79 42.16
C TRP E 129 -30.11 20.97 42.14
N LYS E 130 -30.01 19.69 42.54
CA LYS E 130 -31.14 18.78 42.60
C LYS E 130 -32.19 19.30 43.59
N GLY E 131 -31.71 19.77 44.75
CA GLY E 131 -32.53 20.41 45.78
C GLY E 131 -33.36 21.55 45.18
N GLU E 132 -32.67 22.46 44.47
CA GLU E 132 -33.30 23.60 43.84
C GLU E 132 -34.40 23.13 42.87
N LEU E 133 -34.08 22.12 42.05
CA LEU E 133 -35.00 21.61 41.04
C LEU E 133 -36.32 21.18 41.69
N TRP E 134 -36.22 20.49 42.85
CA TRP E 134 -37.40 20.08 43.55
C TRP E 134 -38.27 21.28 43.95
N ASP E 135 -37.67 22.32 44.51
CA ASP E 135 -38.41 23.50 44.92
C ASP E 135 -39.06 24.17 43.69
N THR E 136 -38.30 24.26 42.58
CA THR E 136 -38.77 24.96 41.39
C THR E 136 -39.85 24.17 40.65
N CYS E 137 -39.57 22.89 40.35
CA CYS E 137 -40.43 22.13 39.44
C CYS E 137 -41.11 20.92 40.11
N ASN E 138 -40.95 20.80 41.43
CA ASN E 138 -41.57 19.72 42.20
C ASN E 138 -41.20 18.35 41.61
N ILE E 139 -40.02 18.25 41.00
CA ILE E 139 -39.54 17.06 40.31
C ILE E 139 -38.26 16.59 40.99
N GLY E 140 -38.11 15.26 41.06
CA GLY E 140 -36.92 14.66 41.63
C GLY E 140 -36.35 13.60 40.69
N VAL E 141 -35.04 13.38 40.80
CA VAL E 141 -34.34 12.44 39.95
C VAL E 141 -33.73 11.35 40.85
N PRO E 142 -33.91 10.06 40.54
CA PRO E 142 -33.38 8.99 41.39
C PRO E 142 -31.87 8.97 41.32
N TRP E 143 -31.23 8.43 42.38
CA TRP E 143 -29.78 8.37 42.46
C TRP E 143 -29.24 7.45 41.36
N TYR E 144 -29.95 6.35 41.07
CA TYR E 144 -29.50 5.30 40.18
C TYR E 144 -29.37 5.77 38.73
N ASP E 145 -30.31 6.60 38.24
CA ASP E 145 -30.30 7.00 36.84
C ASP E 145 -29.07 7.87 36.56
N ARG E 146 -28.26 7.48 35.57
CA ARG E 146 -27.12 8.28 35.18
C ARG E 146 -27.58 9.38 34.23
N GLU E 147 -28.41 9.02 33.24
CA GLU E 147 -28.79 9.96 32.20
C GLU E 147 -29.59 11.11 32.79
N ALA E 148 -30.56 10.84 33.67
CA ALA E 148 -31.33 11.91 34.27
C ALA E 148 -30.43 12.78 35.17
N ASN E 149 -29.56 12.10 35.94
CA ASN E 149 -28.68 12.82 36.84
C ASN E 149 -27.79 13.75 36.02
N ASP E 150 -27.27 13.24 34.91
CA ASP E 150 -26.42 14.00 34.02
C ASP E 150 -27.18 15.18 33.42
N ALA E 151 -28.45 14.95 33.05
CA ALA E 151 -29.30 15.99 32.48
C ALA E 151 -29.56 17.09 33.48
N VAL E 152 -29.78 16.76 34.78
CA VAL E 152 -29.99 17.84 35.73
C VAL E 152 -28.73 18.72 35.77
N LEU E 153 -27.54 18.10 35.79
CA LEU E 153 -26.31 18.87 35.78
C LEU E 153 -26.28 19.76 34.54
N PHE E 154 -26.56 19.16 33.37
CA PHE E 154 -26.49 19.85 32.10
C PHE E 154 -27.51 20.99 32.07
N GLY E 155 -28.74 20.67 32.47
CA GLY E 155 -29.85 21.62 32.41
C GLY E 155 -29.57 22.82 33.30
N PHE E 156 -29.16 22.57 34.55
CA PHE E 156 -28.88 23.65 35.48
C PHE E 156 -27.76 24.53 34.94
N LEU E 157 -26.70 23.90 34.39
CA LEU E 157 -25.56 24.64 33.87
C LEU E 157 -25.96 25.51 32.69
N THR E 158 -26.79 24.96 31.76
CA THR E 158 -27.24 25.72 30.60
C THR E 158 -28.10 26.91 31.03
N THR E 159 -29.01 26.69 31.99
CA THR E 159 -29.86 27.76 32.49
C THR E 159 -29.00 28.86 33.11
N TRP E 160 -27.99 28.44 33.90
CA TRP E 160 -27.07 29.37 34.53
C TRP E 160 -26.32 30.16 33.45
N PHE E 161 -25.78 29.45 32.46
CA PHE E 161 -24.96 30.07 31.44
C PHE E 161 -25.76 31.17 30.74
N LEU E 162 -26.96 30.81 30.25
CA LEU E 162 -27.68 31.77 29.44
C LEU E 162 -28.17 32.93 30.31
N GLY E 163 -28.60 32.64 31.55
CA GLY E 163 -29.02 33.67 32.48
C GLY E 163 -27.88 34.64 32.80
N GLU E 164 -26.69 34.08 33.06
CA GLU E 164 -25.49 34.87 33.36
C GLU E 164 -25.13 35.72 32.14
N PHE E 165 -25.19 35.12 30.94
CA PHE E 165 -24.86 35.83 29.71
C PHE E 165 -25.75 37.07 29.57
N LEU E 166 -27.06 36.87 29.73
CA LEU E 166 -28.00 37.98 29.57
C LEU E 166 -27.72 39.08 30.58
N ALA E 167 -27.44 38.68 31.85
CA ALA E 167 -27.18 39.62 32.92
C ALA E 167 -25.87 40.38 32.68
N GLN E 168 -24.80 39.68 32.26
CA GLN E 168 -23.50 40.32 32.18
C GLN E 168 -23.40 41.16 30.92
N SER E 169 -24.09 40.72 29.86
CA SER E 169 -24.07 41.45 28.60
C SER E 169 -25.12 42.55 28.67
N GLU E 170 -25.07 43.52 27.74
CA GLU E 170 -26.21 44.39 27.49
C GLU E 170 -27.42 43.51 27.12
N GLU E 171 -28.57 43.80 27.72
CA GLU E 171 -29.70 42.91 27.66
C GLU E 171 -30.17 42.76 26.22
N LYS E 172 -30.09 41.53 25.70
CA LYS E 172 -30.68 41.21 24.40
C LYS E 172 -32.08 40.66 24.64
N PRO E 173 -33.16 41.37 24.24
CA PRO E 173 -34.52 40.94 24.50
C PRO E 173 -34.70 39.64 23.72
N HIS E 174 -34.02 39.53 22.57
CA HIS E 174 -34.13 38.30 21.77
C HIS E 174 -32.87 37.46 21.88
N VAL E 175 -32.99 36.32 22.58
CA VAL E 175 -32.04 35.22 22.58
C VAL E 175 -32.97 34.00 22.48
N VAL E 176 -32.64 33.04 21.64
CA VAL E 176 -33.53 31.91 21.36
C VAL E 176 -32.77 30.64 21.72
N ALA E 177 -33.25 29.91 22.73
CA ALA E 177 -32.61 28.66 23.13
C ALA E 177 -33.46 27.50 22.64
N HIS E 178 -32.83 26.63 21.83
CA HIS E 178 -33.51 25.51 21.20
C HIS E 178 -33.04 24.23 21.88
N PHE E 179 -33.92 23.65 22.71
CA PHE E 179 -33.64 22.41 23.41
C PHE E 179 -34.07 21.23 22.52
N HIS E 180 -33.13 20.31 22.22
CA HIS E 180 -33.39 19.31 21.18
C HIS E 180 -33.58 17.88 21.68
N GLU E 181 -33.82 17.66 22.98
CA GLU E 181 -34.07 16.31 23.47
C GLU E 181 -34.62 16.36 24.89
N TRP E 182 -35.08 15.21 25.42
CA TRP E 182 -35.71 15.16 26.74
C TRP E 182 -34.70 15.57 27.83
N LEU E 183 -33.44 15.13 27.64
CA LEU E 183 -32.52 15.30 28.75
C LEU E 183 -31.98 16.74 28.73
N ALA E 184 -32.08 17.47 27.62
CA ALA E 184 -31.77 18.89 27.62
C ALA E 184 -32.95 19.72 28.16
N GLY E 185 -34.11 19.06 28.33
CA GLY E 185 -35.32 19.76 28.71
C GLY E 185 -35.34 20.25 30.15
N VAL E 186 -34.48 19.74 31.03
CA VAL E 186 -34.39 20.23 32.39
C VAL E 186 -34.07 21.73 32.36
N GLY E 187 -33.20 22.12 31.43
CA GLY E 187 -32.79 23.51 31.25
C GLY E 187 -33.97 24.41 30.91
N LEU E 188 -34.80 23.96 29.97
CA LEU E 188 -35.98 24.68 29.56
C LEU E 188 -36.93 24.86 30.75
N CYS E 189 -37.12 23.81 31.56
CA CYS E 189 -38.01 23.90 32.71
C CYS E 189 -37.56 25.03 33.63
N LEU E 190 -36.25 25.06 33.92
CA LEU E 190 -35.64 26.03 34.81
C LEU E 190 -35.68 27.43 34.20
N CYS E 191 -35.33 27.55 32.91
CA CYS E 191 -35.23 28.85 32.26
C CYS E 191 -36.55 29.61 32.40
N ARG E 192 -37.65 28.96 32.01
CA ARG E 192 -38.98 29.56 32.07
C ARG E 192 -39.36 29.84 33.51
N ALA E 193 -39.01 28.93 34.42
CA ALA E 193 -39.36 29.07 35.83
C ALA E 193 -38.60 30.21 36.51
N ARG E 194 -37.33 30.44 36.13
CA ARG E 194 -36.54 31.50 36.70
C ARG E 194 -36.94 32.85 36.12
N ARG E 195 -37.93 32.86 35.22
CA ARG E 195 -38.49 34.04 34.59
C ARG E 195 -37.43 34.81 33.79
N LEU E 196 -36.46 34.07 33.25
CA LEU E 196 -35.47 34.64 32.34
C LEU E 196 -36.19 34.93 31.03
N PRO E 197 -35.87 36.06 30.35
CA PRO E 197 -36.55 36.45 29.13
C PRO E 197 -36.20 35.65 27.87
N VAL E 198 -35.26 34.70 27.89
CA VAL E 198 -34.87 33.99 26.67
C VAL E 198 -36.04 33.14 26.18
N ALA E 199 -36.30 33.18 24.87
CA ALA E 199 -37.33 32.37 24.23
C ALA E 199 -36.88 30.90 24.22
N THR E 200 -37.80 29.98 24.52
CA THR E 200 -37.44 28.57 24.63
C THR E 200 -38.24 27.71 23.65
N ILE E 201 -37.55 26.93 22.83
CA ILE E 201 -38.15 25.97 21.91
C ILE E 201 -37.75 24.59 22.41
N PHE E 202 -38.72 23.67 22.56
CA PHE E 202 -38.39 22.33 23.00
C PHE E 202 -38.82 21.36 21.93
N THR E 203 -37.91 20.47 21.52
CA THR E 203 -38.15 19.55 20.40
C THR E 203 -37.92 18.12 20.89
N THR E 204 -38.96 17.28 20.70
CA THR E 204 -38.87 15.89 21.08
C THR E 204 -38.67 15.04 19.83
N HIS E 205 -37.44 14.59 19.61
CA HIS E 205 -37.10 13.78 18.44
C HIS E 205 -37.72 12.39 18.54
N ALA E 206 -38.19 12.03 19.73
CA ALA E 206 -38.90 10.80 20.03
C ALA E 206 -39.64 11.01 21.36
N THR E 207 -40.77 10.31 21.55
CA THR E 207 -41.46 10.33 22.82
C THR E 207 -40.89 9.22 23.73
N LEU E 208 -40.50 9.58 24.96
CA LEU E 208 -39.87 8.62 25.85
C LEU E 208 -40.83 7.47 26.14
N LEU E 209 -42.07 7.80 26.51
CA LEU E 209 -43.06 6.79 26.87
C LEU E 209 -43.39 5.93 25.65
N GLY E 210 -43.35 6.56 24.46
CA GLY E 210 -43.71 5.87 23.23
C GLY E 210 -42.87 4.63 22.97
N ARG E 211 -41.55 4.77 23.13
CA ARG E 211 -40.61 3.69 22.88
C ARG E 211 -40.92 2.48 23.80
N TYR E 212 -41.19 2.73 25.09
CA TYR E 212 -41.46 1.68 26.05
C TYR E 212 -42.83 1.04 25.80
N LEU E 213 -43.83 1.88 25.51
CA LEU E 213 -45.20 1.42 25.28
C LEU E 213 -45.31 0.57 24.03
N CYS E 214 -44.67 0.97 22.92
CA CYS E 214 -44.57 0.11 21.76
C CYS E 214 -43.73 -1.10 22.19
N ALA E 215 -44.08 -2.26 21.65
CA ALA E 215 -43.50 -3.55 22.01
C ALA E 215 -43.93 -3.97 23.41
N GLY E 216 -43.69 -3.12 24.42
CA GLY E 216 -44.06 -3.39 25.80
C GLY E 216 -45.56 -3.65 26.01
N ALA E 217 -46.40 -2.90 25.28
CA ALA E 217 -47.83 -3.14 25.22
C ALA E 217 -48.20 -3.80 23.91
N VAL E 218 -49.37 -4.46 23.89
CA VAL E 218 -49.82 -5.27 22.77
C VAL E 218 -50.18 -4.36 21.58
N ASP E 219 -50.92 -3.28 21.86
CA ASP E 219 -51.43 -2.43 20.79
C ASP E 219 -51.25 -0.96 21.15
N PHE E 220 -50.01 -0.48 21.06
CA PHE E 220 -49.65 0.88 21.44
C PHE E 220 -50.37 1.91 20.56
N TYR E 221 -50.43 1.69 19.24
CA TYR E 221 -50.84 2.73 18.30
C TYR E 221 -52.32 3.11 18.38
N ASN E 222 -53.21 2.11 18.48
CA ASN E 222 -54.64 2.37 18.38
C ASN E 222 -55.18 2.78 19.74
N ASN E 223 -54.56 2.27 20.80
CA ASN E 223 -55.03 2.55 22.14
C ASN E 223 -54.38 3.82 22.70
N LEU E 224 -53.79 4.65 21.83
CA LEU E 224 -53.04 5.84 22.23
C LEU E 224 -53.82 6.69 23.24
N GLU E 225 -55.07 6.98 22.89
CA GLU E 225 -55.93 7.85 23.69
C GLU E 225 -56.27 7.17 25.02
N ASN E 226 -56.50 5.86 24.98
CA ASN E 226 -56.97 5.08 26.11
C ASN E 226 -55.94 5.06 27.25
N PHE E 227 -54.65 4.99 26.92
CA PHE E 227 -53.58 4.78 27.89
C PHE E 227 -53.55 5.90 28.92
N ASN E 228 -53.53 5.53 30.21
CA ASN E 228 -53.23 6.47 31.28
C ASN E 228 -51.71 6.57 31.36
N VAL E 229 -51.18 7.66 30.80
CA VAL E 229 -49.75 7.85 30.63
C VAL E 229 -49.02 7.73 31.97
N ASP E 230 -49.54 8.38 33.03
CA ASP E 230 -48.93 8.42 34.35
C ASP E 230 -48.72 6.99 34.87
N LYS E 231 -49.79 6.17 34.79
CA LYS E 231 -49.74 4.79 35.27
C LYS E 231 -48.66 4.01 34.52
N GLU E 232 -48.69 4.06 33.18
CA GLU E 232 -47.74 3.32 32.35
C GLU E 232 -46.31 3.75 32.67
N ALA E 233 -46.08 5.07 32.76
CA ALA E 233 -44.75 5.60 33.00
C ALA E 233 -44.21 5.11 34.34
N GLY E 234 -45.07 5.15 35.37
CA GLY E 234 -44.69 4.70 36.70
C GLY E 234 -44.32 3.22 36.69
N GLU E 235 -45.14 2.42 35.99
CA GLU E 235 -45.00 0.98 35.93
C GLU E 235 -43.62 0.58 35.38
N ARG E 236 -43.07 1.40 34.48
CA ARG E 236 -41.80 1.10 33.83
C ARG E 236 -40.60 1.70 34.55
N GLN E 237 -40.81 2.26 35.76
CA GLN E 237 -39.78 2.94 36.55
C GLN E 237 -39.05 4.02 35.72
N ILE E 238 -39.78 4.65 34.78
CA ILE E 238 -39.26 5.67 33.88
C ILE E 238 -39.96 7.00 34.15
N TYR E 239 -40.70 7.06 35.28
CA TYR E 239 -41.64 8.14 35.55
C TYR E 239 -40.92 9.49 35.60
N HIS E 240 -39.75 9.54 36.25
CA HIS E 240 -39.00 10.78 36.36
C HIS E 240 -38.66 11.32 34.98
N ARG E 241 -38.17 10.43 34.10
CA ARG E 241 -37.80 10.82 32.74
C ARG E 241 -39.03 11.35 32.01
N TYR E 242 -40.17 10.65 32.16
CA TYR E 242 -41.40 11.07 31.51
C TYR E 242 -41.81 12.46 32.00
N CYS E 243 -41.80 12.62 33.33
CA CYS E 243 -42.21 13.89 33.92
C CYS E 243 -41.36 15.03 33.37
N MET E 244 -40.04 14.82 33.23
CA MET E 244 -39.13 15.80 32.68
C MET E 244 -39.51 16.16 31.24
N GLU E 245 -39.78 15.14 30.42
CA GLU E 245 -40.14 15.34 29.02
C GLU E 245 -41.46 16.13 28.91
N ARG E 246 -42.47 15.72 29.69
CA ARG E 246 -43.77 16.37 29.67
C ARG E 246 -43.64 17.80 30.21
N ALA E 247 -42.88 17.98 31.29
CA ALA E 247 -42.64 19.31 31.86
C ALA E 247 -42.02 20.24 30.81
N ALA E 248 -41.00 19.76 30.10
CA ALA E 248 -40.35 20.55 29.06
C ALA E 248 -41.34 20.94 27.96
N ALA E 249 -42.18 20.00 27.53
CA ALA E 249 -43.20 20.26 26.52
C ALA E 249 -44.13 21.38 26.99
N HIS E 250 -44.70 21.25 28.20
CA HIS E 250 -45.61 22.24 28.73
C HIS E 250 -44.89 23.60 28.84
N CYS E 251 -43.64 23.59 29.32
CA CYS E 251 -42.85 24.78 29.56
C CYS E 251 -42.56 25.57 28.28
N ALA E 252 -42.20 24.87 27.20
CA ALA E 252 -41.79 25.55 25.98
C ALA E 252 -42.95 26.40 25.44
N HIS E 253 -42.66 27.63 25.02
CA HIS E 253 -43.64 28.46 24.34
C HIS E 253 -44.04 27.81 23.02
N VAL E 254 -43.06 27.31 22.27
CA VAL E 254 -43.30 26.60 21.03
C VAL E 254 -42.77 25.18 21.18
N PHE E 255 -43.64 24.20 20.95
CA PHE E 255 -43.27 22.80 21.08
C PHE E 255 -43.26 22.17 19.69
N THR E 256 -42.16 21.48 19.37
CA THR E 256 -41.99 20.88 18.06
C THR E 256 -41.79 19.36 18.18
N THR E 257 -42.17 18.65 17.12
CA THR E 257 -42.02 17.21 17.04
C THR E 257 -41.45 16.87 15.66
N VAL E 258 -40.73 15.76 15.60
CA VAL E 258 -39.97 15.38 14.42
C VAL E 258 -40.93 14.99 13.27
N SER E 259 -42.04 14.33 13.59
CA SER E 259 -42.93 13.83 12.55
C SER E 259 -44.39 13.94 12.98
N GLN E 260 -45.30 13.82 12.00
CA GLN E 260 -46.73 13.89 12.24
C GLN E 260 -47.19 12.73 13.13
N ILE E 261 -46.59 11.54 12.93
CA ILE E 261 -46.86 10.38 13.77
C ILE E 261 -46.40 10.66 15.20
N THR E 262 -45.22 11.28 15.37
CA THR E 262 -44.72 11.65 16.68
C THR E 262 -45.64 12.69 17.31
N ALA E 263 -46.22 13.58 16.48
CA ALA E 263 -47.16 14.59 16.94
C ALA E 263 -48.40 13.93 17.55
N ILE E 264 -48.93 12.89 16.90
CA ILE E 264 -50.09 12.14 17.39
C ILE E 264 -49.75 11.52 18.76
N GLU E 265 -48.54 10.95 18.87
CA GLU E 265 -48.04 10.39 20.12
C GLU E 265 -47.95 11.49 21.18
N ALA E 266 -47.39 12.64 20.81
CA ALA E 266 -47.20 13.76 21.73
C ALA E 266 -48.55 14.29 22.25
N GLN E 267 -49.55 14.38 21.36
CA GLN E 267 -50.89 14.85 21.72
C GLN E 267 -51.47 14.00 22.85
N HIS E 268 -51.30 12.67 22.78
CA HIS E 268 -51.91 11.78 23.76
C HIS E 268 -50.97 11.54 24.96
N LEU E 269 -49.68 11.35 24.70
CA LEU E 269 -48.77 10.93 25.75
C LEU E 269 -48.32 12.12 26.60
N LEU E 270 -47.93 13.20 25.93
CA LEU E 270 -47.48 14.39 26.66
C LEU E 270 -48.68 15.27 27.02
N LYS E 271 -49.85 14.98 26.42
CA LYS E 271 -51.09 15.74 26.59
C LYS E 271 -50.97 17.18 26.08
N ARG E 272 -50.08 17.40 25.12
CA ARG E 272 -49.85 18.69 24.50
C ARG E 272 -49.74 18.46 22.99
N LYS E 273 -50.51 19.24 22.22
CA LYS E 273 -50.39 19.23 20.77
C LYS E 273 -49.09 19.94 20.42
N PRO E 274 -48.28 19.40 19.48
CA PRO E 274 -47.15 20.14 18.93
C PRO E 274 -47.67 21.41 18.25
N ASP E 275 -47.06 22.56 18.59
CA ASP E 275 -47.36 23.84 17.98
C ASP E 275 -46.98 23.79 16.49
N ILE E 276 -45.80 23.24 16.22
CA ILE E 276 -45.26 23.12 14.86
C ILE E 276 -44.62 21.74 14.75
N VAL E 277 -44.66 21.13 13.57
CA VAL E 277 -43.99 19.86 13.32
C VAL E 277 -42.80 20.15 12.40
N THR E 278 -41.60 19.91 12.93
CA THR E 278 -40.34 20.19 12.26
C THR E 278 -39.67 18.89 11.87
N PRO E 279 -39.69 18.50 10.57
CA PRO E 279 -39.11 17.23 10.13
C PRO E 279 -37.59 17.29 10.17
N ASN E 280 -36.92 16.17 10.47
CA ASN E 280 -35.47 16.12 10.40
C ASN E 280 -35.05 16.10 8.94
N GLY E 281 -33.83 16.54 8.64
CA GLY E 281 -33.32 16.55 7.28
C GLY E 281 -31.91 15.97 7.25
N LEU E 282 -31.39 15.74 6.03
CA LEU E 282 -30.05 15.23 5.81
C LEU E 282 -29.37 16.05 4.71
N ASN E 283 -28.07 15.82 4.55
CA ASN E 283 -27.26 16.49 3.54
C ASN E 283 -27.51 15.87 2.17
N VAL E 284 -27.21 16.64 1.11
CA VAL E 284 -27.37 16.21 -0.27
C VAL E 284 -26.01 15.82 -0.84
N LYS E 285 -25.01 15.59 0.02
CA LYS E 285 -23.61 15.47 -0.38
C LYS E 285 -23.22 14.01 -0.54
N LYS E 286 -24.23 13.12 -0.52
CA LYS E 286 -24.05 11.67 -0.47
C LYS E 286 -23.37 11.17 -1.75
N PHE E 287 -23.77 11.73 -2.90
CA PHE E 287 -23.24 11.25 -4.17
C PHE E 287 -21.92 12.00 -4.38
N GLU E 292 -22.62 11.26 -14.94
CA GLU E 292 -23.54 10.10 -15.01
C GLU E 292 -23.85 9.58 -13.61
N PHE E 293 -22.79 9.21 -12.88
CA PHE E 293 -22.88 8.79 -11.48
C PHE E 293 -23.88 7.65 -11.32
N GLN E 294 -23.98 6.78 -12.36
CA GLN E 294 -24.76 5.56 -12.30
C GLN E 294 -23.82 4.36 -12.16
N ASN E 295 -22.52 4.65 -12.08
CA ASN E 295 -21.51 3.66 -11.78
C ASN E 295 -21.81 2.95 -10.46
N LEU E 296 -22.22 3.71 -9.44
CA LEU E 296 -22.28 3.20 -8.08
C LEU E 296 -23.27 2.05 -7.95
N HIS E 297 -24.46 2.17 -8.56
CA HIS E 297 -25.41 1.06 -8.45
C HIS E 297 -24.79 -0.22 -9.02
N ALA E 298 -24.03 -0.09 -10.11
CA ALA E 298 -23.39 -1.21 -10.76
C ALA E 298 -22.14 -1.66 -10.02
N GLN E 299 -21.25 -0.73 -9.63
CA GLN E 299 -20.02 -1.12 -8.96
C GLN E 299 -20.35 -1.82 -7.65
N SER E 300 -21.27 -1.24 -6.90
CA SER E 300 -21.67 -1.77 -5.61
C SER E 300 -22.39 -3.10 -5.79
N LYS E 301 -23.25 -3.22 -6.82
CA LYS E 301 -23.94 -4.47 -7.08
C LYS E 301 -22.92 -5.57 -7.39
N ALA E 302 -21.88 -5.23 -8.17
CA ALA E 302 -20.82 -6.19 -8.44
C ALA E 302 -20.22 -6.66 -7.13
N ARG E 303 -19.83 -5.74 -6.23
CA ARG E 303 -19.23 -6.14 -4.97
C ARG E 303 -20.20 -7.06 -4.19
N ILE E 304 -21.48 -6.70 -4.19
CA ILE E 304 -22.51 -7.49 -3.54
C ILE E 304 -22.61 -8.86 -4.22
N GLN E 305 -22.61 -8.87 -5.55
CA GLN E 305 -22.73 -10.07 -6.36
C GLN E 305 -21.58 -11.03 -6.04
N GLU E 306 -20.37 -10.50 -5.83
CA GLU E 306 -19.22 -11.31 -5.47
C GLU E 306 -19.49 -12.03 -4.14
N PHE E 307 -20.00 -11.31 -3.14
CA PHE E 307 -20.29 -11.93 -1.87
C PHE E 307 -21.29 -13.07 -2.04
N VAL E 308 -22.37 -12.82 -2.79
CA VAL E 308 -23.42 -13.81 -3.02
C VAL E 308 -22.82 -15.08 -3.65
N ARG E 309 -21.98 -14.92 -4.69
CA ARG E 309 -21.36 -16.04 -5.37
C ARG E 309 -20.59 -16.89 -4.34
N GLY E 310 -19.79 -16.21 -3.52
CA GLY E 310 -19.00 -16.83 -2.47
C GLY E 310 -19.85 -17.59 -1.45
N HIS E 311 -20.90 -16.93 -0.96
CA HIS E 311 -21.71 -17.45 0.11
C HIS E 311 -22.48 -18.69 -0.35
N PHE E 312 -22.99 -18.66 -1.58
CA PHE E 312 -23.88 -19.71 -2.10
C PHE E 312 -23.17 -20.75 -2.95
N TYR E 313 -21.84 -20.85 -2.83
CA TYR E 313 -21.04 -21.70 -3.72
C TYR E 313 -21.61 -23.11 -3.76
N GLY E 314 -21.74 -23.66 -4.98
CA GLY E 314 -22.26 -25.01 -5.18
C GLY E 314 -23.77 -25.06 -5.32
N HIS E 315 -24.48 -23.98 -4.98
CA HIS E 315 -25.92 -23.87 -5.17
C HIS E 315 -26.16 -22.71 -6.12
N LEU E 316 -25.23 -22.48 -7.05
CA LEU E 316 -25.32 -21.35 -7.96
C LEU E 316 -26.07 -21.69 -9.24
N ASP E 317 -27.29 -22.22 -9.13
CA ASP E 317 -28.18 -22.44 -10.25
C ASP E 317 -29.03 -21.18 -10.52
N PHE E 318 -29.00 -20.23 -9.58
CA PHE E 318 -29.78 -19.01 -9.74
C PHE E 318 -29.08 -18.08 -10.72
N ASN E 319 -29.87 -17.46 -11.60
CA ASN E 319 -29.36 -16.44 -12.51
C ASN E 319 -28.92 -15.24 -11.69
N LEU E 320 -27.63 -14.86 -11.79
CA LEU E 320 -27.06 -13.87 -10.90
C LEU E 320 -27.18 -12.46 -11.49
N ASP E 321 -27.73 -12.31 -12.70
CA ASP E 321 -28.04 -10.99 -13.22
C ASP E 321 -29.49 -10.65 -12.90
N LYS E 322 -30.33 -11.68 -12.89
CA LYS E 322 -31.75 -11.57 -12.59
C LYS E 322 -32.00 -11.39 -11.09
N THR E 323 -31.05 -11.79 -10.24
CA THR E 323 -31.18 -11.67 -8.80
C THR E 323 -31.35 -10.23 -8.37
N LEU E 324 -32.26 -10.02 -7.41
CA LEU E 324 -32.54 -8.73 -6.80
C LEU E 324 -32.15 -8.79 -5.33
N TYR E 325 -31.53 -7.71 -4.84
CA TYR E 325 -31.14 -7.64 -3.44
C TYR E 325 -32.00 -6.63 -2.71
N PHE E 326 -32.61 -7.08 -1.60
CA PHE E 326 -33.44 -6.27 -0.72
C PHE E 326 -32.78 -6.26 0.65
N PHE E 327 -32.79 -5.11 1.34
CA PHE E 327 -32.10 -5.03 2.61
C PHE E 327 -32.91 -4.23 3.65
N ILE E 328 -32.73 -4.61 4.91
CA ILE E 328 -33.27 -3.90 6.05
C ILE E 328 -32.12 -3.62 7.02
N ALA E 329 -31.95 -2.35 7.37
CA ALA E 329 -30.84 -1.96 8.22
C ALA E 329 -31.34 -1.04 9.33
N GLY E 330 -30.39 -0.57 10.14
CA GLY E 330 -30.64 0.26 11.31
C GLY E 330 -30.04 -0.41 12.56
N ARG E 331 -30.54 -0.05 13.76
CA ARG E 331 -30.25 -0.79 14.96
C ARG E 331 -31.02 -2.10 14.92
N TYR E 332 -30.80 -2.97 15.91
CA TYR E 332 -31.48 -4.25 15.99
C TYR E 332 -32.75 -4.11 16.80
N GLU E 333 -33.91 -4.02 16.16
CA GLU E 333 -35.16 -4.08 16.88
C GLU E 333 -36.09 -4.91 16.01
N PHE E 334 -36.53 -6.05 16.54
CA PHE E 334 -37.33 -6.98 15.75
C PHE E 334 -38.72 -6.41 15.53
N SER E 335 -39.35 -5.94 16.61
CA SER E 335 -40.69 -5.39 16.52
C SER E 335 -40.67 -4.00 15.88
N ASN E 336 -39.80 -3.11 16.36
CA ASN E 336 -39.79 -1.71 15.93
C ASN E 336 -39.49 -1.58 14.44
N LYS E 337 -38.44 -2.25 13.96
CA LYS E 337 -38.08 -2.15 12.55
C LYS E 337 -38.90 -3.13 11.73
N GLY E 338 -39.81 -3.84 12.40
CA GLY E 338 -40.75 -4.76 11.76
C GLY E 338 -40.04 -5.75 10.84
N ALA E 339 -38.97 -6.36 11.37
CA ALA E 339 -38.24 -7.40 10.68
C ALA E 339 -39.14 -8.63 10.51
N ASP E 340 -40.04 -8.85 11.48
CA ASP E 340 -40.98 -9.95 11.41
C ASP E 340 -41.87 -9.82 10.19
N VAL E 341 -42.40 -8.60 9.95
CA VAL E 341 -43.26 -8.32 8.81
C VAL E 341 -42.48 -8.59 7.52
N PHE E 342 -41.23 -8.11 7.44
CA PHE E 342 -40.39 -8.36 6.28
C PHE E 342 -40.17 -9.86 6.06
N LEU E 343 -39.85 -10.60 7.13
CA LEU E 343 -39.60 -12.04 7.00
C LEU E 343 -40.86 -12.78 6.57
N GLU E 344 -42.00 -12.49 7.20
CA GLU E 344 -43.25 -13.15 6.82
C GLU E 344 -43.55 -12.85 5.35
N ALA E 345 -43.37 -11.60 4.94
CA ALA E 345 -43.62 -11.18 3.57
C ALA E 345 -42.68 -11.86 2.57
N LEU E 346 -41.42 -12.11 2.98
CA LEU E 346 -40.45 -12.82 2.17
C LEU E 346 -40.88 -14.28 1.94
N ALA E 347 -41.43 -14.94 2.97
CA ALA E 347 -41.93 -16.29 2.83
C ALA E 347 -43.07 -16.35 1.82
N ARG E 348 -43.99 -15.36 1.87
CA ARG E 348 -45.09 -15.27 0.92
C ARG E 348 -44.56 -14.99 -0.49
N LEU E 349 -43.55 -14.13 -0.62
CA LEU E 349 -42.88 -13.86 -1.89
C LEU E 349 -42.23 -15.12 -2.44
N ASN E 350 -41.58 -15.91 -1.58
CA ASN E 350 -40.99 -17.18 -1.96
C ASN E 350 -42.03 -18.12 -2.59
N TYR E 351 -43.19 -18.24 -1.93
CA TYR E 351 -44.31 -19.04 -2.43
C TYR E 351 -44.74 -18.55 -3.82
N LEU E 352 -44.94 -17.24 -3.99
CA LEU E 352 -45.36 -16.65 -5.26
C LEU E 352 -44.34 -16.92 -6.37
N LEU E 353 -43.05 -16.73 -6.07
CA LEU E 353 -41.98 -16.95 -7.04
C LEU E 353 -41.89 -18.43 -7.44
N ARG E 354 -42.09 -19.35 -6.48
CA ARG E 354 -42.06 -20.79 -6.72
C ARG E 354 -43.22 -21.22 -7.62
N VAL E 355 -44.45 -20.82 -7.25
CA VAL E 355 -45.67 -21.24 -7.94
C VAL E 355 -45.66 -20.71 -9.38
N ASN E 356 -45.21 -19.46 -9.58
CA ASN E 356 -45.09 -18.89 -10.91
C ASN E 356 -43.60 -18.75 -11.20
N GLY E 357 -43.08 -19.59 -12.10
CA GLY E 357 -41.65 -19.75 -12.33
C GLY E 357 -41.00 -18.45 -12.77
N SER E 358 -39.97 -18.04 -12.01
CA SER E 358 -39.26 -16.80 -12.28
C SER E 358 -37.76 -17.04 -12.27
N GLU E 359 -37.07 -16.52 -13.30
CA GLU E 359 -35.62 -16.53 -13.38
C GLU E 359 -35.01 -15.71 -12.23
N GLN E 360 -35.73 -14.65 -11.84
CA GLN E 360 -35.33 -13.74 -10.77
C GLN E 360 -35.37 -14.48 -9.44
N THR E 361 -34.34 -14.21 -8.62
CA THR E 361 -34.23 -14.71 -7.26
C THR E 361 -34.01 -13.50 -6.34
N VAL E 362 -34.66 -13.52 -5.17
CA VAL E 362 -34.52 -12.43 -4.22
C VAL E 362 -33.56 -12.84 -3.12
N VAL E 363 -32.55 -11.99 -2.86
CA VAL E 363 -31.63 -12.14 -1.76
C VAL E 363 -31.89 -11.01 -0.77
N ALA E 364 -32.34 -11.34 0.44
CA ALA E 364 -32.66 -10.35 1.46
C ALA E 364 -31.52 -10.27 2.49
N PHE E 365 -30.95 -9.07 2.64
CA PHE E 365 -29.87 -8.85 3.58
C PHE E 365 -30.42 -8.14 4.81
N PHE E 366 -30.39 -8.81 5.96
CA PHE E 366 -30.76 -8.17 7.21
C PHE E 366 -29.50 -7.66 7.91
N ILE E 367 -29.12 -6.39 7.70
CA ILE E 367 -27.87 -5.88 8.25
C ILE E 367 -28.17 -5.20 9.58
N MET E 368 -28.62 -6.04 10.54
CA MET E 368 -28.97 -5.51 11.84
C MET E 368 -27.99 -5.99 12.92
N PRO E 369 -27.35 -5.06 13.67
CA PRO E 369 -26.25 -5.43 14.57
C PRO E 369 -26.73 -6.29 15.74
N ALA E 370 -26.02 -7.37 16.05
CA ALA E 370 -26.28 -8.16 17.25
C ALA E 370 -24.95 -8.54 17.89
N ARG E 371 -25.02 -9.17 19.07
CA ARG E 371 -23.83 -9.78 19.68
C ARG E 371 -23.64 -11.18 19.10
N THR E 372 -22.55 -11.38 18.36
CA THR E 372 -22.25 -12.61 17.66
C THR E 372 -20.74 -12.87 17.76
N ASN E 373 -20.33 -14.10 17.47
CA ASN E 373 -18.92 -14.46 17.33
C ASN E 373 -18.45 -14.00 15.94
N ASN E 374 -17.23 -14.36 15.53
CA ASN E 374 -16.67 -13.97 14.25
C ASN E 374 -17.37 -14.73 13.14
N PHE E 375 -17.00 -14.47 11.87
CA PHE E 375 -17.68 -15.05 10.73
C PHE E 375 -17.67 -16.57 10.84
N ASN E 376 -18.85 -17.19 10.58
CA ASN E 376 -19.07 -18.61 10.68
C ASN E 376 -18.06 -19.33 9.75
N VAL E 377 -17.64 -20.52 10.18
CA VAL E 377 -16.68 -21.33 9.43
C VAL E 377 -17.15 -21.45 7.98
N GLU E 378 -18.43 -21.86 7.79
CA GLU E 378 -18.95 -22.09 6.46
C GLU E 378 -18.88 -20.82 5.59
N THR E 379 -19.30 -19.68 6.16
CA THR E 379 -19.34 -18.42 5.42
C THR E 379 -17.94 -18.02 4.99
N LEU E 380 -16.98 -18.10 5.94
CA LEU E 380 -15.60 -17.71 5.67
C LEU E 380 -15.00 -18.63 4.61
N LYS E 381 -15.26 -19.94 4.72
CA LYS E 381 -14.76 -20.91 3.76
C LYS E 381 -15.33 -20.60 2.38
N GLY E 382 -16.62 -20.30 2.31
CA GLY E 382 -17.28 -20.01 1.04
C GLY E 382 -16.63 -18.82 0.34
N GLN E 383 -16.37 -17.76 1.11
CA GLN E 383 -15.70 -16.58 0.59
C GLN E 383 -14.29 -16.92 0.12
N ALA E 384 -13.61 -17.80 0.87
CA ALA E 384 -12.26 -18.21 0.53
C ALA E 384 -12.26 -18.99 -0.79
N VAL E 385 -13.25 -19.87 -0.98
CA VAL E 385 -13.39 -20.67 -2.19
C VAL E 385 -13.64 -19.73 -3.37
N ARG E 386 -14.48 -18.70 -3.18
CA ARG E 386 -14.71 -17.74 -4.24
C ARG E 386 -13.38 -17.09 -4.59
N LYS E 387 -12.58 -16.73 -3.57
CA LYS E 387 -11.31 -16.09 -3.81
C LYS E 387 -10.41 -17.03 -4.62
N GLN E 388 -10.36 -18.32 -4.20
CA GLN E 388 -9.52 -19.30 -4.87
C GLN E 388 -9.94 -19.43 -6.33
N LEU E 389 -11.25 -19.58 -6.59
CA LEU E 389 -11.75 -19.74 -7.95
C LEU E 389 -11.37 -18.51 -8.78
N TRP E 390 -11.53 -17.30 -8.22
CA TRP E 390 -11.19 -16.09 -8.95
C TRP E 390 -9.70 -16.08 -9.25
N ASP E 391 -8.86 -16.45 -8.27
CA ASP E 391 -7.42 -16.44 -8.45
C ASP E 391 -7.01 -17.43 -9.53
N THR E 392 -7.59 -18.64 -9.49
CA THR E 392 -7.31 -19.66 -10.48
C THR E 392 -7.72 -19.15 -11.86
N ALA E 393 -8.93 -18.59 -11.95
CA ALA E 393 -9.41 -18.07 -13.22
C ALA E 393 -8.47 -17.00 -13.76
N ASN E 394 -8.04 -16.07 -12.89
CA ASN E 394 -7.15 -15.02 -13.38
C ASN E 394 -5.82 -15.60 -13.86
N THR E 395 -5.25 -16.55 -13.09
CA THR E 395 -3.94 -17.08 -13.48
C THR E 395 -4.04 -17.81 -14.81
N VAL E 396 -5.08 -18.65 -14.97
CA VAL E 396 -5.28 -19.40 -16.21
C VAL E 396 -5.59 -18.42 -17.34
N LYS E 397 -6.41 -17.40 -17.04
CA LYS E 397 -6.72 -16.34 -18.01
C LYS E 397 -5.44 -15.66 -18.48
N GLU E 398 -4.54 -15.33 -17.54
CA GLU E 398 -3.29 -14.64 -17.88
C GLU E 398 -2.45 -15.52 -18.80
N LYS E 399 -2.35 -16.81 -18.46
CA LYS E 399 -1.58 -17.76 -19.26
C LYS E 399 -2.20 -17.91 -20.65
N PHE E 400 -3.53 -17.96 -20.74
CA PHE E 400 -4.20 -17.98 -22.03
C PHE E 400 -3.87 -16.70 -22.79
N GLY E 401 -3.89 -15.58 -22.06
CA GLY E 401 -3.59 -14.28 -22.62
C GLY E 401 -2.22 -14.28 -23.30
N ARG E 402 -1.20 -14.74 -22.57
CA ARG E 402 0.16 -14.76 -23.07
C ARG E 402 0.24 -15.68 -24.27
N LYS E 403 -0.30 -16.90 -24.16
CA LYS E 403 -0.16 -17.88 -25.23
C LYS E 403 -0.93 -17.42 -26.46
N LEU E 404 -2.13 -16.82 -26.26
CA LEU E 404 -2.87 -16.30 -27.40
C LEU E 404 -2.08 -15.17 -28.06
N TYR E 405 -1.54 -14.25 -27.25
CA TYR E 405 -0.82 -13.11 -27.80
C TYR E 405 0.39 -13.60 -28.57
N GLU E 406 1.11 -14.58 -28.01
CA GLU E 406 2.28 -15.14 -28.68
C GLU E 406 1.87 -15.84 -29.96
N SER E 407 0.77 -16.61 -29.93
CA SER E 407 0.33 -17.32 -31.11
C SER E 407 -0.09 -16.34 -32.21
N LEU E 408 -0.84 -15.29 -31.83
CA LEU E 408 -1.27 -14.30 -32.80
C LEU E 408 -0.06 -13.59 -33.41
N LEU E 409 0.97 -13.32 -32.59
CA LEU E 409 2.14 -12.59 -33.06
C LEU E 409 2.89 -13.39 -34.13
N VAL E 410 2.98 -14.72 -33.94
CA VAL E 410 3.64 -15.57 -34.93
C VAL E 410 2.86 -15.49 -36.25
N GLY E 411 1.53 -15.39 -36.15
CA GLY E 411 0.67 -15.32 -37.32
C GLY E 411 -0.14 -16.60 -37.54
N SER E 412 -0.42 -17.31 -36.44
CA SER E 412 -1.10 -18.59 -36.46
C SER E 412 -2.35 -18.54 -35.56
N LEU E 413 -3.31 -19.43 -35.87
CA LEU E 413 -4.53 -19.65 -35.13
C LEU E 413 -4.21 -19.97 -33.67
N PRO E 414 -5.07 -19.55 -32.70
CA PRO E 414 -4.79 -19.78 -31.30
C PRO E 414 -4.58 -21.23 -30.93
N ASP E 415 -5.29 -22.19 -31.54
CA ASP E 415 -5.25 -23.59 -31.14
C ASP E 415 -5.64 -23.77 -29.66
N MET E 416 -6.89 -23.39 -29.39
CA MET E 416 -7.49 -23.35 -28.07
C MET E 416 -7.30 -24.65 -27.28
N ASN E 417 -7.36 -25.82 -27.93
CA ASN E 417 -7.27 -27.11 -27.26
C ASN E 417 -5.96 -27.25 -26.49
N LYS E 418 -4.86 -26.75 -27.05
CA LYS E 418 -3.53 -26.96 -26.47
C LYS E 418 -3.06 -25.74 -25.68
N MET E 419 -3.80 -24.63 -25.72
CA MET E 419 -3.42 -23.39 -25.05
C MET E 419 -3.26 -23.57 -23.54
N LEU E 420 -4.16 -24.33 -22.93
CA LEU E 420 -4.07 -24.59 -21.50
C LEU E 420 -3.14 -25.76 -21.22
N ASP E 421 -2.15 -25.52 -20.35
CA ASP E 421 -1.11 -26.47 -20.00
C ASP E 421 -1.64 -27.45 -18.95
N LYS E 422 -0.91 -28.54 -18.70
CA LYS E 422 -1.29 -29.54 -17.70
C LYS E 422 -1.34 -28.90 -16.31
N GLU E 423 -0.41 -27.98 -16.05
CA GLU E 423 -0.28 -27.37 -14.73
C GLU E 423 -1.55 -26.61 -14.36
N ASP E 424 -2.09 -25.84 -15.32
CA ASP E 424 -3.32 -25.10 -15.06
C ASP E 424 -4.50 -26.06 -14.93
N PHE E 425 -4.53 -27.13 -15.72
CA PHE E 425 -5.61 -28.10 -15.67
C PHE E 425 -5.77 -28.68 -14.26
N THR E 426 -4.64 -28.90 -13.58
CA THR E 426 -4.68 -29.43 -12.22
C THR E 426 -5.16 -28.36 -11.26
N MET E 427 -4.66 -27.12 -11.38
CA MET E 427 -5.04 -26.02 -10.51
C MET E 427 -6.55 -25.78 -10.57
N MET E 428 -7.10 -25.83 -11.79
CA MET E 428 -8.53 -25.74 -11.99
C MET E 428 -9.25 -26.95 -11.40
N LYS E 429 -8.66 -28.15 -11.53
CA LYS E 429 -9.29 -29.35 -11.00
C LYS E 429 -9.43 -29.26 -9.47
N ARG E 430 -8.40 -28.71 -8.82
CA ARG E 430 -8.44 -28.46 -7.38
C ARG E 430 -9.51 -27.42 -7.08
N ALA E 431 -9.64 -26.42 -7.97
CA ALA E 431 -10.61 -25.35 -7.79
C ALA E 431 -12.02 -25.92 -7.85
N ILE E 432 -12.32 -26.74 -8.87
CA ILE E 432 -13.66 -27.28 -9.02
C ILE E 432 -13.99 -28.22 -7.86
N PHE E 433 -12.96 -28.87 -7.29
CA PHE E 433 -13.17 -29.74 -6.14
C PHE E 433 -13.51 -28.92 -4.89
N ALA E 434 -12.83 -27.77 -4.73
CA ALA E 434 -13.04 -26.90 -3.58
C ALA E 434 -14.47 -26.36 -3.55
N THR E 435 -15.02 -26.06 -4.73
CA THR E 435 -16.41 -25.66 -4.88
C THR E 435 -17.27 -26.91 -4.95
N GLN E 436 -17.34 -27.65 -3.84
CA GLN E 436 -18.26 -28.76 -3.69
C GLN E 436 -19.54 -28.25 -3.04
N ARG E 437 -20.70 -28.70 -3.54
CA ARG E 437 -22.00 -28.20 -3.10
C ARG E 437 -22.24 -28.42 -1.61
N GLN E 438 -21.93 -29.62 -1.09
CA GLN E 438 -22.04 -29.92 0.32
C GLN E 438 -23.46 -29.61 0.85
N SER E 439 -23.54 -28.92 2.00
CA SER E 439 -24.79 -28.54 2.63
C SER E 439 -25.32 -27.24 2.05
N PHE E 440 -26.58 -26.92 2.36
CA PHE E 440 -27.20 -25.66 1.97
C PHE E 440 -26.45 -24.49 2.63
N PRO E 441 -26.26 -23.36 1.91
CA PRO E 441 -25.47 -22.23 2.42
C PRO E 441 -26.09 -21.66 3.70
N PRO E 442 -25.28 -21.16 4.66
CA PRO E 442 -25.81 -20.63 5.93
C PRO E 442 -26.70 -19.40 5.75
N VAL E 443 -27.64 -19.20 6.67
CA VAL E 443 -28.49 -18.02 6.64
C VAL E 443 -27.76 -16.84 7.28
N CYS E 444 -26.89 -17.08 8.26
CA CYS E 444 -26.29 -15.95 8.96
C CYS E 444 -24.78 -15.96 8.72
N THR E 445 -24.23 -14.81 8.36
CA THR E 445 -22.82 -14.70 8.03
C THR E 445 -21.95 -14.92 9.27
N HIS E 446 -22.40 -14.41 10.41
CA HIS E 446 -21.70 -14.59 11.68
C HIS E 446 -22.50 -15.58 12.53
N ASN E 447 -21.79 -16.50 13.20
CA ASN E 447 -22.45 -17.41 14.13
C ASN E 447 -22.90 -16.59 15.34
N MET E 448 -24.18 -16.69 15.70
CA MET E 448 -24.73 -15.86 16.77
C MET E 448 -24.38 -16.46 18.13
N LEU E 449 -24.15 -15.59 19.13
CA LEU E 449 -23.98 -16.00 20.51
C LEU E 449 -25.18 -16.83 20.96
N ASP E 450 -26.39 -16.37 20.62
CA ASP E 450 -27.58 -17.17 20.82
C ASP E 450 -28.37 -17.40 19.53
N ASP E 451 -27.91 -18.37 18.73
CA ASP E 451 -28.55 -18.75 17.47
C ASP E 451 -29.97 -19.28 17.69
N SER E 452 -30.14 -20.06 18.76
CA SER E 452 -31.39 -20.74 19.06
C SER E 452 -32.51 -19.72 19.24
N SER E 453 -32.21 -18.62 19.95
CA SER E 453 -33.23 -17.67 20.38
C SER E 453 -33.27 -16.41 19.55
N ASP E 454 -32.29 -16.19 18.64
CA ASP E 454 -32.25 -15.00 17.79
C ASP E 454 -33.61 -14.79 17.15
N PRO E 455 -34.29 -13.63 17.39
CA PRO E 455 -35.63 -13.39 16.87
C PRO E 455 -35.75 -13.57 15.36
N ILE E 456 -34.69 -13.18 14.64
CA ILE E 456 -34.63 -13.35 13.20
C ILE E 456 -34.51 -14.83 12.88
N LEU E 457 -33.48 -15.52 13.38
CA LEU E 457 -33.18 -16.89 12.99
C LEU E 457 -34.35 -17.84 13.25
N THR E 458 -35.00 -17.68 14.42
CA THR E 458 -36.16 -18.46 14.79
C THR E 458 -37.25 -18.33 13.73
N THR E 459 -37.51 -17.09 13.30
CA THR E 459 -38.54 -16.78 12.33
C THR E 459 -38.17 -17.37 10.97
N ILE E 460 -36.90 -17.22 10.54
CA ILE E 460 -36.41 -17.73 9.27
C ILE E 460 -36.68 -19.23 9.17
N ARG E 461 -36.35 -19.96 10.28
CA ARG E 461 -36.56 -21.39 10.36
C ARG E 461 -38.04 -21.75 10.28
N ARG E 462 -38.87 -21.01 11.02
CA ARG E 462 -40.31 -21.26 11.10
C ARG E 462 -40.97 -21.00 9.75
N ILE E 463 -40.61 -19.87 9.14
CA ILE E 463 -41.16 -19.42 7.88
C ILE E 463 -40.76 -20.36 6.75
N GLY E 464 -39.62 -21.05 6.88
CA GLY E 464 -39.22 -22.09 5.94
C GLY E 464 -38.12 -21.66 4.98
N LEU E 465 -37.73 -20.38 5.01
CA LEU E 465 -36.61 -19.87 4.25
C LEU E 465 -35.39 -20.50 4.91
N PHE E 466 -34.76 -21.46 4.24
CA PHE E 466 -33.52 -22.03 4.74
C PHE E 466 -32.43 -22.05 3.66
N ASN E 467 -32.55 -21.17 2.68
CA ASN E 467 -31.70 -21.09 1.49
C ASN E 467 -31.66 -22.39 0.70
N SER E 468 -32.77 -23.14 0.68
CA SER E 468 -32.84 -24.41 -0.05
C SER E 468 -32.71 -24.15 -1.53
N SER E 469 -32.20 -25.13 -2.30
CA SER E 469 -31.98 -24.99 -3.74
C SER E 469 -33.26 -24.56 -4.46
N ALA E 470 -34.39 -25.09 -3.97
CA ALA E 470 -35.70 -24.87 -4.57
C ALA E 470 -36.21 -23.45 -4.32
N ASP E 471 -35.80 -22.86 -3.18
CA ASP E 471 -36.32 -21.57 -2.74
C ASP E 471 -35.82 -20.48 -3.69
N ARG E 472 -36.72 -19.56 -4.01
CA ARG E 472 -36.41 -18.40 -4.84
C ARG E 472 -36.03 -17.21 -3.96
N VAL E 473 -36.15 -17.32 -2.63
CA VAL E 473 -35.81 -16.23 -1.74
C VAL E 473 -34.74 -16.70 -0.75
N LYS E 474 -33.59 -16.02 -0.76
CA LYS E 474 -32.44 -16.39 0.05
C LYS E 474 -32.12 -15.30 1.07
N VAL E 475 -32.12 -15.65 2.36
CA VAL E 475 -31.94 -14.65 3.40
C VAL E 475 -30.53 -14.74 3.98
N ILE E 476 -29.80 -13.62 3.95
CA ILE E 476 -28.45 -13.52 4.49
C ILE E 476 -28.44 -12.48 5.60
N PHE E 477 -28.35 -12.90 6.87
CA PHE E 477 -28.36 -11.99 8.00
C PHE E 477 -26.95 -11.66 8.45
N HIS E 478 -26.54 -10.39 8.31
CA HIS E 478 -25.21 -9.95 8.72
C HIS E 478 -25.33 -9.18 10.03
N PRO E 479 -25.06 -9.79 11.20
CA PRO E 479 -25.28 -9.13 12.49
C PRO E 479 -24.26 -8.07 12.91
N GLU E 480 -23.32 -7.71 12.05
CA GLU E 480 -22.37 -6.64 12.34
C GLU E 480 -22.59 -5.49 11.35
N PHE E 481 -22.50 -4.23 11.83
CA PHE E 481 -22.61 -3.09 10.93
C PHE E 481 -21.53 -3.22 9.86
N LEU E 482 -21.92 -3.21 8.58
CA LEU E 482 -20.95 -3.43 7.52
C LEU E 482 -19.90 -2.31 7.59
N SER E 483 -18.62 -2.68 7.50
CA SER E 483 -17.52 -1.74 7.65
C SER E 483 -16.35 -2.17 6.77
N SER E 484 -15.45 -1.23 6.46
CA SER E 484 -14.31 -1.46 5.60
C SER E 484 -13.33 -2.45 6.22
N THR E 485 -13.22 -2.43 7.56
CA THR E 485 -12.24 -3.23 8.29
C THR E 485 -12.54 -4.73 8.18
N SER E 486 -13.83 -5.10 8.13
CA SER E 486 -14.25 -6.49 8.11
C SER E 486 -13.69 -7.21 6.89
N PRO E 487 -13.15 -8.44 7.05
CA PRO E 487 -12.59 -9.22 5.94
C PRO E 487 -13.59 -9.59 4.84
N LEU E 488 -14.79 -10.05 5.22
CA LEU E 488 -15.81 -10.45 4.28
C LEU E 488 -16.74 -9.26 4.07
N LEU E 489 -17.10 -9.00 2.80
CA LEU E 489 -17.85 -7.82 2.42
C LEU E 489 -17.33 -6.56 3.13
N PRO E 490 -16.08 -6.12 2.83
CA PRO E 490 -15.49 -4.94 3.44
C PRO E 490 -16.04 -3.72 2.72
N VAL E 491 -17.35 -3.52 2.84
CA VAL E 491 -18.07 -2.45 2.12
C VAL E 491 -18.72 -1.51 3.13
N ASP E 492 -18.53 -0.20 2.95
CA ASP E 492 -19.07 0.77 3.89
C ASP E 492 -20.58 0.87 3.70
N TYR E 493 -21.33 1.05 4.79
CA TYR E 493 -22.79 0.97 4.73
C TYR E 493 -23.34 1.71 3.52
N GLU E 494 -22.83 2.93 3.26
CA GLU E 494 -23.36 3.74 2.17
C GLU E 494 -23.21 3.00 0.83
N GLU E 495 -22.04 2.39 0.62
CA GLU E 495 -21.76 1.69 -0.63
C GLU E 495 -22.65 0.45 -0.78
N PHE E 496 -22.84 -0.31 0.31
CA PHE E 496 -23.72 -1.46 0.29
C PHE E 496 -25.15 -1.05 -0.05
N VAL E 497 -25.63 0.03 0.58
CA VAL E 497 -26.97 0.54 0.35
C VAL E 497 -27.13 0.85 -1.14
N ARG E 498 -26.14 1.51 -1.74
CA ARG E 498 -26.17 1.91 -3.15
C ARG E 498 -26.30 0.69 -4.06
N GLY E 499 -25.68 -0.42 -3.66
CA GLY E 499 -25.67 -1.61 -4.49
C GLY E 499 -27.01 -2.35 -4.52
N CYS E 500 -27.72 -2.36 -3.39
CA CYS E 500 -28.97 -3.10 -3.28
C CYS E 500 -30.04 -2.46 -4.17
N HIS E 501 -30.95 -3.31 -4.66
CA HIS E 501 -31.99 -2.86 -5.58
C HIS E 501 -33.09 -2.11 -4.84
N LEU E 502 -33.42 -2.56 -3.63
CA LEU E 502 -34.57 -2.09 -2.87
C LEU E 502 -34.25 -2.17 -1.38
N GLY E 503 -34.83 -1.26 -0.60
CA GLY E 503 -34.66 -1.31 0.83
C GLY E 503 -36.01 -1.38 1.51
N VAL E 504 -36.22 -2.39 2.35
CA VAL E 504 -37.52 -2.60 2.97
C VAL E 504 -37.41 -2.25 4.44
N PHE E 505 -38.13 -1.20 4.87
CA PHE E 505 -38.12 -0.75 6.25
C PHE E 505 -39.55 -0.64 6.76
N PRO E 506 -40.22 -1.78 7.06
CA PRO E 506 -41.62 -1.76 7.48
C PRO E 506 -41.68 -1.40 8.96
N SER E 507 -41.28 -0.19 9.31
CA SER E 507 -41.09 0.19 10.71
C SER E 507 -42.43 0.34 11.42
N TYR E 508 -42.46 -0.01 12.70
CA TYR E 508 -43.66 0.12 13.52
C TYR E 508 -43.57 1.40 14.34
N TYR E 509 -42.42 1.63 15.02
CA TYR E 509 -42.34 2.76 15.93
C TYR E 509 -41.43 3.91 15.45
N GLU E 510 -40.65 3.69 14.41
CA GLU E 510 -39.63 4.67 14.04
C GLU E 510 -40.21 6.08 14.11
N PRO E 511 -39.70 6.96 15.02
CA PRO E 511 -40.20 8.34 15.11
C PRO E 511 -39.82 9.12 13.85
N TRP E 512 -38.57 8.98 13.43
CA TRP E 512 -38.14 9.44 12.12
C TRP E 512 -37.22 8.37 11.55
N GLY E 513 -37.42 8.06 10.26
CA GLY E 513 -36.61 7.02 9.68
C GLY E 513 -35.29 7.57 9.17
N TYR E 514 -34.24 7.55 10.01
CA TYR E 514 -32.93 7.98 9.54
C TYR E 514 -32.44 7.06 8.42
N THR E 515 -32.60 5.76 8.63
CA THR E 515 -32.18 4.73 7.71
C THR E 515 -32.91 4.85 6.36
N PRO E 516 -34.27 4.89 6.33
CA PRO E 516 -34.99 5.03 5.05
C PRO E 516 -34.64 6.34 4.34
N ALA E 517 -34.43 7.42 5.12
CA ALA E 517 -34.10 8.73 4.58
C ALA E 517 -32.79 8.68 3.80
N GLU E 518 -31.75 8.09 4.41
CA GLU E 518 -30.44 7.91 3.78
C GLU E 518 -30.59 7.19 2.45
N CYS E 519 -31.35 6.09 2.44
CA CYS E 519 -31.60 5.29 1.25
C CYS E 519 -32.20 6.14 0.14
N THR E 520 -33.22 6.96 0.48
CA THR E 520 -33.90 7.73 -0.55
C THR E 520 -32.98 8.82 -1.11
N VAL E 521 -32.15 9.45 -0.26
CA VAL E 521 -31.20 10.47 -0.70
C VAL E 521 -30.19 9.83 -1.67
N MET E 522 -29.88 8.55 -1.44
CA MET E 522 -29.00 7.80 -2.31
C MET E 522 -29.68 7.40 -3.62
N GLY E 523 -31.00 7.27 -3.58
CA GLY E 523 -31.72 6.89 -4.80
C GLY E 523 -32.17 5.44 -4.83
N ILE E 524 -31.93 4.71 -3.73
CA ILE E 524 -32.50 3.39 -3.53
C ILE E 524 -33.99 3.57 -3.23
N PRO E 525 -34.90 2.87 -3.93
CA PRO E 525 -36.33 2.89 -3.60
C PRO E 525 -36.50 2.20 -2.25
N SER E 526 -37.36 2.77 -1.39
CA SER E 526 -37.45 2.34 -0.01
C SER E 526 -38.90 2.18 0.40
N ILE E 527 -39.26 1.02 0.95
CA ILE E 527 -40.56 0.83 1.59
C ILE E 527 -40.50 1.57 2.92
N SER E 528 -41.53 2.37 3.18
CA SER E 528 -41.74 3.05 4.46
C SER E 528 -43.17 2.77 4.91
N THR E 529 -43.53 3.20 6.13
CA THR E 529 -44.85 2.89 6.66
C THR E 529 -45.53 4.16 7.14
N ASN E 530 -46.86 4.13 7.32
CA ASN E 530 -47.59 5.25 7.90
C ASN E 530 -47.12 5.51 9.33
N LEU E 531 -46.61 4.44 9.94
CA LEU E 531 -46.22 4.52 11.33
C LEU E 531 -44.83 5.13 11.47
N SER E 532 -44.00 5.00 10.42
CA SER E 532 -42.72 5.67 10.40
C SER E 532 -42.93 7.15 10.05
N GLY E 533 -42.10 7.99 10.69
CA GLY E 533 -42.21 9.42 10.49
C GLY E 533 -41.87 9.82 9.06
N PHE E 534 -40.83 9.18 8.51
CA PHE E 534 -40.43 9.41 7.14
C PHE E 534 -41.55 8.99 6.20
N GLY E 535 -42.22 7.86 6.52
CA GLY E 535 -43.35 7.41 5.72
C GLY E 535 -44.51 8.41 5.70
N CYS E 536 -44.90 8.89 6.89
CA CYS E 536 -45.98 9.85 7.02
C CYS E 536 -45.61 11.13 6.25
N PHE E 537 -44.35 11.56 6.40
CA PHE E 537 -43.85 12.75 5.73
C PHE E 537 -43.99 12.62 4.21
N MET E 538 -43.60 11.46 3.67
CA MET E 538 -43.67 11.20 2.24
C MET E 538 -45.11 11.18 1.72
N GLU E 539 -46.03 10.59 2.48
CA GLU E 539 -47.44 10.56 2.12
C GLU E 539 -47.98 11.98 2.00
N GLU E 540 -47.66 12.83 3.00
CA GLU E 540 -48.11 14.21 3.04
C GLU E 540 -47.57 15.00 1.85
N HIS E 541 -46.31 14.73 1.47
CA HIS E 541 -45.59 15.53 0.49
C HIS E 541 -45.66 14.95 -0.93
N ILE E 542 -46.04 13.68 -1.08
CA ILE E 542 -46.10 13.04 -2.39
C ILE E 542 -47.48 12.38 -2.60
N ALA E 543 -48.16 12.78 -3.69
CA ALA E 543 -49.53 12.39 -3.97
C ALA E 543 -49.65 10.89 -4.27
N ASP E 544 -48.68 10.36 -5.05
CA ASP E 544 -48.50 8.93 -5.21
C ASP E 544 -47.13 8.52 -4.68
N PRO E 545 -47.07 7.77 -3.56
CA PRO E 545 -45.81 7.24 -3.04
C PRO E 545 -45.12 6.27 -4.01
N SER E 546 -45.94 5.41 -4.65
CA SER E 546 -45.45 4.28 -5.42
C SER E 546 -44.70 4.76 -6.68
N ALA E 547 -45.26 5.79 -7.33
CA ALA E 547 -44.78 6.29 -8.61
C ALA E 547 -43.36 6.81 -8.45
N TYR E 548 -43.08 7.47 -7.31
CA TYR E 548 -41.77 8.04 -7.06
C TYR E 548 -40.80 7.03 -6.44
N GLY E 549 -41.29 5.81 -6.24
CA GLY E 549 -40.46 4.70 -5.80
C GLY E 549 -40.46 4.50 -4.29
N ILE E 550 -41.11 5.40 -3.54
CA ILE E 550 -41.24 5.17 -2.10
C ILE E 550 -42.61 4.57 -1.80
N TYR E 551 -42.67 3.26 -1.56
CA TYR E 551 -43.88 2.55 -1.21
C TYR E 551 -44.27 2.87 0.22
N ILE E 552 -45.56 3.13 0.45
CA ILE E 552 -46.09 3.30 1.79
C ILE E 552 -46.97 2.10 2.16
N LEU E 553 -46.63 1.44 3.29
CA LEU E 553 -47.47 0.41 3.85
C LEU E 553 -48.36 1.06 4.91
N ASP E 554 -49.69 0.84 4.85
CA ASP E 554 -50.60 1.48 5.78
C ASP E 554 -50.79 0.62 7.03
N ARG E 555 -49.76 0.64 7.88
CA ARG E 555 -49.76 -0.29 9.02
C ARG E 555 -50.60 0.24 10.17
N ARG E 556 -50.91 1.54 10.14
CA ARG E 556 -51.69 2.20 11.18
C ARG E 556 -53.16 1.78 11.11
N PHE E 557 -53.68 1.64 9.88
CA PHE E 557 -55.10 1.37 9.64
C PHE E 557 -55.34 -0.04 9.13
N ARG E 558 -54.31 -0.90 9.14
CA ARG E 558 -54.48 -2.29 8.78
C ARG E 558 -54.03 -3.19 9.93
N SER E 559 -54.57 -4.42 9.96
CA SER E 559 -54.14 -5.47 10.87
C SER E 559 -52.77 -5.99 10.44
N LEU E 560 -52.09 -6.72 11.34
CA LEU E 560 -50.73 -7.17 11.11
C LEU E 560 -50.62 -8.09 9.89
N ASP E 561 -51.57 -9.04 9.77
CA ASP E 561 -51.55 -10.02 8.70
C ASP E 561 -51.84 -9.35 7.35
N ASP E 562 -52.83 -8.45 7.33
CA ASP E 562 -53.20 -7.69 6.15
C ASP E 562 -52.04 -6.79 5.69
N SER E 563 -51.31 -6.22 6.65
CA SER E 563 -50.11 -5.43 6.37
C SER E 563 -49.03 -6.29 5.72
N CYS E 564 -48.79 -7.49 6.27
CA CYS E 564 -47.86 -8.44 5.69
C CYS E 564 -48.24 -8.73 4.23
N SER E 565 -49.52 -9.05 3.99
CA SER E 565 -50.06 -9.28 2.65
C SER E 565 -49.83 -8.08 1.73
N GLN E 566 -49.98 -6.87 2.30
CA GLN E 566 -49.73 -5.64 1.57
C GLN E 566 -48.24 -5.56 1.20
N LEU E 567 -47.34 -5.87 2.14
CA LEU E 567 -45.92 -5.88 1.84
C LEU E 567 -45.61 -6.90 0.73
N THR E 568 -46.14 -8.12 0.86
CA THR E 568 -45.94 -9.15 -0.15
C THR E 568 -46.32 -8.60 -1.51
N SER E 569 -47.46 -7.88 -1.59
CA SER E 569 -47.92 -7.29 -2.84
C SER E 569 -46.89 -6.29 -3.40
N PHE E 570 -46.35 -5.43 -2.53
CA PHE E 570 -45.34 -4.46 -2.89
C PHE E 570 -44.07 -5.17 -3.38
N LEU E 571 -43.59 -6.15 -2.60
CA LEU E 571 -42.37 -6.86 -2.94
C LEU E 571 -42.55 -7.56 -4.30
N TYR E 572 -43.68 -8.24 -4.46
CA TYR E 572 -43.98 -8.96 -5.70
C TYR E 572 -44.05 -8.00 -6.89
N SER E 573 -44.67 -6.83 -6.70
CA SER E 573 -44.76 -5.83 -7.75
C SER E 573 -43.37 -5.38 -8.20
N PHE E 574 -42.49 -5.13 -7.22
CA PHE E 574 -41.11 -4.76 -7.50
C PHE E 574 -40.41 -5.87 -8.28
N CYS E 575 -40.60 -7.13 -7.86
CA CYS E 575 -39.99 -8.26 -8.52
C CYS E 575 -40.46 -8.34 -9.98
N GLN E 576 -41.76 -8.15 -10.21
CA GLN E 576 -42.34 -8.24 -11.54
C GLN E 576 -42.19 -6.95 -12.35
N GLN E 577 -41.41 -5.97 -11.85
CA GLN E 577 -41.11 -4.77 -12.62
C GLN E 577 -40.16 -5.10 -13.77
N SER E 578 -40.35 -4.47 -14.93
CA SER E 578 -39.43 -4.63 -16.05
C SER E 578 -38.09 -3.99 -15.71
N ARG E 579 -37.00 -4.47 -16.32
CA ARG E 579 -35.67 -3.94 -16.04
C ARG E 579 -35.65 -2.42 -16.26
N ARG E 580 -36.23 -2.00 -17.39
CA ARG E 580 -36.31 -0.58 -17.75
C ARG E 580 -37.13 0.19 -16.73
N GLN E 581 -38.26 -0.39 -16.28
CA GLN E 581 -39.14 0.23 -15.31
C GLN E 581 -38.41 0.52 -13.99
N ARG E 582 -37.62 -0.46 -13.52
CA ARG E 582 -36.84 -0.35 -12.29
C ARG E 582 -35.83 0.80 -12.40
N ILE E 583 -35.15 0.90 -13.55
CA ILE E 583 -34.19 1.97 -13.81
C ILE E 583 -34.90 3.33 -13.64
N ILE E 584 -36.07 3.48 -14.27
CA ILE E 584 -36.90 4.68 -14.17
C ILE E 584 -37.20 4.97 -12.69
N GLN E 585 -37.65 3.96 -11.96
CA GLN E 585 -38.01 4.11 -10.55
C GLN E 585 -36.87 4.69 -9.74
N ARG E 586 -35.66 4.14 -9.91
CA ARG E 586 -34.44 4.63 -9.26
C ARG E 586 -34.20 6.11 -9.54
N ASN E 587 -34.29 6.49 -10.82
CA ASN E 587 -34.07 7.85 -11.26
C ASN E 587 -35.11 8.80 -10.65
N ARG E 588 -36.36 8.34 -10.54
CA ARG E 588 -37.41 9.09 -9.87
C ARG E 588 -37.07 9.34 -8.41
N THR E 589 -36.50 8.34 -7.70
CA THR E 589 -36.20 8.53 -6.28
C THR E 589 -35.19 9.66 -6.07
N GLU E 590 -34.20 9.75 -6.99
CA GLU E 590 -33.15 10.75 -6.90
C GLU E 590 -33.74 12.17 -6.90
N ARG E 591 -34.99 12.35 -7.31
CA ARG E 591 -35.64 13.64 -7.27
C ARG E 591 -36.18 13.92 -5.86
N LEU E 592 -36.41 12.87 -5.08
CA LEU E 592 -37.08 13.04 -3.80
C LEU E 592 -36.12 13.46 -2.68
N SER E 593 -34.83 13.56 -3.02
CA SER E 593 -33.80 14.00 -2.10
C SER E 593 -34.07 15.42 -1.60
N ASP E 594 -34.55 16.29 -2.50
CA ASP E 594 -34.85 17.69 -2.21
C ASP E 594 -35.88 17.85 -1.09
N LEU E 595 -36.83 16.92 -0.98
CA LEU E 595 -37.82 16.92 0.09
C LEU E 595 -37.16 16.79 1.46
N LEU E 596 -36.05 16.07 1.54
CA LEU E 596 -35.36 15.80 2.79
C LEU E 596 -34.13 16.69 3.01
N ASP E 597 -33.83 17.58 2.05
CA ASP E 597 -32.68 18.46 2.13
C ASP E 597 -32.95 19.57 3.12
N TRP E 598 -31.89 20.01 3.80
CA TRP E 598 -32.00 21.01 4.85
C TRP E 598 -32.44 22.36 4.30
N LYS E 599 -32.09 22.65 3.03
CA LYS E 599 -32.50 23.87 2.36
C LYS E 599 -34.00 24.05 2.50
N TYR E 600 -34.74 23.03 2.04
CA TYR E 600 -36.19 23.05 2.08
C TYR E 600 -36.70 22.89 3.53
N LEU E 601 -36.10 21.97 4.29
CA LEU E 601 -36.61 21.69 5.63
C LEU E 601 -36.22 22.77 6.63
N GLY E 602 -35.29 23.64 6.26
CA GLY E 602 -34.90 24.79 7.06
C GLY E 602 -36.07 25.73 7.32
N ARG E 603 -37.04 25.73 6.41
CA ARG E 603 -38.19 26.61 6.56
C ARG E 603 -38.94 26.31 7.87
N TYR E 604 -39.11 25.02 8.16
CA TYR E 604 -40.00 24.61 9.24
C TYR E 604 -39.48 25.05 10.60
N TYR E 605 -38.16 24.92 10.83
CA TYR E 605 -37.56 25.31 12.09
C TYR E 605 -37.51 26.82 12.22
N MET E 606 -37.22 27.53 11.10
CA MET E 606 -37.19 28.98 11.13
C MET E 606 -38.54 29.49 11.60
N SER E 607 -39.61 28.84 11.11
CA SER E 607 -40.95 29.13 11.55
C SER E 607 -41.08 28.94 13.06
N ALA E 608 -40.52 27.83 13.59
CA ALA E 608 -40.62 27.54 15.02
C ALA E 608 -39.95 28.65 15.84
N ARG E 609 -38.75 29.06 15.41
CA ARG E 609 -37.98 30.10 16.11
C ARG E 609 -38.75 31.40 16.10
N HIS E 610 -39.27 31.81 14.94
CA HIS E 610 -40.03 33.06 14.84
C HIS E 610 -41.27 33.02 15.74
N MET E 611 -41.96 31.88 15.74
CA MET E 611 -43.12 31.65 16.59
C MET E 611 -42.73 31.79 18.06
N ALA E 612 -41.54 31.31 18.46
CA ALA E 612 -41.11 31.43 19.86
C ALA E 612 -41.05 32.89 20.32
N LEU E 613 -40.40 33.72 19.50
CA LEU E 613 -40.23 35.14 19.76
C LEU E 613 -41.61 35.79 19.89
N SER E 614 -42.54 35.40 19.01
CA SER E 614 -43.89 35.96 19.00
C SER E 614 -44.68 35.56 20.25
N LYS E 615 -44.54 34.29 20.71
CA LYS E 615 -45.39 33.77 21.76
C LYS E 615 -45.24 34.56 23.06
N ALA E 616 -43.99 34.84 23.46
CA ALA E 616 -43.72 35.60 24.67
C ALA E 616 -43.00 36.89 24.28
N PHE E 617 -43.17 37.93 25.11
CA PHE E 617 -42.65 39.28 24.85
C PHE E 617 -42.79 39.65 23.37
N PRO E 618 -44.02 39.74 22.81
CA PRO E 618 -44.19 39.97 21.37
C PRO E 618 -43.84 41.35 20.85
N GLU E 619 -43.75 42.34 21.75
CA GLU E 619 -43.64 43.75 21.40
C GLU E 619 -42.41 44.02 20.52
N HIS E 620 -41.24 43.49 20.92
CA HIS E 620 -40.01 43.75 20.18
C HIS E 620 -40.12 43.17 18.77
N PHE E 621 -40.37 41.87 18.66
CA PHE E 621 -40.54 41.23 17.35
C PHE E 621 -41.84 40.43 17.30
N THR E 622 -42.69 40.77 16.33
CA THR E 622 -43.93 40.08 16.03
C THR E 622 -43.93 39.71 14.55
N TYR E 623 -44.14 38.42 14.24
CA TYR E 623 -44.26 37.98 12.86
C TYR E 623 -45.56 37.19 12.68
N GLU E 624 -46.31 37.52 11.64
CA GLU E 624 -47.58 36.90 11.32
C GLU E 624 -47.32 35.47 10.79
N PRO E 625 -48.25 34.50 10.94
CA PRO E 625 -47.99 33.10 10.59
C PRO E 625 -47.88 32.84 9.09
N ASN E 626 -46.92 31.97 8.71
CA ASN E 626 -46.72 31.51 7.34
C ASN E 626 -47.83 30.50 7.01
N VAL F 318 -49.05 15.83 53.85
CA VAL F 318 -47.77 16.60 53.78
C VAL F 318 -46.67 15.68 53.26
N SER F 319 -45.61 15.47 54.06
CA SER F 319 -44.42 14.71 53.66
C SER F 319 -43.83 15.38 52.41
N SER F 320 -43.32 16.60 52.59
CA SER F 320 -42.90 17.43 51.48
C SER F 320 -41.45 17.17 51.08
N GLU F 321 -40.50 17.49 51.95
CA GLU F 321 -39.11 17.19 51.69
C GLU F 321 -38.92 15.70 51.53
N GLU F 322 -39.68 14.92 52.30
CA GLU F 322 -39.69 13.46 52.25
C GLU F 322 -40.02 12.99 50.84
N ARG F 323 -40.85 13.78 50.12
CA ARG F 323 -41.23 13.48 48.75
C ARG F 323 -40.02 13.57 47.80
N LYS F 324 -39.13 14.55 48.00
CA LYS F 324 -37.91 14.58 47.19
C LYS F 324 -37.19 13.25 47.40
N GLU F 325 -37.09 12.79 48.65
CA GLU F 325 -36.36 11.56 48.98
C GLU F 325 -37.05 10.36 48.31
N ARG F 326 -38.39 10.47 48.18
CA ARG F 326 -39.12 9.36 47.58
C ARG F 326 -38.71 9.19 46.13
N TRP F 327 -38.55 10.32 45.42
CA TRP F 327 -38.06 10.36 44.05
C TRP F 327 -36.60 9.89 44.01
N GLU F 328 -35.83 10.28 45.04
CA GLU F 328 -34.41 9.94 45.10
C GLU F 328 -34.17 8.44 45.15
N GLN F 329 -34.99 7.71 45.89
CA GLN F 329 -34.80 6.27 45.98
C GLN F 329 -35.58 5.58 44.85
N GLY F 330 -36.22 6.40 43.99
CA GLY F 330 -36.91 5.87 42.81
C GLY F 330 -38.40 5.57 43.01
N GLN F 331 -38.94 5.70 44.24
CA GLN F 331 -40.35 5.39 44.43
C GLN F 331 -41.20 6.66 44.52
N ALA F 332 -41.96 6.99 43.46
CA ALA F 332 -42.74 8.22 43.41
C ALA F 332 -44.23 7.88 43.40
N ASP F 333 -45.06 8.80 43.90
CA ASP F 333 -46.49 8.56 43.96
C ASP F 333 -47.11 8.94 42.62
N TYR F 334 -46.92 8.09 41.59
CA TYR F 334 -47.37 8.45 40.25
C TYR F 334 -48.87 8.75 40.25
N MET F 335 -49.66 7.85 40.83
CA MET F 335 -51.11 7.97 40.85
C MET F 335 -51.58 9.20 41.63
N GLY F 336 -50.90 9.55 42.72
CA GLY F 336 -51.41 10.57 43.63
C GLY F 336 -50.65 11.90 43.62
N ALA F 337 -49.84 12.15 44.67
CA ALA F 337 -49.24 13.46 44.92
C ALA F 337 -48.22 13.86 43.83
N ASP F 338 -47.47 12.88 43.31
CA ASP F 338 -46.43 13.18 42.34
C ASP F 338 -46.94 13.13 40.90
N SER F 339 -48.27 13.08 40.72
CA SER F 339 -48.88 13.07 39.39
C SER F 339 -48.45 14.30 38.62
N PHE F 340 -48.27 14.17 37.30
CA PHE F 340 -47.81 15.32 36.53
C PHE F 340 -48.76 16.50 36.70
N ASP F 341 -50.06 16.23 36.89
CA ASP F 341 -51.01 17.33 37.04
C ASP F 341 -50.59 18.23 38.21
N ASN F 342 -50.18 17.62 39.33
CA ASN F 342 -49.71 18.36 40.48
C ASN F 342 -48.42 19.12 40.13
N ILE F 343 -47.52 18.45 39.39
CA ILE F 343 -46.28 19.08 38.91
C ILE F 343 -46.66 20.24 38.00
N LYS F 344 -47.72 20.04 37.19
CA LYS F 344 -48.16 21.05 36.23
C LYS F 344 -48.60 22.31 36.97
N ARG F 345 -49.24 22.15 38.14
CA ARG F 345 -49.68 23.29 38.94
C ARG F 345 -48.48 24.13 39.38
N LYS F 346 -47.40 23.46 39.82
CA LYS F 346 -46.17 24.17 40.18
C LYS F 346 -45.58 24.85 38.96
N LEU F 347 -45.60 24.15 37.81
CA LEU F 347 -45.16 24.75 36.54
C LEU F 347 -46.07 25.93 36.18
N ASP F 348 -47.36 25.82 36.49
CA ASP F 348 -48.34 26.84 36.15
C ASP F 348 -48.02 28.18 36.81
N THR F 349 -47.33 28.15 37.95
CA THR F 349 -46.96 29.38 38.68
C THR F 349 -46.26 30.35 37.73
N TYR F 350 -45.40 29.81 36.86
CA TYR F 350 -44.75 30.60 35.84
C TYR F 350 -45.57 30.47 34.56
N LEU F 351 -46.05 31.59 34.01
CA LEU F 351 -46.89 31.59 32.83
C LEU F 351 -46.01 31.44 31.58
N GLN F 352 -46.65 31.15 30.43
CA GLN F 352 -46.01 30.77 29.17
C GLN F 352 -44.57 31.30 29.10
N PRO G 2 -21.09 11.05 30.11
CA PRO G 2 -20.73 11.38 28.72
C PRO G 2 -19.55 10.58 28.16
N MET G 3 -18.70 10.01 29.03
CA MET G 3 -17.56 9.23 28.57
C MET G 3 -18.04 7.83 28.18
N THR G 4 -18.76 7.75 27.05
CA THR G 4 -19.42 6.56 26.50
C THR G 4 -18.42 5.49 26.06
N ASP G 5 -17.15 5.91 25.91
CA ASP G 5 -16.02 5.16 25.37
C ASP G 5 -15.35 4.29 26.45
N GLN G 6 -15.61 4.60 27.72
CA GLN G 6 -14.90 3.99 28.84
C GLN G 6 -15.89 3.53 29.91
N ALA G 7 -15.55 2.42 30.57
CA ALA G 7 -16.46 1.75 31.48
C ALA G 7 -15.71 1.10 32.65
N PHE G 8 -16.38 1.06 33.82
CA PHE G 8 -16.08 0.08 34.85
C PHE G 8 -16.92 -1.16 34.59
N VAL G 9 -16.27 -2.30 34.60
CA VAL G 9 -16.90 -3.57 34.35
C VAL G 9 -16.89 -4.30 35.69
N THR G 10 -17.77 -5.29 35.85
CA THR G 10 -17.82 -6.13 37.04
C THR G 10 -18.57 -7.41 36.69
N LEU G 11 -18.32 -8.48 37.43
CA LEU G 11 -18.90 -9.77 37.09
C LEU G 11 -19.80 -10.28 38.23
N THR G 12 -21.07 -10.59 37.90
CA THR G 12 -21.99 -11.23 38.83
C THR G 12 -22.29 -12.64 38.32
N THR G 13 -21.99 -13.66 39.14
CA THR G 13 -22.18 -15.05 38.73
C THR G 13 -23.42 -15.64 39.40
N ASN G 14 -24.02 -14.88 40.33
CA ASN G 14 -25.22 -15.27 41.07
C ASN G 14 -25.84 -14.03 41.72
N ASP G 15 -26.99 -14.22 42.38
CA ASP G 15 -27.67 -13.16 43.11
C ASP G 15 -26.84 -12.66 44.28
N ALA G 16 -26.01 -13.54 44.87
CA ALA G 16 -25.18 -13.21 46.01
C ALA G 16 -24.17 -12.15 45.63
N TYR G 17 -23.51 -12.35 44.48
CA TYR G 17 -22.52 -11.42 43.97
C TYR G 17 -23.19 -10.29 43.19
N ALA G 18 -24.53 -10.35 43.08
CA ALA G 18 -25.25 -9.22 42.54
C ALA G 18 -25.33 -8.11 43.59
N LYS G 19 -25.46 -8.50 44.88
CA LYS G 19 -25.57 -7.53 45.96
C LYS G 19 -24.25 -6.77 46.10
N GLY G 20 -23.15 -7.52 45.89
CA GLY G 20 -21.81 -6.95 45.82
C GLY G 20 -21.71 -5.91 44.72
N ALA G 21 -22.04 -6.32 43.49
CA ALA G 21 -22.04 -5.45 42.32
C ALA G 21 -22.91 -4.21 42.54
N LEU G 22 -24.09 -4.36 43.17
CA LEU G 22 -25.00 -3.26 43.45
C LEU G 22 -24.33 -2.23 44.36
N VAL G 23 -23.58 -2.71 45.36
CA VAL G 23 -22.84 -1.85 46.26
C VAL G 23 -21.66 -1.18 45.54
N LEU G 24 -20.86 -1.96 44.81
CA LEU G 24 -19.75 -1.40 44.03
C LEU G 24 -20.30 -0.28 43.13
N GLY G 25 -21.33 -0.61 42.33
CA GLY G 25 -21.91 0.32 41.37
C GLY G 25 -22.36 1.62 42.02
N SER G 26 -23.09 1.49 43.14
CA SER G 26 -23.54 2.60 43.97
C SER G 26 -22.36 3.46 44.44
N SER G 27 -21.26 2.82 44.87
CA SER G 27 -20.10 3.54 45.38
C SER G 27 -19.42 4.35 44.28
N LEU G 28 -19.43 3.82 43.05
CA LEU G 28 -18.87 4.53 41.92
C LEU G 28 -19.72 5.76 41.60
N LYS G 29 -21.04 5.61 41.72
CA LYS G 29 -21.97 6.71 41.52
C LYS G 29 -21.81 7.77 42.60
N GLN G 30 -21.66 7.33 43.86
CA GLN G 30 -21.51 8.26 44.98
C GLN G 30 -20.29 9.14 44.79
N HIS G 31 -19.20 8.57 44.23
CA HIS G 31 -17.97 9.32 44.02
C HIS G 31 -17.90 9.90 42.60
N ARG G 32 -19.07 9.88 41.91
CA ARG G 32 -19.36 10.69 40.73
C ARG G 32 -18.40 10.38 39.57
N THR G 33 -18.33 9.11 39.20
CA THR G 33 -17.64 8.69 37.98
C THR G 33 -18.32 9.30 36.76
N THR G 34 -17.52 9.67 35.74
CA THR G 34 -18.06 10.09 34.46
C THR G 34 -18.19 8.91 33.49
N ARG G 35 -17.92 7.69 33.98
CA ARG G 35 -17.76 6.52 33.11
C ARG G 35 -18.84 5.48 33.36
N ARG G 36 -19.21 4.73 32.32
CA ARG G 36 -20.39 3.86 32.34
C ARG G 36 -20.11 2.60 33.17
N LEU G 37 -21.06 2.13 34.00
CA LEU G 37 -20.70 0.94 34.78
C LEU G 37 -21.33 -0.30 34.15
N VAL G 38 -20.60 -1.12 33.36
CA VAL G 38 -21.20 -2.24 32.64
C VAL G 38 -20.97 -3.53 33.41
N VAL G 39 -22.00 -4.21 33.92
CA VAL G 39 -21.78 -5.44 34.67
C VAL G 39 -21.69 -6.54 33.62
N LEU G 40 -21.35 -7.80 33.98
CA LEU G 40 -21.49 -8.97 33.13
C LEU G 40 -22.23 -9.98 33.99
N ALA G 41 -23.35 -10.55 33.53
CA ALA G 41 -24.13 -11.46 34.36
C ALA G 41 -24.21 -12.82 33.68
N THR G 42 -23.95 -13.90 34.45
CA THR G 42 -24.15 -15.27 33.95
C THR G 42 -25.64 -15.56 33.94
N PRO G 43 -26.10 -16.64 33.24
CA PRO G 43 -27.53 -16.96 33.17
C PRO G 43 -28.15 -17.20 34.55
N GLN G 44 -27.28 -17.39 35.56
CA GLN G 44 -27.62 -17.88 36.87
C GLN G 44 -28.29 -16.79 37.70
N VAL G 45 -27.98 -15.52 37.38
CA VAL G 45 -28.60 -14.37 38.03
C VAL G 45 -30.09 -14.36 37.66
N SER G 46 -30.98 -14.35 38.69
CA SER G 46 -32.42 -14.37 38.47
C SER G 46 -32.87 -13.15 37.67
N ASP G 47 -34.03 -13.29 37.02
CA ASP G 47 -34.62 -12.23 36.20
C ASP G 47 -34.91 -11.01 37.06
N SER G 48 -35.36 -11.25 38.29
CA SER G 48 -35.74 -10.18 39.20
C SER G 48 -34.52 -9.40 39.68
N MET G 49 -33.42 -10.11 39.92
CA MET G 49 -32.18 -9.48 40.32
C MET G 49 -31.58 -8.70 39.14
N ARG G 50 -31.70 -9.27 37.93
CA ARG G 50 -31.11 -8.71 36.73
C ARG G 50 -31.91 -7.49 36.31
N LYS G 51 -33.02 -7.19 36.96
CA LYS G 51 -33.66 -5.90 36.69
C LYS G 51 -33.06 -4.84 37.61
N VAL G 52 -32.71 -5.24 38.83
CA VAL G 52 -32.05 -4.32 39.74
C VAL G 52 -30.68 -3.97 39.16
N LEU G 53 -29.91 -4.98 38.75
CA LEU G 53 -28.63 -4.72 38.07
C LEU G 53 -28.86 -3.90 36.81
N GLU G 54 -30.06 -3.98 36.21
CA GLU G 54 -30.37 -3.19 35.03
C GLU G 54 -30.60 -1.72 35.37
N THR G 55 -31.06 -1.44 36.58
CA THR G 55 -31.28 -0.05 36.99
C THR G 55 -29.95 0.65 37.27
N VAL G 56 -29.13 0.07 38.15
CA VAL G 56 -27.91 0.70 38.62
C VAL G 56 -26.83 0.71 37.55
N PHE G 57 -26.63 -0.41 36.85
CA PHE G 57 -25.55 -0.56 35.90
C PHE G 57 -26.06 -0.34 34.48
N ASP G 58 -25.28 0.35 33.63
CA ASP G 58 -25.77 0.76 32.33
C ASP G 58 -26.10 -0.44 31.44
N GLU G 59 -25.18 -1.41 31.30
CA GLU G 59 -25.43 -2.45 30.32
C GLU G 59 -25.21 -3.81 30.95
N VAL G 60 -26.24 -4.59 31.25
CA VAL G 60 -25.93 -5.88 31.83
C VAL G 60 -25.65 -6.85 30.70
N ILE G 61 -24.49 -6.75 30.06
CA ILE G 61 -24.10 -7.64 28.98
C ILE G 61 -24.11 -9.06 29.54
N MET G 62 -24.70 -10.03 28.82
CA MET G 62 -24.87 -11.37 29.37
C MET G 62 -23.80 -12.28 28.78
N VAL G 63 -23.08 -12.97 29.68
CA VAL G 63 -22.04 -13.90 29.29
C VAL G 63 -22.40 -15.24 29.91
N ASP G 64 -22.55 -16.26 29.07
CA ASP G 64 -22.88 -17.60 29.51
C ASP G 64 -21.89 -18.53 28.83
N VAL G 65 -21.18 -19.37 29.57
CA VAL G 65 -20.20 -20.22 28.91
C VAL G 65 -20.73 -21.63 28.67
N LEU G 66 -22.00 -21.89 29.01
CA LEU G 66 -22.64 -23.18 28.78
C LEU G 66 -23.31 -23.23 27.42
N ASP G 67 -23.82 -22.09 26.92
CA ASP G 67 -24.36 -21.97 25.57
C ASP G 67 -23.29 -22.30 24.53
N SER G 68 -23.65 -23.14 23.55
CA SER G 68 -22.73 -23.60 22.50
C SER G 68 -22.39 -22.50 21.50
N GLY G 69 -23.16 -21.40 21.50
CA GLY G 69 -22.86 -20.21 20.71
C GLY G 69 -21.80 -19.33 21.34
N ASP G 70 -21.56 -19.51 22.65
CA ASP G 70 -20.58 -18.69 23.35
C ASP G 70 -19.18 -19.01 22.87
N SER G 71 -18.38 -17.95 22.69
CA SER G 71 -17.00 -17.98 22.25
C SER G 71 -16.09 -18.84 23.14
N ALA G 72 -16.45 -19.02 24.42
CA ALA G 72 -15.58 -19.72 25.36
C ALA G 72 -16.03 -21.17 25.59
N HIS G 73 -17.10 -21.57 24.90
CA HIS G 73 -17.76 -22.84 25.20
C HIS G 73 -16.83 -24.02 24.94
N LEU G 74 -16.08 -23.99 23.83
CA LEU G 74 -15.13 -25.05 23.48
C LEU G 74 -14.05 -25.16 24.57
N THR G 75 -13.60 -24.00 25.05
CA THR G 75 -12.59 -23.92 26.10
C THR G 75 -13.13 -24.55 27.38
N LEU G 76 -14.38 -24.24 27.72
CA LEU G 76 -15.02 -24.78 28.91
C LEU G 76 -15.04 -26.31 28.89
N MET G 77 -15.27 -26.89 27.71
CA MET G 77 -15.31 -28.34 27.57
C MET G 77 -13.92 -28.94 27.83
N LYS G 78 -12.86 -28.17 27.55
CA LYS G 78 -11.51 -28.58 27.87
C LYS G 78 -11.23 -28.37 29.36
N ARG G 79 -11.71 -27.25 29.90
CA ARG G 79 -11.43 -26.85 31.29
C ARG G 79 -12.74 -26.61 32.04
N PRO G 80 -13.49 -27.66 32.41
CA PRO G 80 -14.82 -27.48 33.01
C PRO G 80 -14.82 -26.84 34.40
N GLU G 81 -13.64 -26.75 35.02
CA GLU G 81 -13.45 -26.15 36.33
C GLU G 81 -13.30 -24.63 36.25
N LEU G 82 -13.25 -24.07 35.03
CA LEU G 82 -12.90 -22.66 34.89
C LEU G 82 -14.07 -21.82 34.37
N GLY G 83 -15.32 -22.26 34.63
CA GLY G 83 -16.52 -21.56 34.18
C GLY G 83 -16.54 -20.08 34.56
N VAL G 84 -16.31 -19.82 35.86
CA VAL G 84 -16.30 -18.47 36.39
C VAL G 84 -15.21 -17.65 35.69
N THR G 85 -14.01 -18.22 35.58
CA THR G 85 -12.85 -17.55 35.00
C THR G 85 -13.11 -17.17 33.54
N LEU G 86 -13.61 -18.12 32.75
CA LEU G 86 -13.90 -17.90 31.34
C LEU G 86 -15.00 -16.85 31.17
N THR G 87 -15.96 -16.79 32.12
CA THR G 87 -16.99 -15.77 32.12
C THR G 87 -16.37 -14.38 32.32
N LYS G 88 -15.55 -14.23 33.37
CA LYS G 88 -14.81 -13.00 33.67
C LYS G 88 -14.01 -12.52 32.45
N LEU G 89 -13.31 -13.45 31.77
CA LEU G 89 -12.44 -13.09 30.65
C LEU G 89 -13.21 -12.47 29.48
N HIS G 90 -14.54 -12.65 29.43
CA HIS G 90 -15.40 -11.99 28.45
C HIS G 90 -15.35 -10.47 28.58
N CYS G 91 -14.80 -9.95 29.69
CA CYS G 91 -14.57 -8.51 29.83
C CYS G 91 -13.79 -7.94 28.64
N TRP G 92 -12.90 -8.77 28.05
CA TRP G 92 -12.13 -8.39 26.88
C TRP G 92 -12.93 -8.35 25.58
N SER G 93 -14.15 -8.92 25.56
CA SER G 93 -15.01 -8.94 24.38
C SER G 93 -15.75 -7.61 24.19
N LEU G 94 -15.70 -6.74 25.20
CA LEU G 94 -16.51 -5.52 25.22
C LEU G 94 -15.86 -4.44 24.36
N THR G 95 -15.77 -4.70 23.05
CA THR G 95 -15.05 -3.90 22.06
C THR G 95 -15.75 -2.58 21.74
N GLN G 96 -16.96 -2.38 22.26
CA GLN G 96 -17.64 -1.10 22.21
C GLN G 96 -16.92 -0.04 23.06
N TYR G 97 -16.01 -0.48 23.96
CA TYR G 97 -15.26 0.40 24.86
C TYR G 97 -13.77 0.36 24.49
N SER G 98 -13.10 1.53 24.51
CA SER G 98 -11.69 1.57 24.16
C SER G 98 -10.78 1.21 25.34
N LYS G 99 -11.31 1.39 26.56
CA LYS G 99 -10.57 1.10 27.79
C LYS G 99 -11.57 0.92 28.93
N CYS G 100 -11.28 -0.06 29.79
CA CYS G 100 -12.13 -0.36 30.93
C CYS G 100 -11.27 -0.63 32.17
N VAL G 101 -11.92 -0.48 33.34
CA VAL G 101 -11.44 -0.93 34.63
C VAL G 101 -12.34 -2.09 35.09
N PHE G 102 -11.77 -3.29 35.17
CA PHE G 102 -12.49 -4.40 35.78
C PHE G 102 -12.33 -4.34 37.29
N MET G 103 -13.45 -4.56 37.99
CA MET G 103 -13.49 -4.59 39.44
C MET G 103 -14.39 -5.74 39.87
N ASP G 104 -13.82 -6.67 40.65
CA ASP G 104 -14.58 -7.76 41.26
C ASP G 104 -15.71 -7.20 42.12
N ALA G 105 -16.79 -7.97 42.25
CA ALA G 105 -18.01 -7.51 42.91
C ALA G 105 -17.85 -7.46 44.43
N ASP G 106 -16.68 -7.85 44.95
CA ASP G 106 -16.38 -7.78 46.38
C ASP G 106 -15.41 -6.64 46.64
N THR G 107 -15.41 -5.63 45.76
CA THR G 107 -14.71 -4.37 45.97
C THR G 107 -15.70 -3.26 46.28
N LEU G 108 -15.18 -2.20 46.89
CA LEU G 108 -15.96 -1.04 47.30
C LEU G 108 -15.10 0.20 47.11
N VAL G 109 -15.68 1.22 46.48
CA VAL G 109 -14.95 2.43 46.14
C VAL G 109 -15.15 3.48 47.24
N LEU G 110 -14.04 4.11 47.64
CA LEU G 110 -14.01 5.07 48.74
C LEU G 110 -13.77 6.50 48.26
N ALA G 111 -13.31 6.67 47.01
CA ALA G 111 -13.06 7.96 46.41
C ALA G 111 -13.09 7.80 44.90
N ASN G 112 -13.20 8.92 44.18
CA ASN G 112 -13.17 8.92 42.73
C ASN G 112 -11.85 8.32 42.22
N ILE G 113 -11.96 7.34 41.32
CA ILE G 113 -10.81 6.64 40.76
C ILE G 113 -10.81 6.70 39.23
N ASP G 114 -11.39 7.78 38.66
CA ASP G 114 -11.42 7.94 37.21
C ASP G 114 -10.00 8.07 36.66
N ASP G 115 -9.04 8.33 37.56
CA ASP G 115 -7.64 8.43 37.19
C ASP G 115 -7.07 7.05 36.90
N LEU G 116 -7.78 5.98 37.25
CA LEU G 116 -7.36 4.63 36.85
C LEU G 116 -7.33 4.55 35.33
N PHE G 117 -8.19 5.32 34.67
CA PHE G 117 -8.26 5.27 33.23
C PHE G 117 -7.00 5.87 32.60
N ASP G 118 -6.21 6.61 33.39
CA ASP G 118 -4.92 7.10 32.91
C ASP G 118 -4.00 5.92 32.59
N ARG G 119 -4.01 4.87 33.42
CA ARG G 119 -3.10 3.74 33.26
C ARG G 119 -3.50 2.91 32.04
N GLU G 120 -2.53 2.16 31.47
CA GLU G 120 -2.71 1.42 30.22
C GLU G 120 -3.06 -0.04 30.50
N GLU G 121 -2.89 -0.93 29.51
CA GLU G 121 -3.33 -2.32 29.61
C GLU G 121 -2.65 -3.08 30.76
N LEU G 122 -3.46 -3.86 31.47
CA LEU G 122 -3.18 -4.61 32.68
C LEU G 122 -2.31 -3.85 33.69
N SER G 123 -2.82 -2.70 34.11
CA SER G 123 -2.22 -2.02 35.24
C SER G 123 -3.01 -2.44 36.47
N ALA G 124 -2.41 -3.26 37.34
CA ALA G 124 -3.13 -3.78 38.50
C ALA G 124 -2.27 -3.68 39.75
N ALA G 125 -2.89 -3.58 40.93
CA ALA G 125 -2.18 -3.42 42.19
C ALA G 125 -1.25 -4.61 42.44
N PRO G 126 -0.08 -4.43 43.07
CA PRO G 126 0.75 -5.59 43.43
C PRO G 126 -0.11 -6.45 44.36
N ASP G 127 -0.25 -7.74 44.05
CA ASP G 127 -1.10 -8.62 44.84
C ASP G 127 -0.48 -8.76 46.23
N PRO G 128 -1.24 -8.76 47.36
CA PRO G 128 -0.67 -9.11 48.66
C PRO G 128 -0.28 -10.58 48.51
N GLY G 129 0.56 -11.10 49.40
CA GLY G 129 1.11 -12.43 49.16
C GLY G 129 2.17 -12.31 48.07
N TRP G 130 2.14 -13.17 47.05
CA TRP G 130 3.10 -13.01 45.97
C TRP G 130 2.97 -11.60 45.39
N PRO G 131 3.93 -10.67 45.62
CA PRO G 131 3.77 -9.29 45.20
C PRO G 131 4.31 -9.16 43.79
N ASP G 132 4.50 -10.28 43.11
CA ASP G 132 4.90 -10.28 41.71
C ASP G 132 3.72 -10.71 40.83
N CYS G 133 2.56 -10.90 41.44
CA CYS G 133 1.35 -11.20 40.68
C CYS G 133 0.36 -10.07 40.86
N PHE G 134 -0.52 -9.84 39.88
CA PHE G 134 -1.42 -8.70 39.99
C PHE G 134 -2.80 -9.11 40.51
N ASN G 135 -3.20 -8.60 41.68
CA ASN G 135 -4.54 -8.85 42.20
C ASN G 135 -5.51 -8.48 41.09
N SER G 136 -6.22 -9.46 40.52
CA SER G 136 -7.07 -9.18 39.38
C SER G 136 -8.43 -8.62 39.82
N GLY G 137 -8.50 -8.21 41.09
CA GLY G 137 -9.65 -7.50 41.65
C GLY G 137 -9.88 -6.16 40.94
N VAL G 138 -8.81 -5.39 40.75
CA VAL G 138 -8.93 -4.10 40.06
C VAL G 138 -7.82 -4.03 39.02
N PHE G 139 -8.18 -4.06 37.74
CA PHE G 139 -7.15 -3.91 36.72
C PHE G 139 -7.65 -3.01 35.60
N VAL G 140 -6.91 -1.96 35.22
CA VAL G 140 -7.27 -1.22 34.01
C VAL G 140 -6.98 -2.21 32.90
N TYR G 141 -7.69 -2.19 31.78
CA TYR G 141 -7.48 -3.19 30.74
C TYR G 141 -8.08 -2.62 29.46
N GLN G 142 -7.74 -3.17 28.29
CA GLN G 142 -8.32 -2.62 27.07
C GLN G 142 -8.98 -3.76 26.31
N PRO G 143 -10.32 -3.74 26.07
CA PRO G 143 -10.97 -4.79 25.28
C PRO G 143 -10.38 -5.05 23.89
N SER G 144 -10.41 -6.32 23.43
CA SER G 144 -9.84 -6.78 22.18
C SER G 144 -10.23 -8.25 21.99
N VAL G 145 -10.74 -8.58 20.80
CA VAL G 145 -11.09 -9.94 20.41
C VAL G 145 -9.83 -10.80 20.38
N GLU G 146 -8.72 -10.23 19.86
CA GLU G 146 -7.43 -10.90 19.76
C GLU G 146 -6.94 -11.31 21.15
N THR G 147 -6.92 -10.33 22.06
CA THR G 147 -6.43 -10.56 23.42
C THR G 147 -7.27 -11.65 24.09
N TYR G 148 -8.59 -11.53 23.94
CA TYR G 148 -9.55 -12.49 24.44
C TYR G 148 -9.27 -13.90 23.92
N ASN G 149 -9.10 -14.03 22.59
CA ASN G 149 -8.82 -15.34 21.99
C ASN G 149 -7.50 -15.92 22.49
N GLN G 150 -6.48 -15.06 22.69
CA GLN G 150 -5.19 -15.49 23.20
C GLN G 150 -5.33 -16.01 24.62
N LEU G 151 -6.15 -15.32 25.42
CA LEU G 151 -6.42 -15.72 26.79
C LEU G 151 -7.13 -17.08 26.84
N LEU G 152 -8.07 -17.32 25.92
CA LEU G 152 -8.79 -18.59 25.87
C LEU G 152 -7.83 -19.71 25.50
N HIS G 153 -6.96 -19.44 24.51
CA HIS G 153 -5.92 -20.37 24.08
C HIS G 153 -5.06 -20.79 25.28
N LEU G 154 -4.62 -19.80 26.07
CA LEU G 154 -3.77 -20.05 27.23
C LEU G 154 -4.56 -20.89 28.25
N ALA G 155 -5.86 -20.59 28.38
CA ALA G 155 -6.72 -21.32 29.30
C ALA G 155 -6.79 -22.79 28.89
N SER G 156 -7.01 -23.05 27.60
CA SER G 156 -7.05 -24.42 27.10
C SER G 156 -5.68 -25.09 27.22
N GLU G 157 -4.62 -24.41 26.73
CA GLU G 157 -3.31 -25.01 26.58
C GLU G 157 -2.61 -25.27 27.91
N GLN G 158 -2.54 -24.25 28.77
CA GLN G 158 -1.75 -24.37 30.00
C GLN G 158 -2.62 -24.13 31.23
N GLY G 159 -3.86 -23.64 31.02
CA GLY G 159 -4.75 -23.36 32.13
C GLY G 159 -4.20 -22.28 33.04
N SER G 160 -4.54 -22.38 34.33
CA SER G 160 -4.15 -21.40 35.33
C SER G 160 -3.52 -22.11 36.52
N PHE G 161 -2.44 -21.53 37.06
CA PHE G 161 -1.78 -22.07 38.24
C PHE G 161 -2.71 -22.09 39.45
N ASP G 162 -3.48 -21.01 39.63
CA ASP G 162 -4.40 -20.93 40.75
C ASP G 162 -5.78 -21.45 40.35
N GLY G 163 -5.94 -21.90 39.10
CA GLY G 163 -7.23 -22.29 38.56
C GLY G 163 -8.24 -21.15 38.66
N GLY G 164 -7.76 -19.93 38.36
CA GLY G 164 -8.57 -18.74 38.56
C GLY G 164 -8.13 -17.62 37.63
N ASP G 165 -8.88 -16.51 37.65
CA ASP G 165 -8.60 -15.36 36.79
C ASP G 165 -7.19 -14.83 37.02
N GLN G 166 -6.75 -14.78 38.29
CA GLN G 166 -5.46 -14.19 38.62
C GLN G 166 -4.34 -14.95 37.90
N GLY G 167 -4.42 -16.28 37.92
CA GLY G 167 -3.40 -17.13 37.32
C GLY G 167 -3.35 -16.98 35.80
N ILE G 168 -4.52 -17.05 35.15
CA ILE G 168 -4.60 -16.98 33.70
C ILE G 168 -4.14 -15.61 33.20
N LEU G 169 -4.36 -14.58 34.01
CA LEU G 169 -4.02 -13.23 33.62
C LEU G 169 -2.54 -13.01 33.89
N ASN G 170 -2.03 -13.54 35.01
CA ASN G 170 -0.64 -13.32 35.39
C ASN G 170 0.29 -13.99 34.37
N THR G 171 -0.04 -15.21 33.93
CA THR G 171 0.76 -15.91 32.94
C THR G 171 0.80 -15.14 31.63
N PHE G 172 -0.36 -14.63 31.20
CA PHE G 172 -0.44 -13.90 29.94
C PHE G 172 0.22 -12.53 30.05
N PHE G 173 0.04 -11.85 31.19
CA PHE G 173 0.67 -10.56 31.38
C PHE G 173 1.75 -10.68 32.44
N SER G 174 2.83 -11.38 32.11
CA SER G 174 3.96 -11.54 33.02
C SER G 174 4.84 -10.28 33.04
N SER G 175 4.73 -9.47 31.98
CA SER G 175 5.52 -8.26 31.80
C SER G 175 5.29 -7.26 32.94
N TRP G 176 4.10 -7.29 33.54
CA TRP G 176 3.74 -6.35 34.59
C TRP G 176 4.79 -6.31 35.69
N ALA G 177 5.28 -7.48 36.13
CA ALA G 177 6.15 -7.59 37.28
C ALA G 177 7.44 -6.79 37.13
N THR G 178 7.97 -6.64 35.89
CA THR G 178 9.29 -6.09 35.69
C THR G 178 9.32 -4.90 34.72
N THR G 179 8.39 -4.86 33.75
CA THR G 179 8.54 -3.97 32.59
C THR G 179 8.41 -2.48 32.96
N ASP G 180 7.31 -2.11 33.63
CA ASP G 180 7.02 -0.71 33.88
C ASP G 180 6.42 -0.54 35.27
N ILE G 181 6.75 0.57 35.92
CA ILE G 181 6.23 0.87 37.25
C ILE G 181 4.89 1.61 37.13
N ARG G 182 4.61 2.18 35.95
CA ARG G 182 3.34 2.88 35.75
C ARG G 182 2.21 1.87 35.65
N LYS G 183 2.56 0.64 35.25
CA LYS G 183 1.56 -0.41 35.23
C LYS G 183 1.24 -0.85 36.65
N HIS G 184 2.19 -0.77 37.57
CA HIS G 184 1.85 -1.03 38.97
C HIS G 184 0.89 0.07 39.39
N LEU G 185 -0.26 -0.31 39.94
CA LEU G 185 -1.19 0.61 40.58
C LEU G 185 -0.84 0.69 42.06
N PRO G 186 -0.91 1.87 42.71
CA PRO G 186 -0.79 1.92 44.17
C PRO G 186 -1.76 0.95 44.84
N PHE G 187 -1.26 0.32 45.90
CA PHE G 187 -2.03 -0.68 46.63
C PHE G 187 -3.35 -0.08 47.10
N ILE G 188 -3.38 1.25 47.29
CA ILE G 188 -4.58 1.92 47.76
C ILE G 188 -5.71 1.86 46.71
N TYR G 189 -5.39 1.50 45.46
CA TYR G 189 -6.39 1.37 44.41
C TYR G 189 -7.02 -0.03 44.41
N ASN G 190 -6.36 -0.99 45.05
CA ASN G 190 -6.92 -2.33 45.24
C ASN G 190 -6.44 -2.85 46.59
N LEU G 191 -6.94 -2.26 47.68
CA LEU G 191 -6.46 -2.56 49.02
C LEU G 191 -7.13 -3.83 49.54
N SER G 192 -6.42 -4.95 49.48
CA SER G 192 -6.93 -6.19 50.06
C SER G 192 -6.90 -6.04 51.58
N SER G 193 -7.98 -6.48 52.24
CA SER G 193 -8.09 -6.28 53.67
C SER G 193 -7.06 -7.13 54.38
N ILE G 194 -6.76 -8.30 53.82
CA ILE G 194 -5.76 -9.16 54.44
C ILE G 194 -4.51 -8.32 54.74
N SER G 195 -4.31 -7.23 53.96
CA SER G 195 -3.16 -6.36 54.23
C SER G 195 -3.37 -5.57 55.52
N ILE G 196 -4.59 -5.07 55.74
CA ILE G 196 -4.87 -4.36 56.98
C ILE G 196 -4.70 -5.32 58.15
N PHE G 197 -5.18 -6.58 58.02
CA PHE G 197 -5.02 -7.55 59.09
C PHE G 197 -3.57 -8.02 59.25
N SER G 198 -2.95 -8.48 58.15
CA SER G 198 -1.62 -9.09 58.20
C SER G 198 -0.55 -8.07 58.56
N TYR G 199 -0.62 -6.87 57.99
CA TYR G 199 0.36 -5.82 58.19
C TYR G 199 -0.39 -4.56 58.59
N LEU G 200 -0.92 -4.55 59.82
CA LEU G 200 -1.70 -3.42 60.30
C LEU G 200 -0.86 -2.13 60.31
N PRO G 201 0.41 -2.13 60.74
CA PRO G 201 1.14 -0.88 60.88
C PRO G 201 1.11 -0.08 59.59
N ALA G 202 1.32 -0.70 58.42
CA ALA G 202 1.31 0.16 57.24
C ALA G 202 -0.06 0.78 57.04
N PHE G 203 -1.12 0.01 57.30
CA PHE G 203 -2.46 0.51 57.09
C PHE G 203 -2.66 1.73 57.95
N LYS G 204 -2.16 1.68 59.19
CA LYS G 204 -2.40 2.82 60.05
C LYS G 204 -1.88 4.08 59.38
N VAL G 205 -0.75 3.96 58.68
CA VAL G 205 -0.10 5.13 58.12
C VAL G 205 -0.66 5.47 56.74
N PHE G 206 -0.92 4.45 55.91
CA PHE G 206 -1.33 4.70 54.53
C PHE G 206 -2.78 4.29 54.27
N GLY G 207 -3.50 3.86 55.32
CA GLY G 207 -4.87 3.40 55.20
C GLY G 207 -5.89 4.52 54.97
N ALA G 208 -5.67 5.68 55.61
CA ALA G 208 -6.51 6.86 55.45
C ALA G 208 -6.73 7.19 53.97
N SER G 209 -5.70 6.95 53.14
CA SER G 209 -5.72 7.29 51.72
C SER G 209 -6.36 6.20 50.86
N ALA G 210 -6.89 5.12 51.47
CA ALA G 210 -7.51 4.03 50.74
C ALA G 210 -8.55 4.57 49.76
N LYS G 211 -8.51 4.07 48.52
CA LYS G 211 -9.43 4.48 47.47
C LYS G 211 -10.40 3.36 47.09
N VAL G 212 -9.95 2.10 47.22
CA VAL G 212 -10.75 0.92 46.95
C VAL G 212 -10.39 -0.12 48.01
N VAL G 213 -11.42 -0.69 48.67
CA VAL G 213 -11.21 -1.82 49.56
C VAL G 213 -11.71 -3.09 48.88
N HIS G 214 -10.91 -4.17 49.00
CA HIS G 214 -11.19 -5.44 48.39
C HIS G 214 -11.41 -6.47 49.49
N PHE G 215 -12.64 -6.97 49.61
CA PHE G 215 -13.01 -7.91 50.65
C PHE G 215 -12.62 -9.32 50.23
N LEU G 216 -11.49 -9.76 50.78
CA LEU G 216 -10.96 -11.10 50.57
C LEU G 216 -11.39 -12.02 51.71
N GLY G 217 -11.02 -13.30 51.58
CA GLY G 217 -11.43 -14.31 52.55
C GLY G 217 -12.81 -14.86 52.21
N ARG G 218 -13.15 -15.98 52.86
CA ARG G 218 -14.28 -16.84 52.53
C ARG G 218 -15.61 -16.11 52.76
N VAL G 219 -15.65 -15.23 53.77
CA VAL G 219 -16.90 -14.59 54.20
C VAL G 219 -17.01 -13.20 53.58
N LYS G 220 -17.77 -13.10 52.48
CA LYS G 220 -17.88 -11.88 51.69
C LYS G 220 -18.74 -10.85 52.44
N PRO G 221 -18.71 -9.54 52.04
CA PRO G 221 -19.43 -8.50 52.76
C PRO G 221 -20.93 -8.73 52.88
N TRP G 222 -21.58 -9.24 51.82
CA TRP G 222 -23.02 -9.47 51.85
C TRP G 222 -23.42 -10.51 52.89
N ASN G 223 -22.53 -11.47 53.16
CA ASN G 223 -22.78 -12.55 54.12
C ASN G 223 -23.00 -12.06 55.55
N TYR G 224 -22.42 -10.90 55.93
CA TYR G 224 -22.48 -10.39 57.29
C TYR G 224 -23.91 -9.99 57.67
N THR G 225 -24.19 -9.83 58.98
CA THR G 225 -25.49 -9.38 59.46
C THR G 225 -25.36 -7.95 59.97
N TYR G 226 -26.27 -7.04 59.53
CA TYR G 226 -26.19 -5.62 59.89
C TYR G 226 -27.39 -5.23 60.73
N ASP G 227 -27.15 -4.76 61.96
CA ASP G 227 -28.21 -4.22 62.79
C ASP G 227 -28.18 -2.71 62.62
N PRO G 228 -29.07 -2.10 61.81
CA PRO G 228 -28.95 -0.68 61.49
C PRO G 228 -29.09 0.17 62.75
N LYS G 229 -29.84 -0.34 63.72
CA LYS G 229 -30.10 0.37 64.97
C LYS G 229 -28.79 0.62 65.71
N THR G 230 -27.90 -0.38 65.75
CA THR G 230 -26.60 -0.22 66.35
C THR G 230 -25.55 0.16 65.31
N LYS G 231 -25.87 0.00 64.01
CA LYS G 231 -24.94 0.20 62.91
C LYS G 231 -23.71 -0.71 63.04
N SER G 232 -23.86 -1.92 63.62
CA SER G 232 -22.71 -2.79 63.87
C SER G 232 -22.94 -4.14 63.19
N VAL G 233 -21.93 -4.62 62.47
CA VAL G 233 -22.00 -5.87 61.73
C VAL G 233 -21.87 -7.02 62.72
N LYS G 234 -22.40 -8.19 62.33
CA LYS G 234 -22.14 -9.38 63.12
C LYS G 234 -20.63 -9.47 63.26
N SER G 235 -20.17 -9.42 64.50
CA SER G 235 -18.76 -9.49 64.80
C SER G 235 -18.40 -10.94 65.08
N GLU G 236 -17.57 -11.53 64.22
CA GLU G 236 -17.06 -12.88 64.42
C GLU G 236 -15.83 -12.80 65.32
N ALA G 237 -15.08 -13.92 65.44
CA ALA G 237 -13.67 -13.86 65.80
C ALA G 237 -12.93 -13.13 64.68
N HIS G 238 -11.65 -12.79 64.88
CA HIS G 238 -10.97 -11.89 63.94
C HIS G 238 -11.22 -12.31 62.50
N ASP G 239 -11.79 -11.38 61.74
CA ASP G 239 -12.03 -11.53 60.32
C ASP G 239 -11.27 -10.40 59.63
N PRO G 240 -10.57 -10.64 58.48
CA PRO G 240 -9.72 -9.61 57.90
C PRO G 240 -10.56 -8.36 57.63
N ASN G 241 -11.79 -8.53 57.11
CA ASN G 241 -12.60 -7.39 56.71
C ASN G 241 -12.83 -6.47 57.91
N MET G 242 -13.04 -7.08 59.09
CA MET G 242 -13.41 -6.31 60.26
C MET G 242 -12.21 -5.81 61.05
N THR G 243 -10.99 -5.90 60.48
CA THR G 243 -9.88 -5.19 61.09
C THR G 243 -10.20 -3.71 61.08
N HIS G 244 -10.81 -3.26 59.97
CA HIS G 244 -11.30 -1.90 59.85
C HIS G 244 -12.82 -1.90 59.97
N PRO G 245 -13.39 -1.23 60.99
CA PRO G 245 -14.82 -1.30 61.22
C PRO G 245 -15.51 -0.18 60.43
N GLU G 246 -14.83 0.33 59.40
CA GLU G 246 -15.40 1.35 58.54
C GLU G 246 -15.61 0.81 57.13
N PHE G 247 -14.62 0.07 56.63
CA PHE G 247 -14.68 -0.39 55.24
C PHE G 247 -15.92 -1.25 55.01
N LEU G 248 -16.25 -2.15 55.97
CA LEU G 248 -17.41 -3.02 55.87
C LEU G 248 -18.68 -2.27 56.26
N ILE G 249 -18.56 -1.40 57.27
CA ILE G 249 -19.68 -0.57 57.69
C ILE G 249 -20.13 0.29 56.51
N LEU G 250 -19.15 0.81 55.75
CA LEU G 250 -19.44 1.62 54.57
C LEU G 250 -19.99 0.74 53.45
N TRP G 251 -19.83 -0.59 53.54
CA TRP G 251 -20.48 -1.43 52.55
C TRP G 251 -21.97 -1.55 52.89
N TRP G 252 -22.22 -1.97 54.14
CA TRP G 252 -23.55 -2.20 54.66
C TRP G 252 -24.42 -0.95 54.59
N ASN G 253 -23.87 0.22 54.93
CA ASN G 253 -24.63 1.47 54.86
C ASN G 253 -25.07 1.74 53.42
N ILE G 254 -24.11 1.67 52.49
CA ILE G 254 -24.42 1.96 51.09
C ILE G 254 -25.52 1.02 50.64
N PHE G 255 -25.41 -0.27 50.98
CA PHE G 255 -26.44 -1.25 50.65
C PHE G 255 -27.82 -0.79 51.14
N THR G 256 -27.92 -0.53 52.45
CA THR G 256 -29.18 -0.19 53.10
C THR G 256 -29.79 1.08 52.52
N THR G 257 -28.96 2.12 52.34
CA THR G 257 -29.40 3.43 51.86
C THR G 257 -29.87 3.35 50.40
N ASN G 258 -29.05 2.78 49.51
CA ASN G 258 -29.24 2.93 48.08
C ASN G 258 -29.51 1.62 47.35
N VAL G 259 -29.86 0.52 48.04
CA VAL G 259 -30.12 -0.72 47.29
C VAL G 259 -31.40 -1.41 47.73
N LEU G 260 -31.50 -1.73 49.04
CA LEU G 260 -32.73 -2.28 49.58
C LEU G 260 -33.94 -1.58 48.96
N PRO G 261 -33.96 -0.23 48.84
CA PRO G 261 -34.97 0.45 48.03
C PRO G 261 -35.11 -0.07 46.60
N LEU G 262 -33.99 -0.18 45.85
CA LEU G 262 -34.05 -0.73 44.50
C LEU G 262 -34.42 -2.21 44.49
N LEU G 263 -33.94 -2.98 45.48
CA LEU G 263 -34.23 -4.40 45.59
C LEU G 263 -35.71 -4.64 45.86
N GLN G 264 -36.28 -3.90 46.83
CA GLN G 264 -37.67 -4.10 47.22
C GLN G 264 -38.59 -3.80 46.05
N GLN G 265 -38.24 -2.75 45.28
CA GLN G 265 -39.05 -2.31 44.15
C GLN G 265 -39.13 -3.43 43.11
N PHE G 266 -38.04 -4.19 42.94
CA PHE G 266 -38.00 -5.20 41.90
C PHE G 266 -38.27 -6.60 42.45
N GLY G 267 -38.70 -6.69 43.72
CA GLY G 267 -39.22 -7.93 44.29
C GLY G 267 -38.24 -8.85 45.05
N LEU G 268 -37.04 -8.37 45.38
CA LEU G 268 -36.18 -9.14 46.27
C LEU G 268 -36.42 -8.69 47.71
N VAL H 318 32.04 -64.80 30.47
CA VAL H 318 31.42 -65.11 29.13
C VAL H 318 30.15 -64.26 28.97
N SER H 319 28.99 -64.92 28.80
CA SER H 319 27.74 -64.27 28.45
C SER H 319 27.94 -63.50 27.14
N SER H 320 28.19 -64.25 26.06
CA SER H 320 28.58 -63.67 24.78
C SER H 320 27.36 -63.34 23.92
N GLU H 321 26.61 -64.36 23.50
CA GLU H 321 25.39 -64.11 22.76
C GLU H 321 24.43 -63.26 23.60
N GLU H 322 24.40 -63.55 24.90
CA GLU H 322 23.59 -62.88 25.90
C GLU H 322 23.93 -61.39 25.94
N ARG H 323 25.16 -61.05 25.55
CA ARG H 323 25.65 -59.67 25.54
C ARG H 323 24.91 -58.84 24.50
N LYS H 324 24.66 -59.41 23.31
CA LYS H 324 23.87 -58.70 22.31
C LYS H 324 22.53 -58.26 22.92
N GLU H 325 21.92 -59.14 23.74
CA GLU H 325 20.63 -58.91 24.36
C GLU H 325 20.73 -57.92 25.52
N ARG H 326 21.93 -57.47 25.85
CA ARG H 326 22.12 -56.45 26.88
C ARG H 326 22.17 -55.08 26.20
N TRP H 327 22.66 -55.05 24.95
CA TRP H 327 22.72 -53.86 24.13
C TRP H 327 21.31 -53.45 23.71
N GLU H 328 20.50 -54.45 23.33
CA GLU H 328 19.15 -54.27 22.84
C GLU H 328 18.26 -53.61 23.90
N GLN H 329 18.41 -54.01 25.17
CA GLN H 329 17.63 -53.36 26.22
C GLN H 329 18.38 -52.14 26.75
N GLY H 330 19.43 -51.75 26.03
CA GLY H 330 20.18 -50.51 26.21
C GLY H 330 21.16 -50.51 27.39
N GLN H 331 21.34 -51.66 28.05
CA GLN H 331 22.12 -51.73 29.27
C GLN H 331 23.49 -52.36 28.97
N ALA H 332 24.34 -51.61 28.26
CA ALA H 332 25.67 -52.07 27.89
C ALA H 332 26.61 -51.92 29.08
N ASP H 333 27.65 -52.76 29.16
CA ASP H 333 28.65 -52.65 30.20
C ASP H 333 29.69 -51.64 29.76
N TYR H 334 29.38 -50.34 29.85
CA TYR H 334 30.27 -49.33 29.33
C TYR H 334 31.65 -49.43 29.99
N MET H 335 31.67 -49.50 31.32
CA MET H 335 32.90 -49.52 32.09
C MET H 335 33.74 -50.77 31.80
N GLY H 336 33.09 -51.93 31.59
CA GLY H 336 33.81 -53.21 31.55
C GLY H 336 33.91 -53.85 30.16
N ALA H 337 33.13 -54.91 29.93
CA ALA H 337 33.26 -55.76 28.74
C ALA H 337 32.92 -55.03 27.44
N ASP H 338 31.94 -54.11 27.48
CA ASP H 338 31.49 -53.43 26.27
C ASP H 338 32.25 -52.12 26.04
N SER H 339 33.35 -51.91 26.78
CA SER H 339 34.18 -50.71 26.64
C SER H 339 34.68 -50.63 25.20
N PHE H 340 34.81 -49.41 24.67
CA PHE H 340 35.23 -49.28 23.27
C PHE H 340 36.57 -49.98 23.05
N ASP H 341 37.45 -49.99 24.07
CA ASP H 341 38.74 -50.62 23.89
C ASP H 341 38.57 -52.08 23.47
N ASN H 342 37.63 -52.79 24.12
CA ASN H 342 37.32 -54.17 23.78
C ASN H 342 36.76 -54.24 22.35
N ILE H 343 35.87 -53.29 22.01
CA ILE H 343 35.31 -53.19 20.67
C ILE H 343 36.46 -52.93 19.69
N LYS H 344 37.43 -52.11 20.12
CA LYS H 344 38.55 -51.73 19.28
C LYS H 344 39.38 -52.97 18.93
N ARG H 345 39.51 -53.91 19.87
CA ARG H 345 40.24 -55.14 19.63
C ARG H 345 39.58 -55.95 18.50
N LYS H 346 38.24 -56.04 18.53
CA LYS H 346 37.52 -56.72 17.47
C LYS H 346 37.71 -55.97 16.15
N LEU H 347 37.65 -54.63 16.21
CA LEU H 347 37.93 -53.82 15.04
C LEU H 347 39.37 -54.03 14.56
N ASP H 348 40.30 -54.23 15.52
CA ASP H 348 41.71 -54.39 15.22
C ASP H 348 41.97 -55.61 14.32
N THR H 349 41.09 -56.62 14.40
CA THR H 349 41.23 -57.84 13.60
C THR H 349 41.40 -57.48 12.13
N TYR H 350 40.66 -56.47 11.68
CA TYR H 350 40.79 -55.95 10.33
C TYR H 350 41.73 -54.75 10.40
N LEU H 351 42.84 -54.79 9.64
CA LEU H 351 43.83 -53.72 9.68
C LEU H 351 43.37 -52.57 8.79
N GLN H 352 44.03 -51.40 8.92
CA GLN H 352 43.65 -50.13 8.32
C GLN H 352 42.77 -50.33 7.07
N VAL I 318 -33.40 10.61 -85.39
CA VAL I 318 -32.76 9.27 -85.15
C VAL I 318 -31.42 9.50 -84.44
N SER I 319 -30.31 9.07 -85.05
CA SER I 319 -28.99 9.04 -84.43
C SER I 319 -29.08 8.19 -83.17
N SER I 320 -29.34 6.88 -83.36
CA SER I 320 -29.62 5.98 -82.25
C SER I 320 -28.35 5.35 -81.70
N GLU I 321 -27.66 4.54 -82.51
CA GLU I 321 -26.39 3.97 -82.07
C GLU I 321 -25.41 5.11 -81.75
N GLU I 322 -25.46 6.16 -82.58
CA GLU I 322 -24.65 7.36 -82.47
C GLU I 322 -24.86 8.03 -81.11
N ARG I 323 -26.05 7.82 -80.52
CA ARG I 323 -26.42 8.40 -79.24
C ARG I 323 -25.58 7.83 -78.12
N LYS I 324 -25.32 6.51 -78.14
CA LYS I 324 -24.44 5.91 -77.15
C LYS I 324 -23.10 6.66 -77.14
N GLU I 325 -22.59 7.01 -78.33
CA GLU I 325 -21.31 7.68 -78.50
C GLU I 325 -21.37 9.15 -78.10
N ARG I 326 -22.55 9.65 -77.72
CA ARG I 326 -22.71 11.00 -77.23
C ARG I 326 -22.62 10.98 -75.70
N TRP I 327 -23.06 9.86 -75.10
CA TRP I 327 -22.98 9.63 -73.66
C TRP I 327 -21.54 9.44 -73.25
N GLU I 328 -20.79 8.67 -74.05
CA GLU I 328 -19.41 8.31 -73.80
C GLU I 328 -18.51 9.55 -73.75
N GLN I 329 -18.75 10.52 -74.64
CA GLN I 329 -17.97 11.76 -74.57
C GLN I 329 -18.65 12.75 -73.63
N GLY I 330 -19.63 12.27 -72.87
CA GLY I 330 -20.28 12.97 -71.78
C GLY I 330 -21.30 14.02 -72.19
N GLN I 331 -21.61 14.12 -73.51
CA GLN I 331 -22.44 15.20 -74.01
C GLN I 331 -23.83 14.65 -74.33
N ALA I 332 -24.59 14.33 -73.28
CA ALA I 332 -25.95 13.81 -73.40
C ALA I 332 -26.92 14.94 -73.70
N ASP I 333 -28.02 14.64 -74.41
CA ASP I 333 -29.06 15.62 -74.67
C ASP I 333 -30.00 15.66 -73.46
N TYR I 334 -29.57 16.31 -72.38
CA TYR I 334 -30.37 16.27 -71.16
C TYR I 334 -31.77 16.82 -71.42
N MET I 335 -31.86 17.98 -72.05
CA MET I 335 -33.12 18.66 -72.30
C MET I 335 -34.04 17.86 -73.22
N GLY I 336 -33.48 17.17 -74.24
CA GLY I 336 -34.30 16.57 -75.29
C GLY I 336 -34.38 15.04 -75.26
N ALA I 337 -33.67 14.37 -76.18
CA ALA I 337 -33.82 12.95 -76.42
C ALA I 337 -33.37 12.09 -75.23
N ASP I 338 -32.33 12.53 -74.52
CA ASP I 338 -31.77 11.73 -73.43
C ASP I 338 -32.43 12.09 -72.09
N SER I 339 -33.53 12.85 -72.11
CA SER I 339 -34.26 13.22 -70.90
C SER I 339 -34.69 11.97 -70.17
N PHE I 340 -34.70 12.01 -68.82
CA PHE I 340 -35.04 10.81 -68.08
C PHE I 340 -36.43 10.30 -68.48
N ASP I 341 -37.34 11.21 -68.86
CA ASP I 341 -38.69 10.79 -69.23
C ASP I 341 -38.61 9.78 -70.38
N ASN I 342 -37.75 10.05 -71.37
CA ASN I 342 -37.55 9.14 -72.49
C ASN I 342 -36.93 7.83 -72.00
N ILE I 343 -35.96 7.93 -71.08
CA ILE I 343 -35.34 6.77 -70.46
C ILE I 343 -36.42 6.00 -69.70
N LYS I 344 -37.34 6.74 -69.05
CA LYS I 344 -38.40 6.15 -68.25
C LYS I 344 -39.30 5.30 -69.13
N ARG I 345 -39.55 5.73 -70.37
CA ARG I 345 -40.37 4.98 -71.31
C ARG I 345 -39.73 3.62 -71.61
N LYS I 346 -38.40 3.60 -71.83
CA LYS I 346 -37.70 2.35 -72.04
C LYS I 346 -37.77 1.49 -70.78
N LEU I 347 -37.61 2.12 -69.61
CA LEU I 347 -37.78 1.42 -68.34
C LEU I 347 -39.21 0.90 -68.20
N ASP I 348 -40.18 1.66 -68.71
CA ASP I 348 -41.60 1.32 -68.61
C ASP I 348 -41.91 0.00 -69.29
N THR I 349 -41.12 -0.38 -70.30
CA THR I 349 -41.33 -1.63 -71.03
C THR I 349 -41.41 -2.80 -70.06
N TYR I 350 -40.57 -2.76 -69.03
CA TYR I 350 -40.61 -3.75 -67.97
C TYR I 350 -41.45 -3.17 -66.84
N LEU I 351 -42.52 -3.87 -66.45
CA LEU I 351 -43.43 -3.37 -65.42
C LEU I 351 -42.87 -3.70 -64.03
N VAL J 318 57.10 47.14 -38.14
CA VAL J 318 56.16 47.91 -37.26
C VAL J 318 54.73 47.56 -37.67
N SER J 319 53.94 48.59 -38.08
CA SER J 319 52.50 48.46 -38.33
C SER J 319 51.85 47.97 -37.04
N SER J 320 51.89 48.80 -36.01
CA SER J 320 51.45 48.39 -34.67
C SER J 320 49.95 48.66 -34.47
N GLU J 321 49.55 49.94 -34.48
CA GLU J 321 48.14 50.26 -34.38
C GLU J 321 47.38 49.61 -35.54
N GLU J 322 48.01 49.63 -36.72
CA GLU J 322 47.50 49.06 -37.96
C GLU J 322 47.21 47.58 -37.78
N ARG J 323 47.94 46.93 -36.85
CA ARG J 323 47.83 45.51 -36.58
C ARG J 323 46.46 45.18 -35.97
N LYS J 324 45.97 46.04 -35.06
CA LYS J 324 44.64 45.85 -34.51
C LYS J 324 43.62 45.76 -35.66
N GLU J 325 43.79 46.60 -36.69
CA GLU J 325 42.89 46.68 -37.83
C GLU J 325 43.07 45.51 -38.78
N ARG J 326 44.03 44.62 -38.51
CA ARG J 326 44.23 43.41 -39.29
C ARG J 326 43.45 42.27 -38.63
N TRP J 327 43.33 42.34 -37.29
CA TRP J 327 42.57 41.38 -36.49
C TRP J 327 41.08 41.56 -36.76
N GLU J 328 40.65 42.82 -36.83
CA GLU J 328 39.25 43.18 -37.02
C GLU J 328 38.71 42.67 -38.34
N GLN J 329 39.52 42.73 -39.41
CA GLN J 329 39.06 42.17 -40.67
C GLN J 329 39.44 40.70 -40.77
N GLY J 330 39.85 40.13 -39.63
CA GLY J 330 40.07 38.71 -39.41
C GLY J 330 41.36 38.15 -40.00
N GLN J 331 42.23 39.01 -40.53
CA GLN J 331 43.42 38.56 -41.26
C GLN J 331 44.65 38.75 -40.36
N ALA J 332 44.75 37.93 -39.31
CA ALA J 332 45.85 37.99 -38.35
C ALA J 332 47.08 37.30 -38.93
N ASP J 333 48.28 37.75 -38.54
CA ASP J 333 49.51 37.12 -39.00
C ASP J 333 49.80 35.93 -38.10
N TYR J 334 49.09 34.81 -38.28
CA TYR J 334 49.25 33.68 -37.36
C TYR J 334 50.69 33.21 -37.34
N MET J 335 51.29 32.99 -38.52
CA MET J 335 52.63 32.48 -38.65
C MET J 335 53.68 33.42 -38.06
N GLY J 336 53.49 34.74 -38.20
CA GLY J 336 54.55 35.70 -37.89
C GLY J 336 54.31 36.55 -36.63
N ALA J 337 53.96 37.83 -36.82
CA ALA J 337 53.88 38.82 -35.75
C ALA J 337 52.83 38.49 -34.70
N ASP J 338 51.67 37.96 -35.15
CA ASP J 338 50.55 37.71 -34.24
C ASP J 338 50.61 36.31 -33.65
N SER J 339 51.76 35.62 -33.78
CA SER J 339 51.93 34.27 -33.26
C SER J 339 51.68 34.28 -31.76
N PHE J 340 51.09 33.18 -31.23
CA PHE J 340 50.76 33.18 -29.81
C PHE J 340 52.00 33.44 -28.98
N ASP J 341 53.18 32.98 -29.43
CA ASP J 341 54.38 33.15 -28.64
C ASP J 341 54.60 34.64 -28.35
N ASN J 342 54.40 35.50 -29.38
CA ASN J 342 54.50 36.94 -29.22
C ASN J 342 53.42 37.44 -28.26
N ILE J 343 52.20 36.91 -28.40
CA ILE J 343 51.10 37.25 -27.50
C ILE J 343 51.48 36.81 -26.09
N LYS J 344 52.15 35.65 -25.98
CA LYS J 344 52.52 35.09 -24.69
C LYS J 344 53.48 36.05 -23.98
N ARG J 345 54.38 36.70 -24.74
CA ARG J 345 55.32 37.66 -24.16
C ARG J 345 54.58 38.83 -23.53
N LYS J 346 53.53 39.33 -24.21
CA LYS J 346 52.69 40.38 -23.65
C LYS J 346 52.00 39.90 -22.38
N LEU J 347 51.51 38.65 -22.39
CA LEU J 347 50.92 38.07 -21.20
C LEU J 347 51.99 37.89 -20.12
N ASP J 348 53.23 37.57 -20.54
CA ASP J 348 54.34 37.32 -19.63
C ASP J 348 54.65 38.56 -18.78
N THR J 349 54.39 39.74 -19.36
CA THR J 349 54.72 41.02 -18.72
C THR J 349 54.02 41.05 -17.36
N TYR J 350 52.74 40.60 -17.34
CA TYR J 350 51.99 40.51 -16.10
C TYR J 350 51.45 39.08 -15.90
N LEU J 351 52.34 38.16 -15.52
CA LEU J 351 51.98 36.78 -15.24
C LEU J 351 52.96 36.22 -14.20
#